data_6EQC
#
_entry.id   6EQC
#
_cell.length_a   1.000
_cell.length_b   1.000
_cell.length_c   1.000
_cell.angle_alpha   90.00
_cell.angle_beta   90.00
_cell.angle_gamma   90.00
#
_symmetry.space_group_name_H-M   'P 1'
#
loop_
_entity.id
_entity.type
_entity.pdbx_description
1 polymer 'Hexon protein'
2 polymer 'scFv of 9C12 antibody'
#
loop_
_entity_poly.entity_id
_entity_poly.type
_entity_poly.pdbx_seq_one_letter_code
_entity_poly.pdbx_strand_id
1 'polypeptide(L)'
;MATPSMMPQWSYMHISGQDASEYLSPGLVQFARATETYFSLNNKFRNPTVAPTHDVTTDRSQRLTLRFIPVDREDTAYSY
KARFTLAVGDNRVLDMASTYFDIRGVLDRGPTFKPYSGTAYNALAPKGAPNPCEWDEAATALEINLEEEDDDNEDEVDEQ
AEQQKTHVFGQAPYSGINITKEGIQIGVEGQTPKYADKTFQPEPQIGESQWYETEINHAAGRVLKKTTPMKPCYGSYAKP
TNENGGQGILVKQQNGKLESQVEMQFFSTTEAAAGNGDNLTPKVVLYSEDVDIETPDTHISYMPTIKEGNSRELMGQQSM
PNRPNYIAFRDNFIGLMYYNSTGNMGVLAGQASQLNAVVDLQDRNTELSYQLLLDSIGDRTRYFSMWNQAVDSYDPDVRI
IENHGTEDELPNYCFPLGGVGNNSTYTKVKPKTGQENGWEKDATEFSDKNEIRVGNNFAMEINLNANLWRNFLYSNIALY
LPDKLKYSPSNVKISDNPNTYDYMNKRVVAPGLVDCYINLGARWSLDYMDNVNPFNHHRNAGLRYRSMLLGNGRYVPFHI
QVPQKFFAIKNLLLLPGSYTYEWNFRKDVNMVLQSSLGNDLRVDGASIKFDSICLYATFFPMAHNTASTLEAMLRNDTND
QSFNDYLSAANMLYPIPANATNVPISIPSRNWAAFRGWAFTRLKTKETPSLGSGYDPYYTYSGSIPYLDGTFYLNHTFKK
VAITFDSSVSWPGNDRLLTPNEFEIKRSVDGEGYNVAQCNMTKDWFLVQMLANYNIGYQGFYIPESYKDRMYSFFRNFQP
MSRQVVDDTKYKDYQQVGILHQHNNSGFVGYLAPTMREGQAYPANFPYPLIGKTAVDSITQKKFLCDRTLWRIPFSSNFM
SMGALTDLGQNLLYANSAHALDMTFEVDPMDEPTLLYVLFEVFDVVRVHRPHRGVIETVYLRTPFSAGNATT
;
A,B,C
2 'polypeptide(L)'
;DYKDDDDKDIVMTQSPSSLSASVGDRVTITCKASQSVTNDAAWYQKKPGKAPKLLIYQASTRYTGVPSRFSGSGYGTDFT
LTISSLQPEDFATYFCHQDYSSPLTFGQGTKVEIKRGGGGSGGGGSGGGGSQVQLVQSGAEDKKPGASVKVSCKVSGFSL
GRYGVHWVRQAPGQGLEWMGVIWRGGTTDYNAKFQGRVTITKDDSKSTVYMELSSLRSEDTAVYYCARQGSNFPLAYWGQ
GTLVTVSSLEVLFQ
;
D,E,F
#
# COMPACT_ATOMS: atom_id res chain seq x y z
N MET A 7 -58.65 36.38 -3.40
CA MET A 7 -59.20 35.85 -4.65
C MET A 7 -60.22 34.83 -4.52
N PRO A 8 -61.11 34.60 -5.52
CA PRO A 8 -62.17 33.61 -5.40
C PRO A 8 -61.55 32.26 -5.57
N GLN A 9 -60.77 31.98 -6.60
CA GLN A 9 -60.38 30.58 -6.77
C GLN A 9 -59.27 30.15 -5.79
N TRP A 10 -58.43 31.07 -5.24
CA TRP A 10 -57.53 30.76 -4.20
C TRP A 10 -58.27 30.37 -2.95
N SER A 11 -59.30 31.17 -2.50
CA SER A 11 -60.11 30.73 -1.35
C SER A 11 -60.82 29.34 -1.50
N TYR A 12 -61.31 29.08 -2.70
CA TYR A 12 -61.92 27.79 -3.04
C TYR A 12 -60.91 26.60 -2.99
N MET A 13 -59.75 26.78 -3.60
CA MET A 13 -58.74 25.72 -3.51
C MET A 13 -57.82 25.72 -2.24
N HIS A 14 -58.14 26.57 -1.26
CA HIS A 14 -57.56 26.51 0.10
C HIS A 14 -56.10 27.04 0.10
N ILE A 15 -55.63 27.70 -0.97
CA ILE A 15 -54.35 28.41 -1.00
C ILE A 15 -54.22 29.54 -0.04
N SER A 16 -55.27 30.36 0.11
CA SER A 16 -55.31 31.50 1.00
C SER A 16 -56.66 31.82 1.61
N GLY A 17 -56.56 32.69 2.67
CA GLY A 17 -57.65 33.33 3.45
C GLY A 17 -57.69 32.82 4.87
N GLN A 18 -57.13 31.62 5.15
CA GLN A 18 -57.32 30.99 6.36
C GLN A 18 -56.14 30.03 6.59
N ASP A 19 -55.93 29.63 7.90
CA ASP A 19 -54.88 28.64 8.16
C ASP A 19 -55.35 27.22 8.03
N ALA A 20 -54.41 26.21 7.97
CA ALA A 20 -54.79 24.85 7.67
C ALA A 20 -55.76 24.20 8.66
N SER A 21 -55.49 24.45 9.99
CA SER A 21 -56.34 24.17 11.15
C SER A 21 -57.73 24.80 11.13
N GLU A 22 -57.94 25.84 10.26
CA GLU A 22 -59.14 26.67 10.48
C GLU A 22 -60.16 26.21 9.47
N TYR A 23 -59.77 25.75 8.27
CA TYR A 23 -60.79 25.14 7.41
C TYR A 23 -61.32 23.81 7.70
N LEU A 24 -60.62 22.90 8.33
CA LEU A 24 -61.09 21.59 8.88
C LEU A 24 -62.07 21.69 9.95
N SER A 25 -63.01 20.67 10.05
CA SER A 25 -64.00 20.59 11.06
C SER A 25 -63.48 20.27 12.51
N PRO A 26 -64.01 20.81 13.63
CA PRO A 26 -63.47 20.62 14.91
C PRO A 26 -63.36 19.15 15.34
N GLY A 27 -64.38 18.40 14.92
CA GLY A 27 -64.40 16.92 15.14
C GLY A 27 -63.32 16.09 14.51
N LEU A 28 -62.96 16.48 13.26
CA LEU A 28 -61.91 15.86 12.55
C LEU A 28 -60.49 16.06 13.10
N VAL A 29 -60.17 17.28 13.47
CA VAL A 29 -59.02 17.74 14.20
C VAL A 29 -58.92 17.05 15.60
N GLN A 30 -60.06 17.00 16.37
CA GLN A 30 -60.18 16.32 17.61
C GLN A 30 -59.69 14.80 17.46
N PHE A 31 -60.23 14.17 16.37
CA PHE A 31 -59.85 12.89 15.86
C PHE A 31 -58.40 12.64 15.36
N ALA A 32 -57.81 13.60 14.61
CA ALA A 32 -56.45 13.63 13.99
C ALA A 32 -55.50 13.61 15.22
N ARG A 33 -55.74 14.52 16.23
CA ARG A 33 -54.91 14.53 17.42
C ARG A 33 -54.92 13.28 18.29
N ALA A 34 -56.13 12.64 18.47
CA ALA A 34 -56.38 11.38 19.19
C ALA A 34 -55.74 10.17 18.53
N THR A 35 -55.78 10.15 17.20
CA THR A 35 -55.27 8.98 16.46
C THR A 35 -53.77 9.08 15.95
N GLU A 36 -53.06 10.16 16.28
CA GLU A 36 -51.71 10.47 15.82
C GLU A 36 -50.57 9.46 16.04
N THR A 37 -50.41 8.88 17.29
CA THR A 37 -49.35 8.02 17.71
C THR A 37 -49.21 6.78 16.92
N TYR A 38 -50.34 6.33 16.35
CA TYR A 38 -50.41 5.09 15.54
C TYR A 38 -51.04 5.30 14.11
N PHE A 39 -51.42 6.58 13.77
CA PHE A 39 -51.79 6.95 12.43
C PHE A 39 -51.66 8.46 12.14
N SER A 40 -50.66 8.95 11.37
CA SER A 40 -50.53 10.38 11.20
C SER A 40 -51.46 10.97 10.14
N LEU A 41 -52.12 12.14 10.50
CA LEU A 41 -53.04 12.75 9.50
C LEU A 41 -52.67 14.26 9.16
N ASN A 42 -51.44 14.62 9.51
CA ASN A 42 -50.92 15.95 9.29
C ASN A 42 -50.70 16.22 7.80
N ASN A 43 -50.09 15.22 7.09
CA ASN A 43 -49.71 15.24 5.72
C ASN A 43 -50.85 15.20 4.72
N LYS A 44 -52.12 14.99 5.13
CA LYS A 44 -53.37 14.92 4.38
C LYS A 44 -53.93 16.27 3.88
N PHE A 45 -53.57 17.40 4.56
CA PHE A 45 -54.12 18.73 4.34
C PHE A 45 -53.01 19.79 4.08
N ARG A 46 -53.04 20.61 2.99
CA ARG A 46 -51.96 21.57 2.78
C ARG A 46 -51.84 22.63 3.94
N ASN A 47 -50.55 23.03 4.27
CA ASN A 47 -50.22 24.12 5.10
C ASN A 47 -49.86 25.33 4.31
N PRO A 48 -50.65 26.43 4.23
CA PRO A 48 -50.24 27.59 3.50
C PRO A 48 -49.61 28.58 4.46
N THR A 49 -48.49 29.18 4.00
CA THR A 49 -47.82 30.21 4.74
C THR A 49 -47.63 31.47 3.87
N VAL A 50 -47.93 32.65 4.43
CA VAL A 50 -48.11 33.90 3.65
C VAL A 50 -47.02 34.90 4.06
N ALA A 51 -46.17 35.37 3.12
CA ALA A 51 -45.24 36.37 3.51
C ALA A 51 -45.82 37.81 3.71
N PRO A 52 -45.39 38.66 4.67
CA PRO A 52 -45.76 40.05 4.82
C PRO A 52 -45.61 41.09 3.69
N THR A 53 -46.71 41.73 3.22
CA THR A 53 -46.61 42.58 2.01
C THR A 53 -46.51 44.08 2.18
N HIS A 54 -46.54 44.48 3.47
CA HIS A 54 -46.44 45.93 3.78
C HIS A 54 -45.65 46.11 4.93
N ASP A 55 -44.88 47.26 4.94
CA ASP A 55 -44.16 47.86 6.03
C ASP A 55 -42.89 47.12 6.44
N VAL A 56 -42.39 46.21 5.57
CA VAL A 56 -41.30 45.38 5.87
C VAL A 56 -40.10 46.09 5.36
N THR A 57 -40.01 46.20 3.96
CA THR A 57 -38.88 46.76 3.19
C THR A 57 -39.41 47.99 2.48
N THR A 58 -38.55 49.01 2.34
CA THR A 58 -38.85 50.17 1.51
C THR A 58 -38.97 49.89 -0.01
N ASP A 59 -39.92 50.62 -0.73
CA ASP A 59 -39.85 50.59 -2.21
C ASP A 59 -38.82 51.46 -2.88
N ARG A 60 -38.28 52.47 -2.12
CA ARG A 60 -37.29 53.34 -2.66
C ARG A 60 -35.95 52.71 -2.86
N SER A 61 -35.08 53.29 -3.76
CA SER A 61 -33.76 52.83 -4.17
C SER A 61 -32.67 53.10 -3.11
N GLN A 62 -32.06 51.96 -2.64
CA GLN A 62 -30.99 51.95 -1.63
C GLN A 62 -30.31 50.62 -1.40
N ARG A 63 -28.93 50.57 -1.48
CA ARG A 63 -28.07 49.41 -1.43
C ARG A 63 -28.16 48.49 -0.22
N LEU A 64 -28.09 47.14 -0.42
CA LEU A 64 -28.06 46.11 0.61
C LEU A 64 -26.69 46.24 1.32
N THR A 65 -25.61 46.36 0.55
CA THR A 65 -24.28 46.46 1.09
C THR A 65 -23.63 47.75 0.69
N LEU A 66 -23.02 48.44 1.69
CA LEU A 66 -22.28 49.70 1.47
C LEU A 66 -20.78 49.42 1.71
N ARG A 67 -19.98 49.80 0.69
CA ARG A 67 -18.55 49.55 0.67
C ARG A 67 -17.80 50.89 1.03
N PHE A 68 -17.13 51.01 2.18
CA PHE A 68 -16.49 52.23 2.64
C PHE A 68 -14.99 52.16 2.45
N ILE A 69 -14.37 53.20 1.93
CA ILE A 69 -12.93 53.32 1.67
C ILE A 69 -12.24 54.06 2.80
N PRO A 70 -10.91 54.09 2.93
CA PRO A 70 -10.36 54.63 4.16
C PRO A 70 -10.15 56.14 4.04
N VAL A 71 -10.57 56.97 5.06
CA VAL A 71 -10.49 58.43 5.33
C VAL A 71 -8.98 58.89 5.38
N ASP A 72 -8.24 58.01 6.06
CA ASP A 72 -6.84 58.12 6.46
C ASP A 72 -6.26 56.74 6.51
N ARG A 73 -5.05 56.51 6.00
CA ARG A 73 -4.35 55.29 6.26
C ARG A 73 -2.96 55.63 6.68
N GLU A 74 -2.43 55.06 7.82
CA GLU A 74 -1.01 55.24 8.33
C GLU A 74 -0.25 53.97 8.49
N ASP A 75 1.02 54.13 8.19
CA ASP A 75 1.79 52.91 8.11
C ASP A 75 3.09 53.05 8.88
N THR A 76 3.44 51.96 9.63
CA THR A 76 4.77 51.66 10.22
C THR A 76 5.23 50.42 9.49
N ALA A 77 6.54 50.10 9.70
CA ALA A 77 7.12 48.93 9.15
C ALA A 77 6.48 47.57 9.63
N TYR A 78 6.03 47.61 10.89
CA TYR A 78 5.47 46.50 11.63
C TYR A 78 3.94 46.54 11.88
N SER A 79 3.25 47.65 11.47
CA SER A 79 1.83 47.79 11.80
C SER A 79 1.27 48.72 10.70
N TYR A 80 -0.05 48.74 10.48
CA TYR A 80 -0.60 49.77 9.72
C TYR A 80 -2.13 49.89 10.06
N LYS A 81 -2.52 51.15 10.25
CA LYS A 81 -3.78 51.53 10.77
C LYS A 81 -4.65 52.23 9.70
N ALA A 82 -5.94 51.91 9.64
CA ALA A 82 -6.96 52.44 8.71
C ALA A 82 -8.14 53.02 9.42
N ARG A 83 -8.60 54.27 8.97
CA ARG A 83 -9.68 54.99 9.57
C ARG A 83 -10.88 55.06 8.66
N PHE A 84 -11.97 54.57 9.17
CA PHE A 84 -13.19 54.63 8.40
C PHE A 84 -14.10 55.57 9.06
N THR A 85 -15.01 56.19 8.17
CA THR A 85 -16.14 56.97 8.58
C THR A 85 -17.16 56.16 8.07
N LEU A 86 -17.96 55.63 8.97
CA LEU A 86 -19.11 54.78 8.70
C LEU A 86 -20.43 55.49 8.92
N ALA A 87 -21.29 55.56 7.88
CA ALA A 87 -22.52 56.36 8.05
C ALA A 87 -23.77 55.59 7.99
N VAL A 88 -24.59 55.47 9.05
CA VAL A 88 -25.83 54.83 9.09
C VAL A 88 -26.82 55.88 8.57
N GLY A 89 -27.28 55.64 7.40
CA GLY A 89 -28.31 56.50 6.70
C GLY A 89 -29.68 56.53 7.31
N ASP A 90 -30.52 57.33 6.66
CA ASP A 90 -31.89 57.59 6.93
C ASP A 90 -32.76 56.42 6.76
N ASN A 91 -33.34 55.92 7.90
CA ASN A 91 -34.07 54.64 8.05
C ASN A 91 -33.33 53.28 7.77
N ARG A 92 -32.02 53.25 7.98
CA ARG A 92 -31.15 52.13 7.95
C ARG A 92 -31.15 51.31 9.25
N VAL A 93 -30.84 50.02 9.09
CA VAL A 93 -30.74 49.02 10.12
C VAL A 93 -29.46 48.11 9.89
N LEU A 94 -28.44 48.20 10.78
CA LEU A 94 -27.18 47.57 10.55
C LEU A 94 -26.84 46.79 11.82
N ASP A 95 -26.53 45.50 11.72
CA ASP A 95 -25.97 44.64 12.68
C ASP A 95 -24.43 44.37 12.36
N MET A 96 -23.57 44.67 13.34
CA MET A 96 -22.14 44.69 13.29
C MET A 96 -21.51 43.37 13.03
N ALA A 97 -22.21 42.21 13.23
CA ALA A 97 -21.70 40.87 12.82
C ALA A 97 -21.50 40.71 11.33
N SER A 98 -22.29 41.49 10.52
CA SER A 98 -22.17 41.41 9.11
C SER A 98 -21.10 42.30 8.44
N THR A 99 -20.21 42.88 9.29
CA THR A 99 -19.20 43.88 8.92
C THR A 99 -17.89 43.19 8.73
N TYR A 100 -17.08 43.65 7.77
CA TYR A 100 -15.81 42.95 7.56
C TYR A 100 -14.96 43.83 6.74
N PHE A 101 -13.66 43.56 6.78
CA PHE A 101 -12.61 44.20 6.03
C PHE A 101 -12.17 43.29 4.89
N ASP A 102 -12.28 43.70 3.62
CA ASP A 102 -11.71 42.96 2.53
C ASP A 102 -10.31 43.59 2.29
N ILE A 103 -9.35 42.81 2.55
CA ILE A 103 -7.92 43.10 2.61
C ILE A 103 -7.27 42.43 1.46
N ARG A 104 -6.55 43.24 0.66
CA ARG A 104 -5.91 42.71 -0.51
C ARG A 104 -4.42 43.02 -0.43
N GLY A 105 -3.55 42.12 -0.99
CA GLY A 105 -2.13 42.54 -1.08
C GLY A 105 -1.32 41.40 -1.71
N VAL A 106 -0.05 41.52 -1.82
CA VAL A 106 0.82 40.56 -2.38
C VAL A 106 1.77 40.14 -1.25
N LEU A 107 1.89 38.84 -1.23
CA LEU A 107 2.66 38.01 -0.31
C LEU A 107 3.80 37.31 -1.02
N ASP A 108 4.88 37.01 -0.31
CA ASP A 108 5.97 36.18 -0.75
C ASP A 108 6.24 35.34 0.50
N ARG A 109 6.02 34.00 0.38
CA ARG A 109 6.24 32.99 1.39
C ARG A 109 7.63 32.43 1.44
N GLY A 110 8.41 32.92 0.45
CA GLY A 110 9.94 32.73 0.35
C GLY A 110 10.35 31.32 -0.10
N PRO A 111 11.70 31.10 -0.07
CA PRO A 111 12.33 29.88 -0.62
C PRO A 111 12.32 28.71 0.32
N THR A 112 11.94 28.89 1.57
CA THR A 112 12.07 27.80 2.64
C THR A 112 10.78 26.99 2.65
N PHE A 113 9.81 27.51 1.88
CA PHE A 113 8.50 26.85 1.84
C PHE A 113 8.54 25.54 1.01
N LYS A 114 7.74 24.57 1.34
CA LYS A 114 7.71 23.29 0.60
C LYS A 114 6.42 22.54 0.87
N PRO A 115 5.42 22.62 0.02
CA PRO A 115 4.10 22.02 0.37
C PRO A 115 3.94 20.57 -0.16
N TYR A 116 4.99 19.75 -0.04
CA TYR A 116 4.87 18.40 -0.50
C TYR A 116 5.96 17.54 0.05
N SER A 117 5.66 16.29 0.24
CA SER A 117 6.61 15.24 0.73
C SER A 117 7.17 14.48 -0.43
N GLY A 118 8.40 14.14 -0.36
CA GLY A 118 9.18 13.69 -1.53
C GLY A 118 9.73 14.74 -2.46
N THR A 119 10.16 14.29 -3.61
CA THR A 119 10.76 15.04 -4.65
C THR A 119 9.75 14.97 -5.78
N ALA A 120 9.80 16.00 -6.65
CA ALA A 120 9.08 16.02 -7.90
C ALA A 120 9.91 15.36 -9.00
N TYR A 121 11.24 15.37 -8.91
CA TYR A 121 12.14 15.25 -10.04
C TYR A 121 12.89 13.86 -10.01
N ASN A 122 12.66 12.97 -10.97
CA ASN A 122 13.22 11.64 -11.07
C ASN A 122 12.88 10.79 -9.80
N ALA A 123 11.60 10.81 -9.43
CA ALA A 123 11.08 10.16 -8.28
C ALA A 123 11.18 8.62 -8.13
N LEU A 124 11.18 7.97 -9.24
CA LEU A 124 11.35 6.55 -9.42
C LEU A 124 12.84 6.08 -9.51
N ALA A 125 13.79 7.04 -9.57
CA ALA A 125 15.23 6.76 -9.55
C ALA A 125 15.76 6.26 -8.19
N PRO A 126 16.60 5.29 -8.03
CA PRO A 126 17.30 5.08 -6.76
C PRO A 126 18.03 6.32 -6.18
N LYS A 127 17.91 6.43 -4.81
CA LYS A 127 18.46 7.54 -4.01
C LYS A 127 19.99 7.51 -4.09
N GLY A 128 20.65 6.42 -4.44
CA GLY A 128 22.12 6.29 -4.52
C GLY A 128 22.69 6.55 -5.83
N ALA A 129 21.93 6.13 -6.88
CA ALA A 129 22.35 6.19 -8.30
C ALA A 129 22.68 7.57 -8.72
N PRO A 130 23.85 7.92 -9.31
CA PRO A 130 24.12 9.23 -9.83
C PRO A 130 23.64 9.18 -11.26
N ASN A 131 23.52 10.33 -11.93
CA ASN A 131 23.29 10.53 -13.38
C ASN A 131 24.50 9.90 -14.11
N PRO A 132 24.37 9.25 -15.29
CA PRO A 132 25.61 8.89 -16.14
C PRO A 132 26.62 10.00 -16.28
N CYS A 133 27.92 9.70 -16.10
CA CYS A 133 28.95 10.66 -15.75
C CYS A 133 30.35 10.37 -16.25
N GLU A 134 31.23 11.41 -16.31
CA GLU A 134 32.59 11.24 -16.73
C GLU A 134 33.44 11.72 -15.55
N TRP A 135 34.58 11.05 -15.26
CA TRP A 135 35.42 11.57 -14.23
C TRP A 135 36.87 11.25 -14.61
N ASP A 136 37.83 12.14 -14.19
CA ASP A 136 39.26 11.83 -14.28
C ASP A 136 39.69 11.05 -13.12
N GLU A 137 40.26 9.85 -13.28
CA GLU A 137 40.71 8.99 -12.19
C GLU A 137 42.12 8.78 -12.36
N ALA A 138 42.79 8.76 -11.26
CA ALA A 138 44.26 8.60 -11.24
C ALA A 138 44.89 7.23 -11.57
N ALA A 139 45.75 7.24 -12.64
CA ALA A 139 46.34 6.05 -13.19
C ALA A 139 47.82 6.08 -12.89
N THR A 140 48.52 7.16 -13.46
CA THR A 140 49.92 7.45 -13.45
C THR A 140 50.75 6.37 -14.10
N ALA A 141 50.32 5.88 -15.28
CA ALA A 141 50.99 4.78 -15.96
C ALA A 141 50.69 5.01 -17.51
N GLU A 162 49.48 15.93 -13.69
CA GLU A 162 49.70 14.46 -13.67
C GLU A 162 48.83 13.67 -14.68
N GLN A 163 49.14 12.33 -14.91
CA GLN A 163 48.41 11.54 -15.90
C GLN A 163 47.12 10.87 -15.36
N GLN A 164 46.05 11.66 -15.36
CA GLN A 164 44.73 11.14 -14.83
C GLN A 164 43.75 10.83 -16.11
N LYS A 165 43.17 9.60 -16.07
CA LYS A 165 42.35 9.02 -17.13
C LYS A 165 40.82 9.20 -16.95
N THR A 166 40.23 9.70 -18.05
CA THR A 166 38.81 9.96 -18.06
C THR A 166 38.07 8.64 -18.10
N HIS A 167 37.28 8.30 -17.08
CA HIS A 167 36.48 7.00 -16.98
C HIS A 167 35.05 7.50 -17.21
N VAL A 168 34.29 6.71 -17.99
CA VAL A 168 32.90 6.97 -18.26
C VAL A 168 32.10 5.87 -17.76
N PHE A 169 30.92 6.19 -17.14
CA PHE A 169 29.85 5.36 -16.80
C PHE A 169 28.66 5.82 -17.66
N GLY A 170 28.30 4.95 -18.64
CA GLY A 170 27.35 5.28 -19.70
C GLY A 170 26.12 4.34 -19.81
N GLN A 171 25.24 4.65 -20.74
CA GLN A 171 24.12 3.72 -21.07
C GLN A 171 23.52 4.20 -22.37
N ALA A 172 23.53 3.32 -23.34
CA ALA A 172 23.05 3.59 -24.73
C ALA A 172 21.81 2.81 -25.10
N PRO A 173 20.58 3.38 -25.05
CA PRO A 173 19.39 2.57 -25.05
C PRO A 173 18.80 2.53 -26.44
N TYR A 174 19.18 3.52 -27.28
CA TYR A 174 18.59 3.74 -28.58
C TYR A 174 19.33 2.91 -29.67
N SER A 175 18.65 2.08 -30.47
CA SER A 175 19.26 1.42 -31.59
C SER A 175 19.01 2.17 -32.83
N GLY A 176 20.08 2.64 -33.56
CA GLY A 176 19.86 3.36 -34.81
C GLY A 176 20.21 2.48 -35.90
N ILE A 177 20.34 3.06 -37.11
CA ILE A 177 20.62 2.31 -38.33
C ILE A 177 22.13 2.20 -38.58
N ASN A 178 22.92 3.23 -38.27
CA ASN A 178 24.39 3.26 -38.55
C ASN A 178 25.07 4.22 -37.62
N ILE A 179 26.42 4.33 -37.68
CA ILE A 179 27.22 5.33 -36.98
C ILE A 179 28.33 5.82 -37.86
N THR A 180 28.30 7.05 -38.34
CA THR A 180 29.32 7.71 -39.10
C THR A 180 29.82 8.83 -38.25
N LYS A 181 30.83 9.62 -38.74
CA LYS A 181 31.24 10.89 -38.20
C LYS A 181 30.14 11.96 -38.08
N GLU A 182 29.01 11.84 -38.87
CA GLU A 182 27.86 12.78 -38.90
C GLU A 182 26.88 12.36 -37.80
N GLY A 183 27.22 11.27 -37.04
CA GLY A 183 26.41 10.91 -35.84
C GLY A 183 25.82 9.54 -36.04
N ILE A 184 24.78 9.24 -35.22
CA ILE A 184 24.00 8.09 -35.45
C ILE A 184 22.92 8.29 -36.49
N GLN A 185 22.69 7.34 -37.48
CA GLN A 185 21.62 7.51 -38.53
C GLN A 185 20.29 7.05 -37.92
N ILE A 186 19.29 7.92 -37.91
CA ILE A 186 18.04 7.63 -37.31
C ILE A 186 16.98 7.54 -38.31
N GLY A 187 17.26 7.73 -39.64
CA GLY A 187 16.26 7.72 -40.69
C GLY A 187 16.83 8.02 -42.21
N VAL A 188 15.94 8.31 -43.20
CA VAL A 188 16.31 8.47 -44.60
C VAL A 188 15.41 9.58 -45.05
N GLU A 189 15.97 10.46 -45.90
CA GLU A 189 15.24 11.51 -46.60
C GLU A 189 15.32 11.11 -48.10
N GLY A 190 14.50 10.06 -48.48
CA GLY A 190 14.57 9.29 -49.73
C GLY A 190 15.93 8.61 -49.91
N GLN A 191 16.68 9.12 -50.85
CA GLN A 191 18.02 8.65 -51.08
C GLN A 191 19.07 8.97 -50.04
N THR A 192 18.92 10.15 -49.34
CA THR A 192 19.92 10.67 -48.42
C THR A 192 19.71 10.08 -47.01
N PRO A 193 20.75 9.57 -46.29
CA PRO A 193 20.53 9.16 -44.90
C PRO A 193 20.43 10.31 -43.87
N LYS A 194 19.58 10.17 -42.82
CA LYS A 194 19.25 11.23 -41.90
C LYS A 194 19.86 10.88 -40.55
N TYR A 195 20.45 11.86 -39.89
CA TYR A 195 21.18 11.65 -38.66
C TYR A 195 20.56 12.41 -37.46
N ALA A 196 20.88 11.97 -36.24
CA ALA A 196 20.24 12.56 -35.03
C ALA A 196 20.61 14.03 -34.80
N ASP A 197 19.70 15.00 -34.58
CA ASP A 197 20.01 16.42 -34.22
C ASP A 197 20.49 16.37 -32.78
N LYS A 198 21.80 16.80 -32.60
CA LYS A 198 22.45 16.76 -31.29
C LYS A 198 21.84 17.65 -30.19
N THR A 199 21.14 18.74 -30.58
CA THR A 199 20.53 19.74 -29.72
C THR A 199 19.57 19.14 -28.67
N PHE A 200 18.86 18.06 -29.08
CA PHE A 200 18.00 17.27 -28.17
C PHE A 200 17.95 15.74 -28.39
N GLN A 201 18.46 15.28 -29.57
CA GLN A 201 18.45 13.82 -29.90
C GLN A 201 19.78 13.08 -29.83
N PRO A 202 19.93 11.73 -29.59
CA PRO A 202 18.95 10.69 -29.18
C PRO A 202 18.40 11.27 -27.86
N GLU A 203 17.27 10.80 -27.49
CA GLU A 203 16.47 11.20 -26.41
C GLU A 203 16.41 10.20 -25.27
N PRO A 204 16.58 10.63 -24.05
CA PRO A 204 16.76 9.78 -22.87
C PRO A 204 15.74 8.72 -22.67
N GLN A 205 14.48 8.98 -22.95
CA GLN A 205 13.30 8.13 -22.71
C GLN A 205 13.04 7.01 -23.74
N ILE A 206 13.75 7.06 -24.90
CA ILE A 206 13.64 6.17 -25.98
C ILE A 206 14.70 5.12 -26.05
N GLY A 207 14.23 3.87 -26.01
CA GLY A 207 15.05 2.71 -26.14
C GLY A 207 14.39 1.55 -26.70
N GLU A 208 14.74 0.31 -26.24
CA GLU A 208 14.16 -0.93 -26.83
C GLU A 208 12.74 -1.00 -26.50
N SER A 209 11.89 -1.54 -27.45
CA SER A 209 10.44 -1.67 -27.24
C SER A 209 10.02 -3.12 -26.97
N GLN A 210 10.88 -4.02 -26.61
CA GLN A 210 10.66 -5.42 -26.44
C GLN A 210 11.36 -5.94 -25.20
N TRP A 211 10.96 -7.15 -24.65
CA TRP A 211 11.54 -7.62 -23.38
C TRP A 211 12.70 -8.51 -23.54
N TYR A 212 12.71 -9.35 -24.61
CA TYR A 212 13.74 -10.40 -24.83
C TYR A 212 15.09 -9.87 -25.38
N GLU A 213 16.06 -10.71 -25.37
CA GLU A 213 17.42 -10.27 -25.56
C GLU A 213 17.76 -10.17 -27.05
N THR A 214 18.25 -9.01 -27.46
CA THR A 214 18.60 -8.59 -28.87
C THR A 214 20.02 -8.05 -28.90
N GLU A 215 20.96 -8.66 -29.68
CA GLU A 215 22.17 -7.90 -30.05
C GLU A 215 21.94 -6.60 -30.78
N ILE A 216 22.64 -5.48 -30.42
CA ILE A 216 22.61 -4.19 -31.03
C ILE A 216 23.99 -3.68 -31.43
N ASN A 217 24.24 -3.53 -32.78
CA ASN A 217 25.46 -3.08 -33.37
C ASN A 217 25.47 -1.55 -33.73
N HIS A 218 24.44 -0.78 -33.56
CA HIS A 218 24.49 0.71 -33.69
C HIS A 218 23.78 1.43 -32.64
N ALA A 219 24.39 1.62 -31.47
CA ALA A 219 23.63 2.20 -30.36
C ALA A 219 24.10 3.56 -29.85
N ALA A 220 23.15 4.33 -29.23
CA ALA A 220 23.44 5.77 -28.80
C ALA A 220 22.59 6.22 -27.60
N GLY A 221 23.05 7.18 -26.86
CA GLY A 221 22.48 7.71 -25.66
C GLY A 221 23.26 9.03 -25.36
N ARG A 222 22.99 9.58 -24.26
CA ARG A 222 23.47 10.88 -23.83
C ARG A 222 24.22 10.70 -22.50
N VAL A 223 25.18 11.62 -22.23
CA VAL A 223 26.03 11.54 -21.03
C VAL A 223 26.46 12.93 -20.48
N LEU A 224 26.64 13.07 -19.12
CA LEU A 224 27.12 14.33 -18.64
C LEU A 224 28.60 14.54 -18.60
N LYS A 225 29.09 15.71 -19.15
CA LYS A 225 30.46 16.05 -19.15
C LYS A 225 31.26 15.93 -17.86
N LYS A 226 32.67 16.01 -17.96
CA LYS A 226 33.53 16.02 -16.76
C LYS A 226 33.70 17.36 -16.06
N THR A 227 33.14 18.37 -16.70
CA THR A 227 33.05 19.72 -16.10
C THR A 227 31.68 19.89 -15.36
N THR A 228 30.86 18.82 -15.28
CA THR A 228 29.52 18.79 -14.65
C THR A 228 29.47 18.08 -13.32
N PRO A 229 29.31 18.73 -12.19
CA PRO A 229 29.22 18.12 -10.84
C PRO A 229 28.36 16.88 -10.83
N MET A 230 28.82 15.78 -10.21
CA MET A 230 28.10 14.53 -9.91
C MET A 230 27.08 14.81 -8.77
N LYS A 231 25.80 14.55 -9.11
CA LYS A 231 24.69 14.66 -8.22
C LYS A 231 23.88 13.34 -8.31
N PRO A 232 23.26 12.92 -7.27
CA PRO A 232 22.42 11.81 -7.33
C PRO A 232 21.20 12.07 -8.27
N CYS A 233 20.82 11.07 -9.10
CA CYS A 233 19.82 11.14 -10.09
C CYS A 233 18.50 11.63 -9.55
N TYR A 234 18.09 11.05 -8.44
CA TYR A 234 16.96 11.47 -7.63
C TYR A 234 17.03 12.95 -7.16
N GLY A 235 16.04 13.68 -7.59
CA GLY A 235 15.96 15.10 -7.30
C GLY A 235 16.80 15.92 -8.24
N SER A 236 17.37 15.37 -9.34
CA SER A 236 18.11 16.15 -10.26
C SER A 236 17.28 16.89 -11.27
N TYR A 237 17.57 18.17 -11.45
CA TYR A 237 16.78 19.00 -12.43
C TYR A 237 17.73 19.90 -13.24
N ALA A 238 17.53 19.99 -14.60
CA ALA A 238 18.26 20.90 -15.48
C ALA A 238 17.20 21.53 -16.37
N LYS A 239 16.98 22.83 -16.21
CA LYS A 239 15.98 23.58 -16.94
C LYS A 239 16.17 23.46 -18.45
N PRO A 240 15.12 23.41 -19.28
CA PRO A 240 15.29 23.21 -20.67
C PRO A 240 15.89 24.46 -21.37
N THR A 241 16.92 24.24 -22.23
CA THR A 241 17.54 25.36 -22.96
C THR A 241 16.92 25.76 -24.28
N ASN A 242 15.86 25.04 -24.76
CA ASN A 242 15.33 25.24 -26.14
C ASN A 242 13.88 24.67 -26.02
N GLU A 243 13.05 24.80 -27.04
CA GLU A 243 11.70 24.28 -27.02
C GLU A 243 11.59 22.85 -27.52
N ASN A 244 12.75 22.12 -27.79
CA ASN A 244 12.77 20.70 -28.17
C ASN A 244 13.17 19.89 -26.96
N GLY A 245 12.98 20.41 -25.75
CA GLY A 245 13.15 19.69 -24.59
C GLY A 245 14.60 19.30 -24.18
N GLY A 246 15.67 19.65 -25.06
CA GLY A 246 17.09 19.53 -24.71
C GLY A 246 17.48 20.28 -23.46
N GLN A 247 18.52 19.83 -22.68
CA GLN A 247 18.99 20.42 -21.45
C GLN A 247 20.34 21.04 -21.48
N GLY A 248 21.15 20.63 -22.45
CA GLY A 248 22.59 20.95 -22.54
C GLY A 248 22.79 22.41 -22.94
N ILE A 249 23.70 23.04 -22.23
CA ILE A 249 24.00 24.49 -22.28
C ILE A 249 24.49 25.14 -23.62
N LEU A 250 23.97 26.34 -24.00
CA LEU A 250 24.38 27.05 -25.19
C LEU A 250 25.33 28.20 -24.84
N VAL A 251 26.39 28.43 -25.64
CA VAL A 251 27.27 29.61 -25.35
C VAL A 251 27.18 30.69 -26.38
N LYS A 252 27.07 31.98 -25.94
CA LYS A 252 26.82 33.09 -26.84
C LYS A 252 28.19 33.38 -27.48
N GLN A 253 28.31 33.30 -28.81
CA GLN A 253 29.57 33.40 -29.53
C GLN A 253 29.85 34.89 -29.83
N GLN A 254 31.03 35.21 -30.39
CA GLN A 254 31.40 36.54 -30.83
C GLN A 254 30.43 37.26 -31.80
N ASN A 255 29.92 36.53 -32.80
CA ASN A 255 29.04 37.05 -33.82
C ASN A 255 27.61 37.36 -33.28
N GLY A 256 27.28 36.83 -32.09
CA GLY A 256 26.11 37.15 -31.27
C GLY A 256 25.21 35.99 -31.18
N LYS A 257 25.45 34.90 -31.95
CA LYS A 257 24.57 33.72 -31.98
C LYS A 257 24.89 32.78 -30.83
N LEU A 258 23.94 32.03 -30.37
CA LEU A 258 24.06 31.03 -29.37
C LEU A 258 24.60 29.77 -30.02
N GLU A 259 25.50 29.00 -29.49
CA GLU A 259 26.09 27.87 -30.20
C GLU A 259 26.11 26.69 -29.27
N SER A 260 25.88 25.50 -29.83
CA SER A 260 25.79 24.30 -29.08
C SER A 260 27.16 23.66 -28.57
N GLN A 261 27.12 23.17 -27.35
CA GLN A 261 28.20 22.52 -26.66
C GLN A 261 28.13 21.01 -26.63
N VAL A 262 27.02 20.44 -27.18
CA VAL A 262 26.86 18.99 -27.23
C VAL A 262 27.96 18.34 -28.07
N GLU A 263 28.73 17.34 -27.53
CA GLU A 263 29.86 16.78 -28.23
C GLU A 263 29.69 15.25 -28.30
N MET A 264 29.97 14.60 -29.43
CA MET A 264 29.85 13.18 -29.65
C MET A 264 31.12 12.43 -29.17
N GLN A 265 30.95 11.23 -28.61
CA GLN A 265 32.01 10.45 -28.07
C GLN A 265 31.78 9.08 -28.67
N PHE A 266 32.68 8.51 -29.46
CA PHE A 266 32.43 7.23 -30.12
C PHE A 266 33.13 6.09 -29.45
N PHE A 267 32.54 4.82 -29.41
CA PHE A 267 33.12 3.74 -28.57
C PHE A 267 33.04 2.48 -29.37
N SER A 268 33.90 1.55 -29.15
CA SER A 268 33.78 0.21 -29.60
C SER A 268 33.82 -0.88 -28.48
N THR A 269 33.38 -2.13 -28.77
CA THR A 269 33.37 -3.24 -27.81
C THR A 269 34.83 -3.61 -27.51
N THR A 270 35.15 -4.26 -26.40
CA THR A 270 36.47 -4.73 -26.16
C THR A 270 37.13 -5.73 -27.14
N GLU A 271 36.40 -6.73 -27.68
CA GLU A 271 36.84 -7.63 -28.70
C GLU A 271 37.21 -6.83 -29.97
N ALA A 272 36.42 -5.82 -30.40
CA ALA A 272 36.66 -5.06 -31.60
C ALA A 272 37.94 -4.18 -31.51
N ALA A 273 38.18 -3.63 -30.32
CA ALA A 273 39.38 -2.89 -29.95
C ALA A 273 40.62 -3.74 -29.82
N ALA A 274 40.42 -5.08 -29.84
CA ALA A 274 41.44 -6.12 -29.79
C ALA A 274 42.21 -6.16 -31.11
N GLY A 275 41.59 -5.73 -32.18
CA GLY A 275 42.16 -5.91 -33.53
C GLY A 275 43.17 -4.86 -33.90
N ASN A 276 43.29 -4.62 -35.25
CA ASN A 276 44.38 -3.66 -35.81
C ASN A 276 43.60 -2.47 -36.36
N GLY A 277 42.26 -2.31 -36.34
CA GLY A 277 41.58 -1.16 -36.88
C GLY A 277 41.10 -1.13 -38.29
N ASP A 278 41.56 -1.98 -39.22
CA ASP A 278 41.25 -2.06 -40.56
C ASP A 278 39.70 -2.04 -40.88
N ASN A 279 38.84 -2.87 -40.10
CA ASN A 279 37.41 -3.04 -40.23
C ASN A 279 36.70 -2.41 -39.01
N LEU A 280 37.39 -1.46 -38.32
CA LEU A 280 36.86 -0.85 -37.13
C LEU A 280 35.72 0.20 -37.48
N THR A 281 34.62 0.15 -36.74
CA THR A 281 33.51 1.09 -36.92
C THR A 281 32.91 1.21 -35.49
N PRO A 282 32.68 2.33 -34.77
CA PRO A 282 32.10 2.34 -33.42
C PRO A 282 30.76 1.65 -33.32
N LYS A 283 30.59 0.90 -32.24
CA LYS A 283 29.36 0.25 -32.09
C LYS A 283 28.39 1.01 -31.29
N VAL A 284 28.89 2.06 -30.66
CA VAL A 284 28.17 2.88 -29.75
C VAL A 284 28.63 4.31 -30.04
N VAL A 285 27.74 5.29 -29.87
CA VAL A 285 28.10 6.66 -29.88
C VAL A 285 27.32 7.37 -28.71
N LEU A 286 27.96 8.09 -27.80
CA LEU A 286 27.32 8.87 -26.76
C LEU A 286 27.40 10.40 -27.04
N TYR A 287 26.28 11.10 -26.87
CA TYR A 287 26.24 12.52 -27.06
C TYR A 287 26.43 13.28 -25.71
N SER A 288 27.62 13.74 -25.50
CA SER A 288 28.16 14.24 -24.19
C SER A 288 27.80 15.66 -24.11
N GLU A 289 27.25 16.16 -23.03
CA GLU A 289 26.88 17.53 -22.86
C GLU A 289 27.01 17.97 -21.41
N ASP A 290 27.25 19.29 -21.19
CA ASP A 290 27.28 19.92 -19.84
C ASP A 290 25.98 20.63 -19.58
N VAL A 291 25.12 20.14 -18.60
CA VAL A 291 23.79 20.67 -18.27
C VAL A 291 23.84 21.37 -16.90
N ASP A 292 23.07 22.44 -16.72
CA ASP A 292 23.10 23.24 -15.49
C ASP A 292 22.30 22.46 -14.37
N ILE A 293 22.71 21.28 -13.95
CA ILE A 293 22.17 20.50 -12.82
C ILE A 293 22.16 21.25 -11.52
N GLU A 294 21.11 20.98 -10.72
CA GLU A 294 20.88 21.52 -9.41
C GLU A 294 19.95 20.51 -8.78
N THR A 295 19.81 20.56 -7.47
CA THR A 295 18.87 19.71 -6.63
C THR A 295 17.84 20.52 -5.90
N PRO A 296 16.63 20.65 -6.32
CA PRO A 296 15.70 21.56 -5.66
C PRO A 296 15.12 21.12 -4.32
N ASP A 297 14.63 19.85 -4.21
CA ASP A 297 13.78 19.31 -3.23
C ASP A 297 14.46 18.13 -2.53
N THR A 298 15.79 17.87 -2.73
CA THR A 298 16.52 16.81 -2.02
C THR A 298 17.88 17.25 -1.54
N HIS A 299 18.59 16.57 -0.57
CA HIS A 299 19.89 16.83 0.00
C HIS A 299 20.53 15.48 0.10
N ILE A 300 21.76 15.48 0.63
CA ILE A 300 22.63 14.39 0.79
C ILE A 300 22.58 13.65 2.17
N SER A 301 22.22 12.37 2.17
CA SER A 301 22.07 11.69 3.54
C SER A 301 23.45 11.18 3.87
N TYR A 302 24.37 10.82 2.91
CA TYR A 302 25.68 10.33 3.27
C TYR A 302 26.69 10.96 2.29
N MET A 303 27.56 11.86 2.70
CA MET A 303 28.46 12.47 1.64
C MET A 303 29.80 11.83 1.86
N PRO A 304 30.30 10.98 0.94
CA PRO A 304 31.44 10.18 1.28
C PRO A 304 32.73 10.93 1.36
N THR A 305 32.79 12.02 0.61
CA THR A 305 34.04 12.75 0.48
C THR A 305 33.93 14.30 0.30
N ILE A 306 34.95 15.00 0.68
CA ILE A 306 35.07 16.38 0.54
C ILE A 306 35.98 16.75 -0.61
N LYS A 307 36.54 15.74 -1.41
CA LYS A 307 37.47 15.94 -2.53
C LYS A 307 36.86 16.67 -3.73
N GLU A 308 37.54 17.70 -4.14
CA GLU A 308 37.14 18.54 -5.33
C GLU A 308 37.02 17.75 -6.63
N GLY A 309 36.14 18.13 -7.52
CA GLY A 309 35.81 17.52 -8.78
C GLY A 309 35.30 16.14 -8.81
N ASN A 310 34.75 15.72 -9.97
CA ASN A 310 34.23 14.39 -10.11
C ASN A 310 35.24 13.20 -9.85
N SER A 311 34.76 12.09 -9.35
CA SER A 311 35.57 10.92 -8.87
C SER A 311 34.67 9.70 -8.59
N ARG A 312 35.24 8.47 -8.62
CA ARG A 312 34.46 7.32 -8.11
C ARG A 312 34.13 7.36 -6.66
N GLU A 313 34.94 7.87 -5.76
CA GLU A 313 34.51 7.99 -4.35
C GLU A 313 33.21 8.86 -4.12
N LEU A 314 33.16 9.98 -4.92
CA LEU A 314 32.03 10.89 -4.99
C LEU A 314 30.84 10.34 -5.74
N MET A 315 30.90 9.15 -6.39
CA MET A 315 29.73 8.45 -6.90
C MET A 315 28.92 7.72 -5.86
N GLY A 316 29.55 7.66 -4.62
CA GLY A 316 29.03 6.92 -3.42
C GLY A 316 27.97 7.67 -2.64
N GLN A 317 27.69 8.90 -3.05
CA GLN A 317 26.84 9.89 -2.49
C GLN A 317 25.41 9.36 -2.50
N GLN A 318 24.71 9.48 -1.37
CA GLN A 318 23.33 8.98 -1.19
C GLN A 318 22.39 10.11 -0.95
N SER A 319 21.17 10.06 -1.51
CA SER A 319 20.20 11.16 -1.37
C SER A 319 19.09 10.92 -0.31
N MET A 320 18.40 12.03 0.07
CA MET A 320 17.26 12.04 0.98
C MET A 320 16.42 13.25 0.63
N PRO A 321 15.11 13.21 0.50
CA PRO A 321 14.29 14.36 0.24
C PRO A 321 14.17 15.42 1.29
N ASN A 322 14.12 16.69 0.97
CA ASN A 322 13.86 17.78 1.96
C ASN A 322 12.50 17.72 2.63
N ARG A 323 12.48 17.95 3.95
CA ARG A 323 11.29 17.88 4.73
C ARG A 323 10.16 18.81 4.33
N PRO A 324 8.88 18.47 4.34
CA PRO A 324 7.83 19.42 4.03
C PRO A 324 7.72 20.56 5.01
N ASN A 325 7.49 21.78 4.51
CA ASN A 325 7.35 22.99 5.30
C ASN A 325 6.06 23.78 4.77
N TYR A 326 4.98 23.89 5.54
CA TYR A 326 3.89 24.70 5.12
C TYR A 326 3.87 26.09 5.77
N ILE A 327 3.42 27.11 5.05
CA ILE A 327 3.32 28.47 5.58
C ILE A 327 1.98 28.98 5.05
N ALA A 328 1.19 29.59 5.90
CA ALA A 328 -0.16 30.03 5.55
C ALA A 328 -0.54 31.16 6.54
N PHE A 329 -1.73 31.73 6.26
CA PHE A 329 -2.52 32.51 7.17
C PHE A 329 -3.24 31.60 8.21
N ARG A 330 -3.47 32.12 9.45
CA ARG A 330 -3.94 31.28 10.57
C ARG A 330 -5.43 31.10 10.58
N ASP A 331 -5.92 30.19 11.45
CA ASP A 331 -7.36 30.08 11.65
C ASP A 331 -7.95 31.44 12.02
N ASN A 332 -9.05 31.91 11.29
CA ASN A 332 -9.77 33.12 11.58
C ASN A 332 -8.88 34.38 11.62
N PHE A 333 -7.75 34.41 10.87
CA PHE A 333 -6.78 35.53 10.79
C PHE A 333 -6.34 36.03 12.14
N ILE A 334 -6.12 35.10 13.12
CA ILE A 334 -5.57 35.34 14.47
C ILE A 334 -4.32 36.24 14.50
N GLY A 335 -4.48 37.28 15.38
CA GLY A 335 -3.46 38.26 15.61
C GLY A 335 -3.16 39.25 14.52
N LEU A 336 -3.90 39.30 13.34
CA LEU A 336 -3.66 40.29 12.29
C LEU A 336 -4.04 41.65 12.92
N MET A 337 -5.07 41.70 13.78
CA MET A 337 -5.65 42.83 14.35
C MET A 337 -5.04 43.16 15.73
N TYR A 338 -4.83 44.45 16.09
CA TYR A 338 -4.43 44.76 17.40
C TYR A 338 -5.53 44.85 18.32
N TYR A 339 -5.78 43.73 19.07
CA TYR A 339 -6.60 43.50 20.25
C TYR A 339 -5.65 43.41 21.48
N ASN A 340 -6.08 44.10 22.61
CA ASN A 340 -5.51 43.99 23.95
C ASN A 340 -4.24 44.64 24.17
N SER A 341 -3.90 45.63 23.31
CA SER A 341 -2.69 46.44 23.53
C SER A 341 -3.14 47.91 23.66
N THR A 342 -2.62 48.56 24.69
CA THR A 342 -3.11 49.93 24.99
C THR A 342 -2.84 51.01 23.93
N GLY A 343 -1.66 51.18 23.34
CA GLY A 343 -1.41 52.34 22.49
C GLY A 343 -1.97 52.14 21.16
N ASN A 344 -2.02 50.88 20.77
CA ASN A 344 -2.52 50.38 19.44
C ASN A 344 -4.03 49.94 19.55
N MET A 345 -4.80 50.53 20.42
CA MET A 345 -6.17 50.32 20.74
C MET A 345 -7.07 50.68 19.50
N GLY A 346 -8.09 49.92 19.17
CA GLY A 346 -9.06 50.29 18.17
C GLY A 346 -9.99 51.44 18.59
N VAL A 347 -10.82 51.99 17.71
CA VAL A 347 -11.59 53.18 17.88
C VAL A 347 -12.94 52.94 17.27
N LEU A 348 -14.00 53.17 18.05
CA LEU A 348 -15.38 53.38 17.51
C LEU A 348 -15.94 54.58 18.21
N ALA A 349 -16.38 55.60 17.48
CA ALA A 349 -16.76 56.79 18.16
C ALA A 349 -17.79 57.54 17.37
N GLY A 350 -18.49 58.48 17.99
CA GLY A 350 -19.53 59.33 17.38
C GLY A 350 -18.82 60.42 16.71
N GLN A 351 -19.39 60.92 15.57
CA GLN A 351 -18.94 62.05 14.87
C GLN A 351 -19.40 63.36 15.45
N ALA A 352 -20.40 63.29 16.35
CA ALA A 352 -20.92 64.38 17.09
C ALA A 352 -20.42 64.44 18.55
N SER A 353 -19.31 63.62 18.83
CA SER A 353 -18.73 63.61 20.15
C SER A 353 -17.52 62.70 20.23
N GLN A 354 -16.31 63.28 20.28
CA GLN A 354 -15.03 62.69 20.53
C GLN A 354 -14.90 62.07 21.95
N LEU A 355 -14.99 60.73 22.01
CA LEU A 355 -15.08 59.80 23.12
C LEU A 355 -15.23 58.52 22.50
N ASN A 356 -14.32 57.62 22.87
CA ASN A 356 -14.23 56.29 22.21
C ASN A 356 -15.06 55.28 22.98
N ALA A 357 -15.82 54.50 22.21
CA ALA A 357 -16.62 53.40 22.74
C ALA A 357 -15.82 52.19 23.19
N VAL A 358 -14.61 51.96 22.60
CA VAL A 358 -13.69 50.85 22.83
C VAL A 358 -12.65 50.97 23.91
N VAL A 359 -12.84 50.19 25.01
CA VAL A 359 -12.03 50.15 26.23
C VAL A 359 -11.28 48.85 26.22
N ASP A 360 -9.92 48.89 26.09
CA ASP A 360 -9.12 47.65 25.87
C ASP A 360 -7.86 47.59 26.65
N LEU A 361 -7.58 46.39 27.15
CA LEU A 361 -6.41 46.17 28.07
C LEU A 361 -5.78 44.82 27.74
N GLN A 362 -4.59 44.61 28.36
CA GLN A 362 -3.84 43.36 28.34
C GLN A 362 -4.46 42.18 29.06
N ASP A 363 -5.30 42.44 30.08
CA ASP A 363 -6.07 41.34 30.69
C ASP A 363 -7.01 40.56 29.74
N ARG A 364 -7.65 41.36 28.89
CA ARG A 364 -8.53 40.77 27.85
C ARG A 364 -7.76 39.85 26.80
N ASN A 365 -8.48 38.83 26.31
CA ASN A 365 -8.04 37.75 25.37
C ASN A 365 -9.19 37.67 24.35
N THR A 366 -9.19 38.52 23.31
CA THR A 366 -10.27 38.60 22.34
C THR A 366 -10.28 37.33 21.49
N GLU A 367 -9.10 36.87 21.07
CA GLU A 367 -9.03 35.71 20.17
C GLU A 367 -9.59 34.44 20.74
N LEU A 368 -9.11 34.14 21.93
CA LEU A 368 -9.61 32.99 22.55
C LEU A 368 -11.14 32.89 22.86
N SER A 369 -11.79 34.03 23.29
CA SER A 369 -13.22 34.14 23.42
C SER A 369 -13.97 33.84 22.09
N TYR A 370 -13.49 34.38 20.95
CA TYR A 370 -14.04 33.94 19.66
C TYR A 370 -13.85 32.48 19.35
N GLN A 371 -12.71 31.89 19.62
CA GLN A 371 -12.44 30.46 19.37
C GLN A 371 -13.39 29.51 20.09
N LEU A 372 -13.46 29.64 21.42
CA LEU A 372 -14.31 28.92 22.37
C LEU A 372 -15.78 29.23 22.15
N LEU A 373 -16.09 30.48 21.78
CA LEU A 373 -17.46 30.77 21.27
C LEU A 373 -17.89 30.08 20.07
N LEU A 374 -17.09 30.03 18.98
CA LEU A 374 -17.40 29.23 17.81
C LEU A 374 -17.62 27.78 18.13
N ASP A 375 -16.78 27.17 19.00
CA ASP A 375 -16.87 25.78 19.49
C ASP A 375 -18.19 25.49 20.19
N SER A 376 -18.65 26.44 20.99
CA SER A 376 -19.89 26.34 21.63
C SER A 376 -21.02 26.36 20.69
N ILE A 377 -20.96 27.13 19.65
CA ILE A 377 -22.01 27.26 18.65
C ILE A 377 -22.09 26.15 17.68
N GLY A 378 -20.95 25.86 16.98
CA GLY A 378 -21.03 24.90 15.88
C GLY A 378 -19.81 24.03 15.54
N ASP A 379 -19.98 22.94 14.74
CA ASP A 379 -18.88 21.95 14.32
C ASP A 379 -17.73 22.75 13.54
N ARG A 380 -16.45 22.50 13.98
CA ARG A 380 -15.24 23.10 13.43
C ARG A 380 -14.48 22.14 12.52
N THR A 381 -14.99 20.95 12.30
CA THR A 381 -14.37 20.04 11.38
C THR A 381 -14.91 20.23 9.99
N ARG A 382 -15.82 21.13 9.72
CA ARG A 382 -16.32 21.63 8.46
C ARG A 382 -15.55 22.96 8.19
N TYR A 383 -14.84 23.04 7.04
CA TYR A 383 -13.88 24.08 6.74
C TYR A 383 -14.60 25.08 5.77
N PHE A 384 -14.58 26.39 6.11
CA PHE A 384 -15.23 27.44 5.36
C PHE A 384 -14.18 28.49 5.02
N SER A 385 -13.91 28.72 3.72
CA SER A 385 -12.80 29.57 3.19
C SER A 385 -12.77 31.03 3.55
N MET A 386 -13.94 31.66 3.46
CA MET A 386 -14.12 33.14 3.53
C MET A 386 -13.52 33.76 4.78
N TRP A 387 -13.74 33.16 5.98
CA TRP A 387 -13.28 33.56 7.29
C TRP A 387 -11.94 32.82 7.59
N ASN A 388 -11.39 31.91 6.68
CA ASN A 388 -10.28 30.98 6.98
C ASN A 388 -10.53 30.16 8.21
N GLN A 389 -11.68 29.53 8.28
CA GLN A 389 -12.27 28.83 9.44
C GLN A 389 -12.14 27.32 9.33
N ALA A 390 -11.05 26.95 8.69
CA ALA A 390 -10.58 25.61 8.64
C ALA A 390 -9.63 25.31 9.78
N VAL A 391 -10.14 24.73 10.87
CA VAL A 391 -9.40 24.67 12.21
C VAL A 391 -8.13 23.92 12.16
N ASP A 392 -7.07 24.25 12.97
CA ASP A 392 -5.98 23.30 13.18
C ASP A 392 -6.31 22.02 13.95
N SER A 393 -5.64 20.94 13.56
CA SER A 393 -5.82 19.57 13.95
C SER A 393 -4.61 18.81 13.71
N TYR A 394 -4.70 17.56 14.12
CA TYR A 394 -3.54 16.63 14.02
C TYR A 394 -4.18 15.32 13.77
N ASP A 395 -3.45 14.37 13.16
CA ASP A 395 -3.81 12.94 12.90
C ASP A 395 -3.70 12.16 14.23
N PRO A 396 -4.73 11.48 14.74
CA PRO A 396 -4.63 10.73 15.93
C PRO A 396 -3.64 9.57 15.94
N ASP A 397 -3.41 8.88 14.80
CA ASP A 397 -2.50 7.78 14.77
C ASP A 397 -0.97 8.17 14.80
N VAL A 398 -0.73 9.47 14.65
CA VAL A 398 0.60 10.11 14.79
C VAL A 398 0.95 10.61 16.22
N ARG A 399 -0.04 11.26 16.87
CA ARG A 399 -0.09 11.65 18.29
C ARG A 399 0.04 10.39 19.18
N ILE A 400 -0.84 9.37 19.00
CA ILE A 400 -0.96 8.13 19.70
C ILE A 400 -0.62 6.92 18.84
N ILE A 401 0.57 6.19 19.05
CA ILE A 401 0.92 5.07 18.23
C ILE A 401 0.12 3.85 18.77
N GLU A 402 -0.66 3.14 17.90
CA GLU A 402 -1.26 1.85 18.29
C GLU A 402 -0.57 0.71 17.51
N ASN A 403 0.46 0.08 18.11
CA ASN A 403 1.34 -0.73 17.35
C ASN A 403 0.86 -2.16 17.43
N HIS A 404 0.12 -2.58 16.33
CA HIS A 404 -0.46 -3.94 16.13
C HIS A 404 0.47 -4.89 15.33
N GLY A 405 1.67 -4.46 14.78
CA GLY A 405 2.44 -5.28 13.84
C GLY A 405 1.88 -5.56 12.49
N THR A 406 2.77 -5.98 11.56
CA THR A 406 2.53 -5.98 10.11
C THR A 406 1.58 -7.06 9.53
N GLU A 407 0.78 -6.77 8.45
CA GLU A 407 -0.16 -7.81 7.85
C GLU A 407 0.49 -8.51 6.67
N ASP A 408 1.72 -9.03 6.95
CA ASP A 408 2.68 -9.52 5.98
C ASP A 408 2.58 -11.11 5.97
N GLU A 409 1.53 -11.78 6.46
CA GLU A 409 1.47 -13.26 6.50
C GLU A 409 1.95 -14.20 5.33
N LEU A 410 1.82 -13.82 4.00
CA LEU A 410 2.15 -14.51 2.85
C LEU A 410 3.44 -13.82 2.24
N PRO A 411 4.33 -14.64 1.62
CA PRO A 411 5.39 -14.13 0.73
C PRO A 411 5.10 -13.29 -0.59
N ASN A 412 5.67 -12.04 -0.72
CA ASN A 412 5.32 -11.21 -1.86
C ASN A 412 6.52 -11.01 -2.82
N TYR A 413 6.27 -11.07 -4.17
CA TYR A 413 7.33 -11.32 -5.09
C TYR A 413 7.42 -10.31 -6.27
N CYS A 414 8.72 -10.08 -6.74
CA CYS A 414 9.09 -9.38 -7.93
C CYS A 414 9.68 -10.46 -8.85
N PHE A 415 9.41 -10.31 -10.19
CA PHE A 415 9.72 -11.30 -11.16
C PHE A 415 10.40 -10.73 -12.42
N PRO A 416 11.08 -11.49 -13.27
CA PRO A 416 11.66 -11.05 -14.49
C PRO A 416 10.61 -10.41 -15.38
N LEU A 417 11.07 -9.66 -16.40
CA LEU A 417 10.28 -9.03 -17.51
C LEU A 417 9.56 -10.05 -18.37
N GLY A 418 10.23 -11.30 -18.55
CA GLY A 418 9.72 -12.39 -19.32
C GLY A 418 9.15 -13.48 -18.44
N GLY A 419 9.16 -13.31 -17.08
CA GLY A 419 8.61 -14.25 -16.09
C GLY A 419 9.23 -15.59 -16.06
N VAL A 420 10.52 -15.63 -16.55
CA VAL A 420 11.25 -16.94 -16.64
C VAL A 420 12.62 -16.74 -16.27
N GLY A 421 13.50 -16.34 -17.21
CA GLY A 421 14.94 -16.10 -16.88
C GLY A 421 15.78 -17.25 -16.45
N ASN A 422 17.10 -17.00 -16.38
CA ASN A 422 18.19 -17.90 -16.09
C ASN A 422 18.25 -19.26 -16.90
N ASN A 423 17.86 -19.17 -18.26
CA ASN A 423 17.71 -20.25 -19.23
C ASN A 423 19.00 -20.98 -19.62
N SER A 424 18.86 -22.28 -20.05
CA SER A 424 19.97 -23.21 -20.47
C SER A 424 19.64 -23.69 -21.88
N THR A 425 20.66 -24.15 -22.68
CA THR A 425 20.44 -24.62 -24.08
C THR A 425 20.23 -26.08 -24.21
N TYR A 426 19.16 -26.49 -24.93
CA TYR A 426 18.85 -27.87 -25.17
C TYR A 426 18.68 -28.38 -26.62
N THR A 427 19.19 -29.60 -26.90
CA THR A 427 19.01 -30.14 -28.20
C THR A 427 18.05 -31.31 -28.11
N LYS A 428 16.92 -31.21 -28.85
CA LYS A 428 15.91 -32.22 -28.95
C LYS A 428 16.35 -33.62 -29.34
N VAL A 429 15.71 -34.67 -28.74
CA VAL A 429 15.95 -36.04 -29.07
C VAL A 429 14.67 -36.78 -29.32
N LYS A 430 14.69 -37.84 -30.19
CA LYS A 430 13.42 -38.55 -30.54
C LYS A 430 13.70 -40.04 -30.24
N PRO A 431 12.66 -40.84 -29.91
CA PRO A 431 12.81 -42.20 -29.50
C PRO A 431 13.05 -43.14 -30.72
N LYS A 432 13.87 -44.15 -30.57
CA LYS A 432 13.83 -45.32 -31.42
C LYS A 432 12.75 -46.28 -30.88
N THR A 433 11.70 -46.59 -31.61
CA THR A 433 10.48 -47.17 -30.97
C THR A 433 10.57 -48.61 -30.58
N GLY A 434 11.60 -49.40 -31.02
CA GLY A 434 11.80 -50.81 -30.62
C GLY A 434 12.73 -51.01 -29.49
N GLN A 435 13.41 -49.99 -28.98
CA GLN A 435 14.39 -50.18 -27.93
C GLN A 435 13.94 -49.61 -26.61
N GLU A 436 14.41 -50.13 -25.38
CA GLU A 436 13.85 -49.64 -24.12
C GLU A 436 14.34 -48.25 -23.77
N ASN A 437 15.58 -47.86 -24.20
CA ASN A 437 16.13 -46.58 -23.94
C ASN A 437 16.79 -46.06 -25.25
N GLY A 438 16.26 -46.35 -26.44
CA GLY A 438 16.88 -45.94 -27.66
C GLY A 438 16.61 -44.53 -28.13
N TRP A 439 17.64 -43.78 -28.51
CA TRP A 439 17.48 -42.35 -28.88
C TRP A 439 18.32 -41.78 -30.03
N GLU A 440 17.81 -40.79 -30.77
CA GLU A 440 18.36 -40.31 -31.97
C GLU A 440 18.23 -38.79 -31.84
N LYS A 441 19.32 -38.06 -32.13
CA LYS A 441 19.36 -36.59 -32.16
C LYS A 441 18.42 -35.93 -33.17
N ASP A 442 17.76 -34.78 -32.87
CA ASP A 442 16.98 -34.12 -33.91
C ASP A 442 17.45 -32.67 -34.04
N ALA A 443 18.17 -32.32 -35.11
CA ALA A 443 18.73 -31.00 -35.45
C ALA A 443 18.10 -30.68 -36.90
N THR A 444 16.91 -31.23 -37.37
CA THR A 444 16.34 -31.08 -38.72
C THR A 444 15.40 -29.87 -38.77
N GLU A 445 14.11 -30.03 -38.53
CA GLU A 445 13.16 -28.88 -38.52
C GLU A 445 13.26 -28.10 -37.19
N PHE A 446 13.81 -28.64 -36.11
CA PHE A 446 13.84 -28.03 -34.78
C PHE A 446 15.26 -27.55 -34.43
N SER A 447 15.36 -26.39 -33.84
CA SER A 447 16.59 -25.93 -33.25
C SER A 447 17.38 -26.88 -32.27
N ASP A 448 18.75 -26.84 -32.38
CA ASP A 448 19.64 -27.57 -31.55
C ASP A 448 20.01 -26.72 -30.27
N LYS A 449 19.50 -25.45 -30.20
CA LYS A 449 19.76 -24.53 -29.14
C LYS A 449 18.44 -23.97 -28.66
N ASN A 450 17.55 -24.82 -28.08
CA ASN A 450 16.28 -24.42 -27.59
C ASN A 450 16.52 -23.97 -26.17
N GLU A 451 16.13 -22.71 -25.81
CA GLU A 451 16.27 -22.21 -24.48
C GLU A 451 15.16 -22.73 -23.62
N ILE A 452 15.53 -23.38 -22.44
CA ILE A 452 14.66 -23.81 -21.43
C ILE A 452 15.26 -23.61 -20.10
N ARG A 453 14.44 -23.01 -19.16
CA ARG A 453 14.75 -22.85 -17.76
C ARG A 453 14.26 -24.00 -16.93
N VAL A 454 15.22 -24.90 -16.52
CA VAL A 454 14.92 -26.09 -15.70
C VAL A 454 14.59 -25.62 -14.27
N GLY A 455 13.57 -26.24 -13.72
CA GLY A 455 13.09 -25.84 -12.40
C GLY A 455 12.18 -24.62 -12.51
N ASN A 456 12.02 -23.87 -11.36
CA ASN A 456 11.15 -22.72 -11.32
C ASN A 456 11.78 -21.52 -11.98
N ASN A 457 10.97 -20.45 -12.34
CA ASN A 457 11.52 -19.15 -12.82
C ASN A 457 12.37 -18.50 -11.72
N PHE A 458 13.25 -17.54 -12.01
CA PHE A 458 14.02 -16.71 -11.08
C PHE A 458 13.14 -15.71 -10.40
N ALA A 459 13.46 -15.36 -9.08
CA ALA A 459 12.56 -14.49 -8.34
C ALA A 459 13.28 -13.63 -7.20
N MET A 460 12.64 -12.54 -6.81
CA MET A 460 13.03 -11.72 -5.65
C MET A 460 11.86 -11.50 -4.65
N GLU A 461 12.14 -11.19 -3.38
CA GLU A 461 11.10 -11.12 -2.34
C GLU A 461 11.07 -9.80 -1.71
N ILE A 462 9.90 -9.31 -1.33
CA ILE A 462 9.85 -8.04 -0.62
C ILE A 462 8.73 -8.10 0.42
N ASN A 463 8.99 -7.45 1.59
CA ASN A 463 7.96 -7.48 2.59
C ASN A 463 7.21 -6.10 2.49
N LEU A 464 6.01 -5.94 1.89
CA LEU A 464 5.37 -4.61 1.73
C LEU A 464 5.07 -3.80 3.04
N ASN A 465 4.43 -4.49 4.02
CA ASN A 465 3.97 -3.89 5.17
C ASN A 465 5.10 -3.34 6.13
N ALA A 466 6.21 -4.04 6.24
CA ALA A 466 7.36 -3.59 7.02
C ALA A 466 7.98 -2.33 6.48
N ASN A 467 8.17 -2.25 5.19
CA ASN A 467 8.63 -1.03 4.52
C ASN A 467 7.63 0.14 4.61
N LEU A 468 6.35 -0.14 4.45
CA LEU A 468 5.39 0.87 4.57
C LEU A 468 5.19 1.45 5.98
N TRP A 469 5.14 0.56 6.98
CA TRP A 469 5.12 0.92 8.34
C TRP A 469 6.43 1.70 8.82
N ARG A 470 7.59 1.19 8.40
CA ARG A 470 8.82 1.95 8.64
C ARG A 470 8.88 3.38 8.06
N ASN A 471 8.45 3.56 6.78
CA ASN A 471 8.38 4.84 6.04
C ASN A 471 7.43 5.86 6.67
N PHE A 472 6.21 5.33 7.15
CA PHE A 472 5.23 6.05 7.89
C PHE A 472 5.75 6.61 9.21
N LEU A 473 6.39 5.73 9.96
CA LEU A 473 6.97 6.13 11.19
C LEU A 473 8.14 7.18 11.13
N TYR A 474 9.04 6.99 10.17
CA TYR A 474 10.16 7.86 10.07
C TYR A 474 9.82 9.20 9.58
N SER A 475 8.88 9.24 8.60
CA SER A 475 8.46 10.52 8.02
C SER A 475 7.62 11.35 8.94
N ASN A 476 6.71 10.69 9.62
CA ASN A 476 5.66 11.38 10.37
C ASN A 476 5.90 11.60 11.86
N ILE A 477 6.88 10.92 12.48
CA ILE A 477 7.15 10.97 13.90
C ILE A 477 8.60 11.22 14.07
N ALA A 478 9.49 10.31 13.55
CA ALA A 478 10.88 10.36 13.80
C ALA A 478 11.70 11.64 13.51
N LEU A 479 11.50 12.29 12.36
CA LEU A 479 12.13 13.56 12.03
C LEU A 479 11.68 14.75 12.98
N TYR A 480 10.63 14.51 13.74
CA TYR A 480 10.03 15.47 14.69
C TYR A 480 10.36 15.23 16.18
N LEU A 481 11.26 14.28 16.45
CA LEU A 481 11.81 13.93 17.80
C LEU A 481 12.59 15.12 18.32
N PRO A 482 12.74 15.34 19.63
CA PRO A 482 13.77 16.23 20.22
C PRO A 482 15.20 16.25 19.75
N ASP A 483 15.82 17.45 19.75
CA ASP A 483 17.15 17.61 19.20
C ASP A 483 18.32 16.82 19.94
N LYS A 484 18.04 16.36 21.21
CA LYS A 484 19.01 15.64 21.98
C LYS A 484 19.21 14.27 21.48
N LEU A 485 18.26 13.69 20.67
CA LEU A 485 18.35 12.36 20.08
C LEU A 485 18.89 12.39 18.67
N LYS A 486 19.22 13.57 18.12
CA LYS A 486 19.88 13.70 16.85
C LYS A 486 21.39 14.01 16.77
N TYR A 487 21.88 13.95 15.51
CA TYR A 487 23.25 14.29 15.23
C TYR A 487 23.50 15.05 13.91
N SER A 488 24.71 15.68 13.74
CA SER A 488 24.86 16.53 12.55
C SER A 488 25.49 15.74 11.36
N PRO A 489 24.99 15.85 10.04
CA PRO A 489 25.53 14.96 9.01
C PRO A 489 26.99 15.29 8.72
N SER A 490 27.78 14.30 8.30
CA SER A 490 29.24 14.44 8.07
C SER A 490 29.52 14.90 6.63
N ASN A 491 30.54 15.72 6.34
CA ASN A 491 30.89 16.26 5.08
C ASN A 491 29.80 17.10 4.46
N VAL A 492 28.85 17.62 5.23
CA VAL A 492 27.69 18.47 4.91
C VAL A 492 27.48 19.52 5.99
N LYS A 493 27.47 20.83 5.68
CA LYS A 493 27.33 21.92 6.60
C LYS A 493 25.85 22.31 6.95
N ILE A 494 25.77 22.87 8.11
CA ILE A 494 24.57 23.15 8.86
C ILE A 494 24.64 24.43 9.63
N SER A 495 23.41 25.15 9.66
CA SER A 495 23.34 26.54 10.25
C SER A 495 23.60 26.43 11.70
N ASP A 496 24.35 27.40 12.22
CA ASP A 496 24.53 27.57 13.69
C ASP A 496 23.25 27.95 14.38
N ASN A 497 22.34 28.76 13.79
CA ASN A 497 21.05 29.19 14.47
C ASN A 497 20.01 27.98 14.24
N PRO A 498 19.53 27.25 15.20
CA PRO A 498 18.62 26.10 15.05
C PRO A 498 17.19 26.43 14.76
N ASN A 499 16.86 27.74 14.67
CA ASN A 499 15.57 28.16 14.21
C ASN A 499 15.48 28.24 12.68
N THR A 500 16.67 28.11 12.00
CA THR A 500 16.56 27.94 10.60
C THR A 500 15.90 26.64 10.07
N TYR A 501 15.32 26.70 8.84
CA TYR A 501 14.82 25.54 8.10
C TYR A 501 16.00 24.61 7.77
N ASP A 502 17.18 25.20 7.45
CA ASP A 502 18.41 24.35 7.18
C ASP A 502 18.83 23.34 8.26
N TYR A 503 18.80 23.66 9.55
CA TYR A 503 19.04 22.81 10.69
C TYR A 503 17.99 21.71 10.90
N MET A 504 16.67 22.02 10.88
CA MET A 504 15.56 21.01 10.95
C MET A 504 15.60 20.05 9.83
N ASN A 505 16.07 20.48 8.65
CA ASN A 505 16.02 19.69 7.50
C ASN A 505 17.17 18.66 7.36
N LYS A 506 18.36 19.03 7.83
CA LYS A 506 19.56 18.21 7.73
C LYS A 506 20.01 17.41 8.99
N ARG A 507 19.53 17.67 10.19
CA ARG A 507 19.71 16.86 11.42
C ARG A 507 19.31 15.42 11.38
N VAL A 508 20.23 14.44 11.87
CA VAL A 508 19.98 13.04 11.57
C VAL A 508 19.46 12.24 12.85
N VAL A 509 18.27 11.61 12.67
CA VAL A 509 17.83 10.71 13.74
C VAL A 509 17.90 9.22 13.28
N ALA A 510 18.39 8.34 14.18
CA ALA A 510 18.64 6.99 13.73
C ALA A 510 17.29 6.26 13.56
N PRO A 511 17.01 5.41 12.55
CA PRO A 511 15.75 4.70 12.42
C PRO A 511 15.49 3.74 13.52
N GLY A 512 16.54 3.23 14.24
CA GLY A 512 16.38 2.31 15.39
C GLY A 512 15.66 2.71 16.65
N LEU A 513 15.38 4.00 16.90
CA LEU A 513 14.58 4.65 17.86
C LEU A 513 13.08 4.61 17.57
N VAL A 514 12.69 4.46 16.27
CA VAL A 514 11.29 4.41 15.85
C VAL A 514 11.05 3.30 14.81
N ASP A 515 11.52 2.04 15.09
CA ASP A 515 11.44 0.92 14.19
C ASP A 515 10.22 0.13 14.62
N CYS A 516 10.08 -1.03 13.90
CA CYS A 516 8.93 -1.97 13.95
C CYS A 516 8.42 -2.28 15.33
N TYR A 517 9.33 -2.61 16.21
CA TYR A 517 9.03 -3.16 17.53
C TYR A 517 8.76 -2.04 18.60
N ILE A 518 8.87 -0.69 18.32
CA ILE A 518 8.60 0.33 19.35
C ILE A 518 7.19 0.37 19.80
N ASN A 519 6.98 0.24 21.16
CA ASN A 519 5.67 0.24 21.78
C ASN A 519 4.70 -0.93 21.32
N LEU A 520 5.22 -2.00 20.71
CA LEU A 520 4.53 -3.10 20.02
C LEU A 520 3.51 -3.78 20.97
N GLY A 521 2.22 -3.99 20.58
CA GLY A 521 1.16 -4.53 21.45
C GLY A 521 0.56 -3.52 22.43
N ALA A 522 1.04 -2.22 22.35
CA ALA A 522 0.50 -1.16 23.24
C ALA A 522 -0.09 -0.03 22.48
N ARG A 523 -1.03 0.68 23.18
CA ARG A 523 -1.51 1.93 22.68
C ARG A 523 -0.84 3.10 23.44
N TRP A 524 0.20 3.74 22.89
CA TRP A 524 1.05 4.58 23.73
C TRP A 524 1.70 5.66 22.87
N SER A 525 1.57 6.93 23.21
CA SER A 525 2.31 8.01 22.59
C SER A 525 3.78 7.95 23.03
N LEU A 526 4.70 8.34 22.12
CA LEU A 526 6.12 8.34 22.48
C LEU A 526 6.47 9.44 23.50
N ASP A 527 7.19 9.07 24.60
CA ASP A 527 7.44 9.95 25.77
C ASP A 527 8.16 11.23 25.45
N TYR A 528 9.13 11.14 24.53
CA TYR A 528 9.78 12.28 23.97
C TYR A 528 8.77 13.15 23.18
N MET A 529 7.63 12.64 22.73
CA MET A 529 6.64 13.31 22.00
C MET A 529 5.52 13.92 22.84
N ASP A 530 5.34 13.54 24.15
CA ASP A 530 4.37 14.06 25.13
C ASP A 530 4.56 15.51 25.35
N ASN A 531 5.80 16.00 25.39
CA ASN A 531 6.19 17.41 25.65
C ASN A 531 6.52 18.11 24.34
N VAL A 532 6.17 17.50 23.19
CA VAL A 532 6.34 18.06 21.79
C VAL A 532 4.92 18.49 21.44
N ASN A 533 4.73 19.70 20.94
CA ASN A 533 3.41 20.12 20.46
C ASN A 533 3.05 19.40 19.09
N PRO A 534 1.95 18.70 19.00
CA PRO A 534 1.60 17.87 17.88
C PRO A 534 0.88 18.58 16.77
N PHE A 535 0.32 19.78 16.94
CA PHE A 535 -0.42 20.58 15.98
C PHE A 535 0.52 21.13 14.80
N ASN A 536 1.71 21.34 15.24
CA ASN A 536 2.89 21.69 14.48
C ASN A 536 3.37 20.46 13.66
N HIS A 537 2.57 20.05 12.60
CA HIS A 537 2.91 18.82 11.92
C HIS A 537 2.29 18.92 10.50
N HIS A 538 2.92 18.21 9.51
CA HIS A 538 2.64 18.40 8.09
C HIS A 538 1.26 17.75 7.66
N ARG A 539 0.76 16.76 8.45
CA ARG A 539 -0.51 16.20 8.31
C ARG A 539 -1.68 16.94 9.03
N ASN A 540 -1.47 18.22 9.53
CA ASN A 540 -2.48 19.12 10.06
C ASN A 540 -3.39 19.58 8.90
N ALA A 541 -4.58 18.97 8.79
CA ALA A 541 -5.43 19.25 7.65
C ALA A 541 -5.80 20.66 7.44
N GLY A 542 -6.10 21.45 8.48
CA GLY A 542 -6.45 22.85 8.49
C GLY A 542 -5.32 23.71 7.96
N LEU A 543 -4.07 23.70 8.46
CA LEU A 543 -2.95 24.42 7.92
C LEU A 543 -2.70 24.02 6.55
N ARG A 544 -2.77 22.72 6.13
CA ARG A 544 -2.58 22.37 4.78
C ARG A 544 -3.67 22.99 3.99
N TYR A 545 -4.99 22.96 4.37
CA TYR A 545 -6.10 23.49 3.69
C TYR A 545 -5.96 25.02 3.50
N ARG A 546 -5.53 25.79 4.51
CA ARG A 546 -5.34 27.16 4.43
C ARG A 546 -4.17 27.53 3.58
N SER A 547 -3.11 26.62 3.49
CA SER A 547 -1.95 26.82 2.63
C SER A 547 -2.37 26.69 1.17
N MET A 548 -3.41 25.78 0.90
CA MET A 548 -3.97 25.61 -0.46
C MET A 548 -4.99 26.57 -0.97
N LEU A 549 -5.60 27.32 -0.07
CA LEU A 549 -6.39 28.50 -0.33
C LEU A 549 -5.46 29.57 -0.94
N LEU A 550 -4.21 29.70 -0.58
CA LEU A 550 -3.33 30.69 -1.08
C LEU A 550 -2.73 30.16 -2.35
N GLY A 551 -2.28 28.91 -2.34
CA GLY A 551 -1.84 28.19 -3.53
C GLY A 551 -0.63 27.39 -3.26
N ASN A 552 -0.07 26.79 -4.33
CA ASN A 552 1.08 25.99 -4.32
C ASN A 552 2.33 26.86 -4.28
N GLY A 553 2.20 28.12 -4.74
CA GLY A 553 3.35 29.02 -4.88
C GLY A 553 3.75 29.93 -3.73
N ARG A 554 5.05 30.32 -3.84
CA ARG A 554 5.59 31.18 -2.83
C ARG A 554 5.00 32.59 -3.01
N TYR A 555 4.93 33.07 -4.28
CA TYR A 555 4.42 34.42 -4.62
C TYR A 555 2.83 34.36 -4.70
N VAL A 556 2.08 35.13 -3.91
CA VAL A 556 0.62 35.06 -3.93
C VAL A 556 -0.03 36.42 -3.81
N PRO A 557 -0.71 37.00 -4.85
CA PRO A 557 -1.59 38.11 -4.77
C PRO A 557 -2.91 37.53 -4.21
N PHE A 558 -3.38 38.11 -3.08
CA PHE A 558 -4.52 37.50 -2.39
C PHE A 558 -5.57 38.45 -2.08
N HIS A 559 -6.69 37.99 -1.73
CA HIS A 559 -7.76 38.80 -1.21
C HIS A 559 -8.32 38.04 -0.13
N ILE A 560 -8.62 38.66 1.05
CA ILE A 560 -9.06 38.01 2.26
C ILE A 560 -10.13 38.83 2.90
N GLN A 561 -11.14 38.15 3.52
CA GLN A 561 -12.23 38.78 4.28
C GLN A 561 -12.17 38.56 5.77
N VAL A 562 -11.82 39.58 6.50
CA VAL A 562 -11.62 39.59 7.94
C VAL A 562 -12.79 40.09 8.82
N PRO A 563 -13.30 39.42 9.86
CA PRO A 563 -14.46 39.75 10.65
C PRO A 563 -14.02 40.58 11.87
N GLN A 564 -14.91 41.39 12.51
CA GLN A 564 -14.52 41.94 13.76
C GLN A 564 -14.80 40.97 14.88
N LYS A 565 -13.79 40.53 15.66
CA LYS A 565 -13.98 39.44 16.55
C LYS A 565 -14.34 39.85 17.99
N PHE A 566 -14.33 41.17 18.30
CA PHE A 566 -14.48 41.75 19.62
C PHE A 566 -15.93 41.69 20.06
N PHE A 567 -16.16 41.10 21.22
CA PHE A 567 -17.49 40.83 21.69
C PHE A 567 -18.48 41.99 21.80
N ALA A 568 -18.05 43.19 22.35
CA ALA A 568 -19.00 44.29 22.48
C ALA A 568 -19.50 44.87 21.14
N ILE A 569 -18.57 45.14 20.23
CA ILE A 569 -18.84 45.59 18.90
C ILE A 569 -19.71 44.62 18.07
N LYS A 570 -19.37 43.36 18.07
CA LYS A 570 -19.95 42.49 17.02
C LYS A 570 -21.43 42.17 17.20
N ASN A 571 -22.03 42.16 18.42
CA ASN A 571 -23.43 41.79 18.62
C ASN A 571 -24.28 43.11 18.62
N LEU A 572 -23.65 44.33 18.48
CA LEU A 572 -24.29 45.64 18.39
C LEU A 572 -25.20 45.87 17.18
N LEU A 573 -26.34 46.62 17.45
CA LEU A 573 -27.21 47.03 16.30
C LEU A 573 -27.04 48.55 16.23
N LEU A 574 -26.65 49.19 15.08
CA LEU A 574 -26.29 50.59 15.14
C LEU A 574 -27.30 51.50 14.42
N LEU A 575 -27.84 52.47 15.15
CA LEU A 575 -28.86 53.39 14.66
C LEU A 575 -28.29 54.62 13.98
N PRO A 576 -29.10 55.47 13.23
CA PRO A 576 -28.71 56.61 12.43
C PRO A 576 -27.78 57.55 13.00
N GLY A 577 -26.87 58.01 12.09
CA GLY A 577 -25.67 58.89 12.36
C GLY A 577 -24.44 58.47 11.63
N SER A 578 -23.34 59.27 11.80
CA SER A 578 -22.13 58.94 11.25
C SER A 578 -21.16 58.63 12.37
N TYR A 579 -20.20 57.77 12.08
CA TYR A 579 -19.31 57.21 13.13
C TYR A 579 -17.82 57.13 12.64
N THR A 580 -16.81 57.46 13.53
CA THR A 580 -15.40 57.06 13.25
C THR A 580 -15.25 55.57 13.62
N TYR A 581 -14.75 54.68 12.70
CA TYR A 581 -14.38 53.28 12.99
C TYR A 581 -12.90 53.04 12.55
N GLU A 582 -11.92 53.01 13.51
CA GLU A 582 -10.50 52.81 13.15
C GLU A 582 -9.83 51.62 13.78
N TRP A 583 -8.99 50.88 13.10
CA TRP A 583 -8.28 49.69 13.60
C TRP A 583 -6.87 49.65 13.13
N ASN A 584 -6.13 48.74 13.79
CA ASN A 584 -4.75 48.62 13.55
C ASN A 584 -4.49 47.24 13.21
N PHE A 585 -3.57 47.01 12.26
CA PHE A 585 -3.14 45.72 11.85
C PHE A 585 -1.67 45.47 11.92
N ARG A 586 -1.28 44.24 12.21
CA ARG A 586 0.12 43.76 12.37
C ARG A 586 0.71 43.40 11.00
N LYS A 587 2.00 43.56 10.71
CA LYS A 587 2.65 43.09 9.49
C LYS A 587 3.77 42.08 9.71
N ASP A 588 4.07 41.70 11.02
CA ASP A 588 5.12 40.80 11.37
C ASP A 588 4.82 39.39 11.01
N VAL A 589 5.59 38.77 10.13
CA VAL A 589 5.36 37.44 9.58
C VAL A 589 5.22 36.32 10.59
N ASN A 590 5.99 36.37 11.73
CA ASN A 590 5.88 35.27 12.75
C ASN A 590 4.49 35.25 13.44
N MET A 591 3.67 36.36 13.35
CA MET A 591 2.34 36.39 13.90
C MET A 591 1.27 36.17 12.86
N VAL A 592 1.31 36.84 11.70
CA VAL A 592 0.31 36.76 10.67
C VAL A 592 0.36 35.54 9.83
N LEU A 593 1.56 34.93 9.65
CA LEU A 593 1.75 33.66 9.02
C LEU A 593 2.06 32.62 10.10
N GLN A 594 1.84 31.38 9.79
CA GLN A 594 2.13 30.28 10.64
C GLN A 594 2.83 29.23 9.89
N SER A 595 3.90 28.65 10.42
CA SER A 595 4.68 27.65 9.70
C SER A 595 4.64 26.33 10.48
N SER A 596 4.78 25.12 9.83
CA SER A 596 4.68 23.82 10.34
C SER A 596 5.70 23.48 11.38
N LEU A 597 6.95 23.77 11.18
CA LEU A 597 8.06 23.56 12.14
C LEU A 597 8.30 24.74 13.10
N GLY A 598 7.67 25.95 12.83
CA GLY A 598 7.67 27.06 13.73
C GLY A 598 8.98 27.89 13.67
N ASN A 599 9.53 27.89 12.45
CA ASN A 599 10.70 28.59 12.02
C ASN A 599 10.65 30.12 12.01
N ASP A 600 11.74 30.79 12.33
CA ASP A 600 11.68 32.26 12.34
C ASP A 600 11.65 32.88 10.89
N LEU A 601 10.47 33.28 10.42
CA LEU A 601 10.06 33.71 9.13
C LEU A 601 10.70 34.94 8.65
N ARG A 602 11.03 35.85 9.65
CA ARG A 602 11.74 37.09 9.36
C ARG A 602 13.06 36.73 8.71
N VAL A 603 13.87 35.97 9.45
CA VAL A 603 15.18 35.52 9.03
C VAL A 603 15.13 34.61 7.76
N ASP A 604 14.07 33.79 7.68
CA ASP A 604 13.86 32.87 6.57
C ASP A 604 13.11 33.51 5.37
N GLY A 605 12.90 34.84 5.42
CA GLY A 605 12.64 35.71 4.31
C GLY A 605 11.26 35.74 3.69
N ALA A 606 10.23 35.46 4.43
CA ALA A 606 8.86 35.59 4.11
C ALA A 606 8.43 37.05 4.23
N SER A 607 7.59 37.53 3.38
CA SER A 607 7.14 38.96 3.43
C SER A 607 5.71 39.24 2.95
N ILE A 608 4.94 40.08 3.65
CA ILE A 608 3.59 40.41 3.24
C ILE A 608 3.37 41.92 3.07
N LYS A 609 2.82 42.35 1.94
CA LYS A 609 2.71 43.75 1.66
C LYS A 609 1.26 43.90 1.19
N PHE A 610 0.44 44.55 2.05
CA PHE A 610 -0.96 44.95 1.91
C PHE A 610 -1.07 46.04 0.81
N ASP A 611 -2.05 45.90 -0.11
CA ASP A 611 -2.40 46.87 -1.10
C ASP A 611 -3.51 47.81 -0.55
N SER A 612 -4.73 47.34 -0.57
CA SER A 612 -5.82 48.15 -0.23
C SER A 612 -6.62 47.47 0.83
N ILE A 613 -7.56 48.21 1.42
CA ILE A 613 -8.47 47.77 2.42
C ILE A 613 -9.85 48.50 2.21
N CYS A 614 -10.99 47.76 2.37
CA CYS A 614 -12.34 48.30 2.17
C CYS A 614 -13.27 47.60 3.17
N LEU A 615 -13.94 48.52 3.99
CA LEU A 615 -14.88 48.16 4.97
C LEU A 615 -16.31 47.91 4.48
N TYR A 616 -16.82 46.69 4.58
CA TYR A 616 -18.11 46.34 4.02
C TYR A 616 -19.03 46.26 5.23
N ALA A 617 -20.28 46.63 5.02
CA ALA A 617 -21.33 46.50 5.94
C ALA A 617 -22.58 46.16 5.19
N THR A 618 -23.32 45.23 5.75
CA THR A 618 -24.65 44.70 5.17
C THR A 618 -25.83 45.29 5.97
N PHE A 619 -26.82 45.97 5.30
CA PHE A 619 -27.96 46.66 5.84
C PHE A 619 -29.27 45.96 5.64
N PHE A 620 -30.30 46.31 6.48
CA PHE A 620 -31.65 45.83 6.21
C PHE A 620 -32.42 46.99 5.60
N PRO A 621 -33.04 46.88 4.46
CA PRO A 621 -33.64 48.05 3.84
C PRO A 621 -35.04 48.38 4.32
N MET A 622 -35.17 48.69 5.66
CA MET A 622 -36.49 48.66 6.40
C MET A 622 -37.43 49.72 5.88
N ALA A 623 -38.79 49.39 5.96
CA ALA A 623 -39.69 50.45 5.60
C ALA A 623 -39.73 51.57 6.67
N HIS A 624 -39.81 52.79 6.15
CA HIS A 624 -39.51 54.07 6.89
C HIS A 624 -40.40 54.44 8.09
N ASN A 625 -41.69 54.19 7.99
CA ASN A 625 -42.69 54.19 9.11
C ASN A 625 -42.39 53.15 10.17
N THR A 626 -42.08 51.96 9.74
CA THR A 626 -41.69 50.93 10.69
C THR A 626 -40.32 51.13 11.42
N ALA A 627 -39.29 51.57 10.72
CA ALA A 627 -38.03 52.02 11.17
C ALA A 627 -38.02 53.25 12.07
N SER A 628 -38.93 54.18 11.70
CA SER A 628 -39.20 55.27 12.59
C SER A 628 -39.78 54.88 13.94
N THR A 629 -40.77 53.94 13.92
CA THR A 629 -41.43 53.42 15.11
C THR A 629 -40.45 52.67 16.03
N LEU A 630 -39.57 51.79 15.47
CA LEU A 630 -38.55 50.98 16.21
C LEU A 630 -37.45 51.89 16.77
N GLU A 631 -36.96 52.88 15.99
CA GLU A 631 -36.13 53.99 16.44
C GLU A 631 -36.71 54.80 17.59
N ALA A 632 -38.01 55.24 17.51
CA ALA A 632 -38.58 55.89 18.61
C ALA A 632 -38.53 55.01 19.84
N MET A 633 -38.87 53.77 19.73
CA MET A 633 -38.83 52.86 20.91
C MET A 633 -37.32 52.57 21.45
N LEU A 634 -36.31 52.41 20.54
CA LEU A 634 -34.94 52.00 20.86
C LEU A 634 -34.12 53.16 21.39
N ARG A 635 -34.60 54.41 21.21
CA ARG A 635 -34.04 55.65 21.78
C ARG A 635 -34.56 55.95 23.28
N ASN A 636 -35.46 55.22 23.84
CA ASN A 636 -35.89 55.38 25.23
C ASN A 636 -34.82 54.95 26.32
N ASP A 637 -34.85 55.51 27.52
CA ASP A 637 -33.82 55.33 28.58
C ASP A 637 -33.70 53.90 29.08
N THR A 638 -34.87 53.21 29.33
CA THR A 638 -34.91 51.82 29.82
C THR A 638 -34.37 50.77 28.82
N ASN A 639 -34.28 51.21 27.51
CA ASN A 639 -34.03 50.32 26.39
C ASN A 639 -32.63 50.45 25.84
N ASP A 640 -31.61 50.86 26.60
CA ASP A 640 -30.21 50.63 26.18
C ASP A 640 -29.81 49.09 25.93
N GLN A 641 -28.92 48.84 24.99
CA GLN A 641 -28.35 47.48 24.78
C GLN A 641 -27.24 47.02 25.72
N SER A 642 -27.23 45.75 26.17
CA SER A 642 -26.30 45.24 27.13
C SER A 642 -25.66 43.93 26.65
N PHE A 643 -24.34 43.84 26.86
CA PHE A 643 -23.65 42.68 26.23
C PHE A 643 -22.71 42.16 27.26
N ASN A 644 -22.15 40.97 27.05
CA ASN A 644 -21.13 40.40 27.94
C ASN A 644 -20.29 39.42 27.19
N ASP A 645 -19.02 39.25 27.62
CA ASP A 645 -18.11 38.31 27.01
C ASP A 645 -18.53 36.83 27.29
N TYR A 646 -18.17 35.88 26.32
CA TYR A 646 -18.29 34.45 26.46
C TYR A 646 -17.18 33.92 27.36
N LEU A 647 -16.01 34.56 27.39
CA LEU A 647 -14.89 34.16 28.24
C LEU A 647 -15.15 34.72 29.60
N SER A 648 -15.40 36.00 29.67
CA SER A 648 -15.66 36.86 30.82
C SER A 648 -14.67 36.49 31.95
N ALA A 649 -13.40 36.89 31.81
CA ALA A 649 -12.37 36.47 32.78
C ALA A 649 -11.23 37.40 32.49
N ALA A 650 -10.39 37.61 33.55
CA ALA A 650 -9.18 38.39 33.43
C ALA A 650 -8.06 37.42 33.36
N ASN A 651 -7.26 37.56 32.29
CA ASN A 651 -6.21 36.61 31.90
C ASN A 651 -4.83 37.00 32.43
N MET A 652 -4.14 36.03 33.05
CA MET A 652 -2.88 36.24 33.70
C MET A 652 -1.83 35.19 33.41
N LEU A 653 -0.55 35.62 33.14
CA LEU A 653 0.53 34.75 32.85
C LEU A 653 1.68 34.96 33.92
N TYR A 654 2.03 33.80 34.66
CA TYR A 654 3.11 33.78 35.60
C TYR A 654 4.38 32.96 35.19
N PRO A 655 5.58 33.52 35.12
CA PRO A 655 6.79 32.82 34.79
C PRO A 655 7.25 31.70 35.76
N ILE A 656 7.65 30.52 35.19
CA ILE A 656 8.15 29.31 35.84
C ILE A 656 9.59 29.08 35.46
N PRO A 657 10.66 29.33 36.34
CA PRO A 657 12.01 29.03 36.04
C PRO A 657 12.37 27.59 35.66
N ALA A 658 13.60 27.27 35.26
CA ALA A 658 13.97 25.86 34.94
C ALA A 658 13.89 24.98 36.19
N ASN A 659 13.21 23.83 36.06
CA ASN A 659 13.03 22.74 37.08
C ASN A 659 12.33 23.08 38.38
N ALA A 660 11.70 24.32 38.47
CA ALA A 660 10.94 24.80 39.56
C ALA A 660 9.64 24.01 39.61
N THR A 661 9.50 23.20 40.67
CA THR A 661 8.39 22.30 40.86
C THR A 661 7.21 22.92 41.60
N ASN A 662 7.53 23.79 42.56
CA ASN A 662 6.49 24.43 43.37
C ASN A 662 6.20 25.91 42.83
N VAL A 663 4.91 26.23 42.43
CA VAL A 663 4.60 27.58 41.96
C VAL A 663 3.52 28.19 42.88
N PRO A 664 3.95 28.95 43.89
CA PRO A 664 3.04 29.70 44.76
C PRO A 664 2.90 31.07 44.18
N ILE A 665 1.65 31.50 44.23
CA ILE A 665 1.22 32.85 43.89
C ILE A 665 0.23 33.31 44.90
N SER A 666 0.20 34.65 45.00
CA SER A 666 -0.64 35.34 45.94
C SER A 666 -1.14 36.76 45.50
N ILE A 667 -2.45 37.05 45.85
CA ILE A 667 -3.21 38.22 45.51
C ILE A 667 -3.48 38.98 46.81
N PRO A 668 -3.27 40.36 46.90
CA PRO A 668 -3.55 41.16 48.01
C PRO A 668 -4.99 41.25 48.35
N SER A 669 -5.28 41.61 49.61
CA SER A 669 -6.68 41.57 50.07
C SER A 669 -7.72 42.41 49.17
N ARG A 670 -8.90 41.87 48.81
CA ARG A 670 -9.90 42.56 48.03
C ARG A 670 -11.13 41.85 48.11
N ASN A 671 -12.15 42.34 47.43
CA ASN A 671 -13.54 41.79 47.50
C ASN A 671 -13.83 40.68 46.48
N TRP A 672 -14.56 39.60 46.90
CA TRP A 672 -14.71 38.37 46.08
C TRP A 672 -16.16 38.04 45.69
N ALA A 673 -17.09 39.10 45.69
CA ALA A 673 -18.42 38.88 45.22
C ALA A 673 -18.37 38.93 43.67
N ALA A 674 -19.12 38.15 43.01
CA ALA A 674 -19.27 37.99 41.61
C ALA A 674 -18.13 37.11 41.02
N PHE A 675 -17.28 36.44 41.82
CA PHE A 675 -16.37 35.52 41.31
C PHE A 675 -16.96 34.20 40.83
N ARG A 676 -16.70 33.76 39.58
CA ARG A 676 -17.23 32.60 38.89
C ARG A 676 -16.46 31.30 39.09
N GLY A 677 -15.12 31.38 39.25
CA GLY A 677 -14.26 30.29 39.66
C GLY A 677 -12.95 30.50 39.03
N TRP A 678 -12.03 29.50 39.13
CA TRP A 678 -10.71 29.56 38.47
C TRP A 678 -10.59 28.58 37.33
N ALA A 679 -9.81 28.89 36.31
CA ALA A 679 -9.35 27.92 35.32
C ALA A 679 -7.90 28.19 34.86
N PHE A 680 -7.14 27.12 34.54
CA PHE A 680 -5.69 27.24 34.39
C PHE A 680 -5.03 26.11 33.53
N THR A 681 -3.91 26.50 32.91
CA THR A 681 -2.98 25.63 32.18
C THR A 681 -1.55 26.12 32.32
N ARG A 682 -0.61 25.48 31.54
CA ARG A 682 0.77 25.85 31.51
C ARG A 682 1.12 25.95 30.07
N LEU A 683 1.91 27.02 29.74
CA LEU A 683 2.24 27.30 28.39
C LEU A 683 3.77 27.34 28.39
N LYS A 684 4.31 27.45 27.25
CA LYS A 684 5.70 27.71 27.03
C LYS A 684 6.07 29.19 26.64
N THR A 685 7.10 29.76 27.21
CA THR A 685 7.68 31.10 27.02
C THR A 685 8.05 31.38 25.59
N LYS A 686 8.47 30.29 24.87
CA LYS A 686 8.80 30.23 23.51
C LYS A 686 7.62 30.44 22.61
N GLU A 687 6.47 29.85 23.03
CA GLU A 687 5.27 29.75 22.20
C GLU A 687 4.30 30.92 22.47
N THR A 688 4.70 31.93 23.27
CA THR A 688 3.85 32.95 23.83
C THR A 688 4.39 34.34 23.45
N PRO A 689 3.62 35.16 22.61
CA PRO A 689 4.00 36.48 22.24
C PRO A 689 4.12 37.31 23.48
N SER A 690 4.85 38.41 23.50
CA SER A 690 4.91 39.32 24.60
C SER A 690 3.69 40.26 24.68
N LEU A 691 2.87 40.20 25.75
CA LEU A 691 1.76 41.15 25.94
C LEU A 691 2.11 42.69 25.92
N GLY A 692 1.45 43.49 25.05
CA GLY A 692 1.62 44.87 24.80
C GLY A 692 3.01 45.21 24.22
N SER A 693 3.71 44.29 23.58
CA SER A 693 5.03 44.46 22.97
C SER A 693 5.04 45.35 21.68
N GLY A 694 3.92 45.19 21.03
CA GLY A 694 3.70 45.72 19.67
C GLY A 694 4.30 44.89 18.50
N TYR A 695 5.59 44.74 18.69
CA TYR A 695 6.54 44.08 17.89
C TYR A 695 7.56 43.57 18.82
N ASP A 696 7.91 42.27 18.57
CA ASP A 696 8.96 41.65 19.43
C ASP A 696 10.04 40.89 18.61
N PRO A 697 11.25 41.40 18.39
CA PRO A 697 12.26 40.77 17.43
C PRO A 697 12.94 39.61 18.14
N TYR A 698 12.80 39.56 19.45
CA TYR A 698 13.21 38.37 20.21
C TYR A 698 12.16 37.31 20.35
N TYR A 699 11.02 37.32 19.60
CA TYR A 699 10.00 36.22 19.52
C TYR A 699 10.27 35.57 18.14
N THR A 700 10.86 34.39 18.25
CA THR A 700 11.38 33.61 17.15
C THR A 700 10.53 32.38 16.73
N TYR A 701 9.32 32.14 17.32
CA TYR A 701 8.50 30.96 17.08
C TYR A 701 7.22 31.34 16.29
N SER A 702 6.94 30.62 15.16
CA SER A 702 5.79 30.94 14.31
C SER A 702 4.82 29.77 14.18
N GLY A 703 4.82 28.76 15.10
CA GLY A 703 3.74 27.77 15.14
C GLY A 703 2.46 28.24 15.73
N SER A 704 1.60 27.28 16.16
CA SER A 704 0.27 27.47 16.85
C SER A 704 0.58 28.25 18.13
N ILE A 705 -0.37 29.10 18.47
CA ILE A 705 -0.25 30.05 19.61
C ILE A 705 -1.36 29.75 20.70
N PRO A 706 -1.13 28.88 21.67
CA PRO A 706 -2.06 28.36 22.65
C PRO A 706 -2.79 29.39 23.43
N TYR A 707 -2.11 30.51 23.84
CA TYR A 707 -2.79 31.64 24.45
C TYR A 707 -3.96 32.18 23.57
N LEU A 708 -3.86 32.10 22.23
CA LEU A 708 -4.88 32.70 21.32
C LEU A 708 -5.77 31.64 20.74
N ASP A 709 -5.20 30.56 20.15
CA ASP A 709 -5.89 29.53 19.49
C ASP A 709 -6.24 28.29 20.39
N GLY A 710 -5.84 28.21 21.57
CA GLY A 710 -6.44 27.24 22.47
C GLY A 710 -5.84 25.89 22.47
N THR A 711 -4.65 25.73 21.91
CA THR A 711 -4.05 24.44 21.80
C THR A 711 -3.10 24.07 22.92
N PHE A 712 -3.62 24.01 24.12
CA PHE A 712 -3.01 23.63 25.40
C PHE A 712 -2.63 22.13 25.48
N TYR A 713 -1.52 21.81 26.06
CA TYR A 713 -1.05 20.41 25.95
C TYR A 713 -0.14 20.06 27.17
N LEU A 714 0.21 21.02 28.00
CA LEU A 714 1.02 20.74 29.18
C LEU A 714 0.17 20.55 30.39
N ASN A 715 -1.21 20.25 30.23
CA ASN A 715 -2.17 20.08 31.37
C ASN A 715 -1.66 18.95 32.25
N HIS A 716 -0.99 17.87 31.66
CA HIS A 716 -0.51 16.72 32.28
C HIS A 716 0.60 16.97 33.25
N THR A 717 1.25 18.16 33.14
CA THR A 717 2.50 18.41 33.91
C THR A 717 2.18 18.94 35.30
N PHE A 718 0.87 19.06 35.72
CA PHE A 718 0.43 19.37 37.08
C PHE A 718 0.26 18.19 38.00
N LYS A 719 0.61 18.37 39.25
CA LYS A 719 0.67 17.29 40.28
C LYS A 719 -0.42 17.45 41.31
N LYS A 720 -0.54 18.63 41.97
CA LYS A 720 -1.62 18.85 42.91
C LYS A 720 -1.74 20.32 43.13
N VAL A 721 -2.92 20.73 43.54
CA VAL A 721 -3.18 22.22 43.76
C VAL A 721 -3.68 22.47 45.27
N ALA A 722 -3.23 23.52 46.00
CA ALA A 722 -3.58 23.88 47.31
C ALA A 722 -4.19 25.34 47.36
N ILE A 723 -5.50 25.49 47.67
CA ILE A 723 -6.09 26.84 47.73
C ILE A 723 -6.23 27.38 49.19
N THR A 724 -5.59 28.56 49.51
CA THR A 724 -5.60 29.12 50.84
C THR A 724 -5.94 30.61 50.94
N PHE A 725 -7.08 30.97 51.40
CA PHE A 725 -7.57 32.30 51.62
C PHE A 725 -6.86 32.80 52.91
N ASP A 726 -6.58 34.11 53.04
CA ASP A 726 -5.90 34.82 54.10
C ASP A 726 -4.77 33.98 54.76
N SER A 727 -4.57 34.00 56.07
CA SER A 727 -3.60 33.17 56.76
C SER A 727 -4.47 31.98 57.35
N SER A 728 -4.39 30.74 56.77
CA SER A 728 -4.97 29.42 57.10
C SER A 728 -6.43 29.12 56.84
N VAL A 729 -7.09 29.90 56.06
CA VAL A 729 -8.53 29.73 55.74
C VAL A 729 -8.54 28.94 54.47
N SER A 730 -8.91 27.64 54.61
CA SER A 730 -8.96 26.67 53.59
C SER A 730 -10.22 26.69 52.65
N TRP A 731 -10.09 26.34 51.34
CA TRP A 731 -11.18 26.30 50.44
C TRP A 731 -11.07 25.01 49.64
N PRO A 732 -12.07 24.19 49.38
CA PRO A 732 -13.49 24.36 49.78
C PRO A 732 -13.57 24.14 51.25
N GLY A 733 -12.68 23.28 51.82
CA GLY A 733 -12.57 22.73 53.22
C GLY A 733 -13.83 22.11 53.82
N ASN A 734 -14.07 22.03 55.18
CA ASN A 734 -15.19 21.32 55.91
C ASN A 734 -15.21 19.80 55.58
N ASP A 735 -14.03 19.26 55.45
CA ASP A 735 -13.75 17.83 55.26
C ASP A 735 -14.55 17.14 54.09
N ARG A 736 -14.44 17.78 52.89
CA ARG A 736 -15.11 17.45 51.68
C ARG A 736 -14.40 16.40 50.77
N LEU A 737 -13.05 16.35 50.80
CA LEU A 737 -12.25 15.47 50.02
C LEU A 737 -11.37 14.60 50.92
N LEU A 738 -10.83 13.46 50.45
CA LEU A 738 -9.94 12.65 51.28
C LEU A 738 -8.67 13.42 51.73
N THR A 739 -8.06 14.13 50.75
CA THR A 739 -7.04 15.24 51.08
C THR A 739 -7.88 16.49 51.28
N PRO A 740 -8.14 17.11 52.35
CA PRO A 740 -9.26 18.09 52.44
C PRO A 740 -8.77 19.47 52.00
N ASN A 741 -7.45 19.78 52.09
CA ASN A 741 -6.93 21.16 51.96
C ASN A 741 -6.31 21.25 50.52
N GLU A 742 -6.19 20.14 49.80
CA GLU A 742 -5.48 20.09 48.48
C GLU A 742 -6.04 19.12 47.55
N PHE A 743 -6.18 19.53 46.22
CA PHE A 743 -6.71 18.76 45.15
C PHE A 743 -5.58 17.98 44.53
N GLU A 744 -5.50 16.69 44.76
CA GLU A 744 -4.39 15.98 44.19
C GLU A 744 -4.74 15.45 42.81
N ILE A 745 -4.04 15.99 41.79
CA ILE A 745 -4.37 15.55 40.38
C ILE A 745 -3.82 14.11 40.09
N LYS A 746 -2.49 13.86 40.29
CA LYS A 746 -1.93 12.57 39.97
C LYS A 746 -1.00 11.87 41.10
N ARG A 747 -0.88 10.56 41.13
CA ARG A 747 -0.19 9.82 42.16
C ARG A 747 0.58 8.65 41.51
N SER A 748 1.86 8.67 41.70
CA SER A 748 2.74 7.47 41.24
C SER A 748 2.51 6.16 42.00
N VAL A 749 1.87 5.11 41.41
CA VAL A 749 1.49 3.83 41.93
C VAL A 749 0.65 3.89 43.20
N ASP A 750 -0.71 4.02 43.07
CA ASP A 750 -1.60 4.07 44.25
C ASP A 750 -1.72 2.72 44.91
N GLY A 751 -1.87 2.64 46.23
CA GLY A 751 -2.13 1.36 46.87
C GLY A 751 -3.32 1.48 47.73
N GLU A 752 -3.75 2.74 47.90
CA GLU A 752 -4.82 3.14 48.72
C GLU A 752 -6.14 3.21 47.93
N GLY A 753 -6.15 2.93 46.66
CA GLY A 753 -7.28 3.06 45.82
C GLY A 753 -7.81 4.44 45.54
N TYR A 754 -6.91 5.39 45.14
CA TYR A 754 -7.35 6.72 44.86
C TYR A 754 -7.25 7.12 43.36
N ASN A 755 -6.55 6.26 42.52
CA ASN A 755 -6.58 6.44 41.03
C ASN A 755 -7.82 5.89 40.36
N VAL A 756 -8.01 6.28 39.06
CA VAL A 756 -9.12 5.92 38.30
C VAL A 756 -8.88 5.71 36.81
N ALA A 757 -9.71 4.93 36.12
CA ALA A 757 -9.83 4.88 34.62
C ALA A 757 -8.58 4.45 33.84
N GLN A 758 -7.76 3.64 34.53
CA GLN A 758 -6.58 3.12 33.95
C GLN A 758 -5.54 4.09 33.46
N CYS A 759 -5.37 5.06 34.35
CA CYS A 759 -4.28 5.95 34.29
C CYS A 759 -3.97 6.32 35.70
N ASN A 760 -3.14 7.29 35.92
CA ASN A 760 -2.69 7.76 37.19
C ASN A 760 -3.37 9.01 37.63
N MET A 761 -4.58 9.35 37.09
CA MET A 761 -5.34 10.51 37.55
C MET A 761 -6.31 10.01 38.68
N THR A 762 -6.60 10.92 39.62
CA THR A 762 -7.29 10.47 40.82
C THR A 762 -8.84 10.51 40.62
N LYS A 763 -9.58 9.75 41.43
CA LYS A 763 -11.04 9.80 41.38
C LYS A 763 -11.73 11.13 41.66
N ASP A 764 -11.24 11.81 42.75
CA ASP A 764 -11.65 13.07 43.27
C ASP A 764 -11.52 14.09 42.14
N TRP A 765 -10.34 14.17 41.48
CA TRP A 765 -10.09 15.11 40.38
C TRP A 765 -10.94 14.94 39.13
N PHE A 766 -11.08 13.64 38.75
CA PHE A 766 -11.92 13.09 37.68
C PHE A 766 -13.40 13.41 37.83
N LEU A 767 -13.86 13.26 39.01
CA LEU A 767 -15.16 13.71 39.58
C LEU A 767 -15.36 15.18 39.44
N VAL A 768 -14.38 15.95 39.86
CA VAL A 768 -14.39 17.43 39.76
C VAL A 768 -14.55 17.99 38.31
N GLN A 769 -13.71 17.37 37.42
CA GLN A 769 -13.70 17.65 36.04
C GLN A 769 -14.94 17.30 35.36
N MET A 770 -15.54 16.11 35.65
CA MET A 770 -16.88 15.79 35.17
C MET A 770 -18.06 16.73 35.70
N LEU A 771 -18.05 17.15 37.00
CA LEU A 771 -18.97 18.12 37.54
C LEU A 771 -18.82 19.55 36.93
N ALA A 772 -17.58 20.08 36.80
CA ALA A 772 -17.32 21.32 36.14
C ALA A 772 -17.71 21.39 34.67
N ASN A 773 -17.37 20.28 33.92
CA ASN A 773 -17.59 20.28 32.43
C ASN A 773 -19.05 19.89 31.92
N TYR A 774 -19.76 18.98 32.61
CA TYR A 774 -20.95 18.32 32.21
C TYR A 774 -21.95 18.14 33.42
N ASN A 775 -21.61 18.52 34.67
CA ASN A 775 -22.46 18.38 35.85
C ASN A 775 -23.00 16.94 36.13
N ILE A 776 -22.21 15.92 35.63
CA ILE A 776 -22.61 14.50 35.71
C ILE A 776 -22.54 13.91 37.09
N GLY A 777 -21.52 14.25 37.93
CA GLY A 777 -21.11 13.56 39.17
C GLY A 777 -22.09 12.69 40.06
N TYR A 778 -23.07 13.44 40.61
CA TYR A 778 -23.96 13.04 41.70
C TYR A 778 -24.89 11.90 41.36
N GLN A 779 -25.42 11.91 40.11
CA GLN A 779 -26.27 10.75 39.70
C GLN A 779 -25.53 9.66 39.01
N GLY A 780 -24.16 9.70 39.12
CA GLY A 780 -23.16 8.76 38.55
C GLY A 780 -22.60 9.04 37.18
N PHE A 781 -21.41 8.52 37.01
CA PHE A 781 -20.71 8.56 35.71
C PHE A 781 -21.31 7.81 34.51
N TYR A 782 -21.34 8.48 33.35
CA TYR A 782 -21.80 7.98 32.12
C TYR A 782 -21.16 8.76 31.08
N ILE A 783 -21.33 8.33 29.80
CA ILE A 783 -20.62 8.86 28.67
C ILE A 783 -21.28 10.17 28.33
N PRO A 784 -20.68 11.32 28.41
CA PRO A 784 -21.37 12.56 28.13
C PRO A 784 -22.02 12.70 26.71
N GLU A 785 -23.22 13.31 26.60
CA GLU A 785 -23.86 13.61 25.32
C GLU A 785 -22.90 14.14 24.25
N SER A 786 -22.99 13.71 23.03
CA SER A 786 -22.13 14.13 21.91
C SER A 786 -22.12 15.61 21.59
N TYR A 787 -23.32 16.26 21.59
CA TYR A 787 -23.46 17.70 21.37
C TYR A 787 -22.86 18.57 22.49
N LYS A 788 -22.81 18.13 23.76
CA LYS A 788 -22.20 18.79 24.81
C LYS A 788 -20.75 18.65 24.92
N ASP A 789 -20.26 17.50 24.46
CA ASP A 789 -18.86 17.10 24.54
C ASP A 789 -18.13 17.53 23.22
N ARG A 790 -17.74 18.82 23.19
CA ARG A 790 -17.13 19.53 22.15
C ARG A 790 -15.60 19.48 22.17
N MET A 791 -14.97 20.02 21.11
CA MET A 791 -13.58 19.87 20.77
C MET A 791 -12.63 20.30 21.88
N TYR A 792 -13.06 21.27 22.70
CA TYR A 792 -12.28 21.80 23.77
C TYR A 792 -12.61 21.31 25.20
N SER A 793 -13.72 20.58 25.29
CA SER A 793 -14.21 19.90 26.43
C SER A 793 -13.27 18.86 26.92
N PHE A 794 -13.20 18.54 28.24
CA PHE A 794 -12.26 17.49 28.72
C PHE A 794 -12.34 16.06 28.14
N PHE A 795 -13.51 15.36 28.19
CA PHE A 795 -13.55 13.90 27.94
C PHE A 795 -13.06 13.54 26.52
N ARG A 796 -13.51 14.38 25.59
CA ARG A 796 -13.27 14.41 24.18
C ARG A 796 -11.84 14.35 23.90
N ASN A 797 -11.01 14.91 24.77
CA ASN A 797 -9.61 14.95 24.61
C ASN A 797 -8.83 14.02 25.54
N PHE A 798 -9.45 13.20 26.40
CA PHE A 798 -8.89 12.35 27.41
C PHE A 798 -8.38 11.07 26.74
N GLN A 799 -7.02 10.83 26.89
CA GLN A 799 -6.41 9.68 26.24
C GLN A 799 -5.67 8.86 27.28
N PRO A 800 -6.25 7.90 27.95
CA PRO A 800 -5.56 7.09 28.91
C PRO A 800 -4.65 6.11 28.19
N MET A 801 -3.50 5.74 28.82
CA MET A 801 -2.50 4.90 28.20
C MET A 801 -1.86 3.99 29.35
N SER A 802 -1.36 2.79 28.97
CA SER A 802 -0.67 1.93 29.91
C SER A 802 0.31 1.15 29.10
N ARG A 803 1.43 0.73 29.67
CA ARG A 803 2.38 -0.14 28.98
C ARG A 803 3.28 -0.85 30.03
N GLN A 804 3.94 -1.90 29.60
CA GLN A 804 4.96 -2.63 30.42
C GLN A 804 6.34 -2.48 29.82
N VAL A 805 7.38 -2.32 30.70
CA VAL A 805 8.72 -2.29 30.23
C VAL A 805 9.60 -3.07 31.17
N VAL A 806 10.73 -3.70 30.78
CA VAL A 806 11.57 -4.53 31.62
C VAL A 806 12.05 -3.78 32.94
N ASP A 807 12.20 -4.49 34.00
CA ASP A 807 12.69 -4.08 35.32
C ASP A 807 13.92 -4.81 35.65
N ASP A 808 14.98 -4.10 35.95
CA ASP A 808 16.25 -4.67 36.18
C ASP A 808 16.47 -4.76 37.73
N THR A 809 15.38 -4.58 38.54
CA THR A 809 15.42 -4.92 39.97
C THR A 809 14.87 -6.27 40.25
N LYS A 810 14.37 -6.92 39.21
CA LYS A 810 13.72 -8.21 39.25
C LYS A 810 14.40 -9.19 38.26
N TYR A 811 14.68 -8.82 36.94
CA TYR A 811 15.47 -9.67 36.05
C TYR A 811 16.96 -9.78 36.49
N LYS A 812 17.51 -11.02 36.58
CA LYS A 812 18.83 -11.35 37.18
C LYS A 812 19.92 -11.42 36.06
N ASP A 813 19.67 -10.82 34.87
CA ASP A 813 20.76 -10.83 33.80
C ASP A 813 20.53 -9.74 32.72
N TYR A 814 20.26 -8.58 33.22
CA TYR A 814 20.01 -7.39 32.40
C TYR A 814 21.33 -6.79 31.97
N GLN A 815 21.51 -6.66 30.68
CA GLN A 815 22.77 -6.18 30.02
C GLN A 815 22.37 -4.81 29.41
N GLN A 816 22.96 -3.71 29.87
CA GLN A 816 22.71 -2.48 29.26
C GLN A 816 23.45 -2.39 27.97
N VAL A 817 22.66 -2.50 26.85
CA VAL A 817 23.20 -2.33 25.55
C VAL A 817 22.66 -1.10 24.89
N GLY A 818 23.59 -0.20 24.48
CA GLY A 818 23.36 1.06 23.78
C GLY A 818 22.76 0.98 22.45
N ILE A 819 22.19 2.07 21.98
CA ILE A 819 21.61 2.15 20.63
C ILE A 819 22.64 1.91 19.53
N LEU A 820 23.91 2.30 19.80
CA LEU A 820 24.99 2.06 18.96
C LEU A 820 25.29 0.58 18.72
N HIS A 821 24.94 -0.32 19.69
CA HIS A 821 25.38 -1.72 19.73
C HIS A 821 24.20 -2.65 19.77
N GLN A 822 22.94 -2.14 19.56
CA GLN A 822 21.73 -2.84 19.36
C GLN A 822 21.59 -3.14 17.91
N HIS A 823 21.06 -4.33 17.55
CA HIS A 823 20.63 -4.62 16.16
C HIS A 823 19.44 -5.63 16.08
N ASN A 824 18.44 -5.12 15.35
CA ASN A 824 17.31 -5.96 15.04
C ASN A 824 17.00 -5.33 13.70
N ASN A 825 16.47 -6.22 12.81
CA ASN A 825 16.56 -6.07 11.27
C ASN A 825 17.96 -6.01 10.69
N SER A 826 18.82 -6.77 11.36
CA SER A 826 20.21 -6.90 10.98
C SER A 826 20.50 -7.66 9.68
N GLY A 827 21.03 -6.93 8.65
CA GLY A 827 21.40 -7.39 7.33
C GLY A 827 20.52 -6.62 6.28
N PHE A 828 19.46 -6.00 6.85
CA PHE A 828 18.43 -5.43 6.00
C PHE A 828 18.33 -3.91 6.10
N VAL A 829 19.13 -3.26 7.05
CA VAL A 829 19.04 -1.86 7.19
C VAL A 829 20.36 -1.23 7.39
N GLY A 830 20.57 0.07 7.09
CA GLY A 830 21.80 0.75 7.41
C GLY A 830 22.01 0.97 8.92
N TYR A 831 23.29 1.25 9.24
CA TYR A 831 23.79 1.38 10.60
C TYR A 831 23.52 2.84 11.00
N LEU A 832 22.45 3.02 11.81
CA LEU A 832 21.95 4.14 12.53
C LEU A 832 21.95 5.44 11.73
N ALA A 833 21.45 5.41 10.55
CA ALA A 833 21.38 6.41 9.51
C ALA A 833 20.30 5.92 8.58
N PRO A 834 19.49 6.82 7.84
CA PRO A 834 18.48 6.42 6.94
C PRO A 834 19.05 5.95 5.62
N THR A 835 20.32 5.58 5.57
CA THR A 835 21.02 5.17 4.41
C THR A 835 20.84 3.73 3.99
N MET A 836 21.40 3.39 2.79
CA MET A 836 21.16 2.06 2.16
C MET A 836 21.51 0.80 3.00
N ARG A 837 20.71 -0.32 2.89
CA ARG A 837 20.98 -1.60 3.50
C ARG A 837 22.41 -1.94 3.76
N GLU A 838 22.65 -2.53 4.97
CA GLU A 838 23.92 -2.83 5.53
C GLU A 838 23.91 -4.19 6.31
N GLY A 839 25.00 -4.91 6.03
CA GLY A 839 25.39 -6.09 6.74
C GLY A 839 24.96 -7.39 6.24
N GLN A 840 24.98 -8.42 7.09
CA GLN A 840 24.66 -9.79 6.74
C GLN A 840 23.49 -10.18 7.61
N ALA A 841 22.59 -11.16 7.27
CA ALA A 841 21.55 -11.75 8.09
C ALA A 841 22.03 -12.30 9.41
N TYR A 842 21.38 -11.97 10.51
CA TYR A 842 21.88 -12.49 11.72
C TYR A 842 20.71 -12.35 12.75
N PRO A 843 20.61 -13.02 13.85
CA PRO A 843 19.56 -12.81 14.85
C PRO A 843 19.51 -11.39 15.30
N ALA A 844 18.32 -11.05 15.87
CA ALA A 844 18.11 -9.94 16.69
C ALA A 844 18.76 -10.06 18.09
N ASN A 845 19.27 -8.97 18.75
CA ASN A 845 19.59 -8.94 20.17
C ASN A 845 18.65 -8.11 21.08
N PHE A 846 17.71 -7.41 20.43
CA PHE A 846 16.99 -6.38 21.22
C PHE A 846 15.65 -6.02 20.55
N PRO A 847 14.53 -5.76 21.17
CA PRO A 847 14.35 -5.77 22.63
C PRO A 847 13.95 -7.09 23.22
N TYR A 848 13.93 -7.21 24.53
CA TYR A 848 13.55 -8.27 25.40
C TYR A 848 12.13 -8.71 25.20
N PRO A 849 11.74 -10.00 25.11
CA PRO A 849 10.38 -10.47 25.20
C PRO A 849 9.69 -10.06 26.47
N LEU A 850 8.44 -9.49 26.28
CA LEU A 850 7.63 -9.23 27.49
C LEU A 850 6.49 -10.21 27.39
N ILE A 851 6.62 -11.25 26.55
CA ILE A 851 5.57 -12.25 26.20
C ILE A 851 6.19 -13.59 26.01
N GLY A 852 5.39 -14.75 26.04
CA GLY A 852 5.84 -16.10 25.87
C GLY A 852 6.52 -16.65 27.08
N LYS A 853 7.14 -17.84 26.94
CA LYS A 853 7.77 -18.64 27.97
C LYS A 853 8.96 -17.90 28.69
N THR A 854 9.68 -17.12 27.86
CA THR A 854 10.95 -16.51 28.16
C THR A 854 10.76 -15.04 28.70
N ALA A 855 9.51 -14.55 28.75
CA ALA A 855 9.10 -13.20 29.17
C ALA A 855 9.91 -12.58 30.29
N VAL A 856 10.53 -11.31 30.20
CA VAL A 856 11.29 -10.75 31.26
C VAL A 856 10.29 -10.22 32.37
N ASP A 857 10.69 -10.21 33.64
CA ASP A 857 9.95 -9.48 34.64
C ASP A 857 9.82 -8.00 34.33
N SER A 858 8.61 -7.42 34.57
CA SER A 858 8.20 -6.11 34.10
C SER A 858 7.54 -5.20 35.11
N ILE A 859 7.71 -3.95 34.80
CA ILE A 859 6.98 -2.92 35.54
C ILE A 859 5.94 -2.29 34.69
N THR A 860 4.96 -1.59 35.24
CA THR A 860 3.84 -0.97 34.51
C THR A 860 3.98 0.53 34.71
N GLN A 861 3.83 1.15 33.55
CA GLN A 861 3.89 2.61 33.42
C GLN A 861 2.51 3.06 32.95
N LYS A 862 1.85 3.93 33.73
CA LYS A 862 0.50 4.37 33.36
C LYS A 862 0.58 5.83 33.00
N LYS A 863 -0.25 6.31 32.09
CA LYS A 863 -0.26 7.74 31.78
C LYS A 863 -1.50 8.07 31.06
N PHE A 864 -1.60 9.33 30.62
CA PHE A 864 -2.66 9.98 29.79
C PHE A 864 -2.20 11.22 29.16
N LEU A 865 -2.95 11.62 28.09
CA LEU A 865 -2.84 12.89 27.39
C LEU A 865 -4.22 13.58 27.43
N CYS A 866 -4.18 14.90 27.43
CA CYS A 866 -5.44 15.66 27.49
C CYS A 866 -5.24 16.98 26.78
N ASP A 867 -5.36 17.08 25.39
CA ASP A 867 -4.95 18.28 24.71
C ASP A 867 -6.16 19.25 24.66
N ARG A 868 -6.00 20.55 24.18
CA ARG A 868 -7.13 21.41 24.04
C ARG A 868 -8.11 21.67 25.23
N THR A 869 -7.62 21.84 26.51
CA THR A 869 -8.64 22.06 27.50
C THR A 869 -7.95 22.80 28.62
N LEU A 870 -8.69 23.42 29.57
CA LEU A 870 -8.22 24.10 30.75
C LEU A 870 -8.74 23.34 31.90
N TRP A 871 -7.94 23.30 32.97
CA TRP A 871 -8.36 22.76 34.19
C TRP A 871 -9.28 23.72 34.85
N ARG A 872 -10.42 23.25 35.40
CA ARG A 872 -11.48 24.17 35.93
C ARG A 872 -11.79 23.79 37.40
N ILE A 873 -11.84 24.84 38.26
CA ILE A 873 -12.34 24.83 39.62
C ILE A 873 -13.41 25.96 39.74
N PRO A 874 -14.64 25.63 39.42
CA PRO A 874 -15.70 26.63 39.51
C PRO A 874 -15.99 27.05 40.97
N PHE A 875 -16.26 28.33 41.22
CA PHE A 875 -16.35 28.81 42.61
C PHE A 875 -17.84 28.61 43.15
N SER A 876 -18.15 27.39 43.66
CA SER A 876 -19.55 27.05 44.14
C SER A 876 -19.45 26.09 45.26
N SER A 877 -20.48 26.03 46.11
CA SER A 877 -20.44 25.19 47.25
C SER A 877 -20.46 23.65 46.95
N ASN A 878 -21.30 23.22 45.97
CA ASN A 878 -21.50 21.81 45.66
C ASN A 878 -20.98 21.57 44.23
N PHE A 879 -20.33 22.55 43.56
CA PHE A 879 -19.61 22.54 42.27
C PHE A 879 -20.53 22.44 41.08
N MET A 880 -21.80 22.90 41.30
CA MET A 880 -22.87 22.84 40.29
C MET A 880 -23.15 24.14 39.52
N SER A 881 -23.60 23.94 38.24
CA SER A 881 -23.97 25.08 37.34
C SER A 881 -25.42 25.36 37.51
N MET A 882 -25.86 25.69 38.74
CA MET A 882 -27.23 26.07 39.05
C MET A 882 -27.70 27.49 38.59
N GLY A 883 -26.79 28.40 38.36
CA GLY A 883 -27.08 29.72 37.83
C GLY A 883 -25.81 30.37 37.43
N ALA A 884 -25.80 31.36 36.50
CA ALA A 884 -24.66 31.98 36.10
C ALA A 884 -23.94 32.70 37.18
N LEU A 885 -24.65 33.36 38.09
CA LEU A 885 -24.20 33.94 39.33
C LEU A 885 -24.27 32.76 40.34
N THR A 886 -23.11 32.29 40.78
CA THR A 886 -23.11 31.18 41.68
C THR A 886 -23.59 31.62 43.03
N ASP A 887 -24.08 30.56 43.76
CA ASP A 887 -24.62 30.76 45.06
C ASP A 887 -23.59 31.30 46.07
N LEU A 888 -22.37 30.79 45.86
CA LEU A 888 -21.14 31.14 46.58
C LEU A 888 -20.64 32.53 46.28
N GLY A 889 -20.90 32.89 45.01
CA GLY A 889 -20.60 34.25 44.51
C GLY A 889 -21.40 35.37 45.19
N GLN A 890 -22.47 34.98 45.91
CA GLN A 890 -23.39 35.85 46.50
C GLN A 890 -23.36 35.83 48.03
N ASN A 891 -22.80 34.76 48.65
CA ASN A 891 -22.87 34.69 50.14
C ASN A 891 -22.13 35.89 50.80
N LEU A 892 -22.60 36.20 52.05
CA LEU A 892 -22.25 37.41 52.80
C LEU A 892 -20.81 37.55 53.13
N LEU A 893 -20.10 36.40 53.45
CA LEU A 893 -18.72 36.42 53.87
C LEU A 893 -17.83 37.01 52.75
N TYR A 894 -18.05 36.64 51.45
CA TYR A 894 -17.21 37.14 50.48
C TYR A 894 -17.57 38.52 49.99
N ALA A 895 -18.82 38.86 50.28
CA ALA A 895 -19.38 40.09 49.77
C ALA A 895 -19.23 41.39 50.69
N ASN A 896 -19.21 41.18 52.05
CA ASN A 896 -19.20 42.19 53.04
C ASN A 896 -17.83 42.29 53.74
N SER A 897 -16.82 41.58 53.19
CA SER A 897 -15.43 41.64 53.68
C SER A 897 -14.41 41.59 52.52
N ALA A 898 -13.14 41.97 52.83
CA ALA A 898 -12.04 41.86 51.87
C ALA A 898 -11.22 40.67 52.31
N HIS A 899 -10.61 39.90 51.38
CA HIS A 899 -9.94 38.64 51.66
C HIS A 899 -8.80 38.62 50.68
N ALA A 900 -7.63 38.21 51.14
CA ALA A 900 -6.43 37.96 50.37
C ALA A 900 -6.36 36.47 50.06
N LEU A 901 -5.67 36.08 48.97
CA LEU A 901 -5.60 34.69 48.57
C LEU A 901 -4.14 34.32 48.42
N ASP A 902 -3.85 33.06 48.71
CA ASP A 902 -2.54 32.43 48.59
C ASP A 902 -2.75 31.05 47.95
N MET A 903 -2.35 30.92 46.69
CA MET A 903 -2.54 29.69 45.95
C MET A 903 -1.19 29.02 45.83
N THR A 904 -1.11 27.66 45.95
CA THR A 904 0.14 26.96 45.72
C THR A 904 -0.03 25.76 44.77
N PHE A 905 0.51 25.85 43.55
CA PHE A 905 0.41 24.87 42.44
C PHE A 905 1.69 23.99 42.37
N GLU A 906 1.52 22.68 42.30
CA GLU A 906 2.67 21.72 42.15
C GLU A 906 2.85 21.06 40.84
N VAL A 907 4.01 21.18 40.22
CA VAL A 907 4.24 20.71 38.90
C VAL A 907 5.55 19.92 38.77
N ASP A 908 5.70 19.29 37.55
CA ASP A 908 6.86 18.61 37.00
C ASP A 908 8.09 19.41 36.72
N PRO A 909 9.27 19.03 37.02
CA PRO A 909 10.49 19.89 36.72
C PRO A 909 10.57 19.98 35.18
N MET A 910 10.40 21.21 34.61
CA MET A 910 10.71 21.46 33.18
C MET A 910 11.99 22.23 33.06
N ASP A 911 12.87 21.72 32.20
CA ASP A 911 14.24 22.19 31.98
C ASP A 911 14.31 23.38 30.97
N GLU A 912 13.20 24.10 30.66
CA GLU A 912 13.21 25.22 29.82
C GLU A 912 12.07 26.09 30.33
N PRO A 913 12.19 27.45 30.57
CA PRO A 913 11.17 28.30 31.14
C PRO A 913 9.73 28.11 30.55
N THR A 914 8.77 28.16 31.53
CA THR A 914 7.36 27.95 31.13
C THR A 914 6.48 29.02 31.75
N LEU A 915 5.15 29.00 31.50
CA LEU A 915 4.36 30.06 32.11
C LEU A 915 3.15 29.31 32.69
N LEU A 916 2.68 29.81 33.90
CA LEU A 916 1.53 29.37 34.51
C LEU A 916 0.38 30.32 33.97
N TYR A 917 -0.55 29.77 33.19
CA TYR A 917 -1.64 30.50 32.61
C TYR A 917 -2.92 30.33 33.51
N VAL A 918 -3.31 31.46 34.16
CA VAL A 918 -4.44 31.48 35.12
C VAL A 918 -5.47 32.42 34.60
N LEU A 919 -6.71 31.85 34.46
CA LEU A 919 -7.87 32.60 34.13
C LEU A 919 -8.74 32.82 35.30
N PHE A 920 -8.89 34.10 35.74
CA PHE A 920 -9.74 34.45 36.81
C PHE A 920 -11.19 34.73 36.26
N GLU A 921 -12.20 33.77 36.42
CA GLU A 921 -13.57 33.94 35.84
C GLU A 921 -14.35 35.01 36.59
N VAL A 922 -14.68 36.21 35.95
CA VAL A 922 -15.33 37.28 36.59
C VAL A 922 -16.62 37.62 35.75
N PHE A 923 -17.38 38.69 36.08
CA PHE A 923 -18.35 39.21 35.10
C PHE A 923 -17.78 40.51 34.48
N ASP A 924 -17.90 40.54 33.08
CA ASP A 924 -17.44 41.54 32.18
C ASP A 924 -18.52 42.03 31.15
N VAL A 925 -19.36 43.00 31.63
CA VAL A 925 -20.56 43.45 30.98
C VAL A 925 -20.32 44.93 30.43
N VAL A 926 -21.16 45.35 29.39
CA VAL A 926 -21.06 46.68 28.88
C VAL A 926 -22.52 47.12 28.59
N ARG A 927 -22.94 48.34 28.94
CA ARG A 927 -24.18 49.01 28.54
C ARG A 927 -23.94 50.16 27.58
N VAL A 928 -24.78 50.14 26.57
CA VAL A 928 -24.54 51.01 25.36
C VAL A 928 -25.75 51.87 25.09
N HIS A 929 -25.46 53.22 25.02
CA HIS A 929 -26.46 54.26 24.93
C HIS A 929 -26.31 55.25 23.82
N ARG A 930 -27.38 55.45 23.02
CA ARG A 930 -27.24 56.33 21.86
C ARG A 930 -28.29 57.51 21.91
N PRO A 931 -28.07 58.65 22.54
CA PRO A 931 -29.17 59.58 22.84
C PRO A 931 -29.62 60.35 21.56
N HIS A 932 -28.69 60.69 20.62
CA HIS A 932 -29.02 61.48 19.46
C HIS A 932 -28.30 60.88 18.29
N ARG A 933 -28.73 61.35 17.07
CA ARG A 933 -28.12 60.88 15.81
C ARG A 933 -26.59 61.05 15.76
N GLY A 934 -25.78 59.92 15.74
CA GLY A 934 -24.31 60.09 15.68
C GLY A 934 -23.61 60.25 17.00
N VAL A 935 -24.33 59.93 18.11
CA VAL A 935 -23.82 59.97 19.44
C VAL A 935 -23.82 58.56 19.98
N ILE A 936 -22.80 58.10 20.78
CA ILE A 936 -22.70 56.78 21.45
C ILE A 936 -21.94 56.88 22.68
N GLU A 937 -22.49 56.52 23.79
CA GLU A 937 -21.91 56.45 25.08
C GLU A 937 -21.87 55.06 25.60
N THR A 938 -20.96 54.66 26.44
CA THR A 938 -20.82 53.34 26.88
C THR A 938 -20.57 53.41 28.34
N VAL A 939 -21.11 52.44 29.17
CA VAL A 939 -20.70 52.21 30.57
C VAL A 939 -20.13 50.82 30.68
N TYR A 940 -18.86 50.68 31.09
CA TYR A 940 -18.20 49.44 31.31
C TYR A 940 -18.22 48.96 32.76
N LEU A 941 -18.53 47.65 33.08
CA LEU A 941 -18.23 47.12 34.41
C LEU A 941 -17.63 45.70 34.35
N ARG A 942 -16.56 45.49 35.14
CA ARG A 942 -15.88 44.22 35.26
C ARG A 942 -15.63 43.99 36.72
N THR A 943 -16.24 42.95 37.35
CA THR A 943 -16.06 42.69 38.81
C THR A 943 -15.99 41.15 38.96
N PRO A 944 -15.17 40.47 39.73
CA PRO A 944 -13.99 41.00 40.43
C PRO A 944 -13.02 41.79 39.50
N PHE A 945 -12.00 42.47 40.00
CA PHE A 945 -11.07 43.27 39.28
C PHE A 945 -11.61 44.50 38.61
N SER A 946 -12.07 45.52 39.35
CA SER A 946 -12.49 46.85 38.79
C SER A 946 -11.35 47.58 38.09
N ALA A 947 -11.66 48.24 36.97
CA ALA A 947 -10.70 49.02 36.25
C ALA A 947 -10.52 50.50 36.67
N MET B 7 -57.75 -4.03 36.97
CA MET B 7 -57.45 -4.98 38.07
C MET B 7 -57.07 -4.32 39.40
N PRO B 8 -57.25 -4.88 40.59
CA PRO B 8 -56.88 -4.16 41.80
C PRO B 8 -55.35 -4.19 42.07
N GLN B 9 -54.75 -5.37 42.09
CA GLN B 9 -53.42 -5.54 42.63
C GLN B 9 -52.29 -5.09 41.70
N TRP B 10 -52.61 -4.96 40.38
CA TRP B 10 -51.75 -4.26 39.46
C TRP B 10 -51.59 -2.83 39.87
N SER B 11 -52.68 -2.15 40.15
CA SER B 11 -52.75 -0.77 40.59
C SER B 11 -52.01 -0.46 41.89
N TYR B 12 -52.01 -1.50 42.83
CA TYR B 12 -51.44 -1.41 44.12
C TYR B 12 -49.91 -1.29 43.92
N MET B 13 -49.38 -2.15 43.03
CA MET B 13 -48.02 -2.22 42.45
C MET B 13 -47.69 -1.31 41.34
N HIS B 14 -48.63 -0.40 40.96
CA HIS B 14 -48.46 0.68 39.99
C HIS B 14 -48.21 0.26 38.47
N ILE B 15 -48.41 -1.04 38.12
CA ILE B 15 -48.27 -1.56 36.76
C ILE B 15 -49.38 -1.01 35.83
N SER B 16 -50.63 -1.06 36.35
CA SER B 16 -51.89 -0.52 35.76
C SER B 16 -52.27 0.75 36.44
N GLY B 17 -51.35 1.28 37.29
CA GLY B 17 -51.64 2.49 38.11
C GLY B 17 -51.81 3.78 37.46
N GLN B 18 -52.00 4.83 38.33
CA GLN B 18 -52.17 6.25 37.99
C GLN B 18 -50.86 6.95 37.92
N ASP B 19 -50.88 8.20 37.51
CA ASP B 19 -49.74 8.98 37.19
C ASP B 19 -48.98 9.28 38.37
N ALA B 20 -47.64 9.33 38.16
CA ALA B 20 -46.65 9.38 39.18
C ALA B 20 -46.70 10.65 40.12
N SER B 21 -46.90 11.81 39.45
CA SER B 21 -47.20 13.13 40.00
C SER B 21 -48.46 13.18 40.84
N GLU B 22 -49.38 12.23 40.61
CA GLU B 22 -50.74 12.16 41.19
C GLU B 22 -50.74 11.18 42.35
N TYR B 23 -49.87 10.12 42.40
CA TYR B 23 -49.84 9.19 43.52
C TYR B 23 -48.80 9.65 44.49
N LEU B 24 -47.82 10.52 44.16
CA LEU B 24 -46.82 11.02 45.18
C LEU B 24 -47.52 12.15 45.96
N SER B 25 -47.09 12.42 47.21
CA SER B 25 -47.56 13.59 48.02
C SER B 25 -47.35 14.94 47.28
N PRO B 26 -48.25 15.87 47.17
CA PRO B 26 -48.05 17.16 46.45
C PRO B 26 -46.82 17.96 46.78
N GLY B 27 -46.50 18.04 48.09
CA GLY B 27 -45.34 18.81 48.61
C GLY B 27 -44.01 18.31 48.05
N LEU B 28 -43.92 16.95 47.96
CA LEU B 28 -42.94 16.10 47.40
C LEU B 28 -42.88 16.29 45.83
N VAL B 29 -44.06 16.32 45.17
CA VAL B 29 -44.14 16.63 43.70
C VAL B 29 -43.57 17.92 43.35
N GLN B 30 -44.04 18.96 44.11
CA GLN B 30 -43.64 20.28 44.05
C GLN B 30 -42.07 20.41 44.32
N PHE B 31 -41.59 19.75 45.36
CA PHE B 31 -40.14 19.64 45.67
C PHE B 31 -39.36 18.95 44.51
N ALA B 32 -39.84 17.85 43.96
CA ALA B 32 -39.22 17.23 42.85
C ALA B 32 -39.15 18.08 41.64
N ARG B 33 -40.25 18.79 41.27
CA ARG B 33 -40.30 19.73 40.11
C ARG B 33 -39.26 20.90 40.31
N ALA B 34 -39.05 21.44 41.59
CA ALA B 34 -37.99 22.47 41.86
C ALA B 34 -36.59 21.97 41.77
N THR B 35 -36.28 20.72 42.27
CA THR B 35 -34.95 20.15 42.28
C THR B 35 -34.65 19.16 41.11
N GLU B 36 -35.45 19.00 40.11
CA GLU B 36 -35.17 18.14 38.99
C GLU B 36 -33.86 18.37 38.19
N THR B 37 -33.60 19.63 37.73
CA THR B 37 -32.54 19.90 36.75
C THR B 37 -31.16 19.57 37.34
N TYR B 38 -31.01 19.65 38.67
CA TYR B 38 -29.76 19.50 39.43
C TYR B 38 -29.78 18.35 40.47
N PHE B 39 -30.97 17.62 40.62
CA PHE B 39 -30.91 16.35 41.40
C PHE B 39 -32.10 15.63 40.87
N SER B 40 -32.03 14.93 39.70
CA SER B 40 -33.14 14.30 38.99
C SER B 40 -33.93 13.29 39.83
N LEU B 41 -35.27 13.36 39.98
CA LEU B 41 -36.04 12.39 40.66
C LEU B 41 -37.02 11.67 39.73
N ASN B 42 -37.06 11.90 38.41
CA ASN B 42 -38.05 11.25 37.51
C ASN B 42 -37.88 9.69 37.42
N ASN B 43 -36.64 9.23 37.33
CA ASN B 43 -36.31 7.87 37.15
C ASN B 43 -36.65 7.01 38.43
N LYS B 44 -36.91 7.60 39.58
CA LYS B 44 -37.12 6.88 40.84
C LYS B 44 -38.44 6.16 40.96
N PHE B 45 -39.40 6.69 40.12
CA PHE B 45 -40.81 6.30 40.31
C PHE B 45 -41.37 5.93 38.94
N ARG B 46 -42.23 4.84 38.82
CA ARG B 46 -42.79 4.35 37.48
C ARG B 46 -43.76 5.29 36.72
N ASN B 47 -43.64 5.43 35.41
CA ASN B 47 -44.68 5.91 34.58
C ASN B 47 -45.19 4.81 33.66
N PRO B 48 -46.38 4.23 33.81
CA PRO B 48 -46.69 3.01 33.08
C PRO B 48 -47.37 3.62 31.75
N THR B 49 -46.87 3.19 30.62
CA THR B 49 -47.61 3.46 29.37
C THR B 49 -48.68 2.41 29.10
N VAL B 50 -49.91 2.87 28.69
CA VAL B 50 -51.10 2.12 28.51
C VAL B 50 -51.66 2.38 27.09
N ALA B 51 -51.71 1.30 26.35
CA ALA B 51 -52.37 1.25 25.00
C ALA B 51 -53.94 1.60 25.05
N PRO B 52 -54.55 2.17 24.03
CA PRO B 52 -56.00 2.38 23.95
C PRO B 52 -56.90 1.16 24.39
N THR B 53 -57.97 1.44 25.20
CA THR B 53 -58.83 0.32 25.71
C THR B 53 -59.53 -0.58 24.81
N HIS B 54 -60.27 -0.07 23.77
CA HIS B 54 -61.04 -0.92 22.87
C HIS B 54 -61.58 -0.03 21.76
N ASP B 55 -62.28 -0.70 20.78
CA ASP B 55 -62.91 -0.19 19.59
C ASP B 55 -61.97 0.63 18.65
N VAL B 56 -60.75 0.10 18.44
CA VAL B 56 -59.78 0.66 17.52
C VAL B 56 -59.63 -0.29 16.35
N THR B 57 -59.44 -1.59 16.57
CA THR B 57 -59.06 -2.55 15.56
C THR B 57 -60.14 -3.59 15.51
N THR B 58 -60.45 -4.15 14.34
CA THR B 58 -61.56 -5.11 14.13
C THR B 58 -61.18 -6.59 14.50
N ASP B 59 -62.09 -7.19 15.34
CA ASP B 59 -62.05 -8.60 15.68
C ASP B 59 -62.26 -9.58 14.47
N ARG B 60 -63.12 -9.13 13.55
CA ARG B 60 -63.53 -9.88 12.37
C ARG B 60 -62.34 -10.13 11.38
N SER B 61 -62.23 -11.31 10.70
CA SER B 61 -61.25 -11.74 9.67
C SER B 61 -61.11 -10.73 8.61
N GLN B 62 -59.84 -10.46 8.16
CA GLN B 62 -59.35 -9.49 7.16
C GLN B 62 -57.87 -9.58 7.09
N ARG B 63 -57.34 -9.80 5.89
CA ARG B 63 -55.94 -9.66 5.53
C ARG B 63 -55.45 -8.20 5.46
N LEU B 64 -54.23 -8.03 6.00
CA LEU B 64 -53.57 -6.69 5.94
C LEU B 64 -53.12 -6.41 4.51
N THR B 65 -52.51 -7.42 3.79
CA THR B 65 -51.96 -7.30 2.47
C THR B 65 -52.73 -8.11 1.45
N LEU B 66 -53.17 -7.38 0.42
CA LEU B 66 -53.93 -7.93 -0.67
C LEU B 66 -53.05 -8.01 -1.87
N ARG B 67 -53.37 -8.86 -2.84
CA ARG B 67 -52.58 -8.93 -4.05
C ARG B 67 -53.59 -8.87 -5.21
N PHE B 68 -53.11 -8.35 -6.32
CA PHE B 68 -54.03 -8.28 -7.44
C PHE B 68 -53.16 -8.65 -8.66
N ILE B 69 -53.74 -9.49 -9.52
CA ILE B 69 -53.11 -9.94 -10.75
C ILE B 69 -53.64 -9.16 -12.00
N PRO B 70 -52.93 -9.12 -13.11
CA PRO B 70 -53.17 -8.13 -14.16
C PRO B 70 -54.43 -8.50 -14.92
N VAL B 71 -55.46 -7.57 -14.98
CA VAL B 71 -56.70 -7.81 -15.65
C VAL B 71 -56.46 -7.84 -17.19
N ASP B 72 -55.58 -6.92 -17.68
CA ASP B 72 -55.26 -6.73 -19.06
C ASP B 72 -53.80 -6.33 -19.16
N ARG B 73 -53.08 -6.94 -20.12
CA ARG B 73 -51.67 -6.60 -20.41
C ARG B 73 -51.47 -6.37 -21.92
N GLU B 74 -50.83 -5.21 -22.28
CA GLU B 74 -50.50 -5.11 -23.67
C GLU B 74 -49.05 -4.95 -23.73
N ASP B 75 -48.34 -5.47 -24.75
CA ASP B 75 -46.84 -5.40 -24.83
C ASP B 75 -46.50 -4.91 -26.21
N THR B 76 -45.54 -4.04 -26.31
CA THR B 76 -44.88 -3.63 -27.53
C THR B 76 -43.38 -3.86 -27.39
N ALA B 77 -42.56 -3.48 -28.40
CA ALA B 77 -41.09 -3.63 -28.35
C ALA B 77 -40.44 -2.91 -27.18
N TYR B 78 -40.83 -1.60 -26.92
CA TYR B 78 -40.09 -0.81 -25.96
C TYR B 78 -40.94 -0.44 -24.75
N SER B 79 -42.25 -0.88 -24.69
CA SER B 79 -43.14 -0.53 -23.62
C SER B 79 -44.20 -1.58 -23.48
N TYR B 80 -44.87 -1.63 -22.34
CA TYR B 80 -45.99 -2.44 -22.06
C TYR B 80 -46.78 -1.88 -20.89
N LYS B 81 -48.07 -1.84 -21.05
CA LYS B 81 -48.97 -1.27 -20.07
C LYS B 81 -49.82 -2.37 -19.39
N ALA B 82 -50.00 -2.21 -18.04
CA ALA B 82 -50.63 -3.14 -17.25
C ALA B 82 -51.78 -2.51 -16.47
N ARG B 83 -52.96 -3.19 -16.49
CA ARG B 83 -54.20 -2.81 -15.97
C ARG B 83 -54.68 -3.67 -14.80
N PHE B 84 -54.92 -3.08 -13.65
CA PHE B 84 -55.43 -3.72 -12.51
C PHE B 84 -56.72 -3.04 -12.04
N THR B 85 -57.58 -3.89 -11.41
CA THR B 85 -58.77 -3.42 -10.70
C THR B 85 -58.48 -3.55 -9.21
N LEU B 86 -58.21 -2.36 -8.60
CA LEU B 86 -57.77 -2.16 -7.21
C LEU B 86 -59.05 -2.21 -6.29
N ALA B 87 -59.26 -3.13 -5.29
CA ALA B 87 -60.51 -3.20 -4.53
C ALA B 87 -60.34 -2.71 -3.06
N VAL B 88 -61.15 -1.64 -2.70
CA VAL B 88 -61.30 -1.18 -1.33
C VAL B 88 -62.64 -1.72 -0.96
N GLY B 89 -62.68 -2.71 0.02
CA GLY B 89 -63.90 -3.36 0.64
C GLY B 89 -64.76 -2.49 1.42
N ASP B 90 -65.70 -3.15 2.13
CA ASP B 90 -66.63 -2.69 3.09
C ASP B 90 -65.83 -2.17 4.30
N ASN B 91 -65.93 -0.87 4.53
CA ASN B 91 -65.22 -0.22 5.63
C ASN B 91 -63.73 -0.36 5.60
N ARG B 92 -63.14 -0.70 4.40
CA ARG B 92 -61.71 -0.64 4.28
C ARG B 92 -61.15 0.71 3.99
N VAL B 93 -59.93 0.85 4.43
CA VAL B 93 -59.26 2.20 4.53
C VAL B 93 -57.86 1.97 4.16
N LEU B 94 -57.46 2.72 3.14
CA LEU B 94 -56.18 2.56 2.50
C LEU B 94 -55.33 3.90 2.46
N ASP B 95 -54.03 3.79 2.93
CA ASP B 95 -53.08 4.85 2.76
C ASP B 95 -52.05 4.42 1.67
N MET B 96 -52.16 5.08 0.50
CA MET B 96 -51.59 4.72 -0.79
C MET B 96 -50.12 4.58 -0.93
N ALA B 97 -49.39 5.13 0.01
CA ALA B 97 -47.97 4.84 0.17
C ALA B 97 -47.54 3.37 0.40
N SER B 98 -48.47 2.51 0.90
CA SER B 98 -48.19 1.15 1.12
C SER B 98 -48.57 0.30 -0.15
N THR B 99 -48.92 0.86 -1.30
CA THR B 99 -49.20 0.25 -2.62
C THR B 99 -48.01 0.24 -3.53
N TYR B 100 -47.66 -1.02 -3.93
CA TYR B 100 -46.54 -1.28 -4.72
C TYR B 100 -46.67 -2.30 -5.81
N PHE B 101 -45.82 -2.22 -6.89
CA PHE B 101 -45.84 -3.22 -7.88
C PHE B 101 -44.74 -4.20 -7.63
N ASP B 102 -45.06 -5.45 -7.39
CA ASP B 102 -44.19 -6.61 -7.48
C ASP B 102 -44.00 -6.99 -8.92
N ILE B 103 -42.72 -7.18 -9.35
CA ILE B 103 -42.35 -7.49 -10.72
C ILE B 103 -41.18 -8.45 -10.75
N ARG B 104 -41.29 -9.58 -11.51
CA ARG B 104 -40.36 -10.55 -11.70
C ARG B 104 -40.07 -10.69 -13.19
N GLY B 105 -38.83 -11.00 -13.58
CA GLY B 105 -38.50 -11.03 -14.93
C GLY B 105 -37.10 -11.57 -15.07
N VAL B 106 -36.53 -11.33 -16.29
CA VAL B 106 -35.18 -11.67 -16.76
C VAL B 106 -34.46 -10.57 -17.40
N LEU B 107 -33.16 -10.48 -17.03
CA LEU B 107 -32.32 -9.44 -17.55
C LEU B 107 -30.95 -10.02 -17.87
N ASP B 108 -30.56 -9.74 -19.17
CA ASP B 108 -29.21 -10.08 -19.70
C ASP B 108 -28.47 -8.79 -19.78
N ARG B 109 -27.36 -8.72 -19.07
CA ARG B 109 -26.58 -7.47 -19.02
C ARG B 109 -25.53 -7.48 -20.04
N GLY B 110 -25.50 -8.55 -20.84
CA GLY B 110 -24.78 -8.66 -22.06
C GLY B 110 -23.25 -8.82 -21.87
N PRO B 111 -22.53 -8.98 -22.93
CA PRO B 111 -21.12 -9.20 -22.78
C PRO B 111 -20.25 -7.96 -22.58
N THR B 112 -20.86 -6.73 -22.30
CA THR B 112 -20.18 -5.50 -21.97
C THR B 112 -20.17 -5.26 -20.47
N PHE B 113 -21.00 -5.96 -19.75
CA PHE B 113 -20.97 -5.97 -18.30
C PHE B 113 -19.57 -6.47 -17.76
N LYS B 114 -18.89 -5.72 -16.87
CA LYS B 114 -17.65 -6.22 -16.21
C LYS B 114 -17.54 -5.54 -14.82
N PRO B 115 -18.15 -6.09 -13.75
CA PRO B 115 -18.11 -5.47 -12.43
C PRO B 115 -16.79 -5.69 -11.64
N TYR B 116 -15.68 -5.86 -12.33
CA TYR B 116 -14.37 -5.91 -11.63
C TYR B 116 -13.16 -5.33 -12.33
N SER B 117 -12.13 -4.82 -11.62
CA SER B 117 -10.92 -4.32 -12.21
C SER B 117 -9.82 -5.43 -12.33
N GLY B 118 -8.73 -5.24 -13.14
CA GLY B 118 -7.79 -6.33 -13.29
C GLY B 118 -8.34 -7.51 -14.05
N THR B 119 -7.76 -8.64 -13.78
CA THR B 119 -8.08 -9.93 -14.40
C THR B 119 -8.40 -11.04 -13.44
N ALA B 120 -9.21 -12.04 -13.87
CA ALA B 120 -9.51 -13.24 -13.07
C ALA B 120 -8.35 -14.18 -13.28
N TYR B 121 -7.59 -13.99 -14.37
CA TYR B 121 -6.71 -15.03 -14.83
C TYR B 121 -5.24 -14.74 -14.85
N ASN B 122 -4.49 -15.40 -13.92
CA ASN B 122 -3.06 -15.15 -13.79
C ASN B 122 -2.63 -13.67 -13.50
N ALA B 123 -3.27 -13.06 -12.47
CA ALA B 123 -3.08 -11.73 -11.91
C ALA B 123 -1.65 -11.42 -11.61
N LEU B 124 -0.90 -12.46 -11.09
CA LEU B 124 0.45 -12.36 -10.74
C LEU B 124 1.42 -12.47 -11.92
N ALA B 125 1.01 -12.77 -13.09
CA ALA B 125 1.99 -12.93 -14.14
C ALA B 125 2.36 -11.63 -14.80
N PRO B 126 3.57 -11.34 -15.18
CA PRO B 126 3.79 -10.16 -15.96
C PRO B 126 3.06 -10.07 -17.33
N LYS B 127 2.58 -8.86 -17.72
CA LYS B 127 1.64 -8.55 -18.83
C LYS B 127 2.32 -8.68 -20.15
N GLY B 128 3.68 -8.75 -20.09
CA GLY B 128 4.54 -8.83 -21.22
C GLY B 128 5.08 -10.11 -21.52
N ALA B 129 4.68 -11.12 -20.71
CA ALA B 129 5.35 -12.40 -20.66
C ALA B 129 4.42 -13.44 -21.30
N PRO B 130 4.69 -13.95 -22.55
CA PRO B 130 4.00 -15.00 -23.15
C PRO B 130 4.24 -16.30 -22.42
N ASN B 131 3.20 -17.15 -22.45
CA ASN B 131 3.30 -18.55 -22.04
C ASN B 131 4.37 -19.39 -22.79
N PRO B 132 4.98 -20.46 -22.13
CA PRO B 132 5.95 -21.34 -22.79
C PRO B 132 5.56 -21.91 -24.12
N CYS B 133 6.42 -21.85 -25.12
CA CYS B 133 5.83 -22.01 -26.43
C CYS B 133 6.83 -22.48 -27.49
N GLU B 134 6.23 -22.82 -28.62
CA GLU B 134 6.87 -23.26 -29.89
C GLU B 134 6.54 -22.16 -30.99
N TRP B 135 7.54 -21.81 -31.80
CA TRP B 135 7.31 -20.92 -32.91
C TRP B 135 8.34 -21.24 -34.04
N ASP B 136 7.99 -21.06 -35.35
CA ASP B 136 8.86 -21.27 -36.50
C ASP B 136 9.60 -19.96 -36.97
N GLU B 137 10.82 -20.12 -37.32
CA GLU B 137 11.72 -19.00 -37.71
C GLU B 137 12.45 -19.43 -38.99
N ALA B 138 13.06 -18.46 -39.73
CA ALA B 138 13.82 -18.81 -40.87
C ALA B 138 15.25 -19.20 -40.43
N ALA B 139 15.81 -20.28 -41.00
CA ALA B 139 17.13 -20.83 -40.76
C ALA B 139 18.28 -19.94 -41.35
N THR B 140 18.00 -19.07 -42.32
CA THR B 140 18.89 -18.14 -42.99
C THR B 140 19.99 -18.87 -43.70
N ALA B 141 19.59 -19.90 -44.55
CA ALA B 141 20.65 -20.58 -45.22
C ALA B 141 21.40 -19.73 -46.28
N GLU B 162 11.07 -21.91 -48.22
CA GLU B 162 12.54 -22.25 -47.86
C GLU B 162 12.61 -23.18 -46.66
N GLN B 163 13.70 -23.10 -45.96
CA GLN B 163 14.13 -23.89 -44.85
C GLN B 163 13.72 -23.24 -43.51
N GLN B 164 12.71 -23.77 -42.76
CA GLN B 164 12.22 -23.15 -41.51
C GLN B 164 12.44 -24.00 -40.23
N LYS B 165 12.98 -23.28 -39.18
CA LYS B 165 13.43 -23.80 -37.91
C LYS B 165 12.49 -23.51 -36.80
N THR B 166 12.21 -24.49 -36.04
CA THR B 166 11.42 -24.45 -34.85
C THR B 166 12.22 -24.06 -33.61
N HIS B 167 11.82 -22.97 -32.94
CA HIS B 167 12.34 -22.54 -31.65
C HIS B 167 11.31 -22.66 -30.59
N VAL B 168 11.79 -23.19 -29.43
CA VAL B 168 11.14 -23.41 -28.17
C VAL B 168 11.77 -22.54 -27.12
N PHE B 169 10.86 -21.93 -26.37
CA PHE B 169 11.15 -21.04 -25.29
C PHE B 169 10.30 -21.44 -24.09
N GLY B 170 10.86 -21.49 -22.80
CA GLY B 170 10.05 -22.02 -21.72
C GLY B 170 10.82 -22.59 -20.53
N GLN B 171 10.13 -23.45 -19.72
CA GLN B 171 10.57 -24.00 -18.47
C GLN B 171 10.12 -25.52 -18.20
N ALA B 172 10.84 -26.17 -17.33
CA ALA B 172 10.68 -27.56 -16.89
C ALA B 172 10.78 -27.75 -15.35
N PRO B 173 9.67 -27.59 -14.57
CA PRO B 173 9.83 -27.40 -13.16
C PRO B 173 9.68 -28.72 -12.37
N TYR B 174 9.05 -29.78 -12.87
CA TYR B 174 8.82 -30.97 -12.00
C TYR B 174 10.05 -31.90 -12.11
N SER B 175 10.60 -32.31 -10.94
CA SER B 175 11.57 -33.42 -10.87
C SER B 175 10.98 -34.77 -10.50
N GLY B 176 11.15 -35.73 -11.43
CA GLY B 176 10.73 -37.13 -11.29
C GLY B 176 11.92 -38.12 -11.31
N ILE B 177 11.67 -39.43 -11.12
CA ILE B 177 12.62 -40.42 -10.92
C ILE B 177 13.46 -40.73 -12.17
N ASN B 178 12.90 -40.78 -13.34
CA ASN B 178 13.64 -41.13 -14.56
C ASN B 178 12.75 -40.60 -15.70
N ILE B 179 13.18 -40.67 -16.99
CA ILE B 179 12.52 -40.36 -18.26
C ILE B 179 12.88 -41.43 -19.23
N THR B 180 11.86 -42.21 -19.61
CA THR B 180 11.95 -43.24 -20.60
C THR B 180 11.04 -42.99 -21.79
N LYS B 181 10.96 -43.86 -22.79
CA LYS B 181 9.97 -43.55 -23.85
C LYS B 181 8.50 -43.68 -23.37
N GLU B 182 8.24 -44.14 -22.12
CA GLU B 182 6.92 -44.18 -21.53
C GLU B 182 6.66 -42.80 -20.81
N GLY B 183 7.59 -41.91 -20.69
CA GLY B 183 7.46 -40.63 -20.08
C GLY B 183 8.23 -40.47 -18.80
N ILE B 184 7.81 -39.49 -17.87
CA ILE B 184 8.41 -39.22 -16.60
C ILE B 184 7.90 -40.07 -15.45
N GLN B 185 8.82 -40.60 -14.68
CA GLN B 185 8.46 -41.55 -13.61
C GLN B 185 8.07 -40.73 -12.41
N ILE B 186 6.88 -40.97 -11.98
CA ILE B 186 6.24 -40.23 -10.89
C ILE B 186 6.04 -41.14 -9.63
N GLY B 187 6.40 -42.42 -9.66
CA GLY B 187 6.27 -43.26 -8.44
C GLY B 187 6.64 -44.69 -8.83
N VAL B 188 6.28 -45.68 -7.94
CA VAL B 188 6.41 -47.11 -8.17
C VAL B 188 5.21 -47.86 -7.59
N GLU B 189 4.69 -48.90 -8.24
CA GLU B 189 3.52 -49.76 -8.02
C GLU B 189 4.23 -51.11 -7.66
N GLY B 190 4.64 -51.16 -6.37
CA GLY B 190 5.53 -52.21 -5.83
C GLY B 190 6.95 -51.89 -6.25
N GLN B 191 7.39 -52.64 -7.27
CA GLN B 191 8.66 -52.34 -7.89
C GLN B 191 8.43 -52.06 -9.43
N THR B 192 7.24 -51.89 -9.99
CA THR B 192 7.05 -51.48 -11.37
C THR B 192 6.91 -49.92 -11.38
N PRO B 193 7.57 -49.19 -12.25
CA PRO B 193 7.56 -47.71 -12.26
C PRO B 193 6.27 -47.15 -12.76
N LYS B 194 5.66 -46.06 -12.21
CA LYS B 194 4.41 -45.41 -12.49
C LYS B 194 4.81 -44.17 -13.25
N TYR B 195 4.10 -43.85 -14.40
CA TYR B 195 4.47 -42.78 -15.31
C TYR B 195 3.34 -41.73 -15.39
N ALA B 196 3.65 -40.42 -15.78
CA ALA B 196 2.61 -39.39 -15.73
C ALA B 196 1.40 -39.63 -16.66
N ASP B 197 0.10 -39.46 -16.32
CA ASP B 197 -1.06 -39.53 -17.23
C ASP B 197 -1.15 -38.14 -17.93
N LYS B 198 -1.03 -38.18 -19.30
CA LYS B 198 -0.85 -37.01 -20.12
C LYS B 198 -1.82 -35.86 -20.00
N THR B 199 -3.17 -36.13 -19.95
CA THR B 199 -4.23 -35.10 -19.96
C THR B 199 -4.11 -34.05 -18.85
N PHE B 200 -3.77 -34.43 -17.63
CA PHE B 200 -3.62 -33.41 -16.54
C PHE B 200 -2.19 -33.57 -15.88
N GLN B 201 -1.35 -34.68 -16.01
CA GLN B 201 -0.01 -34.74 -15.41
C GLN B 201 1.11 -34.74 -16.48
N PRO B 202 2.34 -34.22 -16.23
CA PRO B 202 2.85 -33.60 -15.05
C PRO B 202 2.19 -32.20 -14.79
N GLU B 203 1.85 -31.90 -13.52
CA GLU B 203 1.04 -30.69 -13.22
C GLU B 203 1.74 -29.31 -13.32
N PRO B 204 1.02 -28.17 -13.76
CA PRO B 204 1.63 -26.87 -14.02
C PRO B 204 2.18 -26.21 -12.68
N GLN B 205 1.49 -26.51 -11.55
CA GLN B 205 1.82 -25.85 -10.28
C GLN B 205 2.74 -26.64 -9.41
N ILE B 206 3.32 -27.78 -9.84
CA ILE B 206 4.15 -28.66 -8.94
C ILE B 206 5.54 -28.74 -9.46
N GLY B 207 6.45 -28.28 -8.64
CA GLY B 207 7.85 -28.00 -9.09
C GLY B 207 8.88 -28.24 -7.97
N GLU B 208 9.84 -27.33 -7.80
CA GLU B 208 10.81 -27.37 -6.72
C GLU B 208 10.28 -26.66 -5.46
N SER B 209 10.19 -27.40 -4.29
CA SER B 209 9.70 -26.73 -3.10
C SER B 209 10.83 -25.97 -2.23
N GLN B 210 12.07 -25.91 -2.86
CA GLN B 210 13.30 -25.53 -2.24
C GLN B 210 13.77 -24.28 -2.82
N TRP B 211 14.05 -23.22 -1.94
CA TRP B 211 14.37 -21.88 -2.32
C TRP B 211 15.71 -21.92 -3.12
N TYR B 212 16.68 -22.76 -2.74
CA TYR B 212 18.01 -22.84 -3.35
C TYR B 212 17.94 -23.89 -4.54
N GLU B 213 18.60 -23.51 -5.66
CA GLU B 213 18.47 -24.26 -6.91
C GLU B 213 19.07 -25.70 -6.82
N THR B 214 18.23 -26.75 -6.80
CA THR B 214 18.67 -28.11 -6.57
C THR B 214 19.14 -28.82 -7.76
N GLU B 215 19.97 -29.91 -7.61
CA GLU B 215 20.31 -30.80 -8.78
C GLU B 215 19.12 -31.61 -9.30
N ILE B 216 18.76 -31.46 -10.61
CA ILE B 216 17.69 -32.14 -11.28
C ILE B 216 18.31 -33.06 -12.30
N ASN B 217 17.99 -34.33 -12.31
CA ASN B 217 18.47 -35.23 -13.34
C ASN B 217 17.49 -35.45 -14.49
N HIS B 218 16.21 -35.38 -14.13
CA HIS B 218 15.09 -35.69 -15.01
C HIS B 218 14.06 -34.58 -14.83
N ALA B 219 13.81 -33.68 -15.80
CA ALA B 219 12.81 -32.61 -15.57
C ALA B 219 11.61 -32.89 -16.45
N ALA B 220 10.43 -32.36 -16.11
CA ALA B 220 9.26 -32.47 -17.01
C ALA B 220 8.43 -31.30 -16.81
N GLY B 221 7.72 -30.89 -17.87
CA GLY B 221 6.71 -29.82 -17.89
C GLY B 221 5.84 -29.87 -19.18
N ARG B 222 5.01 -28.86 -19.39
CA ARG B 222 4.06 -28.79 -20.50
C ARG B 222 4.44 -27.55 -21.37
N VAL B 223 4.14 -27.60 -22.64
CA VAL B 223 4.41 -26.51 -23.52
C VAL B 223 3.33 -26.35 -24.60
N LEU B 224 3.12 -25.11 -25.11
CA LEU B 224 2.19 -24.92 -26.18
C LEU B 224 2.78 -25.11 -27.58
N LYS B 225 2.05 -25.88 -28.45
CA LYS B 225 2.41 -26.25 -29.83
C LYS B 225 2.40 -25.05 -30.80
N LYS B 226 3.22 -25.03 -31.86
CA LYS B 226 3.21 -23.89 -32.84
C LYS B 226 1.91 -23.65 -33.57
N THR B 227 0.97 -24.59 -33.46
CA THR B 227 -0.39 -24.49 -33.94
C THR B 227 -1.21 -23.59 -32.99
N THR B 228 -0.82 -23.48 -31.72
CA THR B 228 -1.29 -22.57 -30.73
C THR B 228 -0.49 -21.19 -30.84
N PRO B 229 -1.08 -20.02 -31.06
CA PRO B 229 -0.38 -18.73 -31.03
C PRO B 229 -0.11 -18.32 -29.64
N MET B 230 1.04 -17.57 -29.43
CA MET B 230 1.45 -17.00 -28.14
C MET B 230 0.42 -15.95 -27.66
N LYS B 231 0.05 -15.92 -26.36
CA LYS B 231 -0.80 -14.90 -25.73
C LYS B 231 -0.12 -14.63 -24.43
N PRO B 232 -0.14 -13.43 -23.81
CA PRO B 232 0.45 -13.15 -22.47
C PRO B 232 -0.15 -14.11 -21.42
N CYS B 233 0.64 -14.61 -20.45
CA CYS B 233 0.16 -15.50 -19.42
C CYS B 233 -0.93 -14.81 -18.63
N TYR B 234 -0.85 -13.46 -18.33
CA TYR B 234 -1.87 -12.53 -17.74
C TYR B 234 -2.96 -12.38 -18.75
N GLY B 235 -4.15 -12.85 -18.37
CA GLY B 235 -5.39 -12.86 -19.12
C GLY B 235 -5.72 -14.18 -19.65
N SER B 236 -4.69 -15.12 -19.68
CA SER B 236 -4.92 -16.45 -20.30
C SER B 236 -5.82 -17.45 -19.64
N TYR B 237 -6.85 -18.03 -20.28
CA TYR B 237 -7.73 -19.03 -19.75
C TYR B 237 -7.95 -20.19 -20.78
N ALA B 238 -7.86 -21.46 -20.37
CA ALA B 238 -8.34 -22.54 -21.22
C ALA B 238 -9.12 -23.45 -20.29
N LYS B 239 -10.43 -23.49 -20.52
CA LYS B 239 -11.37 -24.32 -19.72
C LYS B 239 -11.06 -25.79 -19.70
N PRO B 240 -11.25 -26.44 -18.54
CA PRO B 240 -10.95 -27.90 -18.36
C PRO B 240 -11.54 -28.76 -19.39
N THR B 241 -10.68 -29.56 -19.98
CA THR B 241 -11.13 -30.61 -20.93
C THR B 241 -11.52 -31.92 -20.27
N ASN B 242 -11.33 -32.13 -18.95
CA ASN B 242 -11.81 -33.28 -18.23
C ASN B 242 -12.11 -32.91 -16.76
N GLU B 243 -12.71 -33.83 -15.98
CA GLU B 243 -13.04 -33.55 -14.58
C GLU B 243 -11.86 -33.70 -13.68
N ASN B 244 -10.67 -34.16 -14.23
CA ASN B 244 -9.41 -34.32 -13.57
C ASN B 244 -8.55 -32.97 -13.63
N GLY B 245 -8.96 -32.00 -14.54
CA GLY B 245 -8.33 -30.67 -14.64
C GLY B 245 -7.39 -30.39 -15.83
N GLY B 246 -7.42 -31.38 -16.73
CA GLY B 246 -6.69 -31.37 -18.03
C GLY B 246 -7.12 -30.19 -18.93
N GLN B 247 -6.22 -29.59 -19.75
CA GLN B 247 -6.47 -28.47 -20.64
C GLN B 247 -6.36 -28.75 -22.12
N GLY B 248 -5.48 -29.70 -22.52
CA GLY B 248 -5.24 -30.17 -23.94
C GLY B 248 -6.44 -30.55 -24.72
N ILE B 249 -6.42 -30.25 -26.06
CA ILE B 249 -7.52 -30.54 -26.97
C ILE B 249 -7.86 -32.07 -27.21
N LEU B 250 -9.14 -32.43 -27.14
CA LEU B 250 -9.52 -33.84 -27.43
C LEU B 250 -10.05 -33.92 -28.90
N VAL B 251 -9.69 -34.95 -29.71
CA VAL B 251 -10.07 -35.27 -31.09
C VAL B 251 -10.92 -36.48 -30.89
N LYS B 252 -12.10 -36.57 -31.60
CA LYS B 252 -13.06 -37.60 -31.63
C LYS B 252 -12.47 -38.65 -32.60
N GLN B 253 -12.26 -39.89 -32.16
CA GLN B 253 -11.85 -40.88 -33.05
C GLN B 253 -12.89 -41.37 -34.02
N GLN B 254 -12.37 -42.29 -34.89
CA GLN B 254 -13.12 -43.00 -35.93
C GLN B 254 -14.12 -44.05 -35.38
N ASN B 255 -13.85 -44.69 -34.21
CA ASN B 255 -14.73 -45.63 -33.57
C ASN B 255 -15.59 -44.89 -32.63
N GLY B 256 -15.37 -43.60 -32.40
CA GLY B 256 -16.20 -42.73 -31.62
C GLY B 256 -15.73 -42.42 -30.27
N LYS B 257 -14.59 -42.78 -29.75
CA LYS B 257 -14.01 -42.42 -28.45
C LYS B 257 -13.32 -41.07 -28.56
N LEU B 258 -13.45 -40.23 -27.50
CA LEU B 258 -12.65 -39.01 -27.44
C LEU B 258 -11.24 -39.42 -27.00
N GLU B 259 -10.14 -38.84 -27.58
CA GLU B 259 -8.80 -39.15 -27.08
C GLU B 259 -8.11 -37.75 -27.13
N SER B 260 -7.24 -37.40 -26.14
CA SER B 260 -6.47 -36.20 -26.07
C SER B 260 -5.27 -36.27 -26.99
N GLN B 261 -5.03 -35.16 -27.72
CA GLN B 261 -3.83 -35.04 -28.59
C GLN B 261 -2.66 -34.20 -27.98
N VAL B 262 -1.95 -34.88 -27.06
CA VAL B 262 -0.83 -34.40 -26.30
C VAL B 262 0.29 -35.28 -26.82
N GLU B 263 1.45 -34.65 -27.20
CA GLU B 263 2.55 -35.37 -27.83
C GLU B 263 3.75 -35.10 -27.03
N MET B 264 4.62 -36.05 -26.72
CA MET B 264 5.80 -35.76 -25.86
C MET B 264 7.03 -35.33 -26.65
N GLN B 265 7.81 -34.37 -26.17
CA GLN B 265 8.98 -33.82 -26.86
C GLN B 265 10.13 -33.91 -25.87
N PHE B 266 11.16 -34.71 -26.15
CA PHE B 266 12.31 -35.00 -25.31
C PHE B 266 13.57 -34.19 -25.59
N PHE B 267 14.27 -33.86 -24.48
CA PHE B 267 15.37 -32.96 -24.59
C PHE B 267 16.63 -33.27 -23.81
N SER B 268 17.83 -32.89 -24.28
CA SER B 268 19.10 -33.09 -23.60
C SER B 268 20.05 -31.91 -23.91
N THR B 269 21.03 -31.74 -22.99
CA THR B 269 21.97 -30.68 -22.98
C THR B 269 22.93 -30.61 -24.12
N THR B 270 23.48 -29.46 -24.56
CA THR B 270 24.42 -29.44 -25.70
C THR B 270 25.62 -30.28 -25.46
N GLU B 271 26.17 -30.29 -24.23
CA GLU B 271 27.33 -31.13 -23.98
C GLU B 271 27.16 -32.64 -24.17
N ALA B 272 25.97 -33.23 -23.74
CA ALA B 272 25.55 -34.59 -24.04
C ALA B 272 25.30 -34.84 -25.51
N ALA B 273 24.71 -33.88 -26.28
CA ALA B 273 24.62 -33.94 -27.78
C ALA B 273 25.82 -33.71 -28.60
N ALA B 274 26.95 -33.15 -28.06
CA ALA B 274 28.25 -33.11 -28.75
C ALA B 274 28.90 -34.46 -28.80
N GLY B 275 28.51 -35.27 -27.80
CA GLY B 275 28.99 -36.62 -27.54
C GLY B 275 28.82 -37.59 -28.69
N ASN B 276 29.57 -38.74 -28.53
CA ASN B 276 29.67 -39.94 -29.30
C ASN B 276 28.37 -40.51 -29.70
N GLY B 277 27.40 -40.67 -28.72
CA GLY B 277 26.06 -41.13 -29.03
C GLY B 277 25.57 -42.03 -27.92
N ASP B 278 26.56 -42.44 -27.12
CA ASP B 278 26.36 -43.32 -25.99
C ASP B 278 25.98 -42.57 -24.75
N ASN B 279 26.38 -41.27 -24.67
CA ASN B 279 25.92 -40.33 -23.65
C ASN B 279 24.48 -39.69 -24.05
N LEU B 280 24.02 -39.87 -25.28
CA LEU B 280 22.78 -39.21 -25.65
C LEU B 280 21.52 -39.93 -25.08
N THR B 281 20.77 -39.30 -24.15
CA THR B 281 19.58 -39.79 -23.55
C THR B 281 18.81 -38.58 -22.95
N PRO B 282 17.48 -38.44 -22.72
CA PRO B 282 16.89 -37.18 -22.33
C PRO B 282 16.93 -36.90 -20.80
N LYS B 283 17.38 -35.72 -20.47
CA LYS B 283 17.28 -35.10 -19.19
C LYS B 283 16.05 -34.28 -19.02
N VAL B 284 15.29 -34.07 -20.05
CA VAL B 284 14.09 -33.23 -19.90
C VAL B 284 13.00 -33.91 -20.81
N VAL B 285 11.70 -33.83 -20.40
CA VAL B 285 10.63 -34.21 -21.23
C VAL B 285 9.39 -33.30 -21.14
N LEU B 286 8.99 -32.79 -22.33
CA LEU B 286 7.93 -31.83 -22.43
C LEU B 286 6.70 -32.52 -23.03
N TYR B 287 5.56 -32.20 -22.34
CA TYR B 287 4.25 -32.63 -22.86
C TYR B 287 3.66 -31.52 -23.62
N SER B 288 3.75 -31.60 -24.99
CA SER B 288 3.38 -30.50 -25.89
C SER B 288 1.91 -30.58 -26.24
N GLU B 289 1.13 -29.50 -26.19
CA GLU B 289 -0.29 -29.60 -26.48
C GLU B 289 -0.74 -28.32 -27.15
N ASP B 290 -1.77 -28.43 -28.03
CA ASP B 290 -2.57 -27.22 -28.32
C ASP B 290 -3.64 -27.27 -27.19
N VAL B 291 -4.07 -26.11 -26.69
CA VAL B 291 -5.14 -25.94 -25.68
C VAL B 291 -6.17 -24.86 -26.05
N ASP B 292 -7.38 -25.03 -25.44
CA ASP B 292 -8.63 -24.24 -25.72
C ASP B 292 -8.58 -22.75 -25.14
N ILE B 293 -7.57 -22.03 -25.63
CA ILE B 293 -7.33 -20.71 -25.19
C ILE B 293 -8.48 -19.76 -25.48
N GLU B 294 -8.64 -18.80 -24.58
CA GLU B 294 -9.48 -17.67 -24.74
C GLU B 294 -8.95 -16.65 -23.72
N THR B 295 -9.25 -15.40 -23.99
CA THR B 295 -8.79 -14.26 -23.18
C THR B 295 -10.14 -13.55 -22.85
N PRO B 296 -10.84 -13.75 -21.72
CA PRO B 296 -12.22 -13.30 -21.68
C PRO B 296 -12.27 -11.82 -21.51
N ASP B 297 -11.39 -11.38 -20.54
CA ASP B 297 -11.42 -10.06 -19.90
C ASP B 297 -10.21 -9.20 -20.19
N THR B 298 -9.44 -9.42 -21.25
CA THR B 298 -8.18 -8.73 -21.48
C THR B 298 -8.01 -8.32 -22.93
N HIS B 299 -7.14 -7.32 -23.24
CA HIS B 299 -6.72 -7.11 -24.61
C HIS B 299 -5.25 -6.76 -24.76
N ILE B 300 -4.78 -6.54 -26.00
CA ILE B 300 -3.34 -6.26 -26.22
C ILE B 300 -3.05 -4.78 -26.23
N SER B 301 -2.16 -4.27 -25.30
CA SER B 301 -1.87 -2.80 -25.25
C SER B 301 -0.72 -2.49 -26.24
N TYR B 302 0.16 -3.44 -26.56
CA TYR B 302 1.18 -3.27 -27.57
C TYR B 302 1.33 -4.50 -28.46
N MET B 303 0.90 -4.35 -29.72
CA MET B 303 1.08 -5.41 -30.75
C MET B 303 2.31 -4.95 -31.64
N PRO B 304 3.45 -5.64 -31.58
CA PRO B 304 4.69 -5.15 -32.17
C PRO B 304 4.66 -5.41 -33.66
N THR B 305 3.76 -6.17 -34.34
CA THR B 305 4.08 -6.58 -35.74
C THR B 305 2.74 -6.90 -36.44
N ILE B 306 2.77 -7.03 -37.77
CA ILE B 306 1.57 -7.25 -38.61
C ILE B 306 1.83 -8.56 -39.44
N LYS B 307 2.90 -9.33 -39.16
CA LYS B 307 3.22 -10.54 -39.84
C LYS B 307 2.20 -11.65 -39.53
N GLU B 308 1.73 -12.38 -40.58
CA GLU B 308 0.91 -13.56 -40.38
C GLU B 308 1.56 -14.68 -39.60
N GLY B 309 0.81 -15.53 -38.83
CA GLY B 309 1.22 -16.68 -38.03
C GLY B 309 2.19 -16.41 -36.98
N ASN B 310 2.87 -17.44 -36.44
CA ASN B 310 3.75 -17.37 -35.30
C ASN B 310 5.18 -16.98 -35.67
N SER B 311 5.86 -16.15 -34.86
CA SER B 311 7.18 -15.65 -35.13
C SER B 311 7.88 -15.19 -33.79
N ARG B 312 9.20 -15.00 -33.74
CA ARG B 312 9.94 -14.47 -32.60
C ARG B 312 9.59 -13.02 -32.24
N GLU B 313 9.37 -12.33 -33.39
CA GLU B 313 8.96 -10.90 -33.34
C GLU B 313 7.67 -10.47 -32.62
N LEU B 314 6.58 -11.30 -32.78
CA LEU B 314 5.27 -11.23 -32.13
C LEU B 314 5.28 -11.57 -30.69
N MET B 315 6.38 -12.10 -30.16
CA MET B 315 6.49 -12.41 -28.73
C MET B 315 6.75 -11.23 -27.82
N GLY B 316 6.86 -9.98 -28.44
CA GLY B 316 7.01 -8.70 -27.71
C GLY B 316 5.75 -8.21 -27.12
N GLN B 317 4.66 -8.77 -27.59
CA GLN B 317 3.34 -8.41 -27.22
C GLN B 317 2.98 -8.35 -25.74
N GLN B 318 2.17 -7.27 -25.31
CA GLN B 318 1.84 -6.97 -23.95
C GLN B 318 0.32 -6.97 -23.67
N SER B 319 -0.24 -7.39 -22.54
CA SER B 319 -1.67 -7.38 -22.22
C SER B 319 -2.12 -6.23 -21.41
N MET B 320 -3.41 -5.95 -21.31
CA MET B 320 -4.04 -4.94 -20.50
C MET B 320 -5.39 -5.43 -20.11
N PRO B 321 -5.82 -5.32 -18.87
CA PRO B 321 -7.17 -5.72 -18.49
C PRO B 321 -8.26 -4.83 -19.21
N ASN B 322 -9.43 -5.44 -19.48
CA ASN B 322 -10.52 -4.74 -20.10
C ASN B 322 -11.13 -3.83 -19.00
N ARG B 323 -11.64 -2.64 -19.28
CA ARG B 323 -12.22 -1.66 -18.31
C ARG B 323 -13.43 -2.04 -17.55
N PRO B 324 -13.41 -1.84 -16.20
CA PRO B 324 -14.55 -2.16 -15.40
C PRO B 324 -15.83 -1.39 -15.75
N ASN B 325 -16.93 -2.12 -16.04
CA ASN B 325 -18.15 -1.40 -16.34
C ASN B 325 -19.18 -2.09 -15.47
N TYR B 326 -19.74 -1.28 -14.51
CA TYR B 326 -20.85 -1.71 -13.64
C TYR B 326 -22.13 -1.40 -14.35
N ILE B 327 -23.11 -2.29 -14.35
CA ILE B 327 -24.40 -2.12 -15.00
C ILE B 327 -25.50 -2.64 -14.06
N ALA B 328 -26.52 -1.73 -13.94
CA ALA B 328 -27.61 -1.96 -13.00
C ALA B 328 -28.92 -1.28 -13.33
N PHE B 329 -29.98 -1.45 -12.47
CA PHE B 329 -31.16 -0.66 -12.47
C PHE B 329 -30.93 0.71 -11.77
N ARG B 330 -31.77 1.61 -12.26
CA ARG B 330 -31.64 2.99 -11.76
C ARG B 330 -31.98 3.18 -10.24
N ASP B 331 -31.32 4.20 -9.65
CA ASP B 331 -31.65 4.56 -8.31
C ASP B 331 -33.10 4.95 -8.06
N ASN B 332 -33.84 4.36 -7.07
CA ASN B 332 -35.25 4.65 -6.86
C ASN B 332 -36.21 4.43 -8.04
N PHE B 333 -35.83 3.43 -8.90
CA PHE B 333 -36.51 3.07 -10.12
C PHE B 333 -36.74 4.17 -11.10
N ILE B 334 -35.76 5.02 -11.26
CA ILE B 334 -35.89 6.15 -12.23
C ILE B 334 -36.06 5.68 -13.71
N GLY B 335 -37.11 6.19 -14.34
CA GLY B 335 -37.37 5.91 -15.74
C GLY B 335 -38.16 4.68 -16.10
N LEU B 336 -38.46 3.86 -15.13
CA LEU B 336 -39.05 2.49 -15.24
C LEU B 336 -40.58 2.60 -15.58
N MET B 337 -41.18 3.75 -15.26
CA MET B 337 -42.52 3.97 -15.49
C MET B 337 -42.78 5.23 -16.25
N TYR B 338 -43.79 5.27 -17.19
CA TYR B 338 -44.05 6.50 -17.90
C TYR B 338 -44.72 7.65 -17.11
N TYR B 339 -43.87 8.61 -16.69
CA TYR B 339 -44.23 9.89 -16.10
C TYR B 339 -43.87 11.11 -16.92
N ASN B 340 -44.86 12.07 -16.93
CA ASN B 340 -44.69 13.38 -17.52
C ASN B 340 -44.68 13.33 -19.02
N SER B 341 -45.44 12.34 -19.57
CA SER B 341 -45.63 12.08 -20.98
C SER B 341 -47.03 12.14 -21.45
N THR B 342 -47.41 13.14 -22.32
CA THR B 342 -48.82 13.38 -22.69
C THR B 342 -49.57 12.29 -23.48
N GLY B 343 -48.93 11.59 -24.46
CA GLY B 343 -49.49 10.42 -25.21
C GLY B 343 -49.57 9.19 -24.34
N ASN B 344 -48.72 9.01 -23.31
CA ASN B 344 -48.57 7.77 -22.55
C ASN B 344 -48.99 7.96 -21.09
N MET B 345 -50.05 8.72 -20.81
CA MET B 345 -50.66 8.87 -19.49
C MET B 345 -51.10 7.56 -18.74
N GLY B 346 -50.62 7.45 -17.50
CA GLY B 346 -51.19 6.46 -16.56
C GLY B 346 -52.63 6.74 -16.17
N VAL B 347 -53.23 5.75 -15.50
CA VAL B 347 -54.65 5.71 -15.20
C VAL B 347 -55.01 5.25 -13.82
N LEU B 348 -55.79 6.13 -13.15
CA LEU B 348 -56.54 5.90 -11.94
C LEU B 348 -57.93 6.48 -12.02
N ALA B 349 -58.94 5.60 -11.88
CA ALA B 349 -60.34 6.03 -11.93
C ALA B 349 -61.30 5.10 -11.19
N GLY B 350 -62.48 5.64 -10.84
CA GLY B 350 -63.60 4.83 -10.32
C GLY B 350 -64.36 4.16 -11.44
N GLN B 351 -64.90 2.87 -11.19
CA GLN B 351 -65.58 2.07 -12.22
C GLN B 351 -66.65 2.75 -13.10
N ALA B 352 -67.65 3.41 -12.52
CA ALA B 352 -68.72 4.07 -13.24
C ALA B 352 -68.23 5.22 -14.05
N SER B 353 -67.31 5.97 -13.50
CA SER B 353 -66.69 7.06 -14.24
C SER B 353 -65.89 6.60 -15.49
N GLN B 354 -66.21 7.33 -16.57
CA GLN B 354 -65.60 7.06 -17.86
C GLN B 354 -64.31 7.82 -18.04
N LEU B 355 -64.06 8.80 -17.15
CA LEU B 355 -62.93 9.69 -17.17
C LEU B 355 -61.83 9.34 -16.18
N ASN B 356 -60.57 9.44 -16.66
CA ASN B 356 -59.37 9.25 -15.85
C ASN B 356 -59.22 10.44 -14.85
N ALA B 357 -58.79 10.20 -13.59
CA ALA B 357 -58.53 11.31 -12.69
C ALA B 357 -57.13 11.92 -12.78
N VAL B 358 -56.18 11.19 -13.38
CA VAL B 358 -54.81 11.61 -13.57
C VAL B 358 -54.62 12.51 -14.77
N VAL B 359 -54.15 13.78 -14.66
CA VAL B 359 -53.97 14.67 -15.77
C VAL B 359 -52.54 15.13 -15.61
N ASP B 360 -51.74 15.03 -16.64
CA ASP B 360 -50.35 15.38 -16.60
C ASP B 360 -49.96 15.97 -17.90
N LEU B 361 -48.68 16.47 -17.98
CA LEU B 361 -48.13 17.18 -19.17
C LEU B 361 -46.63 16.99 -19.15
N GLN B 362 -46.05 17.38 -20.28
CA GLN B 362 -44.60 17.44 -20.52
C GLN B 362 -43.84 18.58 -19.82
N ASP B 363 -44.67 19.60 -19.28
CA ASP B 363 -44.11 20.74 -18.55
C ASP B 363 -43.50 20.35 -17.26
N ARG B 364 -44.11 19.33 -16.63
CA ARG B 364 -43.82 18.83 -15.27
C ARG B 364 -42.69 17.77 -15.11
N ASN B 365 -42.23 17.58 -13.84
CA ASN B 365 -41.06 16.69 -13.60
C ASN B 365 -41.20 16.09 -12.23
N THR B 366 -41.93 14.96 -12.17
CA THR B 366 -42.29 14.21 -11.01
C THR B 366 -41.09 13.58 -10.37
N GLU B 367 -40.19 12.96 -11.18
CA GLU B 367 -39.04 12.20 -10.75
C GLU B 367 -38.04 13.02 -9.91
N LEU B 368 -37.68 14.21 -10.47
CA LEU B 368 -36.88 15.16 -9.84
C LEU B 368 -37.42 15.82 -8.56
N SER B 369 -38.78 16.02 -8.58
CA SER B 369 -39.59 16.41 -7.34
C SER B 369 -39.40 15.35 -6.26
N TYR B 370 -39.50 14.06 -6.63
CA TYR B 370 -39.32 12.91 -5.69
C TYR B 370 -37.98 12.77 -5.03
N GLN B 371 -36.95 13.03 -5.84
CA GLN B 371 -35.63 13.19 -5.35
C GLN B 371 -35.61 14.34 -4.33
N LEU B 372 -36.15 15.60 -4.60
CA LEU B 372 -36.18 16.66 -3.61
C LEU B 372 -37.12 16.44 -2.39
N LEU B 373 -38.27 15.82 -2.49
CA LEU B 373 -39.12 15.38 -1.39
C LEU B 373 -38.33 14.40 -0.46
N LEU B 374 -37.62 13.33 -1.00
CA LEU B 374 -36.85 12.38 -0.23
C LEU B 374 -35.73 13.05 0.61
N ASP B 375 -35.08 14.00 0.01
CA ASP B 375 -34.02 14.81 0.64
C ASP B 375 -34.58 15.60 1.76
N SER B 376 -35.82 16.10 1.50
CA SER B 376 -36.52 16.90 2.46
C SER B 376 -36.95 16.11 3.76
N ILE B 377 -37.35 14.81 3.54
CA ILE B 377 -37.78 13.86 4.53
C ILE B 377 -36.63 13.30 5.31
N GLY B 378 -35.64 12.69 4.57
CA GLY B 378 -34.56 11.88 5.14
C GLY B 378 -33.26 12.26 4.60
N ASP B 379 -32.32 11.25 4.58
CA ASP B 379 -30.96 11.48 4.11
C ASP B 379 -30.43 10.41 3.14
N ARG B 380 -29.98 10.82 1.91
CA ARG B 380 -29.51 10.06 0.70
C ARG B 380 -28.36 9.25 0.96
N THR B 381 -27.50 9.56 1.97
CA THR B 381 -26.36 8.80 2.45
C THR B 381 -26.69 7.40 2.82
N ARG B 382 -27.80 7.17 3.63
CA ARG B 382 -28.10 5.79 4.05
C ARG B 382 -28.70 4.94 2.86
N TYR B 383 -28.06 3.79 2.53
CA TYR B 383 -28.60 2.92 1.54
C TYR B 383 -29.87 2.24 1.94
N PHE B 384 -30.76 1.93 0.96
CA PHE B 384 -31.85 1.13 1.21
C PHE B 384 -32.29 0.14 0.07
N SER B 385 -32.32 -1.17 0.42
CA SER B 385 -32.46 -2.23 -0.55
C SER B 385 -33.70 -2.41 -1.38
N MET B 386 -34.89 -2.20 -0.77
CA MET B 386 -36.23 -2.46 -1.36
C MET B 386 -36.54 -1.61 -2.56
N TRP B 387 -36.29 -0.31 -2.53
CA TRP B 387 -36.67 0.49 -3.68
C TRP B 387 -35.46 0.72 -4.55
N ASN B 388 -34.34 0.00 -4.27
CA ASN B 388 -33.03 0.34 -4.83
C ASN B 388 -32.67 1.81 -4.71
N GLN B 389 -32.68 2.28 -3.42
CA GLN B 389 -32.38 3.61 -2.95
C GLN B 389 -30.90 3.62 -2.54
N ALA B 390 -29.96 4.46 -3.26
CA ALA B 390 -28.59 4.57 -2.91
C ALA B 390 -28.02 5.73 -3.79
N VAL B 391 -27.24 6.62 -3.19
CA VAL B 391 -26.82 7.90 -3.81
C VAL B 391 -25.60 7.71 -4.71
N ASP B 392 -25.63 8.30 -5.92
CA ASP B 392 -24.50 8.13 -6.80
C ASP B 392 -23.33 9.05 -6.29
N SER B 393 -22.08 8.58 -6.50
CA SER B 393 -20.96 9.32 -5.92
C SER B 393 -19.68 9.31 -6.71
N TYR B 394 -18.81 10.21 -6.36
CA TYR B 394 -17.40 10.25 -6.84
C TYR B 394 -16.58 10.42 -5.54
N ASP B 395 -15.31 9.99 -5.67
CA ASP B 395 -14.26 10.23 -4.70
C ASP B 395 -13.87 11.75 -4.77
N PRO B 396 -13.86 12.46 -3.63
CA PRO B 396 -13.44 13.88 -3.60
C PRO B 396 -11.96 14.06 -4.06
N ASP B 397 -11.06 13.10 -3.77
CA ASP B 397 -9.68 13.24 -4.20
C ASP B 397 -9.40 12.92 -5.68
N VAL B 398 -10.42 12.41 -6.37
CA VAL B 398 -10.38 12.12 -7.79
C VAL B 398 -10.92 13.30 -8.59
N ARG B 399 -12.08 13.86 -8.16
CA ARG B 399 -12.67 15.04 -8.79
C ARG B 399 -11.71 16.27 -8.62
N ILE B 400 -11.47 16.60 -7.33
CA ILE B 400 -10.57 17.62 -6.95
C ILE B 400 -9.25 16.93 -6.67
N ILE B 401 -8.19 17.12 -7.39
CA ILE B 401 -6.90 16.47 -7.07
C ILE B 401 -6.15 17.33 -6.01
N GLU B 402 -5.84 16.77 -4.82
CA GLU B 402 -5.18 17.39 -3.73
C GLU B 402 -3.79 16.81 -3.59
N ASN B 403 -2.82 17.42 -4.29
CA ASN B 403 -1.55 16.78 -4.52
C ASN B 403 -0.56 17.23 -3.42
N HIS B 404 -0.41 16.40 -2.39
CA HIS B 404 0.37 16.74 -1.19
C HIS B 404 1.63 15.85 -1.13
N GLY B 405 1.98 15.15 -2.20
CA GLY B 405 3.13 14.21 -2.18
C GLY B 405 2.98 13.04 -1.19
N THR B 406 3.96 12.16 -1.00
CA THR B 406 3.91 10.96 -0.20
C THR B 406 5.17 10.78 0.60
N GLU B 407 5.04 9.95 1.70
CA GLU B 407 6.15 9.68 2.49
C GLU B 407 7.26 9.04 1.53
N ASP B 408 8.51 9.43 1.64
CA ASP B 408 9.55 8.86 0.75
C ASP B 408 10.90 8.93 1.49
N GLU B 409 10.84 9.24 2.74
CA GLU B 409 11.94 9.36 3.58
C GLU B 409 12.90 8.23 3.73
N LEU B 410 12.47 7.00 3.78
CA LEU B 410 13.23 5.76 3.87
C LEU B 410 13.16 4.94 2.58
N PRO B 411 14.31 4.57 1.89
CA PRO B 411 14.47 3.64 0.78
C PRO B 411 13.88 2.28 1.15
N ASN B 412 13.25 1.63 0.14
CA ASN B 412 12.61 0.27 0.23
C ASN B 412 13.31 -0.63 -0.67
N TYR B 413 13.60 -1.84 -0.23
CA TYR B 413 14.46 -2.80 -0.96
C TYR B 413 13.83 -4.21 -1.08
N CYS B 414 14.10 -4.90 -2.21
CA CYS B 414 13.69 -6.38 -2.47
C CYS B 414 14.94 -7.32 -2.49
N PHE B 415 14.95 -8.53 -1.99
CA PHE B 415 16.20 -9.25 -1.86
C PHE B 415 15.98 -10.72 -2.40
N PRO B 416 17.03 -11.54 -2.76
CA PRO B 416 16.87 -12.91 -3.12
C PRO B 416 16.03 -13.85 -2.11
N LEU B 417 15.48 -14.98 -2.58
CA LEU B 417 14.77 -15.87 -1.68
C LEU B 417 15.54 -16.42 -0.45
N GLY B 418 16.82 -16.53 -0.65
CA GLY B 418 17.89 -17.03 0.15
C GLY B 418 18.57 -15.93 0.97
N GLY B 419 18.10 -14.69 0.79
CA GLY B 419 18.63 -13.53 1.49
C GLY B 419 19.87 -12.99 0.86
N VAL B 420 20.97 -13.80 0.95
CA VAL B 420 22.35 -13.59 0.59
C VAL B 420 22.56 -13.26 -0.92
N GLY B 421 22.06 -14.15 -1.86
CA GLY B 421 22.24 -13.97 -3.27
C GLY B 421 23.47 -14.74 -3.68
N ASN B 422 24.13 -14.31 -4.81
CA ASN B 422 25.26 -15.05 -5.31
C ASN B 422 26.58 -15.13 -4.46
N ASN B 423 27.27 -16.31 -4.42
CA ASN B 423 28.40 -16.59 -3.60
C ASN B 423 29.50 -17.24 -4.46
N SER B 424 30.76 -17.39 -3.95
CA SER B 424 31.98 -17.96 -4.59
C SER B 424 32.51 -19.02 -3.62
N THR B 425 33.33 -19.91 -4.14
CA THR B 425 33.96 -21.08 -3.38
C THR B 425 35.36 -20.70 -2.86
N TYR B 426 35.54 -21.05 -1.52
CA TYR B 426 36.69 -20.79 -0.68
C TYR B 426 37.19 -22.08 -0.11
N THR B 427 38.54 -22.21 -0.04
CA THR B 427 39.16 -23.27 0.77
C THR B 427 39.48 -22.64 2.15
N LYS B 428 39.40 -23.44 3.30
CA LYS B 428 39.91 -22.92 4.57
C LYS B 428 41.41 -22.90 4.56
N VAL B 429 41.94 -22.02 5.43
CA VAL B 429 43.31 -21.99 5.76
C VAL B 429 43.41 -21.86 7.24
N LYS B 430 44.50 -22.33 7.78
CA LYS B 430 44.94 -22.21 9.15
C LYS B 430 46.40 -21.56 9.34
N PRO B 431 46.74 -20.78 10.40
CA PRO B 431 47.98 -20.08 10.48
C PRO B 431 49.14 -20.94 10.98
N LYS B 432 50.34 -20.56 10.46
CA LYS B 432 51.57 -21.15 11.03
C LYS B 432 52.01 -20.30 12.16
N THR B 433 52.04 -20.89 13.39
CA THR B 433 52.17 -20.20 14.61
C THR B 433 53.43 -19.57 14.95
N GLY B 434 54.52 -20.06 14.30
CA GLY B 434 55.83 -19.51 14.47
C GLY B 434 56.23 -18.31 13.60
N GLN B 435 55.38 -17.97 12.65
CA GLN B 435 55.55 -16.93 11.70
C GLN B 435 54.56 -15.79 12.11
N GLU B 436 54.77 -14.57 11.61
CA GLU B 436 53.82 -13.48 11.79
C GLU B 436 52.73 -13.59 10.70
N ASN B 437 53.04 -14.27 9.58
CA ASN B 437 52.14 -14.25 8.41
C ASN B 437 52.38 -15.50 7.54
N GLY B 438 52.10 -16.69 8.04
CA GLY B 438 52.29 -17.99 7.37
C GLY B 438 51.02 -18.78 7.42
N TRP B 439 50.61 -19.40 6.35
CA TRP B 439 49.27 -20.01 6.34
C TRP B 439 49.51 -21.35 5.62
N GLU B 440 48.59 -22.28 5.97
CA GLU B 440 48.56 -23.65 5.56
C GLU B 440 47.14 -24.05 5.24
N LYS B 441 46.84 -24.78 4.11
CA LYS B 441 45.44 -25.15 3.73
C LYS B 441 44.95 -26.09 4.87
N ASP B 442 43.65 -25.93 5.15
CA ASP B 442 42.95 -26.86 5.99
C ASP B 442 41.87 -27.63 5.22
N ALA B 443 42.20 -28.92 4.96
CA ALA B 443 41.44 -29.88 4.25
C ALA B 443 41.26 -31.12 5.26
N THR B 444 41.20 -30.80 6.55
CA THR B 444 41.02 -31.86 7.59
C THR B 444 39.56 -32.42 7.59
N GLU B 445 38.65 -31.89 8.38
CA GLU B 445 37.29 -32.45 8.52
C GLU B 445 36.42 -31.43 7.75
N PHE B 446 37.02 -30.37 7.22
CA PHE B 446 36.26 -29.38 6.55
C PHE B 446 36.24 -29.51 5.02
N SER B 447 35.10 -29.18 4.34
CA SER B 447 34.97 -29.26 2.90
C SER B 447 35.90 -28.28 2.16
N ASP B 448 36.37 -28.58 0.91
CA ASP B 448 37.21 -27.78 0.00
C ASP B 448 36.27 -26.89 -0.84
N LYS B 449 34.93 -27.10 -0.81
CA LYS B 449 33.98 -26.28 -1.50
C LYS B 449 33.06 -25.37 -0.58
N ASN B 450 33.69 -24.44 0.17
CA ASN B 450 33.03 -23.57 1.14
C ASN B 450 32.47 -22.27 0.49
N GLU B 451 31.15 -22.03 0.71
CA GLU B 451 30.43 -20.94 0.23
C GLU B 451 30.66 -19.63 1.02
N ILE B 452 31.10 -18.54 0.39
CA ILE B 452 31.29 -17.19 1.03
C ILE B 452 30.83 -16.17 0.02
N ARG B 453 30.01 -15.18 0.54
CA ARG B 453 29.64 -13.97 -0.23
C ARG B 453 30.40 -12.78 0.47
N VAL B 454 31.29 -12.06 -0.25
CA VAL B 454 31.92 -10.90 0.37
C VAL B 454 31.00 -9.68 0.02
N GLY B 455 30.75 -8.87 1.07
CA GLY B 455 29.86 -7.70 0.90
C GLY B 455 28.49 -7.87 1.38
N ASN B 456 27.62 -6.92 1.03
CA ASN B 456 26.27 -7.01 1.47
C ASN B 456 25.51 -7.81 0.46
N ASN B 457 24.25 -8.30 0.74
CA ASN B 457 23.38 -9.10 -0.09
C ASN B 457 22.94 -8.37 -1.37
N PHE B 458 22.73 -9.10 -2.52
CA PHE B 458 22.19 -8.59 -3.75
C PHE B 458 20.82 -7.94 -3.63
N ALA B 459 20.59 -6.72 -4.16
CA ALA B 459 19.35 -6.08 -3.98
C ALA B 459 18.86 -5.27 -5.28
N MET B 460 17.53 -4.94 -5.28
CA MET B 460 16.98 -3.95 -6.10
C MET B 460 16.25 -3.01 -5.17
N GLU B 461 16.06 -1.68 -5.57
CA GLU B 461 15.51 -0.59 -4.68
C GLU B 461 14.28 -0.14 -5.44
N ILE B 462 13.23 0.26 -4.70
CA ILE B 462 11.98 0.75 -5.25
C ILE B 462 11.37 1.79 -4.30
N ASN B 463 10.75 2.79 -4.86
CA ASN B 463 9.95 3.71 -4.14
C ASN B 463 8.49 3.20 -4.17
N LEU B 464 7.87 2.63 -3.08
CA LEU B 464 6.50 2.04 -3.17
C LEU B 464 5.37 2.99 -3.52
N ASN B 465 5.37 4.12 -2.75
CA ASN B 465 4.30 5.16 -2.82
C ASN B 465 4.14 6.00 -4.08
N ALA B 466 5.31 6.35 -4.75
CA ALA B 466 5.26 6.82 -6.11
C ALA B 466 4.58 5.87 -7.19
N ASN B 467 4.84 4.56 -7.14
CA ASN B 467 4.25 3.53 -7.97
C ASN B 467 2.76 3.44 -7.71
N LEU B 468 2.38 3.48 -6.43
CA LEU B 468 0.99 3.50 -6.12
C LEU B 468 0.22 4.74 -6.58
N TRP B 469 0.82 5.92 -6.39
CA TRP B 469 0.35 7.20 -6.82
C TRP B 469 0.16 7.36 -8.27
N ARG B 470 1.22 6.97 -9.04
CA ARG B 470 1.15 6.93 -10.44
C ARG B 470 0.00 5.97 -10.88
N ASN B 471 -0.13 4.78 -10.27
CA ASN B 471 -1.21 3.86 -10.69
C ASN B 471 -2.57 4.52 -10.39
N PHE B 472 -2.83 5.20 -9.25
CA PHE B 472 -4.04 5.86 -8.83
C PHE B 472 -4.42 6.95 -9.87
N LEU B 473 -3.50 7.77 -10.21
CA LEU B 473 -3.70 8.89 -11.10
C LEU B 473 -4.17 8.39 -12.52
N TYR B 474 -3.54 7.32 -12.99
CA TYR B 474 -3.94 6.72 -14.22
C TYR B 474 -5.31 6.02 -14.22
N SER B 475 -5.60 5.31 -13.10
CA SER B 475 -6.76 4.39 -12.94
C SER B 475 -8.02 5.30 -12.86
N ASN B 476 -7.93 6.37 -11.98
CA ASN B 476 -9.11 7.18 -11.61
C ASN B 476 -9.29 8.51 -12.36
N ILE B 477 -8.29 8.98 -13.12
CA ILE B 477 -8.49 10.18 -13.80
C ILE B 477 -8.10 9.99 -15.25
N ALA B 478 -6.81 9.58 -15.56
CA ALA B 478 -6.24 9.54 -16.84
C ALA B 478 -7.02 8.78 -17.88
N LEU B 479 -7.55 7.57 -17.50
CA LEU B 479 -8.31 6.77 -18.41
C LEU B 479 -9.70 7.40 -18.78
N TYR B 480 -10.11 8.39 -17.99
CA TYR B 480 -11.43 9.01 -18.09
C TYR B 480 -11.37 10.42 -18.79
N LEU B 481 -10.15 10.74 -19.25
CA LEU B 481 -9.98 12.04 -20.10
C LEU B 481 -10.77 12.00 -21.41
N PRO B 482 -11.32 13.07 -21.90
CA PRO B 482 -11.94 13.24 -23.21
C PRO B 482 -11.26 12.55 -24.34
N ASP B 483 -11.99 12.00 -25.34
CA ASP B 483 -11.49 11.31 -26.53
C ASP B 483 -10.67 12.08 -27.54
N LYS B 484 -10.77 13.43 -27.59
CA LYS B 484 -9.84 14.24 -28.43
C LYS B 484 -8.37 14.20 -27.96
N LEU B 485 -8.17 13.80 -26.72
CA LEU B 485 -6.95 13.68 -26.03
C LEU B 485 -6.43 12.30 -26.04
N LYS B 486 -7.16 11.38 -26.65
CA LYS B 486 -6.78 9.98 -26.78
C LYS B 486 -6.25 9.82 -28.16
N TYR B 487 -5.77 8.57 -28.39
CA TYR B 487 -5.22 7.96 -29.65
C TYR B 487 -5.66 6.53 -29.83
N SER B 488 -5.51 5.95 -31.04
CA SER B 488 -5.99 4.56 -31.31
C SER B 488 -4.79 3.57 -31.38
N PRO B 489 -4.87 2.31 -30.93
CA PRO B 489 -3.73 1.48 -30.76
C PRO B 489 -2.90 1.23 -32.07
N SER B 490 -1.60 0.97 -31.92
CA SER B 490 -0.70 0.76 -32.99
C SER B 490 -0.74 -0.71 -33.36
N ASN B 491 -1.18 -0.98 -34.62
CA ASN B 491 -1.34 -2.21 -35.28
C ASN B 491 -2.54 -3.07 -34.77
N VAL B 492 -3.55 -2.46 -34.14
CA VAL B 492 -4.82 -3.18 -33.71
C VAL B 492 -6.10 -2.40 -34.13
N LYS B 493 -7.17 -3.25 -34.45
CA LYS B 493 -8.57 -2.92 -34.74
C LYS B 493 -9.32 -2.28 -33.52
N ILE B 494 -10.31 -1.44 -33.84
CA ILE B 494 -11.08 -0.69 -32.96
C ILE B 494 -12.43 -0.50 -33.64
N SER B 495 -13.46 -0.11 -32.81
CA SER B 495 -14.81 0.12 -33.35
C SER B 495 -14.95 1.33 -34.33
N ASP B 496 -15.88 1.13 -35.34
CA ASP B 496 -16.39 2.23 -36.20
C ASP B 496 -17.21 3.25 -35.37
N ASN B 497 -18.03 2.73 -34.46
CA ASN B 497 -18.92 3.50 -33.67
C ASN B 497 -18.25 4.00 -32.35
N PRO B 498 -18.09 5.27 -32.12
CA PRO B 498 -17.43 5.69 -30.88
C PRO B 498 -18.35 5.60 -29.62
N ASN B 499 -19.62 5.16 -29.68
CA ASN B 499 -20.68 5.10 -28.68
C ASN B 499 -20.67 3.71 -27.94
N THR B 500 -19.70 2.82 -28.31
CA THR B 500 -19.63 1.46 -27.91
C THR B 500 -18.70 1.21 -26.70
N TYR B 501 -18.89 0.13 -25.89
CA TYR B 501 -17.88 -0.23 -24.88
C TYR B 501 -16.49 -0.57 -25.43
N ASP B 502 -16.55 -1.22 -26.60
CA ASP B 502 -15.33 -1.62 -27.34
C ASP B 502 -14.42 -0.41 -27.74
N TYR B 503 -14.92 0.77 -28.21
CA TYR B 503 -14.18 1.96 -28.48
C TYR B 503 -13.58 2.62 -27.25
N MET B 504 -14.37 2.74 -26.18
CA MET B 504 -14.03 3.20 -24.83
C MET B 504 -13.03 2.26 -24.17
N ASN B 505 -13.01 0.92 -24.41
CA ASN B 505 -12.03 0.06 -23.80
C ASN B 505 -10.68 0.11 -24.54
N LYS B 506 -10.65 0.36 -25.84
CA LYS B 506 -9.42 0.29 -26.65
C LYS B 506 -8.68 1.67 -26.94
N ARG B 507 -9.36 2.83 -26.71
CA ARG B 507 -8.65 4.08 -26.90
C ARG B 507 -7.53 4.33 -25.86
N VAL B 508 -6.41 4.76 -26.39
CA VAL B 508 -5.15 4.76 -25.64
C VAL B 508 -4.87 6.18 -25.19
N VAL B 509 -4.68 6.43 -23.89
CA VAL B 509 -4.38 7.73 -23.32
C VAL B 509 -2.99 7.77 -22.82
N ALA B 510 -2.27 8.86 -23.07
CA ALA B 510 -0.91 9.04 -22.73
C ALA B 510 -0.70 9.26 -21.16
N PRO B 511 -0.06 8.41 -20.44
CA PRO B 511 0.04 8.51 -19.02
C PRO B 511 0.71 9.75 -18.55
N GLY B 512 1.60 10.37 -19.43
CA GLY B 512 2.35 11.53 -19.11
C GLY B 512 1.46 12.74 -18.84
N LEU B 513 0.11 12.65 -19.17
CA LEU B 513 -0.85 13.76 -19.07
C LEU B 513 -1.25 13.92 -17.58
N VAL B 514 -1.17 12.86 -16.82
CA VAL B 514 -1.47 12.85 -15.42
C VAL B 514 -0.28 12.16 -14.69
N ASP B 515 0.82 12.96 -14.48
CA ASP B 515 1.98 12.31 -13.88
C ASP B 515 2.03 12.86 -12.41
N CYS B 516 2.80 12.22 -11.49
CA CYS B 516 2.71 12.35 -10.04
C CYS B 516 2.73 13.77 -9.48
N TYR B 517 3.28 14.76 -10.16
CA TYR B 517 3.58 16.12 -9.83
C TYR B 517 2.58 17.14 -10.38
N ILE B 518 1.48 16.67 -11.01
CA ILE B 518 0.42 17.58 -11.44
C ILE B 518 -0.22 18.31 -10.25
N ASN B 519 -0.24 19.68 -10.30
CA ASN B 519 -0.79 20.66 -9.34
C ASN B 519 -0.22 20.41 -7.94
N LEU B 520 1.07 20.09 -7.87
CA LEU B 520 1.76 19.75 -6.61
C LEU B 520 1.77 20.99 -5.66
N GLY B 521 1.03 20.79 -4.46
CA GLY B 521 0.87 21.75 -3.39
C GLY B 521 -0.44 22.45 -3.45
N ALA B 522 -1.30 22.17 -4.48
CA ALA B 522 -2.56 22.76 -4.75
C ALA B 522 -3.71 21.71 -4.73
N ARG B 523 -4.89 22.28 -4.46
CA ARG B 523 -6.26 21.77 -4.44
C ARG B 523 -6.97 22.21 -5.67
N TRP B 524 -7.04 21.34 -6.73
CA TRP B 524 -7.52 21.81 -7.99
C TRP B 524 -8.02 20.59 -8.76
N SER B 525 -9.30 20.63 -9.30
CA SER B 525 -9.81 19.59 -10.19
C SER B 525 -9.26 19.85 -11.59
N LEU B 526 -9.03 18.71 -12.26
CA LEU B 526 -8.39 18.78 -13.64
C LEU B 526 -9.34 19.36 -14.69
N ASP B 527 -8.96 20.43 -15.43
CA ASP B 527 -9.79 21.26 -16.34
C ASP B 527 -10.41 20.43 -17.42
N TYR B 528 -9.69 19.44 -18.05
CA TYR B 528 -10.36 18.53 -18.95
C TYR B 528 -11.39 17.58 -18.32
N MET B 529 -11.40 17.40 -16.96
CA MET B 529 -12.35 16.49 -16.29
C MET B 529 -13.55 17.25 -15.71
N ASP B 530 -13.46 18.59 -15.60
CA ASP B 530 -14.50 19.49 -15.20
C ASP B 530 -15.73 19.49 -16.13
N ASN B 531 -15.55 19.33 -17.46
CA ASN B 531 -16.64 19.18 -18.46
C ASN B 531 -17.26 17.75 -18.49
N VAL B 532 -16.71 16.78 -17.73
CA VAL B 532 -16.98 15.41 -17.72
C VAL B 532 -17.73 15.05 -16.46
N ASN B 533 -18.86 14.23 -16.59
CA ASN B 533 -19.74 13.74 -15.56
C ASN B 533 -19.01 12.80 -14.53
N PRO B 534 -18.74 13.17 -13.34
CA PRO B 534 -17.93 12.28 -12.50
C PRO B 534 -18.73 11.15 -11.90
N PHE B 535 -20.06 11.18 -12.01
CA PHE B 535 -20.97 10.04 -11.61
C PHE B 535 -20.84 8.93 -12.65
N ASN B 536 -20.24 9.14 -13.82
CA ASN B 536 -19.98 8.13 -14.83
C ASN B 536 -18.51 7.69 -14.54
N HIS B 537 -18.35 6.88 -13.48
CA HIS B 537 -17.02 6.45 -13.01
C HIS B 537 -17.21 5.29 -12.12
N HIS B 538 -16.17 4.42 -11.90
CA HIS B 538 -16.30 3.10 -11.27
C HIS B 538 -16.19 3.14 -9.72
N ARG B 539 -15.81 4.30 -9.17
CA ARG B 539 -15.83 4.51 -7.75
C ARG B 539 -17.17 5.13 -7.25
N ASN B 540 -18.13 5.05 -8.13
CA ASN B 540 -19.54 5.17 -7.71
C ASN B 540 -19.99 3.99 -6.83
N ALA B 541 -19.87 4.14 -5.52
CA ALA B 541 -20.24 3.18 -4.47
C ALA B 541 -21.74 2.80 -4.52
N GLY B 542 -22.67 3.75 -4.78
CA GLY B 542 -24.06 3.51 -4.88
C GLY B 542 -24.46 2.71 -6.10
N LEU B 543 -24.07 3.13 -7.31
CA LEU B 543 -24.31 2.32 -8.49
C LEU B 543 -23.65 0.94 -8.41
N ARG B 544 -22.48 0.88 -7.82
CA ARG B 544 -21.71 -0.38 -7.57
C ARG B 544 -22.49 -1.29 -6.67
N TYR B 545 -23.04 -0.75 -5.60
CA TYR B 545 -23.91 -1.44 -4.71
C TYR B 545 -25.16 -1.90 -5.42
N ARG B 546 -25.80 -1.13 -6.32
CA ARG B 546 -27.05 -1.57 -6.99
C ARG B 546 -26.74 -2.70 -8.05
N SER B 547 -25.52 -2.71 -8.63
CA SER B 547 -25.04 -3.77 -9.49
C SER B 547 -24.75 -5.05 -8.75
N MET B 548 -24.21 -4.95 -7.52
CA MET B 548 -23.93 -6.09 -6.76
C MET B 548 -25.13 -6.68 -6.00
N LEU B 549 -26.25 -5.84 -5.89
CA LEU B 549 -27.58 -6.34 -5.59
C LEU B 549 -28.13 -7.31 -6.65
N LEU B 550 -27.68 -7.07 -7.90
CA LEU B 550 -27.96 -7.95 -8.97
C LEU B 550 -27.01 -9.25 -9.15
N GLY B 551 -25.68 -9.05 -8.99
CA GLY B 551 -24.77 -10.14 -8.97
C GLY B 551 -23.62 -10.00 -9.95
N ASN B 552 -22.67 -10.92 -9.93
CA ASN B 552 -21.42 -10.94 -10.62
C ASN B 552 -21.43 -11.53 -12.03
N GLY B 553 -22.60 -12.10 -12.46
CA GLY B 553 -22.85 -12.62 -13.78
C GLY B 553 -23.95 -11.81 -14.58
N ARG B 554 -23.93 -11.89 -15.96
CA ARG B 554 -24.83 -11.18 -16.80
C ARG B 554 -26.33 -11.51 -16.78
N TYR B 555 -26.71 -12.74 -16.42
CA TYR B 555 -28.09 -13.18 -16.40
C TYR B 555 -28.57 -13.05 -15.01
N VAL B 556 -29.57 -12.18 -14.87
CA VAL B 556 -30.20 -11.87 -13.57
C VAL B 556 -31.66 -12.32 -13.70
N PRO B 557 -32.24 -13.20 -12.87
CA PRO B 557 -33.63 -13.42 -12.76
C PRO B 557 -34.19 -12.56 -11.66
N PHE B 558 -34.66 -11.32 -12.02
CA PHE B 558 -34.99 -10.28 -11.04
C PHE B 558 -36.25 -10.50 -10.30
N HIS B 559 -36.40 -9.74 -9.20
CA HIS B 559 -37.52 -9.77 -8.28
C HIS B 559 -37.66 -8.41 -7.53
N ILE B 560 -38.25 -7.40 -8.24
CA ILE B 560 -38.24 -6.02 -7.78
C ILE B 560 -39.60 -5.62 -7.32
N GLN B 561 -39.69 -4.62 -6.45
CA GLN B 561 -40.91 -4.04 -5.90
C GLN B 561 -40.87 -2.54 -6.30
N VAL B 562 -41.79 -2.04 -7.15
CA VAL B 562 -41.65 -0.74 -7.77
C VAL B 562 -42.68 0.23 -7.18
N PRO B 563 -42.36 1.41 -6.55
CA PRO B 563 -43.43 2.23 -5.94
C PRO B 563 -44.19 3.18 -6.91
N GLN B 564 -45.14 3.95 -6.33
CA GLN B 564 -45.84 5.07 -6.94
C GLN B 564 -45.19 6.43 -6.55
N LYS B 565 -44.82 7.28 -7.57
CA LYS B 565 -44.03 8.54 -7.24
C LYS B 565 -44.77 9.85 -7.40
N PHE B 566 -45.97 9.85 -8.04
CA PHE B 566 -46.73 11.08 -8.12
C PHE B 566 -47.24 11.64 -6.71
N PHE B 567 -47.13 12.97 -6.58
CA PHE B 567 -47.35 13.51 -5.28
C PHE B 567 -48.78 13.22 -4.65
N ALA B 568 -49.81 13.42 -5.43
CA ALA B 568 -51.16 13.38 -5.02
C ALA B 568 -51.66 12.01 -4.80
N ILE B 569 -51.21 11.07 -5.73
CA ILE B 569 -51.69 9.74 -5.67
C ILE B 569 -50.97 9.01 -4.57
N LYS B 570 -49.74 9.38 -4.25
CA LYS B 570 -49.02 8.50 -3.34
C LYS B 570 -49.37 8.83 -1.82
N ASN B 571 -49.93 10.04 -1.51
CA ASN B 571 -50.23 10.38 -0.13
C ASN B 571 -51.84 10.39 0.14
N LEU B 572 -52.65 9.99 -0.87
CA LEU B 572 -54.12 9.86 -0.94
C LEU B 572 -54.62 8.70 -0.03
N LEU B 573 -55.75 9.01 0.72
CA LEU B 573 -56.44 8.02 1.58
C LEU B 573 -57.66 7.58 0.82
N LEU B 574 -57.65 6.31 0.30
CA LEU B 574 -58.65 5.81 -0.65
C LEU B 574 -59.76 5.06 0.13
N LEU B 575 -60.95 5.55 -0.12
CA LEU B 575 -62.24 5.21 0.47
C LEU B 575 -63.01 4.11 -0.40
N PRO B 576 -63.94 3.17 0.09
CA PRO B 576 -64.58 2.06 -0.56
C PRO B 576 -64.98 2.17 -2.04
N GLY B 577 -64.90 1.05 -2.82
CA GLY B 577 -65.18 0.91 -4.26
C GLY B 577 -63.99 0.23 -4.83
N SER B 578 -64.16 -0.04 -6.13
CA SER B 578 -63.08 -0.55 -6.93
C SER B 578 -62.65 0.48 -7.91
N TYR B 579 -61.35 0.47 -8.36
CA TYR B 579 -60.79 1.54 -9.17
C TYR B 579 -59.89 0.89 -10.26
N THR B 580 -59.90 1.36 -11.57
CA THR B 580 -58.95 0.86 -12.59
C THR B 580 -57.62 1.61 -12.40
N TYR B 581 -56.59 0.83 -12.17
CA TYR B 581 -55.27 1.27 -11.94
C TYR B 581 -54.44 0.65 -12.96
N GLU B 582 -54.11 1.47 -13.95
CA GLU B 582 -53.33 1.06 -15.11
C GLU B 582 -52.05 1.90 -15.31
N TRP B 583 -50.86 1.32 -15.60
CA TRP B 583 -49.78 2.25 -15.86
C TRP B 583 -48.91 1.72 -17.00
N ASN B 584 -48.02 2.54 -17.57
CA ASN B 584 -47.23 2.15 -18.69
C ASN B 584 -45.75 1.95 -18.20
N PHE B 585 -45.13 0.81 -18.52
CA PHE B 585 -43.85 0.40 -18.05
C PHE B 585 -42.85 0.25 -19.23
N ARG B 586 -41.65 0.87 -19.02
CA ARG B 586 -40.64 0.75 -20.08
C ARG B 586 -39.86 -0.63 -20.22
N LYS B 587 -39.34 -0.87 -21.38
CA LYS B 587 -38.34 -1.94 -21.62
C LYS B 587 -37.08 -1.34 -22.34
N ASP B 588 -37.03 -0.01 -22.55
CA ASP B 588 -35.80 0.60 -23.12
C ASP B 588 -34.50 0.56 -22.29
N VAL B 589 -33.51 -0.28 -22.71
CA VAL B 589 -32.34 -0.60 -21.92
C VAL B 589 -31.53 0.57 -21.48
N ASN B 590 -31.38 1.61 -22.31
CA ASN B 590 -30.68 2.85 -21.97
C ASN B 590 -31.46 3.66 -20.92
N MET B 591 -32.77 3.40 -20.69
CA MET B 591 -33.62 4.13 -19.77
C MET B 591 -33.73 3.37 -18.51
N VAL B 592 -34.05 2.00 -18.56
CA VAL B 592 -34.10 1.24 -17.30
C VAL B 592 -32.81 0.84 -16.60
N LEU B 593 -31.73 0.63 -17.37
CA LEU B 593 -30.41 0.39 -16.84
C LEU B 593 -29.45 1.60 -16.91
N GLN B 594 -28.44 1.53 -16.06
CA GLN B 594 -27.43 2.57 -15.96
C GLN B 594 -26.04 1.92 -15.94
N SER B 595 -25.10 2.41 -16.69
CA SER B 595 -23.76 1.97 -16.78
C SER B 595 -22.71 3.03 -16.36
N SER B 596 -21.54 2.57 -15.92
CA SER B 596 -20.53 3.49 -15.37
C SER B 596 -19.84 4.29 -16.52
N LEU B 597 -19.65 3.59 -17.67
CA LEU B 597 -19.02 4.21 -18.87
C LEU B 597 -20.04 4.91 -19.78
N GLY B 598 -21.33 4.64 -19.64
CA GLY B 598 -22.40 5.36 -20.44
C GLY B 598 -22.49 5.02 -21.91
N ASN B 599 -22.17 3.77 -22.27
CA ASN B 599 -22.27 3.22 -23.66
C ASN B 599 -23.66 2.70 -24.04
N ASP B 600 -23.84 2.53 -25.37
CA ASP B 600 -25.06 1.98 -25.90
C ASP B 600 -25.09 0.42 -25.62
N LEU B 601 -25.98 0.00 -24.73
CA LEU B 601 -26.36 -1.27 -24.36
C LEU B 601 -27.25 -1.98 -25.41
N ARG B 602 -27.98 -1.27 -26.26
CA ARG B 602 -28.73 -1.77 -27.42
C ARG B 602 -27.86 -2.43 -28.51
N VAL B 603 -26.87 -1.62 -28.91
CA VAL B 603 -25.93 -1.97 -29.99
C VAL B 603 -25.02 -3.14 -29.67
N ASP B 604 -24.61 -3.14 -28.36
CA ASP B 604 -23.65 -4.19 -27.90
C ASP B 604 -24.44 -5.44 -27.42
N GLY B 605 -25.80 -5.52 -27.24
CA GLY B 605 -26.44 -6.89 -27.22
C GLY B 605 -27.21 -7.22 -25.96
N ALA B 606 -27.57 -6.24 -25.17
CA ALA B 606 -28.35 -6.45 -23.99
C ALA B 606 -29.87 -6.67 -24.25
N SER B 607 -30.59 -7.40 -23.39
CA SER B 607 -32.00 -7.63 -23.62
C SER B 607 -32.72 -7.98 -22.34
N ILE B 608 -34.00 -7.61 -22.21
CA ILE B 608 -34.72 -7.61 -20.98
C ILE B 608 -36.17 -8.19 -21.22
N LYS B 609 -36.69 -9.04 -20.31
CA LYS B 609 -37.92 -9.69 -20.36
C LYS B 609 -38.71 -9.66 -19.02
N PHE B 610 -40.00 -9.26 -19.20
CA PHE B 610 -40.83 -8.96 -18.04
C PHE B 610 -41.83 -10.06 -17.92
N ASP B 611 -41.80 -10.91 -16.85
CA ASP B 611 -42.69 -12.03 -16.69
C ASP B 611 -43.88 -11.58 -15.88
N SER B 612 -43.93 -11.74 -14.55
CA SER B 612 -45.08 -11.39 -13.72
C SER B 612 -45.12 -9.99 -13.20
N ILE B 613 -46.36 -9.46 -13.15
CA ILE B 613 -46.50 -8.13 -12.58
C ILE B 613 -47.74 -8.32 -11.66
N CYS B 614 -47.62 -7.90 -10.39
CA CYS B 614 -48.65 -8.09 -9.37
C CYS B 614 -48.75 -6.95 -8.44
N LEU B 615 -49.87 -6.35 -8.18
CA LEU B 615 -49.92 -5.21 -7.31
C LEU B 615 -50.33 -5.53 -5.88
N TYR B 616 -49.67 -4.95 -4.85
CA TYR B 616 -49.83 -5.17 -3.44
C TYR B 616 -50.33 -3.90 -2.85
N ALA B 617 -51.27 -4.04 -1.85
CA ALA B 617 -51.87 -2.89 -1.14
C ALA B 617 -51.97 -3.35 0.35
N THR B 618 -51.66 -2.46 1.35
CA THR B 618 -51.63 -2.71 2.76
C THR B 618 -52.81 -1.88 3.36
N PHE B 619 -53.59 -2.49 4.23
CA PHE B 619 -54.80 -1.85 4.77
C PHE B 619 -54.70 -1.69 6.27
N PHE B 620 -55.27 -0.60 6.85
CA PHE B 620 -55.28 -0.53 8.25
C PHE B 620 -56.45 -1.40 8.89
N PRO B 621 -56.27 -2.19 9.92
CA PRO B 621 -57.31 -3.16 10.39
C PRO B 621 -58.38 -2.47 11.20
N MET B 622 -58.93 -1.26 10.71
CA MET B 622 -59.81 -0.44 11.51
C MET B 622 -61.27 -1.08 11.80
N ALA B 623 -61.82 -0.85 13.02
CA ALA B 623 -63.11 -1.34 13.47
C ALA B 623 -64.17 -0.59 12.63
N HIS B 624 -65.27 -1.22 12.27
CA HIS B 624 -66.20 -0.72 11.27
C HIS B 624 -66.89 0.55 11.65
N ASN B 625 -67.35 0.66 12.90
CA ASN B 625 -67.98 1.79 13.44
C ASN B 625 -67.14 3.10 13.47
N THR B 626 -65.87 3.02 13.89
CA THR B 626 -64.88 4.02 13.85
C THR B 626 -64.50 4.32 12.39
N ALA B 627 -64.35 3.28 11.53
CA ALA B 627 -64.09 3.42 10.10
C ALA B 627 -65.18 4.12 9.39
N SER B 628 -66.48 3.83 9.71
CA SER B 628 -67.67 4.58 9.22
C SER B 628 -67.62 6.06 9.70
N THR B 629 -67.30 6.32 10.95
CA THR B 629 -67.22 7.70 11.48
C THR B 629 -66.19 8.44 10.73
N LEU B 630 -65.02 7.82 10.42
CA LEU B 630 -63.98 8.38 9.70
C LEU B 630 -64.38 8.65 8.20
N GLU B 631 -65.07 7.68 7.51
CA GLU B 631 -65.64 7.82 6.14
C GLU B 631 -66.58 9.03 6.02
N ALA B 632 -67.51 9.10 7.00
CA ALA B 632 -68.56 10.13 7.07
C ALA B 632 -67.91 11.48 7.11
N MET B 633 -66.81 11.76 7.83
CA MET B 633 -66.26 13.05 7.79
C MET B 633 -65.65 13.50 6.53
N LEU B 634 -65.00 12.54 5.90
CA LEU B 634 -64.20 12.64 4.66
C LEU B 634 -65.11 12.70 3.40
N ARG B 635 -66.42 12.35 3.52
CA ARG B 635 -67.39 12.47 2.47
C ARG B 635 -67.96 13.85 2.31
N ASN B 636 -67.65 14.72 3.28
CA ASN B 636 -68.20 16.01 3.37
C ASN B 636 -67.45 17.11 2.56
N ASP B 637 -68.08 18.19 2.15
CA ASP B 637 -67.48 19.18 1.25
C ASP B 637 -66.23 19.95 1.73
N THR B 638 -66.28 20.50 2.99
CA THR B 638 -65.13 21.22 3.63
C THR B 638 -63.91 20.41 3.89
N ASN B 639 -64.11 19.06 3.86
CA ASN B 639 -63.12 18.09 4.24
C ASN B 639 -62.59 17.45 2.99
N ASP B 640 -62.54 18.14 1.76
CA ASP B 640 -61.89 17.49 0.61
C ASP B 640 -60.39 17.39 0.82
N GLN B 641 -59.71 16.41 0.19
CA GLN B 641 -58.28 16.25 0.30
C GLN B 641 -57.67 17.33 -0.61
N SER B 642 -56.53 17.89 -0.08
CA SER B 642 -55.76 18.82 -0.83
C SER B 642 -54.29 18.48 -0.94
N PHE B 643 -53.70 18.59 -2.15
CA PHE B 643 -52.34 18.22 -2.42
C PHE B 643 -51.68 19.33 -3.26
N ASN B 644 -50.33 19.34 -3.32
CA ASN B 644 -49.56 20.14 -4.29
C ASN B 644 -48.20 19.42 -4.51
N ASP B 645 -47.57 19.58 -5.69
CA ASP B 645 -46.18 19.10 -5.91
C ASP B 645 -45.24 19.76 -4.93
N TYR B 646 -44.28 18.94 -4.33
CA TYR B 646 -43.34 19.50 -3.38
C TYR B 646 -42.41 20.48 -4.17
N LEU B 647 -41.94 20.11 -5.38
CA LEU B 647 -41.17 21.02 -6.19
C LEU B 647 -42.02 22.21 -6.71
N SER B 648 -43.05 21.89 -7.50
CA SER B 648 -43.96 22.90 -8.02
C SER B 648 -43.29 23.90 -8.94
N ALA B 649 -43.18 23.51 -10.23
CA ALA B 649 -42.55 24.28 -11.19
C ALA B 649 -42.90 23.81 -12.58
N ALA B 650 -42.74 24.73 -13.59
CA ALA B 650 -42.78 24.39 -15.01
C ALA B 650 -41.40 24.35 -15.46
N ASN B 651 -40.93 23.30 -16.08
CA ASN B 651 -39.54 23.05 -16.51
C ASN B 651 -39.32 23.34 -18.04
N MET B 652 -38.22 24.02 -18.45
CA MET B 652 -37.89 24.34 -19.82
C MET B 652 -36.52 24.15 -20.17
N LEU B 653 -36.26 23.57 -21.38
CA LEU B 653 -34.87 23.28 -21.80
C LEU B 653 -34.69 24.08 -23.07
N TYR B 654 -33.69 24.99 -23.11
CA TYR B 654 -33.39 25.79 -24.29
C TYR B 654 -32.01 25.41 -24.96
N PRO B 655 -31.96 25.12 -26.28
CA PRO B 655 -30.74 24.78 -26.97
C PRO B 655 -29.60 25.83 -26.91
N ILE B 656 -28.36 25.45 -26.56
CA ILE B 656 -27.09 26.27 -26.40
C ILE B 656 -26.11 25.82 -27.47
N PRO B 657 -25.91 26.63 -28.54
CA PRO B 657 -25.15 26.23 -29.69
C PRO B 657 -23.67 26.18 -29.28
N ALA B 658 -22.82 25.37 -29.94
CA ALA B 658 -21.46 25.24 -29.58
C ALA B 658 -20.63 26.47 -29.80
N ASN B 659 -19.70 26.74 -28.88
CA ASN B 659 -18.75 27.79 -28.80
C ASN B 659 -19.42 29.20 -28.69
N ALA B 660 -20.66 29.30 -28.12
CA ALA B 660 -21.39 30.55 -27.88
C ALA B 660 -21.54 30.94 -26.40
N THR B 661 -21.39 32.26 -26.11
CA THR B 661 -21.48 32.82 -24.76
C THR B 661 -22.86 33.35 -24.23
N ASN B 662 -23.65 33.89 -25.19
CA ASN B 662 -24.87 34.61 -24.96
C ASN B 662 -26.04 33.71 -25.31
N VAL B 663 -26.93 33.50 -24.34
CA VAL B 663 -28.12 32.74 -24.35
C VAL B 663 -29.31 33.65 -23.97
N PRO B 664 -29.99 34.12 -24.97
CA PRO B 664 -31.21 34.89 -24.73
C PRO B 664 -32.50 33.98 -24.79
N ILE B 665 -33.39 34.28 -23.83
CA ILE B 665 -34.74 33.65 -23.94
C ILE B 665 -35.86 34.59 -23.48
N SER B 666 -37.07 34.40 -24.04
CA SER B 666 -38.19 35.36 -23.81
C SER B 666 -39.52 34.63 -23.81
N ILE B 667 -40.34 35.12 -22.93
CA ILE B 667 -41.71 34.62 -22.65
C ILE B 667 -42.67 35.72 -23.07
N PRO B 668 -43.74 35.47 -23.85
CA PRO B 668 -44.68 36.54 -24.26
C PRO B 668 -45.40 37.06 -23.06
N SER B 669 -46.03 38.23 -23.16
CA SER B 669 -46.72 38.86 -22.00
C SER B 669 -47.76 38.03 -21.33
N ARG B 670 -47.78 37.94 -19.95
CA ARG B 670 -48.70 37.14 -19.21
C ARG B 670 -48.85 37.57 -17.73
N ASN B 671 -49.63 36.89 -16.94
CA ASN B 671 -49.92 37.23 -15.58
C ASN B 671 -48.93 36.50 -14.67
N TRP B 672 -48.34 37.12 -13.63
CA TRP B 672 -47.32 36.58 -12.70
C TRP B 672 -47.76 36.47 -11.23
N ALA B 673 -49.06 36.30 -11.04
CA ALA B 673 -49.63 36.05 -9.77
C ALA B 673 -49.13 34.78 -9.00
N ALA B 674 -48.47 34.96 -7.86
CA ALA B 674 -48.04 33.86 -7.01
C ALA B 674 -46.85 33.18 -7.66
N PHE B 675 -46.09 33.88 -8.55
CA PHE B 675 -44.77 33.43 -8.96
C PHE B 675 -43.82 33.27 -7.79
N ARG B 676 -43.25 32.09 -7.70
CA ARG B 676 -42.31 31.78 -6.54
C ARG B 676 -40.80 32.07 -6.83
N GLY B 677 -40.27 31.86 -8.06
CA GLY B 677 -38.90 32.14 -8.35
C GLY B 677 -38.31 31.30 -9.44
N TRP B 678 -37.04 31.52 -9.64
CA TRP B 678 -36.26 30.76 -10.66
C TRP B 678 -35.34 29.81 -10.00
N ALA B 679 -35.08 28.68 -10.68
CA ALA B 679 -33.97 27.83 -10.47
C ALA B 679 -33.52 27.36 -11.83
N PHE B 680 -32.21 27.19 -11.96
CA PHE B 680 -31.63 26.88 -13.24
C PHE B 680 -30.30 26.12 -13.15
N THR B 681 -30.05 25.31 -14.15
CA THR B 681 -28.70 24.65 -14.34
C THR B 681 -28.52 24.46 -15.90
N ARG B 682 -27.51 23.74 -16.36
CA ARG B 682 -27.16 23.46 -17.65
C ARG B 682 -26.97 21.96 -17.86
N LEU B 683 -27.40 21.39 -18.99
CA LEU B 683 -27.31 19.95 -19.34
C LEU B 683 -26.55 19.73 -20.66
N LYS B 684 -26.17 18.51 -21.01
CA LYS B 684 -25.72 18.03 -22.26
C LYS B 684 -26.76 17.29 -23.02
N THR B 685 -26.87 17.58 -24.29
CA THR B 685 -27.86 16.92 -25.23
C THR B 685 -27.64 15.39 -25.23
N LYS B 686 -26.33 14.94 -25.00
CA LYS B 686 -25.88 13.59 -24.92
C LYS B 686 -26.49 12.83 -23.80
N GLU B 687 -26.58 13.54 -22.61
CA GLU B 687 -27.03 12.97 -21.34
C GLU B 687 -28.48 13.30 -21.19
N THR B 688 -29.18 13.87 -22.18
CA THR B 688 -30.58 14.33 -22.00
C THR B 688 -31.51 13.65 -23.07
N PRO B 689 -32.23 12.54 -22.70
CA PRO B 689 -33.17 11.76 -23.50
C PRO B 689 -34.31 12.73 -23.94
N SER B 690 -34.81 12.60 -25.14
CA SER B 690 -35.84 13.45 -25.77
C SER B 690 -37.29 13.29 -25.24
N LEU B 691 -37.83 14.36 -24.54
CA LEU B 691 -39.14 14.31 -23.91
C LEU B 691 -40.38 13.99 -24.75
N GLY B 692 -41.28 13.09 -24.24
CA GLY B 692 -42.50 12.77 -24.88
C GLY B 692 -42.47 12.01 -26.16
N SER B 693 -41.28 11.32 -26.47
CA SER B 693 -41.05 10.64 -27.70
C SER B 693 -41.47 9.16 -27.87
N GLY B 694 -41.79 8.42 -26.72
CA GLY B 694 -41.85 6.96 -26.65
C GLY B 694 -40.49 6.26 -26.47
N TYR B 695 -39.59 6.29 -27.48
CA TYR B 695 -38.36 5.63 -27.52
C TYR B 695 -37.46 6.43 -28.43
N ASP B 696 -36.17 6.70 -28.24
CA ASP B 696 -35.31 7.44 -29.27
C ASP B 696 -34.22 6.55 -29.80
N PRO B 697 -34.16 6.17 -31.11
CA PRO B 697 -33.13 5.28 -31.63
C PRO B 697 -31.71 6.02 -31.62
N TYR B 698 -31.71 7.35 -31.45
CA TYR B 698 -30.52 8.13 -31.40
C TYR B 698 -30.18 8.48 -29.94
N TYR B 699 -30.76 7.84 -28.93
CA TYR B 699 -30.38 8.09 -27.55
C TYR B 699 -29.27 7.06 -27.32
N THR B 700 -28.02 7.40 -27.53
CA THR B 700 -26.79 6.58 -27.51
C THR B 700 -26.00 6.43 -26.21
N TYR B 701 -26.69 6.63 -25.10
CA TYR B 701 -26.07 6.91 -23.82
C TYR B 701 -26.72 6.16 -22.61
N SER B 702 -26.04 5.84 -21.48
CA SER B 702 -26.70 5.21 -20.36
C SER B 702 -26.05 5.51 -18.98
N GLY B 703 -25.42 6.68 -18.88
CA GLY B 703 -24.95 7.25 -17.53
C GLY B 703 -26.13 7.86 -16.70
N SER B 704 -25.83 8.71 -15.74
CA SER B 704 -26.72 9.43 -14.84
C SER B 704 -27.49 10.52 -15.59
N ILE B 705 -28.77 10.82 -15.24
CA ILE B 705 -29.58 11.87 -15.96
C ILE B 705 -29.94 12.97 -14.89
N PRO B 706 -29.23 14.11 -14.87
CA PRO B 706 -29.42 15.25 -13.95
C PRO B 706 -30.88 15.71 -13.95
N TYR B 707 -31.48 15.74 -15.20
CA TYR B 707 -32.91 16.12 -15.35
C TYR B 707 -33.84 15.31 -14.43
N LEU B 708 -33.54 14.07 -14.20
CA LEU B 708 -34.34 13.27 -13.35
C LEU B 708 -33.82 12.95 -11.88
N ASP B 709 -32.52 12.55 -11.78
CA ASP B 709 -31.82 12.17 -10.52
C ASP B 709 -31.11 13.31 -9.82
N GLY B 710 -30.93 14.60 -10.39
CA GLY B 710 -30.18 15.56 -9.58
C GLY B 710 -28.64 15.51 -9.62
N THR B 711 -28.10 14.96 -10.73
CA THR B 711 -26.60 14.81 -10.83
C THR B 711 -25.95 16.02 -11.56
N PHE B 712 -26.46 17.22 -11.21
CA PHE B 712 -26.03 18.54 -11.74
C PHE B 712 -24.47 18.78 -11.52
N TYR B 713 -23.85 19.35 -12.54
CA TYR B 713 -22.42 19.56 -12.42
C TYR B 713 -21.93 20.72 -13.27
N LEU B 714 -22.68 21.23 -14.23
CA LEU B 714 -22.35 22.32 -15.17
C LEU B 714 -22.61 23.68 -14.51
N ASN B 715 -22.86 23.74 -13.21
CA ASN B 715 -23.11 24.96 -12.45
C ASN B 715 -21.92 26.05 -12.48
N HIS B 716 -20.72 25.62 -12.49
CA HIS B 716 -19.48 26.40 -12.56
C HIS B 716 -19.38 27.12 -13.89
N THR B 717 -20.11 26.65 -14.91
CA THR B 717 -20.00 27.18 -16.30
C THR B 717 -20.88 28.38 -16.50
N PHE B 718 -21.53 28.88 -15.45
CA PHE B 718 -22.29 30.18 -15.46
C PHE B 718 -21.43 31.42 -15.19
N LYS B 719 -21.60 32.52 -15.93
CA LYS B 719 -20.83 33.73 -15.79
C LYS B 719 -21.72 34.93 -15.25
N LYS B 720 -22.92 35.25 -15.81
CA LYS B 720 -23.81 36.32 -15.18
C LYS B 720 -25.27 36.20 -15.81
N VAL B 721 -26.31 36.68 -15.08
CA VAL B 721 -27.65 36.53 -15.63
C VAL B 721 -28.30 37.92 -15.63
N ALA B 722 -28.95 38.39 -16.69
CA ALA B 722 -29.58 39.67 -16.73
C ALA B 722 -31.08 39.55 -16.99
N ILE B 723 -31.95 39.89 -15.98
CA ILE B 723 -33.44 39.78 -16.11
C ILE B 723 -34.00 41.17 -16.42
N THR B 724 -34.73 41.36 -17.55
CA THR B 724 -35.45 42.56 -18.02
C THR B 724 -36.94 42.20 -18.43
N PHE B 725 -37.86 42.54 -17.60
CA PHE B 725 -39.31 42.58 -17.91
C PHE B 725 -39.72 43.74 -18.75
N ASP B 726 -40.78 43.53 -19.58
CA ASP B 726 -41.37 44.52 -20.54
C ASP B 726 -40.31 45.38 -21.31
N SER B 727 -40.48 46.73 -21.37
CA SER B 727 -39.68 47.71 -22.08
C SER B 727 -38.38 47.94 -21.42
N SER B 728 -37.55 46.88 -21.10
CA SER B 728 -36.25 47.02 -20.41
C SER B 728 -36.17 47.36 -18.92
N VAL B 729 -37.11 46.77 -18.18
CA VAL B 729 -37.25 47.05 -16.72
C VAL B 729 -36.54 45.92 -16.01
N SER B 730 -35.38 46.29 -15.45
CA SER B 730 -34.46 45.28 -15.00
C SER B 730 -34.93 44.74 -13.64
N TRP B 731 -34.80 43.43 -13.25
CA TRP B 731 -35.08 42.94 -11.92
C TRP B 731 -33.77 42.32 -11.31
N PRO B 732 -33.48 42.51 -10.02
CA PRO B 732 -34.36 43.17 -9.03
C PRO B 732 -34.47 44.69 -9.20
N GLY B 733 -33.48 45.33 -9.71
CA GLY B 733 -33.51 46.78 -9.91
C GLY B 733 -33.40 47.64 -8.63
N ASN B 734 -33.60 49.03 -8.82
CA ASN B 734 -33.72 49.97 -7.68
C ASN B 734 -32.49 49.99 -6.77
N ASP B 735 -31.29 49.78 -7.32
CA ASP B 735 -29.95 49.86 -6.77
C ASP B 735 -29.73 49.23 -5.39
N ARG B 736 -29.63 47.87 -5.41
CA ARG B 736 -29.59 47.06 -4.20
C ARG B 736 -28.14 46.46 -4.04
N LEU B 737 -27.64 45.85 -5.07
CA LEU B 737 -26.38 45.17 -5.06
C LEU B 737 -25.25 46.04 -5.64
N LEU B 738 -24.01 45.64 -5.51
CA LEU B 738 -22.87 46.42 -6.07
C LEU B 738 -22.90 46.68 -7.58
N THR B 739 -23.51 45.66 -8.30
CA THR B 739 -23.93 45.78 -9.65
C THR B 739 -25.40 45.31 -9.62
N PRO B 740 -26.40 46.13 -9.98
CA PRO B 740 -27.75 45.77 -9.58
C PRO B 740 -28.63 45.42 -10.79
N ASN B 741 -28.21 45.57 -12.05
CA ASN B 741 -29.11 45.33 -13.20
C ASN B 741 -29.21 43.79 -13.50
N GLU B 742 -28.08 43.12 -13.16
CA GLU B 742 -27.85 41.73 -13.49
C GLU B 742 -27.03 40.98 -12.34
N PHE B 743 -27.29 39.71 -12.22
CA PHE B 743 -26.59 38.90 -11.21
C PHE B 743 -25.25 38.43 -11.78
N GLU B 744 -24.06 38.99 -11.37
CA GLU B 744 -22.87 38.54 -11.87
C GLU B 744 -22.40 37.40 -10.98
N ILE B 745 -22.40 36.17 -11.47
CA ILE B 745 -21.95 34.91 -10.76
C ILE B 745 -20.45 34.97 -10.58
N LYS B 746 -19.74 35.24 -11.67
CA LYS B 746 -18.31 35.37 -11.61
C LYS B 746 -17.70 36.40 -12.51
N ARG B 747 -16.44 36.76 -12.17
CA ARG B 747 -15.69 37.71 -12.99
C ARG B 747 -14.22 37.43 -13.02
N SER B 748 -13.58 37.48 -14.27
CA SER B 748 -12.15 37.30 -14.36
C SER B 748 -11.55 38.67 -13.90
N VAL B 749 -10.63 38.69 -12.90
CA VAL B 749 -9.86 39.88 -12.42
C VAL B 749 -10.75 40.94 -11.77
N ASP B 750 -10.52 41.18 -10.49
CA ASP B 750 -11.15 42.33 -9.88
C ASP B 750 -10.00 43.24 -9.34
N GLY B 751 -10.28 44.58 -9.45
CA GLY B 751 -9.43 45.48 -8.77
C GLY B 751 -10.28 46.32 -7.82
N GLU B 752 -11.61 46.30 -8.06
CA GLU B 752 -12.69 46.83 -7.31
C GLU B 752 -12.70 46.18 -5.94
N GLY B 753 -12.36 44.90 -5.78
CA GLY B 753 -12.70 44.14 -4.48
C GLY B 753 -14.11 43.62 -4.31
N TYR B 754 -14.61 43.02 -5.41
CA TYR B 754 -15.96 42.55 -5.47
C TYR B 754 -16.00 41.05 -5.44
N ASN B 755 -14.94 40.26 -5.53
CA ASN B 755 -14.98 38.86 -5.29
C ASN B 755 -14.98 38.42 -3.83
N VAL B 756 -15.28 37.19 -3.48
CA VAL B 756 -15.56 36.72 -2.14
C VAL B 756 -15.04 35.29 -1.96
N ALA B 757 -14.70 34.97 -0.73
CA ALA B 757 -14.39 33.68 -0.31
C ALA B 757 -13.20 32.97 -0.97
N GLN B 758 -12.24 33.76 -1.56
CA GLN B 758 -10.94 33.30 -2.10
C GLN B 758 -11.05 32.60 -3.47
N CYS B 759 -12.10 33.06 -4.22
CA CYS B 759 -12.37 32.62 -5.49
C CYS B 759 -12.98 33.72 -6.28
N ASN B 760 -13.55 33.36 -7.47
CA ASN B 760 -14.10 34.33 -8.46
C ASN B 760 -15.64 34.35 -8.44
N MET B 761 -16.17 33.98 -7.32
CA MET B 761 -17.56 34.24 -7.08
C MET B 761 -17.62 35.60 -6.42
N THR B 762 -18.66 36.36 -6.68
CA THR B 762 -18.85 37.76 -6.30
C THR B 762 -19.49 37.79 -4.95
N LYS B 763 -19.30 38.92 -4.22
CA LYS B 763 -20.01 39.12 -2.93
C LYS B 763 -21.56 39.11 -3.14
N ASP B 764 -22.00 39.81 -4.16
CA ASP B 764 -23.50 39.93 -4.39
C ASP B 764 -24.22 38.58 -4.56
N TRP B 765 -23.73 37.74 -5.50
CA TRP B 765 -24.25 36.40 -5.70
C TRP B 765 -24.19 35.51 -4.49
N PHE B 766 -23.04 35.48 -3.76
CA PHE B 766 -22.89 34.76 -2.46
C PHE B 766 -23.93 35.20 -1.42
N LEU B 767 -24.09 36.52 -1.15
CA LEU B 767 -25.18 36.89 -0.32
C LEU B 767 -26.53 36.39 -0.75
N VAL B 768 -26.90 36.58 -2.06
CA VAL B 768 -28.14 36.14 -2.62
C VAL B 768 -28.41 34.65 -2.42
N GLN B 769 -27.35 33.81 -2.72
CA GLN B 769 -27.42 32.33 -2.52
C GLN B 769 -27.57 31.96 -1.09
N MET B 770 -26.89 32.54 -0.12
CA MET B 770 -27.05 32.28 1.27
C MET B 770 -28.45 32.62 1.76
N LEU B 771 -29.03 33.75 1.27
CA LEU B 771 -30.39 34.17 1.60
C LEU B 771 -31.48 33.25 1.06
N ALA B 772 -31.40 32.85 -0.19
CA ALA B 772 -32.19 31.82 -0.74
C ALA B 772 -32.08 30.47 -0.10
N ASN B 773 -30.89 29.96 0.28
CA ASN B 773 -30.74 28.64 0.78
C ASN B 773 -30.97 28.48 2.21
N TYR B 774 -30.58 29.48 3.04
CA TYR B 774 -30.52 29.21 4.48
C TYR B 774 -30.94 30.44 5.36
N ASN B 775 -31.12 31.58 4.72
CA ASN B 775 -31.46 32.85 5.26
C ASN B 775 -30.40 33.36 6.27
N ILE B 776 -29.13 33.45 5.86
CA ILE B 776 -28.00 33.79 6.75
C ILE B 776 -27.61 35.18 6.55
N GLY B 777 -27.69 35.77 5.31
CA GLY B 777 -27.20 37.10 4.95
C GLY B 777 -27.28 38.27 5.78
N TYR B 778 -28.56 38.53 6.28
CA TYR B 778 -28.77 39.78 6.92
C TYR B 778 -28.09 39.89 8.37
N GLN B 779 -27.90 38.81 9.07
CA GLN B 779 -27.37 38.79 10.46
C GLN B 779 -26.03 38.12 10.57
N GLY B 780 -25.28 38.27 9.51
CA GLY B 780 -23.89 37.76 9.53
C GLY B 780 -23.83 36.29 9.04
N PHE B 781 -22.68 35.94 8.38
CA PHE B 781 -22.23 34.71 7.81
C PHE B 781 -21.64 33.72 8.83
N TYR B 782 -22.19 32.47 8.98
CA TYR B 782 -21.62 31.41 9.77
C TYR B 782 -21.92 30.06 9.18
N ILE B 783 -21.26 28.94 9.63
CA ILE B 783 -21.55 27.66 8.91
C ILE B 783 -23.00 27.19 9.07
N PRO B 784 -23.77 26.85 8.03
CA PRO B 784 -25.14 26.36 8.28
C PRO B 784 -25.36 25.13 9.12
N GLU B 785 -26.63 25.02 9.72
CA GLU B 785 -27.06 23.89 10.43
C GLU B 785 -27.05 22.61 9.59
N SER B 786 -26.57 21.47 10.13
CA SER B 786 -26.51 20.22 9.40
C SER B 786 -27.75 19.66 8.85
N TYR B 787 -28.82 19.62 9.64
CA TYR B 787 -30.13 19.05 9.14
C TYR B 787 -30.67 19.97 7.97
N LYS B 788 -30.37 21.29 8.02
CA LYS B 788 -30.78 22.11 6.91
C LYS B 788 -29.77 21.96 5.71
N ASP B 789 -28.45 21.76 5.87
CA ASP B 789 -27.52 21.58 4.73
C ASP B 789 -27.42 20.12 4.39
N ARG B 790 -28.19 19.61 3.45
CA ARG B 790 -28.21 18.26 3.01
C ARG B 790 -27.63 18.07 1.62
N MET B 791 -27.97 16.94 1.00
CA MET B 791 -27.31 16.40 -0.18
C MET B 791 -27.25 17.24 -1.45
N TYR B 792 -28.47 17.86 -1.71
CA TYR B 792 -28.65 18.77 -2.90
C TYR B 792 -28.55 20.24 -2.52
N SER B 793 -28.24 20.59 -1.28
CA SER B 793 -28.00 21.99 -0.80
C SER B 793 -26.71 22.62 -1.15
N PHE B 794 -26.62 23.96 -1.23
CA PHE B 794 -25.44 24.72 -1.68
C PHE B 794 -24.09 24.43 -0.92
N PHE B 795 -24.00 24.79 0.32
CA PHE B 795 -22.79 24.80 1.09
C PHE B 795 -22.21 23.35 1.19
N ARG B 796 -23.12 22.32 1.34
CA ARG B 796 -22.76 20.96 1.39
C ARG B 796 -21.77 20.49 0.22
N ASN B 797 -22.05 21.04 -0.93
CA ASN B 797 -21.30 20.77 -2.15
C ASN B 797 -20.45 21.88 -2.64
N PHE B 798 -20.42 23.04 -1.89
CA PHE B 798 -19.68 24.21 -2.50
C PHE B 798 -18.16 24.17 -2.31
N GLN B 799 -17.37 24.08 -3.39
CA GLN B 799 -15.93 23.76 -3.37
C GLN B 799 -15.12 24.83 -4.08
N PRO B 800 -14.61 25.88 -3.42
CA PRO B 800 -13.65 26.77 -4.09
C PRO B 800 -12.21 26.31 -4.33
N MET B 801 -11.48 26.82 -5.36
CA MET B 801 -10.17 26.35 -5.58
C MET B 801 -9.20 27.47 -6.20
N SER B 802 -7.90 27.30 -5.96
CA SER B 802 -6.83 28.03 -6.53
C SER B 802 -5.56 27.25 -6.74
N ARG B 803 -4.71 27.69 -7.73
CA ARG B 803 -3.39 27.12 -8.03
C ARG B 803 -2.57 28.23 -8.74
N GLN B 804 -1.22 28.12 -8.86
CA GLN B 804 -0.28 29.02 -9.42
C GLN B 804 0.35 28.34 -10.61
N VAL B 805 0.62 29.09 -11.69
CA VAL B 805 1.14 28.45 -12.92
C VAL B 805 2.13 29.42 -13.41
N VAL B 806 3.17 28.93 -14.14
CA VAL B 806 4.21 29.78 -14.67
C VAL B 806 3.83 30.95 -15.60
N ASP B 807 4.53 32.07 -15.49
CA ASP B 807 4.27 33.24 -16.24
C ASP B 807 5.00 33.18 -17.60
N ASP B 808 4.59 33.98 -18.58
CA ASP B 808 5.22 34.15 -19.87
C ASP B 808 5.18 35.70 -20.25
N THR B 809 4.55 36.52 -19.35
CA THR B 809 4.47 38.02 -19.57
C THR B 809 5.70 38.79 -19.04
N LYS B 810 6.14 38.50 -17.80
CA LYS B 810 7.34 39.17 -17.20
C LYS B 810 8.53 38.13 -16.96
N TYR B 811 8.19 36.81 -17.23
CA TYR B 811 9.17 35.70 -17.22
C TYR B 811 9.93 35.65 -18.48
N LYS B 812 11.17 36.05 -18.41
CA LYS B 812 12.00 36.15 -19.63
C LYS B 812 12.60 34.90 -20.19
N ASP B 813 12.88 33.86 -19.35
CA ASP B 813 13.65 32.66 -19.83
C ASP B 813 12.84 31.68 -20.58
N TYR B 814 11.50 31.84 -20.49
CA TYR B 814 10.51 30.88 -20.93
C TYR B 814 10.63 30.08 -22.27
N GLN B 815 10.54 28.74 -22.20
CA GLN B 815 10.49 27.93 -23.39
C GLN B 815 9.25 26.96 -23.20
N GLN B 816 8.37 26.77 -24.22
CA GLN B 816 7.24 25.85 -24.08
C GLN B 816 7.83 24.49 -24.60
N VAL B 817 8.07 23.51 -23.69
CA VAL B 817 8.52 22.18 -23.97
C VAL B 817 7.23 21.26 -23.96
N GLY B 818 6.93 20.62 -25.11
CA GLY B 818 5.85 19.69 -25.36
C GLY B 818 6.02 18.36 -24.62
N ILE B 819 4.92 17.54 -24.45
CA ILE B 819 4.84 16.18 -23.87
C ILE B 819 5.66 15.12 -24.60
N LEU B 820 5.83 15.35 -25.90
CA LEU B 820 6.63 14.56 -26.77
C LEU B 820 8.15 14.49 -26.35
N HIS B 821 8.62 15.52 -25.62
CA HIS B 821 10.07 15.48 -25.18
C HIS B 821 10.22 15.71 -23.65
N GLN B 822 9.16 15.75 -22.83
CA GLN B 822 9.27 15.70 -21.41
C GLN B 822 9.90 14.40 -20.94
N HIS B 823 10.94 14.47 -20.02
CA HIS B 823 11.53 13.16 -19.57
C HIS B 823 11.82 13.10 -18.05
N ASN B 824 10.91 13.69 -17.17
CA ASN B 824 10.92 13.52 -15.72
C ASN B 824 10.61 11.98 -15.44
N ASN B 825 11.62 11.27 -14.86
CA ASN B 825 11.51 9.81 -14.59
C ASN B 825 11.93 8.97 -15.84
N SER B 826 12.89 9.43 -16.63
CA SER B 826 13.35 8.76 -17.85
C SER B 826 13.81 7.31 -17.52
N GLY B 827 13.62 6.29 -18.37
CA GLY B 827 14.07 4.92 -18.04
C GLY B 827 13.59 4.25 -16.80
N PHE B 828 12.40 4.67 -16.43
CA PHE B 828 11.64 3.90 -15.43
C PHE B 828 10.27 3.58 -15.82
N VAL B 829 9.83 4.03 -17.01
CA VAL B 829 8.44 3.91 -17.46
C VAL B 829 8.39 4.02 -18.95
N GLY B 830 7.38 3.40 -19.58
CA GLY B 830 7.13 3.38 -21.05
C GLY B 830 6.98 4.81 -21.53
N TYR B 831 7.23 4.95 -22.86
CA TYR B 831 7.11 6.25 -23.57
C TYR B 831 5.74 6.53 -24.10
N LEU B 832 4.88 7.39 -23.45
CA LEU B 832 3.52 7.82 -23.87
C LEU B 832 2.57 6.68 -24.20
N ALA B 833 2.68 5.52 -23.47
CA ALA B 833 1.86 4.39 -23.59
C ALA B 833 1.87 3.78 -22.19
N PRO B 834 0.94 2.96 -21.75
CA PRO B 834 1.04 2.24 -20.48
C PRO B 834 2.04 1.04 -20.46
N THR B 835 2.94 0.92 -21.49
CA THR B 835 3.92 -0.14 -21.70
C THR B 835 5.09 -0.10 -20.75
N MET B 836 5.98 -1.11 -20.93
CA MET B 836 7.07 -1.36 -20.09
C MET B 836 8.17 -0.32 -20.26
N ARG B 837 8.94 -0.14 -19.18
CA ARG B 837 10.14 0.75 -19.14
C ARG B 837 11.01 0.98 -20.38
N GLU B 838 11.32 2.22 -20.71
CA GLU B 838 12.04 2.60 -21.94
C GLU B 838 13.01 3.71 -21.52
N GLY B 839 14.23 3.57 -22.06
CA GLY B 839 15.21 4.68 -21.94
C GLY B 839 16.33 4.36 -20.92
N GLN B 840 17.03 5.53 -20.51
CA GLN B 840 18.14 5.57 -19.55
C GLN B 840 17.88 6.54 -18.43
N ALA B 841 18.73 6.53 -17.38
CA ALA B 841 18.60 7.58 -16.42
C ALA B 841 19.16 8.98 -16.83
N TYR B 842 18.62 10.16 -16.43
CA TYR B 842 19.24 11.34 -16.91
C TYR B 842 18.67 12.44 -16.09
N PRO B 843 19.12 13.70 -16.11
CA PRO B 843 18.39 14.72 -15.35
C PRO B 843 16.95 15.00 -15.74
N ALA B 844 16.12 15.57 -14.86
CA ALA B 844 14.76 15.86 -15.17
C ALA B 844 14.63 17.31 -15.73
N ASN B 845 13.82 17.53 -16.78
CA ASN B 845 13.67 18.84 -17.43
C ASN B 845 12.36 19.64 -17.12
N PHE B 846 11.25 18.98 -16.52
CA PHE B 846 9.98 19.55 -16.47
C PHE B 846 9.46 19.11 -15.09
N PRO B 847 8.66 19.91 -14.41
CA PRO B 847 8.26 21.28 -14.67
C PRO B 847 9.24 22.25 -14.05
N TYR B 848 9.09 23.54 -14.28
CA TYR B 848 9.88 24.53 -13.61
C TYR B 848 9.52 24.60 -12.08
N PRO B 849 10.41 24.95 -11.20
CA PRO B 849 10.03 25.02 -9.74
C PRO B 849 9.19 26.26 -9.45
N LEU B 850 8.02 26.00 -8.76
CA LEU B 850 7.10 27.01 -8.31
C LEU B 850 7.33 27.33 -6.85
N ILE B 851 8.42 26.80 -6.25
CA ILE B 851 8.74 26.99 -4.82
C ILE B 851 10.20 26.91 -4.84
N GLY B 852 10.92 27.34 -3.76
CA GLY B 852 12.41 27.26 -3.70
C GLY B 852 13.14 28.53 -4.08
N LYS B 853 14.46 28.52 -4.13
CA LYS B 853 15.34 29.70 -4.30
C LYS B 853 15.27 30.29 -5.74
N THR B 854 14.92 29.37 -6.67
CA THR B 854 15.03 29.70 -8.11
C THR B 854 13.62 29.77 -8.66
N ALA B 855 12.55 29.81 -7.84
CA ALA B 855 11.16 29.85 -8.19
C ALA B 855 10.86 30.92 -9.24
N VAL B 856 10.30 30.39 -10.40
CA VAL B 856 9.93 31.23 -11.59
C VAL B 856 8.75 32.09 -11.17
N ASP B 857 8.57 33.31 -11.83
CA ASP B 857 7.41 34.14 -11.78
C ASP B 857 6.11 33.35 -12.25
N SER B 858 5.01 33.60 -11.47
CA SER B 858 3.77 32.83 -11.62
C SER B 858 2.55 33.73 -11.62
N ILE B 859 1.46 33.28 -12.26
CA ILE B 859 0.12 33.94 -12.34
C ILE B 859 -0.76 33.01 -11.48
N THR B 860 -1.99 33.55 -11.21
CA THR B 860 -2.98 32.87 -10.31
C THR B 860 -4.26 32.53 -11.08
N GLN B 861 -4.74 31.32 -10.98
CA GLN B 861 -5.97 30.90 -11.60
C GLN B 861 -6.85 30.48 -10.54
N LYS B 862 -8.06 31.10 -10.46
CA LYS B 862 -9.10 30.82 -9.48
C LYS B 862 -10.30 30.19 -10.11
N LYS B 863 -11.03 29.27 -9.40
CA LYS B 863 -12.30 28.63 -9.91
C LYS B 863 -12.99 28.07 -8.74
N PHE B 864 -14.13 27.33 -8.89
CA PHE B 864 -14.91 26.65 -7.91
C PHE B 864 -15.69 25.61 -8.61
N LEU B 865 -16.19 24.57 -7.89
CA LEU B 865 -17.15 23.54 -8.25
C LEU B 865 -18.30 23.53 -7.32
N CYS B 866 -19.46 23.17 -7.83
CA CYS B 866 -20.61 23.20 -6.91
C CYS B 866 -21.52 22.19 -7.59
N ASP B 867 -21.34 20.97 -7.21
CA ASP B 867 -22.01 19.86 -7.82
C ASP B 867 -23.36 19.46 -7.12
N ARG B 868 -24.36 18.85 -7.79
CA ARG B 868 -25.56 18.31 -7.18
C ARG B 868 -26.48 19.41 -6.65
N THR B 869 -26.49 20.58 -7.34
CA THR B 869 -27.26 21.70 -6.86
C THR B 869 -27.88 22.45 -8.00
N LEU B 870 -28.94 23.23 -7.75
CA LEU B 870 -29.43 24.24 -8.65
C LEU B 870 -29.06 25.64 -8.20
N TRP B 871 -28.82 26.54 -9.16
CA TRP B 871 -28.73 27.92 -8.86
C TRP B 871 -30.06 28.49 -8.52
N ARG B 872 -30.22 29.37 -7.52
CA ARG B 872 -31.55 29.74 -7.00
C ARG B 872 -31.66 31.27 -6.98
N ILE B 873 -32.74 31.78 -7.66
CA ILE B 873 -33.11 33.20 -7.57
C ILE B 873 -34.51 33.45 -7.11
N PRO B 874 -34.78 33.55 -5.81
CA PRO B 874 -36.16 33.56 -5.30
C PRO B 874 -36.80 34.89 -5.72
N PHE B 875 -38.10 34.94 -6.11
CA PHE B 875 -38.70 36.19 -6.55
C PHE B 875 -39.32 36.86 -5.33
N SER B 876 -38.57 37.67 -4.60
CA SER B 876 -39.01 38.22 -3.32
C SER B 876 -38.31 39.48 -3.10
N SER B 877 -38.93 40.46 -2.37
CA SER B 877 -38.44 41.78 -2.06
C SER B 877 -37.05 41.81 -1.41
N ASN B 878 -36.91 41.08 -0.32
CA ASN B 878 -35.67 41.06 0.48
C ASN B 878 -34.90 39.77 0.35
N PHE B 879 -35.43 38.78 -0.42
CA PHE B 879 -34.85 37.39 -0.67
C PHE B 879 -34.79 36.40 0.51
N MET B 880 -35.59 36.73 1.56
CA MET B 880 -35.81 35.81 2.70
C MET B 880 -37.06 34.88 2.48
N SER B 881 -37.10 33.79 3.32
CA SER B 881 -38.19 32.89 3.59
C SER B 881 -39.00 33.45 4.69
N MET B 882 -40.11 34.15 4.27
CA MET B 882 -41.19 34.58 5.19
C MET B 882 -42.52 33.99 4.80
N GLY B 883 -42.58 33.21 3.70
CA GLY B 883 -43.76 32.43 3.47
C GLY B 883 -43.63 31.64 2.20
N ALA B 884 -44.43 30.57 2.03
CA ALA B 884 -44.45 29.78 0.81
C ALA B 884 -45.13 30.60 -0.30
N LEU B 885 -46.17 31.43 0.04
CA LEU B 885 -46.69 32.45 -0.77
C LEU B 885 -45.85 33.70 -0.70
N THR B 886 -45.14 34.06 -1.83
CA THR B 886 -44.17 35.13 -1.85
C THR B 886 -44.71 36.52 -1.77
N ASP B 887 -44.13 37.49 -1.06
CA ASP B 887 -44.59 38.85 -0.95
C ASP B 887 -44.65 39.54 -2.26
N LEU B 888 -43.67 39.25 -3.16
CA LEU B 888 -43.62 39.87 -4.47
C LEU B 888 -44.61 39.33 -5.50
N GLY B 889 -44.97 38.05 -5.39
CA GLY B 889 -46.04 37.33 -6.09
C GLY B 889 -47.43 37.94 -5.71
N GLN B 890 -47.54 38.79 -4.64
CA GLN B 890 -48.74 39.33 -4.14
C GLN B 890 -48.94 40.73 -4.43
N ASN B 891 -47.88 41.47 -4.80
CA ASN B 891 -47.97 42.90 -5.06
C ASN B 891 -48.86 43.35 -6.22
N LEU B 892 -49.49 44.54 -6.07
CA LEU B 892 -50.49 45.06 -6.97
C LEU B 892 -49.86 45.32 -8.38
N LEU B 893 -48.57 45.74 -8.46
CA LEU B 893 -47.92 45.92 -9.73
C LEU B 893 -47.88 44.64 -10.58
N TYR B 894 -47.34 43.50 -10.04
CA TYR B 894 -46.98 42.25 -10.75
C TYR B 894 -48.11 41.19 -10.86
N ALA B 895 -49.03 41.09 -9.91
CA ALA B 895 -50.11 40.11 -9.91
C ALA B 895 -51.35 40.59 -10.65
N ASN B 896 -51.75 41.89 -10.53
CA ASN B 896 -52.94 42.41 -11.10
C ASN B 896 -52.69 43.07 -12.51
N SER B 897 -51.44 43.07 -13.01
CA SER B 897 -51.02 43.44 -14.35
C SER B 897 -50.32 42.24 -15.01
N ALA B 898 -50.18 42.23 -16.33
CA ALA B 898 -49.46 41.28 -17.14
C ALA B 898 -48.11 41.92 -17.70
N HIS B 899 -47.08 41.09 -17.87
CA HIS B 899 -45.73 41.42 -18.12
C HIS B 899 -45.02 40.36 -18.98
N ALA B 900 -44.22 40.73 -19.96
CA ALA B 900 -43.44 39.85 -20.81
C ALA B 900 -42.10 39.80 -20.28
N LEU B 901 -41.34 38.70 -20.49
CA LEU B 901 -39.99 38.70 -19.83
C LEU B 901 -39.00 38.42 -20.95
N ASP B 902 -37.81 39.06 -20.81
CA ASP B 902 -36.70 39.04 -21.80
C ASP B 902 -35.44 38.78 -20.91
N MET B 903 -34.94 37.51 -21.04
CA MET B 903 -33.88 37.01 -20.25
C MET B 903 -32.57 36.94 -21.07
N THR B 904 -31.37 37.20 -20.48
CA THR B 904 -30.05 37.13 -21.08
C THR B 904 -29.14 36.40 -20.09
N PHE B 905 -28.74 35.18 -20.37
CA PHE B 905 -27.82 34.37 -19.69
C PHE B 905 -26.47 34.42 -20.38
N GLU B 906 -25.42 34.63 -19.61
CA GLU B 906 -24.03 34.54 -20.05
C GLU B 906 -23.41 33.30 -19.43
N VAL B 907 -22.88 32.37 -20.23
CA VAL B 907 -22.20 31.12 -19.90
C VAL B 907 -20.91 31.03 -20.57
N ASP B 908 -20.04 30.07 -20.28
CA ASP B 908 -18.70 29.85 -20.89
C ASP B 908 -18.89 29.09 -22.19
N PRO B 909 -18.31 29.38 -23.29
CA PRO B 909 -18.55 28.64 -24.48
C PRO B 909 -18.13 27.19 -24.57
N MET B 910 -18.95 26.17 -24.94
CA MET B 910 -18.47 24.81 -25.07
C MET B 910 -18.57 24.28 -26.41
N ASP B 911 -17.59 23.40 -26.76
CA ASP B 911 -17.27 22.82 -27.96
C ASP B 911 -18.24 21.69 -28.31
N GLU B 912 -18.98 21.21 -27.32
CA GLU B 912 -20.03 20.22 -27.43
C GLU B 912 -21.32 20.98 -27.03
N PRO B 913 -22.41 20.98 -27.82
CA PRO B 913 -23.66 21.66 -27.53
C PRO B 913 -24.35 21.24 -26.23
N THR B 914 -25.00 22.29 -25.66
CA THR B 914 -25.52 22.10 -24.30
C THR B 914 -26.99 22.59 -24.28
N LEU B 915 -27.70 22.50 -23.13
CA LEU B 915 -29.03 22.91 -23.06
C LEU B 915 -29.03 23.72 -21.83
N LEU B 916 -29.75 24.84 -21.83
CA LEU B 916 -30.08 25.69 -20.69
C LEU B 916 -31.33 25.29 -20.01
N TYR B 917 -31.24 24.80 -18.70
CA TYR B 917 -32.37 24.33 -17.91
C TYR B 917 -32.91 25.40 -17.03
N VAL B 918 -34.19 25.87 -17.22
CA VAL B 918 -34.83 26.82 -16.35
C VAL B 918 -35.98 26.16 -15.74
N LEU B 919 -36.06 26.11 -14.44
CA LEU B 919 -37.25 25.59 -13.77
C LEU B 919 -37.94 26.84 -13.24
N PHE B 920 -39.23 27.07 -13.73
CA PHE B 920 -40.17 28.14 -13.23
C PHE B 920 -41.05 27.84 -12.03
N GLU B 921 -40.64 28.34 -10.81
CA GLU B 921 -41.43 28.05 -9.73
C GLU B 921 -42.91 28.58 -9.58
N VAL B 922 -43.91 27.66 -9.59
CA VAL B 922 -45.33 28.09 -9.60
C VAL B 922 -46.08 27.45 -8.39
N PHE B 923 -47.48 27.56 -8.33
CA PHE B 923 -48.24 26.69 -7.46
C PHE B 923 -48.97 25.66 -8.36
N ASP B 924 -48.91 24.38 -7.99
CA ASP B 924 -49.44 23.26 -8.74
C ASP B 924 -50.22 22.38 -7.84
N VAL B 925 -51.50 22.75 -7.64
CA VAL B 925 -52.34 22.25 -6.57
C VAL B 925 -53.36 21.33 -7.14
N VAL B 926 -53.86 20.39 -6.27
CA VAL B 926 -54.98 19.50 -6.65
C VAL B 926 -55.91 19.36 -5.49
N ARG B 927 -57.23 19.47 -5.73
CA ARG B 927 -58.23 19.14 -4.81
C ARG B 927 -58.99 17.94 -5.17
N VAL B 928 -59.30 17.04 -4.24
CA VAL B 928 -59.90 15.71 -4.59
C VAL B 928 -61.24 15.50 -3.90
N HIS B 929 -62.35 15.12 -4.61
CA HIS B 929 -63.67 15.06 -4.05
C HIS B 929 -64.30 13.73 -4.23
N ARG B 930 -64.84 13.12 -3.18
CA ARG B 930 -65.39 11.82 -3.36
C ARG B 930 -66.89 11.84 -2.92
N PRO B 931 -67.96 12.03 -3.74
CA PRO B 931 -69.34 12.21 -3.28
C PRO B 931 -69.91 10.90 -2.87
N HIS B 932 -69.63 9.78 -3.62
CA HIS B 932 -70.19 8.48 -3.46
C HIS B 932 -69.14 7.33 -3.69
N ARG B 933 -69.52 6.08 -3.26
CA ARG B 933 -68.66 4.83 -3.29
C ARG B 933 -68.24 4.60 -4.77
N GLY B 934 -66.92 4.35 -4.97
CA GLY B 934 -66.35 3.96 -6.25
C GLY B 934 -66.27 5.03 -7.19
N VAL B 935 -66.47 6.31 -6.74
CA VAL B 935 -66.39 7.51 -7.57
C VAL B 935 -65.27 8.33 -7.01
N ILE B 936 -64.61 8.98 -7.95
CA ILE B 936 -63.56 9.91 -7.67
C ILE B 936 -63.38 11.08 -8.62
N GLU B 937 -63.49 12.29 -8.03
CA GLU B 937 -63.43 13.57 -8.75
C GLU B 937 -62.28 14.44 -8.38
N THR B 938 -61.79 15.23 -9.37
CA THR B 938 -60.53 16.01 -9.13
C THR B 938 -60.61 17.34 -9.74
N VAL B 939 -60.08 18.41 -9.06
CA VAL B 939 -59.99 19.76 -9.54
C VAL B 939 -58.49 20.12 -9.52
N TYR B 940 -57.91 20.34 -10.72
CA TYR B 940 -56.51 20.64 -10.84
C TYR B 940 -56.39 22.12 -11.03
N LEU B 941 -55.49 22.88 -10.37
CA LEU B 941 -55.15 24.31 -10.64
C LEU B 941 -53.62 24.40 -10.64
N ARG B 942 -53.07 25.10 -11.62
CA ARG B 942 -51.67 25.42 -11.66
C ARG B 942 -51.48 26.88 -12.15
N THR B 943 -50.95 27.71 -11.28
CA THR B 943 -50.80 29.15 -11.58
C THR B 943 -49.52 29.70 -11.01
N PRO B 944 -48.69 30.46 -11.64
CA PRO B 944 -48.62 30.80 -13.07
C PRO B 944 -48.49 29.71 -14.04
N PHE B 945 -48.73 29.99 -15.37
CA PHE B 945 -48.69 28.96 -16.39
C PHE B 945 -49.90 28.07 -16.34
N SER B 946 -51.05 28.60 -16.69
CA SER B 946 -52.37 28.00 -16.76
C SER B 946 -52.53 26.54 -17.17
N ALA B 947 -53.15 25.78 -16.24
CA ALA B 947 -53.60 24.42 -16.52
C ALA B 947 -54.97 24.38 -17.31
N MET C 7 -28.14 44.33 44.99
CA MET C 7 -27.51 45.74 44.90
C MET C 7 -28.05 46.68 43.77
N PRO C 8 -27.71 48.00 43.77
CA PRO C 8 -28.31 48.89 42.72
C PRO C 8 -27.66 48.72 41.39
N GLN C 9 -26.24 48.73 41.31
CA GLN C 9 -25.46 48.88 40.07
C GLN C 9 -25.43 47.57 39.32
N TRP C 10 -25.68 46.42 39.99
CA TRP C 10 -25.83 45.12 39.41
C TRP C 10 -26.96 44.94 38.42
N SER C 11 -28.11 45.35 38.92
CA SER C 11 -29.41 45.41 38.33
C SER C 11 -29.36 46.42 37.14
N TYR C 12 -28.61 47.57 37.32
CA TYR C 12 -28.42 48.63 36.33
C TYR C 12 -27.60 48.14 35.12
N MET C 13 -26.56 47.34 35.42
CA MET C 13 -25.82 46.64 34.39
C MET C 13 -26.48 45.40 33.94
N HIS C 14 -27.64 45.01 34.45
CA HIS C 14 -28.42 43.84 34.15
C HIS C 14 -27.74 42.47 34.43
N ILE C 15 -26.86 42.37 35.48
CA ILE C 15 -26.22 41.18 36.11
C ILE C 15 -27.28 40.39 36.86
N SER C 16 -28.29 40.93 37.51
CA SER C 16 -29.37 40.13 38.12
C SER C 16 -30.72 40.91 38.22
N GLY C 17 -31.77 40.10 38.58
CA GLY C 17 -33.15 40.57 38.82
C GLY C 17 -34.11 40.39 37.68
N GLN C 18 -34.69 41.55 37.15
CA GLN C 18 -35.78 41.39 36.17
C GLN C 18 -35.18 40.92 34.82
N ASP C 19 -35.97 40.26 34.03
CA ASP C 19 -35.53 39.72 32.77
C ASP C 19 -35.67 40.70 31.55
N ALA C 20 -35.22 40.40 30.30
CA ALA C 20 -35.32 41.31 29.18
C ALA C 20 -36.73 41.80 28.88
N SER C 21 -37.71 40.86 29.01
CA SER C 21 -39.13 41.11 28.89
C SER C 21 -39.67 42.14 29.89
N GLU C 22 -39.03 42.36 31.01
CA GLU C 22 -39.53 43.18 32.10
C GLU C 22 -38.87 44.55 32.10
N TYR C 23 -37.55 44.71 31.69
CA TYR C 23 -36.98 45.98 31.54
C TYR C 23 -37.25 46.75 30.28
N LEU C 24 -37.40 45.94 29.17
CA LEU C 24 -37.96 46.62 27.96
C LEU C 24 -39.39 47.08 28.04
N SER C 25 -39.73 48.15 27.20
CA SER C 25 -41.10 48.56 26.92
C SER C 25 -41.99 47.34 26.50
N PRO C 26 -43.20 47.07 26.95
CA PRO C 26 -44.05 45.97 26.42
C PRO C 26 -44.32 45.92 24.94
N GLY C 27 -44.51 47.12 24.28
CA GLY C 27 -44.66 47.27 22.84
C GLY C 27 -43.51 46.83 22.08
N LEU C 28 -42.30 47.17 22.59
CA LEU C 28 -41.10 46.71 22.03
C LEU C 28 -40.97 45.21 22.18
N VAL C 29 -41.31 44.59 23.39
CA VAL C 29 -41.23 43.14 23.56
C VAL C 29 -42.13 42.45 22.53
N GLN C 30 -43.40 42.90 22.42
CA GLN C 30 -44.37 42.34 21.39
C GLN C 30 -43.91 42.39 19.95
N PHE C 31 -43.40 43.58 19.50
CA PHE C 31 -42.78 43.74 18.23
C PHE C 31 -41.56 42.79 18.10
N ALA C 32 -40.74 42.67 19.14
CA ALA C 32 -39.60 41.83 19.08
C ALA C 32 -39.93 40.41 18.89
N ARG C 33 -40.94 39.84 19.60
CA ARG C 33 -41.32 38.43 19.47
C ARG C 33 -41.81 38.06 18.09
N ALA C 34 -42.53 39.03 17.52
CA ALA C 34 -43.17 38.90 16.24
C ALA C 34 -42.24 38.82 15.04
N THR C 35 -41.16 39.64 15.10
CA THR C 35 -40.07 39.77 14.01
C THR C 35 -38.91 38.93 14.29
N GLU C 36 -38.94 38.10 15.31
CA GLU C 36 -37.85 37.22 15.66
C GLU C 36 -37.37 36.29 14.51
N THR C 37 -38.32 35.65 13.89
CA THR C 37 -38.12 34.63 12.91
C THR C 37 -37.28 35.14 11.67
N TYR C 38 -37.40 36.42 11.32
CA TYR C 38 -36.81 36.88 10.07
C TYR C 38 -35.91 37.99 10.48
N PHE C 39 -35.72 38.47 11.73
CA PHE C 39 -34.71 39.42 12.03
C PHE C 39 -34.60 39.56 13.56
N SER C 40 -33.87 38.58 14.14
CA SER C 40 -33.71 38.28 15.57
C SER C 40 -33.24 39.53 16.41
N LEU C 41 -34.02 39.85 17.48
CA LEU C 41 -33.67 40.83 18.46
C LEU C 41 -33.57 40.28 19.86
N ASN C 42 -33.70 38.94 20.09
CA ASN C 42 -33.64 38.34 21.42
C ASN C 42 -32.19 38.35 22.01
N ASN C 43 -31.23 37.93 21.16
CA ASN C 43 -29.83 37.85 21.55
C ASN C 43 -29.14 39.18 21.90
N LYS C 44 -29.74 40.35 21.61
CA LYS C 44 -29.16 41.65 21.86
C LYS C 44 -29.16 42.16 23.33
N PHE C 45 -30.09 41.60 24.17
CA PHE C 45 -30.37 42.07 25.51
C PHE C 45 -29.93 40.92 26.47
N ARG C 46 -29.48 41.32 27.69
CA ARG C 46 -29.06 40.33 28.64
C ARG C 46 -30.26 39.78 29.40
N ASN C 47 -30.36 38.40 29.41
CA ASN C 47 -31.23 37.71 30.40
C ASN C 47 -30.30 36.89 31.28
N PRO C 48 -30.15 37.19 32.57
CA PRO C 48 -29.26 36.51 33.49
C PRO C 48 -29.99 35.34 34.22
N THR C 49 -29.26 34.49 34.97
CA THR C 49 -29.79 33.45 35.93
C THR C 49 -29.11 33.56 37.26
N VAL C 50 -29.73 32.88 38.26
CA VAL C 50 -29.39 32.96 39.64
C VAL C 50 -29.43 31.61 40.32
N ALA C 51 -28.40 31.25 41.10
CA ALA C 51 -28.41 30.06 41.93
C ALA C 51 -29.11 30.34 43.31
N PRO C 52 -29.91 29.47 43.78
CA PRO C 52 -30.41 29.49 45.20
C PRO C 52 -29.31 29.66 46.28
N THR C 53 -29.37 30.65 47.25
CA THR C 53 -28.38 30.76 48.23
C THR C 53 -28.82 30.09 49.52
N HIS C 54 -30.00 29.39 49.50
CA HIS C 54 -30.64 28.67 50.65
C HIS C 54 -31.48 27.44 50.31
N ASP C 55 -31.83 26.64 51.32
CA ASP C 55 -32.76 25.49 51.25
C ASP C 55 -32.35 24.29 50.30
N VAL C 56 -31.10 24.32 49.80
CA VAL C 56 -30.47 23.35 48.96
C VAL C 56 -29.16 22.83 49.65
N THR C 57 -28.05 23.60 49.60
CA THR C 57 -26.74 23.19 50.06
C THR C 57 -26.49 23.51 51.51
N THR C 58 -25.40 22.95 52.07
CA THR C 58 -24.94 23.19 53.45
C THR C 58 -23.50 23.64 53.44
N ASP C 59 -23.04 24.25 54.57
CA ASP C 59 -21.69 24.58 54.89
C ASP C 59 -21.12 23.70 56.00
N ARG C 60 -21.99 22.71 56.46
CA ARG C 60 -21.73 21.78 57.51
C ARG C 60 -20.65 20.73 57.10
N SER C 61 -19.89 20.18 58.01
CA SER C 61 -18.89 19.12 57.78
C SER C 61 -19.42 17.74 57.31
N GLN C 62 -18.75 17.07 56.35
CA GLN C 62 -19.13 15.85 55.70
C GLN C 62 -18.40 15.69 54.40
N ARG C 63 -18.08 14.44 54.01
CA ARG C 63 -17.44 14.00 52.82
C ARG C 63 -18.43 13.90 51.61
N LEU C 64 -17.93 14.40 50.45
CA LEU C 64 -18.76 14.28 49.24
C LEU C 64 -18.79 12.89 48.70
N THR C 65 -17.65 12.18 48.91
CA THR C 65 -17.60 10.78 48.41
C THR C 65 -16.89 9.83 49.51
N LEU C 66 -17.53 8.70 49.97
CA LEU C 66 -16.94 7.75 50.91
C LEU C 66 -16.22 6.51 50.31
N ARG C 67 -15.02 6.20 50.85
CA ARG C 67 -14.18 5.04 50.56
C ARG C 67 -14.42 3.96 51.66
N PHE C 68 -14.66 2.70 51.18
CA PHE C 68 -14.93 1.60 52.11
C PHE C 68 -13.95 0.48 51.83
N ILE C 69 -13.53 -0.18 52.89
CA ILE C 69 -12.57 -1.30 52.77
C ILE C 69 -13.25 -2.46 53.48
N PRO C 70 -13.02 -3.70 52.99
CA PRO C 70 -13.88 -4.77 53.33
C PRO C 70 -13.82 -5.14 54.85
N VAL C 71 -14.99 -5.47 55.52
CA VAL C 71 -15.05 -5.90 56.85
C VAL C 71 -14.52 -7.34 57.01
N ASP C 72 -14.94 -8.15 56.05
CA ASP C 72 -14.70 -9.56 55.97
C ASP C 72 -14.64 -9.88 54.49
N ARG C 73 -13.59 -10.66 54.09
CA ARG C 73 -13.49 -11.26 52.77
C ARG C 73 -13.31 -12.80 52.90
N GLU C 74 -14.11 -13.53 52.17
CA GLU C 74 -13.81 -14.98 52.10
C GLU C 74 -13.66 -15.42 50.61
N ASP C 75 -12.74 -16.34 50.38
CA ASP C 75 -12.24 -16.69 49.05
C ASP C 75 -12.22 -18.24 49.00
N THR C 76 -12.71 -18.71 47.81
CA THR C 76 -12.49 -20.16 47.42
C THR C 76 -11.66 -20.15 46.22
N ALA C 77 -11.27 -21.34 45.74
CA ALA C 77 -10.37 -21.59 44.65
C ALA C 77 -10.94 -21.01 43.35
N TYR C 78 -12.31 -20.79 43.25
CA TYR C 78 -12.93 -20.25 42.03
C TYR C 78 -13.69 -18.92 42.38
N SER C 79 -13.96 -18.65 43.60
CA SER C 79 -14.91 -17.55 43.90
C SER C 79 -14.52 -16.79 45.13
N TYR C 80 -15.09 -15.58 45.39
CA TYR C 80 -14.81 -14.70 46.58
C TYR C 80 -15.89 -13.70 46.92
N LYS C 81 -16.37 -13.64 48.14
CA LYS C 81 -17.40 -12.78 48.62
C LYS C 81 -16.78 -11.68 49.48
N ALA C 82 -17.23 -10.47 49.37
CA ALA C 82 -16.73 -9.35 50.09
C ALA C 82 -17.82 -8.64 50.89
N ARG C 83 -17.52 -8.18 52.08
CA ARG C 83 -18.52 -7.50 52.90
C ARG C 83 -18.18 -6.04 53.08
N PHE C 84 -19.14 -5.12 52.67
CA PHE C 84 -19.09 -3.73 53.00
C PHE C 84 -20.26 -3.34 53.90
N THR C 85 -19.96 -2.49 54.91
CA THR C 85 -20.96 -1.94 55.81
C THR C 85 -21.13 -0.46 55.44
N LEU C 86 -22.28 -0.17 54.80
CA LEU C 86 -22.57 1.19 54.43
C LEU C 86 -23.22 2.08 55.49
N ALA C 87 -22.47 2.98 56.09
CA ALA C 87 -22.91 3.83 57.20
C ALA C 87 -23.39 5.13 56.59
N VAL C 88 -24.71 5.23 56.33
CA VAL C 88 -25.27 6.43 55.85
C VAL C 88 -25.69 7.38 57.03
N GLY C 89 -24.83 8.37 57.30
CA GLY C 89 -24.95 9.35 58.40
C GLY C 89 -26.18 10.20 58.45
N ASP C 90 -26.26 11.03 59.58
CA ASP C 90 -27.26 12.10 59.75
C ASP C 90 -27.20 13.10 58.72
N ASN C 91 -28.26 13.36 57.95
CA ASN C 91 -28.34 14.20 56.73
C ASN C 91 -27.24 13.87 55.65
N ARG C 92 -27.15 12.62 55.25
CA ARG C 92 -26.28 12.15 54.18
C ARG C 92 -27.14 11.60 53.10
N VAL C 93 -27.19 12.22 51.91
CA VAL C 93 -28.09 11.86 50.85
C VAL C 93 -27.37 11.11 49.72
N LEU C 94 -27.66 9.85 49.54
CA LEU C 94 -26.86 8.96 48.68
C LEU C 94 -27.66 8.32 47.53
N ASP C 95 -27.42 8.71 46.22
CA ASP C 95 -27.92 8.04 45.07
C ASP C 95 -27.03 6.85 44.64
N MET C 96 -27.56 5.66 44.74
CA MET C 96 -26.86 4.40 44.59
C MET C 96 -26.22 4.18 43.17
N ALA C 97 -26.68 4.88 42.16
CA ALA C 97 -26.16 4.86 40.76
C ALA C 97 -24.67 5.24 40.72
N SER C 98 -24.23 5.95 41.73
CA SER C 98 -22.84 6.34 41.86
C SER C 98 -21.88 5.37 42.55
N THR C 99 -22.40 4.17 42.77
CA THR C 99 -21.57 3.15 43.50
C THR C 99 -20.56 2.35 42.65
N TYR C 100 -19.28 2.18 43.12
CA TYR C 100 -18.42 1.31 42.39
C TYR C 100 -17.22 0.68 43.10
N PHE C 101 -16.85 -0.57 42.77
CA PHE C 101 -15.78 -1.35 43.37
C PHE C 101 -14.45 -1.07 42.60
N ASP C 102 -13.35 -0.75 43.25
CA ASP C 102 -12.05 -0.54 42.69
C ASP C 102 -11.23 -1.81 43.14
N ILE C 103 -10.96 -2.69 42.11
CA ILE C 103 -10.33 -3.98 42.37
C ILE C 103 -8.94 -4.08 41.83
N ARG C 104 -7.96 -4.43 42.70
CA ARG C 104 -6.58 -4.50 42.40
C ARG C 104 -6.14 -5.96 42.44
N GLY C 105 -5.38 -6.44 41.46
CA GLY C 105 -4.76 -7.74 41.50
C GLY C 105 -3.58 -7.82 40.58
N VAL C 106 -3.01 -8.97 40.45
CA VAL C 106 -1.90 -9.34 39.66
C VAL C 106 -2.34 -10.45 38.70
N LEU C 107 -2.26 -10.10 37.37
CA LEU C 107 -2.74 -10.84 36.24
C LEU C 107 -1.57 -11.31 35.38
N ASP C 108 -1.65 -12.58 34.98
CA ASP C 108 -0.70 -13.26 34.03
C ASP C 108 -1.64 -13.69 32.93
N ARG C 109 -1.39 -13.13 31.67
CA ARG C 109 -2.15 -13.53 30.47
C ARG C 109 -1.56 -14.77 29.76
N GLY C 110 -0.50 -15.40 30.33
CA GLY C 110 0.00 -16.73 29.91
C GLY C 110 1.04 -16.77 28.81
N PRO C 111 1.69 -17.91 28.60
CA PRO C 111 2.65 -17.98 27.51
C PRO C 111 1.97 -18.09 26.09
N THR C 112 0.69 -17.79 26.01
CA THR C 112 0.00 -17.86 24.69
C THR C 112 -0.46 -16.51 24.27
N PHE C 113 -0.03 -15.47 25.00
CA PHE C 113 -0.41 -14.09 24.71
C PHE C 113 0.54 -13.42 23.55
N LYS C 114 -0.07 -12.75 22.63
CA LYS C 114 0.59 -12.12 21.50
C LYS C 114 -0.18 -11.01 20.96
N PRO C 115 0.06 -9.79 21.43
CA PRO C 115 -0.78 -8.71 21.03
C PRO C 115 -0.34 -8.09 19.73
N TYR C 116 0.26 -8.84 18.79
CA TYR C 116 0.60 -8.26 17.51
C TYR C 116 0.72 -9.26 16.38
N SER C 117 0.54 -8.73 15.18
CA SER C 117 0.57 -9.47 13.88
C SER C 117 2.02 -9.50 13.41
N GLY C 118 2.39 -10.45 12.48
CA GLY C 118 3.80 -10.64 12.10
C GLY C 118 4.79 -10.94 13.23
N THR C 119 6.07 -10.49 13.15
CA THR C 119 7.08 -10.77 14.13
C THR C 119 7.69 -9.46 14.56
N ALA C 120 8.40 -9.45 15.74
CA ALA C 120 9.24 -8.32 16.13
C ALA C 120 10.76 -8.46 15.68
N TYR C 121 11.03 -9.62 15.25
CA TYR C 121 12.37 -10.11 15.12
C TYR C 121 12.65 -10.38 13.66
N ASN C 122 13.61 -9.59 13.14
CA ASN C 122 14.02 -9.60 11.76
C ASN C 122 12.84 -9.56 10.73
N ALA C 123 12.04 -8.46 10.76
CA ALA C 123 10.86 -8.38 9.94
C ALA C 123 11.07 -8.42 8.40
N LEU C 124 12.11 -7.58 8.01
CA LEU C 124 12.49 -7.40 6.58
C LEU C 124 13.14 -8.61 5.89
N ALA C 125 13.52 -9.59 6.72
CA ALA C 125 14.14 -10.76 6.23
C ALA C 125 13.10 -11.58 5.40
N PRO C 126 13.46 -12.07 4.23
CA PRO C 126 12.66 -12.99 3.51
C PRO C 126 12.44 -14.25 4.29
N LYS C 127 11.20 -14.86 4.11
CA LYS C 127 10.75 -15.77 5.14
C LYS C 127 11.41 -17.16 5.03
N GLY C 128 12.01 -17.41 3.87
CA GLY C 128 12.76 -18.60 3.49
C GLY C 128 14.22 -18.61 3.92
N ALA C 129 14.90 -17.41 4.06
CA ALA C 129 16.35 -17.34 4.26
C ALA C 129 16.82 -17.94 5.56
N PRO C 130 17.87 -18.76 5.62
CA PRO C 130 18.52 -19.20 6.86
C PRO C 130 19.43 -18.09 7.41
N ASN C 131 19.92 -18.35 8.71
CA ASN C 131 21.07 -17.58 9.26
C ASN C 131 22.39 -18.23 8.70
N PRO C 132 23.52 -17.52 8.55
CA PRO C 132 24.81 -18.03 8.19
C PRO C 132 25.34 -19.04 9.16
N CYS C 133 25.55 -20.24 8.61
CA CYS C 133 25.62 -21.50 9.43
C CYS C 133 26.62 -22.57 8.84
N GLU C 134 26.96 -23.52 9.73
CA GLU C 134 27.78 -24.73 9.50
C GLU C 134 27.06 -26.15 9.50
N TRP C 135 27.41 -27.11 8.63
CA TRP C 135 26.73 -28.41 8.56
C TRP C 135 27.68 -29.36 7.91
N ASP C 136 27.42 -30.72 7.94
CA ASP C 136 28.27 -31.76 7.39
C ASP C 136 27.70 -32.41 6.07
N GLU C 137 28.52 -32.44 5.00
CA GLU C 137 28.10 -32.74 3.67
C GLU C 137 29.26 -33.35 2.90
N ALA C 138 28.85 -34.33 2.04
CA ALA C 138 29.75 -35.06 1.26
C ALA C 138 30.53 -34.16 0.30
N ALA C 139 31.85 -34.42 0.33
CA ALA C 139 32.73 -33.56 -0.38
C ALA C 139 33.05 -34.13 -1.69
N THR C 140 32.98 -35.47 -1.84
CA THR C 140 33.12 -36.29 -3.07
C THR C 140 34.27 -35.81 -3.94
N ALA C 141 35.51 -35.85 -3.41
CA ALA C 141 36.64 -35.31 -4.04
C ALA C 141 37.51 -36.54 -4.25
N GLU C 162 28.83 -42.09 0.78
CA GLU C 162 30.26 -41.51 0.86
C GLU C 162 30.74 -40.92 2.23
N GLN C 163 31.59 -39.88 2.12
CA GLN C 163 32.19 -39.29 3.28
C GLN C 163 31.92 -37.84 3.27
N GLN C 164 31.35 -37.42 4.43
CA GLN C 164 30.95 -36.09 4.68
C GLN C 164 32.01 -35.28 5.45
N LYS C 165 32.00 -33.97 5.33
CA LYS C 165 32.98 -33.02 5.77
C LYS C 165 32.15 -31.78 5.97
N THR C 166 32.62 -31.00 6.93
CA THR C 166 31.97 -29.71 7.36
C THR C 166 32.00 -28.75 6.28
N HIS C 167 30.83 -28.43 5.67
CA HIS C 167 30.59 -27.38 4.64
C HIS C 167 30.19 -26.00 5.29
N VAL C 168 30.95 -24.93 5.08
CA VAL C 168 30.81 -23.55 5.58
C VAL C 168 30.13 -22.66 4.64
N PHE C 169 28.91 -22.24 4.97
CA PHE C 169 28.23 -21.15 4.32
C PHE C 169 28.14 -19.87 5.11
N GLY C 170 28.88 -18.77 4.69
CA GLY C 170 29.07 -17.54 5.46
C GLY C 170 28.97 -16.37 4.57
N GLN C 171 29.33 -15.16 5.14
CA GLN C 171 29.33 -13.92 4.41
C GLN C 171 30.22 -12.92 5.11
N ALA C 172 30.97 -12.01 4.38
CA ALA C 172 31.82 -11.04 5.10
C ALA C 172 31.44 -9.64 4.62
N PRO C 173 30.63 -8.86 5.29
CA PRO C 173 30.17 -7.62 4.66
C PRO C 173 31.09 -6.47 5.22
N TYR C 174 31.96 -6.72 6.21
CA TYR C 174 32.85 -5.67 6.82
C TYR C 174 34.18 -5.51 6.06
N SER C 175 34.55 -4.26 5.68
CA SER C 175 35.87 -3.95 5.12
C SER C 175 36.90 -3.44 6.19
N GLY C 176 38.04 -4.15 6.36
CA GLY C 176 38.99 -3.82 7.46
C GLY C 176 40.39 -3.68 6.96
N ILE C 177 41.28 -3.05 7.77
CA ILE C 177 42.58 -2.73 7.26
C ILE C 177 43.48 -3.91 6.92
N ASN C 178 43.60 -5.00 7.64
CA ASN C 178 44.48 -6.07 7.30
C ASN C 178 44.01 -7.37 8.03
N ILE C 179 44.60 -8.60 7.76
CA ILE C 179 44.17 -9.78 8.47
C ILE C 179 45.44 -10.51 8.80
N THR C 180 45.78 -10.59 10.11
CA THR C 180 47.02 -11.38 10.48
C THR C 180 46.47 -12.54 11.35
N LYS C 181 47.30 -13.44 11.85
CA LYS C 181 46.83 -14.55 12.69
C LYS C 181 46.20 -13.99 14.04
N GLU C 182 46.28 -12.67 14.29
CA GLU C 182 45.57 -12.04 15.42
C GLU C 182 44.09 -11.54 15.03
N GLY C 183 43.69 -11.72 13.72
CA GLY C 183 42.32 -11.36 13.23
C GLY C 183 42.37 -10.18 12.27
N ILE C 184 41.15 -9.56 12.08
CA ILE C 184 40.99 -8.38 11.27
C ILE C 184 41.39 -7.08 12.07
N GLN C 185 42.15 -6.23 11.42
CA GLN C 185 42.69 -4.99 11.95
C GLN C 185 41.62 -3.85 11.87
N ILE C 186 41.37 -3.24 13.06
CA ILE C 186 40.32 -2.19 13.27
C ILE C 186 40.84 -0.81 13.53
N GLY C 187 42.13 -0.63 13.67
CA GLY C 187 42.72 0.67 13.99
C GLY C 187 44.19 0.45 14.27
N VAL C 188 44.84 1.51 14.81
CA VAL C 188 46.22 1.51 15.15
C VAL C 188 46.28 2.40 16.40
N GLU C 189 47.12 2.14 17.42
CA GLU C 189 47.27 2.96 18.63
C GLU C 189 48.54 3.60 18.67
N GLY C 190 48.77 4.71 17.85
CA GLY C 190 50.16 5.11 17.59
C GLY C 190 50.84 4.25 16.56
N GLN C 191 51.94 3.60 17.06
CA GLN C 191 52.67 2.72 16.27
C GLN C 191 52.02 1.36 16.14
N THR C 192 51.29 0.96 17.19
CA THR C 192 50.89 -0.43 17.33
C THR C 192 49.60 -0.79 16.65
N PRO C 193 49.43 -1.82 15.82
CA PRO C 193 48.12 -2.17 15.22
C PRO C 193 47.22 -2.90 16.15
N LYS C 194 45.91 -2.49 16.05
CA LYS C 194 44.84 -3.03 16.87
C LYS C 194 43.92 -4.00 16.18
N TYR C 195 43.55 -5.12 16.83
CA TYR C 195 42.72 -6.13 16.25
C TYR C 195 41.40 -6.34 16.95
N ALA C 196 40.43 -6.93 16.29
CA ALA C 196 39.16 -7.25 16.74
C ALA C 196 38.99 -8.10 18.01
N ASP C 197 38.08 -7.64 18.95
CA ASP C 197 37.51 -8.34 20.01
C ASP C 197 36.46 -9.33 19.51
N LYS C 198 36.84 -10.63 19.62
CA LYS C 198 36.03 -11.70 19.04
C LYS C 198 34.66 -11.81 19.59
N THR C 199 34.37 -11.25 20.76
CA THR C 199 33.07 -11.33 21.43
C THR C 199 31.94 -10.55 20.85
N PHE C 200 32.22 -9.51 20.00
CA PHE C 200 31.18 -8.77 19.25
C PHE C 200 31.55 -8.20 17.87
N GLN C 201 32.86 -8.04 17.64
CA GLN C 201 33.31 -7.45 16.39
C GLN C 201 33.66 -8.38 15.26
N PRO C 202 33.45 -8.13 13.95
CA PRO C 202 32.77 -6.98 13.29
C PRO C 202 31.30 -7.11 13.50
N GLU C 203 30.58 -5.99 13.88
CA GLU C 203 29.15 -6.18 14.16
C GLU C 203 28.37 -6.52 12.88
N PRO C 204 27.38 -7.45 12.79
CA PRO C 204 26.89 -8.05 11.59
C PRO C 204 26.10 -7.07 10.74
N GLN C 205 25.57 -5.97 11.31
CA GLN C 205 24.80 -4.95 10.63
C GLN C 205 25.66 -3.80 9.99
N ILE C 206 26.94 -3.81 10.27
CA ILE C 206 27.81 -2.76 9.74
C ILE C 206 28.53 -3.38 8.55
N GLY C 207 28.10 -2.97 7.38
CA GLY C 207 28.49 -3.56 6.08
C GLY C 207 28.98 -2.46 5.25
N GLU C 208 28.89 -2.73 3.94
CA GLU C 208 29.62 -1.89 2.92
C GLU C 208 29.24 -0.43 2.88
N SER C 209 30.22 0.46 2.80
CA SER C 209 30.03 1.87 2.52
C SER C 209 29.76 2.25 1.08
N GLN C 210 30.09 1.34 0.09
CA GLN C 210 30.02 1.66 -1.33
C GLN C 210 29.10 0.74 -2.07
N TRP C 211 28.17 1.26 -2.85
CA TRP C 211 27.27 0.35 -3.58
C TRP C 211 27.88 -0.41 -4.77
N TYR C 212 28.74 0.24 -5.60
CA TYR C 212 29.24 -0.34 -6.79
C TYR C 212 30.27 -1.40 -6.56
N GLU C 213 30.58 -2.21 -7.56
CA GLU C 213 31.48 -3.34 -7.65
C GLU C 213 32.92 -2.91 -7.24
N THR C 214 33.25 -3.24 -6.01
CA THR C 214 34.51 -2.83 -5.38
C THR C 214 35.12 -3.96 -4.74
N GLU C 215 36.25 -4.54 -5.21
CA GLU C 215 36.90 -5.70 -4.52
C GLU C 215 37.28 -5.29 -3.08
N ILE C 216 37.21 -6.26 -2.11
CA ILE C 216 37.64 -6.09 -0.73
C ILE C 216 38.75 -7.03 -0.35
N ASN C 217 39.94 -6.52 -0.26
CA ASN C 217 41.14 -7.26 0.00
C ASN C 217 41.19 -7.97 1.35
N HIS C 218 40.78 -7.28 2.41
CA HIS C 218 40.65 -7.90 3.78
C HIS C 218 39.15 -7.67 4.23
N ALA C 219 38.33 -8.75 4.24
CA ALA C 219 36.87 -8.70 4.49
C ALA C 219 36.65 -9.53 5.79
N ALA C 220 35.58 -9.26 6.60
CA ALA C 220 35.37 -10.04 7.78
C ALA C 220 33.78 -10.11 8.13
N GLY C 221 33.31 -11.16 8.85
CA GLY C 221 31.93 -11.44 9.23
C GLY C 221 31.78 -12.49 10.36
N ARG C 222 30.55 -12.82 10.61
CA ARG C 222 30.18 -13.83 11.61
C ARG C 222 29.38 -14.99 11.01
N VAL C 223 29.54 -16.15 11.67
CA VAL C 223 28.88 -17.45 11.25
C VAL C 223 28.51 -18.31 12.43
N LEU C 224 27.48 -19.12 12.30
CA LEU C 224 27.10 -19.99 13.42
C LEU C 224 27.89 -21.33 13.35
N LYS C 225 28.52 -21.86 14.47
CA LYS C 225 29.11 -23.16 14.61
C LYS C 225 28.04 -24.26 14.52
N LYS C 226 28.35 -25.47 14.00
CA LYS C 226 27.47 -26.63 13.80
C LYS C 226 26.81 -27.24 15.01
N THR C 227 27.24 -26.93 16.25
CA THR C 227 26.67 -27.36 17.52
C THR C 227 25.31 -26.69 17.79
N THR C 228 25.15 -25.44 17.23
CA THR C 228 23.87 -24.72 17.14
C THR C 228 23.08 -25.21 15.95
N PRO C 229 21.81 -25.56 16.16
CA PRO C 229 20.87 -25.99 15.04
C PRO C 229 20.47 -24.94 14.10
N MET C 230 19.98 -25.32 12.92
CA MET C 230 19.35 -24.40 11.98
C MET C 230 18.06 -23.72 12.47
N LYS C 231 17.87 -22.36 12.08
CA LYS C 231 16.68 -21.69 12.30
C LYS C 231 16.54 -20.65 11.13
N PRO C 232 15.38 -20.23 10.65
CA PRO C 232 15.23 -19.20 9.62
C PRO C 232 15.64 -17.81 10.21
N CYS C 233 15.96 -16.81 9.34
CA CYS C 233 16.28 -15.43 9.76
C CYS C 233 15.03 -14.61 10.30
N TYR C 234 13.85 -14.79 9.63
CA TYR C 234 12.55 -14.23 10.11
C TYR C 234 12.17 -14.87 11.49
N GLY C 235 12.06 -14.08 12.56
CA GLY C 235 11.75 -14.62 13.92
C GLY C 235 12.88 -14.93 14.84
N SER C 236 14.14 -14.83 14.32
CA SER C 236 15.29 -15.17 15.15
C SER C 236 15.62 -14.16 16.20
N TYR C 237 15.71 -14.60 17.48
CA TYR C 237 16.09 -13.72 18.55
C TYR C 237 17.07 -14.40 19.43
N ALA C 238 18.19 -13.73 19.80
CA ALA C 238 19.23 -14.19 20.72
C ALA C 238 19.68 -13.14 21.63
N LYS C 239 19.45 -13.30 22.98
CA LYS C 239 19.83 -12.29 23.96
C LYS C 239 21.33 -11.99 24.14
N PRO C 240 21.67 -10.74 24.52
CA PRO C 240 23.03 -10.47 24.78
C PRO C 240 23.72 -11.25 25.90
N THR C 241 24.92 -11.81 25.60
CA THR C 241 25.76 -12.49 26.59
C THR C 241 26.70 -11.57 27.25
N ASN C 242 26.72 -10.30 26.76
CA ASN C 242 27.50 -9.20 27.35
C ASN C 242 26.85 -7.86 27.03
N GLU C 243 27.35 -6.84 27.70
CA GLU C 243 26.91 -5.47 27.56
C GLU C 243 27.45 -4.83 26.19
N ASN C 244 28.41 -5.60 25.50
CA ASN C 244 29.03 -5.13 24.27
C ASN C 244 28.02 -5.35 23.13
N GLY C 245 26.94 -6.15 23.40
CA GLY C 245 25.90 -6.43 22.44
C GLY C 245 25.99 -7.85 21.97
N GLY C 246 27.09 -8.61 22.17
CA GLY C 246 27.33 -9.94 21.58
C GLY C 246 26.34 -11.06 21.93
N GLN C 247 26.09 -11.97 20.97
CA GLN C 247 25.18 -13.03 21.27
C GLN C 247 25.94 -14.40 21.58
N GLY C 248 27.29 -14.32 21.41
CA GLY C 248 28.21 -15.45 21.57
C GLY C 248 28.14 -16.02 22.99
N ILE C 249 27.80 -17.34 23.06
CA ILE C 249 27.77 -18.19 24.26
C ILE C 249 29.10 -18.21 25.03
N LEU C 250 29.03 -18.00 26.39
CA LEU C 250 30.19 -18.04 27.20
C LEU C 250 30.24 -19.47 27.91
N VAL C 251 31.37 -20.14 27.99
CA VAL C 251 31.59 -21.44 28.66
C VAL C 251 32.49 -21.11 29.94
N LYS C 252 32.07 -21.69 31.05
CA LYS C 252 32.70 -21.47 32.38
C LYS C 252 34.00 -22.23 32.52
N GLN C 253 35.03 -21.45 32.77
CA GLN C 253 36.41 -21.82 32.83
C GLN C 253 36.74 -22.42 34.25
N GLN C 254 38.01 -22.99 34.40
CA GLN C 254 38.52 -23.69 35.53
C GLN C 254 38.50 -22.87 36.75
N ASN C 255 38.88 -21.55 36.59
CA ASN C 255 38.90 -20.63 37.68
C ASN C 255 37.57 -19.86 37.89
N GLY C 256 36.48 -20.43 37.26
CA GLY C 256 35.15 -20.05 37.41
C GLY C 256 34.56 -18.96 36.60
N LYS C 257 35.41 -18.26 35.91
CA LYS C 257 35.00 -17.17 35.07
C LYS C 257 34.28 -17.67 33.81
N LEU C 258 33.25 -16.90 33.26
CA LEU C 258 32.63 -17.28 32.01
C LEU C 258 33.60 -16.74 30.85
N GLU C 259 33.83 -17.51 29.78
CA GLU C 259 34.78 -17.11 28.76
C GLU C 259 34.18 -17.50 27.42
N SER C 260 34.48 -16.59 26.47
CA SER C 260 33.94 -16.72 25.13
C SER C 260 34.77 -17.65 24.35
N GLN C 261 34.13 -18.50 23.63
CA GLN C 261 34.74 -19.55 22.88
C GLN C 261 34.67 -19.21 21.39
N VAL C 262 34.59 -17.91 20.98
CA VAL C 262 34.59 -17.65 19.54
C VAL C 262 35.84 -18.08 18.84
N GLU C 263 35.71 -18.63 17.64
CA GLU C 263 36.82 -19.17 16.96
C GLU C 263 36.92 -18.53 15.61
N MET C 264 38.18 -18.14 15.23
CA MET C 264 38.43 -17.49 13.87
C MET C 264 38.66 -18.66 12.90
N GLN C 265 38.11 -18.38 11.64
CA GLN C 265 38.19 -19.30 10.46
C GLN C 265 38.71 -18.47 9.29
N PHE C 266 39.95 -18.81 8.82
CA PHE C 266 40.54 -17.94 7.80
C PHE C 266 40.18 -18.62 6.46
N PHE C 267 39.95 -17.88 5.39
CA PHE C 267 39.64 -18.48 4.10
C PHE C 267 40.31 -17.63 2.91
N SER C 268 40.62 -18.34 1.83
CA SER C 268 40.90 -17.70 0.63
C SER C 268 40.31 -18.52 -0.49
N THR C 269 40.13 -17.95 -1.73
CA THR C 269 39.54 -18.51 -2.92
C THR C 269 40.18 -19.76 -3.45
N THR C 270 39.42 -20.62 -4.16
CA THR C 270 39.96 -21.88 -4.71
C THR C 270 41.19 -21.61 -5.71
N GLU C 271 41.09 -20.52 -6.56
CA GLU C 271 42.19 -20.16 -7.40
C GLU C 271 43.48 -19.87 -6.61
N ALA C 272 43.44 -19.13 -5.44
CA ALA C 272 44.61 -18.87 -4.62
C ALA C 272 45.15 -20.09 -3.91
N ALA C 273 44.24 -21.03 -3.46
CA ALA C 273 44.68 -22.31 -2.85
C ALA C 273 45.16 -23.29 -3.98
N ALA C 274 44.93 -22.97 -5.29
CA ALA C 274 45.49 -23.85 -6.34
C ALA C 274 47.02 -23.66 -6.48
N GLY C 275 47.58 -22.46 -6.10
CA GLY C 275 49.05 -22.22 -6.18
C GLY C 275 49.86 -22.94 -5.09
N ASN C 276 51.21 -22.81 -5.08
CA ASN C 276 52.11 -23.60 -4.22
C ASN C 276 51.87 -23.46 -2.67
N GLY C 277 51.67 -22.22 -2.19
CA GLY C 277 51.38 -21.93 -0.77
C GLY C 277 52.14 -20.73 -0.23
N ASP C 278 53.19 -20.18 -0.93
CA ASP C 278 53.99 -19.01 -0.49
C ASP C 278 53.11 -17.73 -0.55
N ASN C 279 52.31 -17.50 -1.63
CA ASN C 279 51.39 -16.31 -1.75
C ASN C 279 50.07 -16.52 -1.10
N LEU C 280 49.83 -17.70 -0.46
CA LEU C 280 48.57 -18.06 0.15
C LEU C 280 48.28 -17.17 1.44
N THR C 281 47.22 -16.35 1.47
CA THR C 281 46.99 -15.54 2.63
C THR C 281 45.47 -15.27 2.68
N PRO C 282 44.75 -15.07 3.76
CA PRO C 282 43.29 -14.92 3.70
C PRO C 282 42.83 -13.55 3.17
N LYS C 283 41.81 -13.54 2.32
CA LYS C 283 41.06 -12.47 1.86
C LYS C 283 39.89 -12.29 2.84
N VAL C 284 39.57 -13.33 3.62
CA VAL C 284 38.50 -13.37 4.55
C VAL C 284 38.91 -14.11 5.86
N VAL C 285 38.29 -13.55 6.96
CA VAL C 285 38.38 -14.11 8.25
C VAL C 285 36.97 -14.07 8.84
N LEU C 286 36.48 -15.24 9.15
CA LEU C 286 35.10 -15.36 9.68
C LEU C 286 35.13 -15.72 11.18
N TYR C 287 34.30 -15.07 12.00
CA TYR C 287 34.16 -15.38 13.40
C TYR C 287 33.00 -16.34 13.65
N SER C 288 33.39 -17.61 13.85
CA SER C 288 32.40 -18.69 14.10
C SER C 288 32.01 -18.71 15.55
N GLU C 289 30.74 -18.85 15.90
CA GLU C 289 30.24 -18.88 17.25
C GLU C 289 28.97 -19.70 17.37
N ASP C 290 28.80 -20.30 18.55
CA ASP C 290 27.50 -20.85 18.99
C ASP C 290 26.80 -19.64 19.59
N VAL C 291 25.50 -19.30 19.30
CA VAL C 291 24.82 -18.23 19.98
C VAL C 291 23.55 -18.77 20.45
N ASP C 292 22.96 -18.03 21.43
CA ASP C 292 21.78 -18.59 22.09
C ASP C 292 20.51 -18.26 21.41
N ILE C 293 20.37 -18.77 20.19
CA ILE C 293 19.10 -18.64 19.36
C ILE C 293 17.84 -19.21 20.04
N GLU C 294 16.80 -18.52 19.71
CA GLU C 294 15.46 -18.99 19.96
C GLU C 294 14.55 -18.24 18.97
N THR C 295 13.34 -18.83 18.67
CA THR C 295 12.27 -18.28 17.84
C THR C 295 11.05 -18.24 18.80
N PRO C 296 10.41 -17.11 19.15
CA PRO C 296 9.36 -17.26 20.17
C PRO C 296 7.95 -16.88 19.54
N ASP C 297 7.92 -15.98 18.50
CA ASP C 297 6.70 -15.39 17.91
C ASP C 297 6.44 -15.88 16.49
N THR C 298 7.21 -16.99 16.10
CA THR C 298 7.14 -17.58 14.81
C THR C 298 7.13 -19.10 15.02
N HIS C 299 6.67 -19.90 14.03
CA HIS C 299 6.83 -21.29 14.10
C HIS C 299 7.27 -21.69 12.65
N ILE C 300 7.56 -22.98 12.56
CA ILE C 300 7.98 -23.54 11.34
C ILE C 300 6.77 -24.07 10.62
N SER C 301 6.48 -23.51 9.42
CA SER C 301 5.40 -23.91 8.61
C SER C 301 5.62 -25.03 7.64
N TYR C 302 6.90 -25.14 7.21
CA TYR C 302 7.36 -26.28 6.36
C TYR C 302 8.68 -26.87 6.90
N MET C 303 8.64 -28.10 7.48
CA MET C 303 9.90 -28.68 7.93
C MET C 303 10.16 -29.79 6.85
N PRO C 304 11.38 -29.74 6.27
CA PRO C 304 11.70 -30.55 5.08
C PRO C 304 11.85 -32.02 5.41
N THR C 305 12.62 -32.32 6.46
CA THR C 305 13.08 -33.61 6.89
C THR C 305 13.08 -33.69 8.40
N ILE C 306 13.27 -34.89 8.95
CA ILE C 306 13.26 -35.16 10.37
C ILE C 306 14.64 -35.67 10.82
N LYS C 307 15.66 -35.70 9.90
CA LYS C 307 17.08 -36.05 10.11
C LYS C 307 17.90 -35.43 11.27
N GLU C 308 18.91 -36.19 11.90
CA GLU C 308 19.69 -35.69 13.01
C GLU C 308 20.84 -34.75 12.45
N GLY C 309 21.06 -33.61 13.14
CA GLY C 309 22.09 -32.64 12.83
C GLY C 309 21.96 -31.92 11.56
N ASN C 310 22.79 -30.90 11.49
CA ASN C 310 22.64 -29.93 10.40
C ASN C 310 23.05 -30.42 9.03
N SER C 311 22.27 -30.05 7.98
CA SER C 311 22.55 -30.47 6.63
C SER C 311 22.04 -29.39 5.75
N ARG C 312 22.43 -29.39 4.49
CA ARG C 312 21.92 -28.55 3.47
C ARG C 312 20.50 -28.76 3.24
N GLU C 313 20.07 -30.00 3.27
CA GLU C 313 18.63 -30.31 3.25
C GLU C 313 17.71 -29.75 4.36
N LEU C 314 18.23 -29.72 5.67
CA LEU C 314 17.48 -29.00 6.72
C LEU C 314 17.44 -27.51 6.52
N MET C 315 18.15 -26.88 5.55
CA MET C 315 17.86 -25.44 5.29
C MET C 315 16.58 -25.12 4.54
N GLY C 316 15.82 -26.11 4.01
CA GLY C 316 14.64 -25.81 3.18
C GLY C 316 13.47 -25.28 3.98
N GLN C 317 13.55 -25.29 5.31
CA GLN C 317 12.56 -24.80 6.26
C GLN C 317 12.09 -23.32 6.15
N GLN C 318 10.77 -23.04 6.16
CA GLN C 318 10.21 -21.77 6.03
C GLN C 318 9.49 -21.38 7.27
N SER C 319 9.56 -20.08 7.60
CA SER C 319 8.88 -19.52 8.86
C SER C 319 7.45 -18.94 8.59
N MET C 320 6.76 -18.76 9.75
CA MET C 320 5.41 -18.17 9.69
C MET C 320 5.27 -17.52 11.08
N PRO C 321 4.78 -16.29 11.17
CA PRO C 321 4.50 -15.64 12.40
C PRO C 321 3.29 -16.30 13.12
N ASN C 322 3.33 -16.36 14.45
CA ASN C 322 2.30 -16.97 15.29
C ASN C 322 1.04 -16.15 15.27
N ARG C 323 -0.16 -16.81 15.33
CA ARG C 323 -1.41 -16.06 15.30
C ARG C 323 -1.65 -15.08 16.47
N PRO C 324 -1.98 -13.82 16.27
CA PRO C 324 -2.19 -12.79 17.33
C PRO C 324 -3.33 -13.29 18.27
N ASN C 325 -3.09 -13.30 19.56
CA ASN C 325 -4.05 -13.61 20.62
C ASN C 325 -3.97 -12.37 21.60
N TYR C 326 -5.06 -11.61 21.59
CA TYR C 326 -5.35 -10.62 22.60
C TYR C 326 -6.18 -11.15 23.73
N ILE C 327 -5.83 -10.84 25.01
CA ILE C 327 -6.49 -11.36 26.16
C ILE C 327 -6.75 -10.22 27.05
N ALA C 328 -7.98 -10.09 27.58
CA ALA C 328 -8.37 -8.87 28.30
C ALA C 328 -9.53 -9.32 29.21
N PHE C 329 -9.95 -8.31 29.99
CA PHE C 329 -11.27 -8.28 30.57
C PHE C 329 -12.29 -7.82 29.53
N ARG C 330 -13.61 -8.24 29.74
CA ARG C 330 -14.78 -8.13 28.91
C ARG C 330 -15.36 -6.72 28.90
N ASP C 331 -16.17 -6.31 27.91
CA ASP C 331 -16.94 -5.05 27.92
C ASP C 331 -17.84 -4.99 29.19
N ASN C 332 -17.80 -3.83 29.90
CA ASN C 332 -18.64 -3.64 31.07
C ASN C 332 -18.44 -4.71 32.20
N PHE C 333 -17.25 -5.38 32.23
CA PHE C 333 -16.90 -6.37 33.15
C PHE C 333 -17.83 -7.58 33.15
N ILE C 334 -18.35 -8.02 31.97
CA ILE C 334 -19.19 -9.17 31.82
C ILE C 334 -18.67 -10.50 32.57
N GLY C 335 -19.55 -11.20 33.28
CA GLY C 335 -19.32 -12.56 33.97
C GLY C 335 -18.53 -12.40 35.21
N LEU C 336 -17.98 -11.22 35.51
CA LEU C 336 -17.17 -11.16 36.68
C LEU C 336 -17.97 -11.20 37.91
N MET C 337 -19.12 -10.59 38.03
CA MET C 337 -20.03 -10.64 39.10
C MET C 337 -21.08 -11.71 39.01
N TYR C 338 -21.49 -12.32 40.15
CA TYR C 338 -22.57 -13.34 40.26
C TYR C 338 -23.93 -12.61 40.16
N TYR C 339 -24.92 -13.14 39.48
CA TYR C 339 -26.24 -12.72 39.28
C TYR C 339 -26.92 -14.05 38.93
N ASN C 340 -28.21 -14.14 39.15
CA ASN C 340 -29.16 -15.22 38.80
C ASN C 340 -28.72 -16.62 39.29
N SER C 341 -28.28 -16.61 40.58
CA SER C 341 -28.07 -17.91 41.31
C SER C 341 -28.58 -17.70 42.74
N THR C 342 -29.09 -18.78 43.38
CA THR C 342 -29.56 -18.71 44.76
C THR C 342 -28.52 -19.06 45.74
N GLY C 343 -27.36 -19.66 45.28
CA GLY C 343 -26.30 -20.19 46.15
C GLY C 343 -25.18 -19.16 46.31
N ASN C 344 -25.09 -18.21 45.36
CA ASN C 344 -24.05 -17.18 45.34
C ASN C 344 -24.71 -15.82 45.45
N MET C 345 -26.01 -15.75 45.72
CA MET C 345 -26.79 -14.53 45.64
C MET C 345 -26.21 -13.36 46.50
N GLY C 346 -26.04 -12.15 45.98
CA GLY C 346 -25.68 -10.92 46.68
C GLY C 346 -26.62 -10.59 47.82
N VAL C 347 -26.24 -9.67 48.69
CA VAL C 347 -27.00 -9.31 49.85
C VAL C 347 -26.97 -7.80 50.06
N LEU C 348 -28.16 -7.13 50.14
CA LEU C 348 -28.30 -5.74 50.50
C LEU C 348 -29.33 -5.66 51.58
N ALA C 349 -29.05 -5.23 52.80
CA ALA C 349 -29.92 -5.35 53.91
C ALA C 349 -29.58 -4.22 54.95
N GLY C 350 -30.53 -3.97 55.89
CA GLY C 350 -30.37 -3.06 57.03
C GLY C 350 -29.69 -3.75 58.22
N GLN C 351 -28.89 -3.07 59.03
CA GLN C 351 -28.31 -3.60 60.31
C GLN C 351 -29.37 -3.87 61.38
N ALA C 352 -30.54 -3.19 61.38
CA ALA C 352 -31.61 -3.44 62.32
C ALA C 352 -32.45 -4.63 61.80
N SER C 353 -32.21 -5.14 60.59
CA SER C 353 -32.96 -6.24 60.00
C SER C 353 -32.09 -7.48 59.70
N GLN C 354 -32.80 -8.65 59.47
CA GLN C 354 -32.22 -9.99 59.15
C GLN C 354 -32.66 -10.50 57.79
N LEU C 355 -33.29 -9.68 56.89
CA LEU C 355 -33.94 -10.15 55.66
C LEU C 355 -33.23 -9.47 54.42
N ASN C 356 -32.81 -10.26 53.45
CA ASN C 356 -32.19 -9.84 52.23
C ASN C 356 -33.15 -9.00 51.37
N ALA C 357 -32.72 -7.72 50.98
CA ALA C 357 -33.47 -6.94 50.04
C ALA C 357 -33.19 -7.22 48.56
N VAL C 358 -32.27 -8.20 48.19
CA VAL C 358 -32.03 -8.72 46.89
C VAL C 358 -32.74 -10.02 46.64
N VAL C 359 -33.64 -10.00 45.64
CA VAL C 359 -34.31 -11.25 45.29
C VAL C 359 -33.96 -11.45 43.78
N ASP C 360 -33.05 -12.35 43.44
CA ASP C 360 -32.63 -12.44 42.06
C ASP C 360 -33.06 -13.81 41.43
N LEU C 361 -33.95 -13.81 40.46
CA LEU C 361 -34.55 -14.99 39.94
C LEU C 361 -33.55 -15.69 38.90
N GLN C 362 -33.47 -17.10 38.91
CA GLN C 362 -32.54 -17.84 38.06
C GLN C 362 -32.68 -17.75 36.52
N ASP C 363 -33.96 -17.77 36.14
CA ASP C 363 -34.43 -17.65 34.71
C ASP C 363 -34.33 -16.21 34.19
N ARG C 364 -33.33 -15.50 34.55
CA ARG C 364 -33.06 -14.17 33.98
C ARG C 364 -31.60 -13.90 33.52
N ASN C 365 -31.41 -12.73 32.85
CA ASN C 365 -30.20 -12.32 32.23
C ASN C 365 -29.97 -10.77 32.48
N THR C 366 -29.36 -10.45 33.69
CA THR C 366 -29.09 -9.07 34.14
C THR C 366 -28.04 -8.43 33.20
N GLU C 367 -26.97 -9.11 32.78
CA GLU C 367 -25.93 -8.55 31.94
C GLU C 367 -26.42 -8.03 30.57
N LEU C 368 -27.24 -8.89 29.88
CA LEU C 368 -27.89 -8.49 28.62
C LEU C 368 -28.86 -7.28 28.72
N SER C 369 -29.62 -7.21 29.85
CA SER C 369 -30.38 -5.98 30.16
C SER C 369 -29.46 -4.77 30.28
N TYR C 370 -28.33 -4.83 31.08
CA TYR C 370 -27.49 -3.75 31.26
C TYR C 370 -26.87 -3.25 29.97
N GLN C 371 -26.49 -4.16 29.04
CA GLN C 371 -26.07 -3.92 27.65
C GLN C 371 -27.13 -3.17 26.85
N LEU C 372 -28.37 -3.69 26.78
CA LEU C 372 -29.49 -3.07 26.02
C LEU C 372 -29.90 -1.72 26.54
N LEU C 373 -29.84 -1.53 27.84
CA LEU C 373 -30.05 -0.22 28.51
C LEU C 373 -29.07 0.81 28.09
N LEU C 374 -27.82 0.42 28.21
CA LEU C 374 -26.74 1.29 27.64
C LEU C 374 -26.86 1.73 26.21
N ASP C 375 -27.26 0.83 25.30
CA ASP C 375 -27.52 1.10 23.87
C ASP C 375 -28.64 2.14 23.70
N SER C 376 -29.67 2.09 24.46
CA SER C 376 -30.80 3.07 24.51
C SER C 376 -30.35 4.42 25.09
N ILE C 377 -29.42 4.45 26.08
CA ILE C 377 -29.13 5.71 26.76
C ILE C 377 -28.21 6.66 25.97
N GLY C 378 -27.01 6.14 25.58
CA GLY C 378 -26.08 6.96 24.93
C GLY C 378 -25.42 6.14 23.87
N ASP C 379 -24.40 6.64 23.27
CA ASP C 379 -23.61 5.99 22.17
C ASP C 379 -22.71 4.81 22.50
N ARG C 380 -22.85 3.64 21.84
CA ARG C 380 -22.02 2.54 22.12
C ARG C 380 -20.79 2.44 21.14
N THR C 381 -20.61 3.41 20.22
CA THR C 381 -19.35 3.50 19.46
C THR C 381 -18.32 4.24 20.21
N ARG C 382 -18.70 5.02 21.25
CA ARG C 382 -17.81 5.81 22.17
C ARG C 382 -17.31 4.85 23.25
N TYR C 383 -15.92 5.00 23.54
CA TYR C 383 -15.23 4.11 24.51
C TYR C 383 -15.02 4.96 25.71
N PHE C 384 -15.24 4.37 26.90
CA PHE C 384 -14.97 5.04 28.15
C PHE C 384 -14.10 4.04 28.95
N SER C 385 -12.96 4.39 29.51
CA SER C 385 -12.11 3.41 30.05
C SER C 385 -12.45 3.03 31.47
N MET C 386 -13.20 3.83 32.24
CA MET C 386 -13.50 3.54 33.62
C MET C 386 -14.31 2.26 33.89
N TRP C 387 -15.41 1.98 33.14
CA TRP C 387 -16.15 0.74 33.25
C TRP C 387 -15.62 -0.37 32.41
N ASN C 388 -14.51 -0.09 31.71
CA ASN C 388 -14.06 -0.82 30.50
C ASN C 388 -15.24 -0.92 29.55
N GLN C 389 -15.64 0.25 29.07
CA GLN C 389 -16.75 0.48 28.12
C GLN C 389 -16.17 0.61 26.79
N ALA C 390 -16.29 -0.42 25.91
CA ALA C 390 -15.80 -0.37 24.52
C ALA C 390 -16.23 -1.73 23.93
N VAL C 391 -17.30 -1.59 23.09
CA VAL C 391 -18.05 -2.64 22.40
C VAL C 391 -17.23 -3.33 21.32
N ASP C 392 -17.39 -4.70 21.35
CA ASP C 392 -16.77 -5.53 20.34
C ASP C 392 -17.25 -5.17 18.86
N SER C 393 -16.25 -5.12 17.98
CA SER C 393 -16.45 -4.71 16.59
C SER C 393 -15.84 -5.62 15.56
N TYR C 394 -16.47 -5.63 14.36
CA TYR C 394 -15.93 -6.22 13.13
C TYR C 394 -15.66 -5.12 12.10
N ASP C 395 -14.87 -5.37 11.09
CA ASP C 395 -14.68 -4.48 9.90
C ASP C 395 -15.79 -4.89 8.87
N PRO C 396 -16.71 -4.13 8.41
CA PRO C 396 -17.78 -4.58 7.52
C PRO C 396 -17.18 -5.11 6.16
N ASP C 397 -16.00 -4.54 5.72
CA ASP C 397 -15.43 -5.00 4.46
C ASP C 397 -14.72 -6.40 4.69
N VAL C 398 -14.55 -6.86 5.95
CA VAL C 398 -14.03 -8.12 6.26
C VAL C 398 -15.10 -9.11 6.41
N ARG C 399 -16.29 -8.68 7.06
CA ARG C 399 -17.49 -9.53 7.17
C ARG C 399 -18.09 -9.90 5.81
N ILE C 400 -18.50 -8.88 5.06
CA ILE C 400 -19.02 -9.08 3.76
C ILE C 400 -17.83 -8.82 2.82
N ILE C 401 -17.33 -9.79 2.01
CA ILE C 401 -16.25 -9.53 1.07
C ILE C 401 -16.79 -8.83 -0.10
N GLU C 402 -16.20 -7.70 -0.39
CA GLU C 402 -16.52 -6.91 -1.53
C GLU C 402 -15.36 -6.82 -2.58
N ASN C 403 -15.37 -7.80 -3.56
CA ASN C 403 -14.21 -8.02 -4.41
C ASN C 403 -14.44 -7.23 -5.69
N HIS C 404 -13.80 -6.05 -5.80
CA HIS C 404 -13.96 -5.28 -6.97
C HIS C 404 -12.77 -5.40 -7.86
N GLY C 405 -11.83 -6.39 -7.58
CA GLY C 405 -10.60 -6.59 -8.33
C GLY C 405 -9.65 -5.40 -8.26
N THR C 406 -8.42 -5.76 -8.46
CA THR C 406 -7.23 -4.88 -8.51
C THR C 406 -7.02 -3.74 -9.54
N GLU C 407 -6.58 -2.57 -9.00
CA GLU C 407 -6.23 -1.38 -9.76
C GLU C 407 -4.79 -1.57 -10.21
N ASP C 408 -4.49 -2.11 -11.49
CA ASP C 408 -3.14 -2.51 -11.85
C ASP C 408 -2.79 -2.27 -13.31
N GLU C 409 -3.34 -1.18 -13.87
CA GLU C 409 -3.21 -0.90 -15.35
C GLU C 409 -1.73 -0.64 -15.82
N LEU C 410 -1.10 0.22 -15.02
CA LEU C 410 0.29 0.50 -15.30
C LEU C 410 1.23 -0.54 -14.62
N PRO C 411 2.26 -1.12 -15.31
CA PRO C 411 3.24 -2.00 -14.70
C PRO C 411 4.17 -1.25 -13.71
N ASN C 412 4.49 -1.82 -12.52
CA ASN C 412 5.42 -1.27 -11.53
C ASN C 412 6.70 -2.05 -11.43
N TYR C 413 7.80 -1.27 -11.31
CA TYR C 413 9.06 -1.91 -11.45
C TYR C 413 10.09 -1.59 -10.25
N CYS C 414 10.94 -2.56 -9.89
CA CYS C 414 12.15 -2.33 -9.10
C CYS C 414 13.49 -2.55 -9.86
N PHE C 415 14.50 -1.70 -9.60
CA PHE C 415 15.73 -1.47 -10.34
C PHE C 415 16.94 -1.66 -9.45
N PRO C 416 18.17 -1.95 -9.90
CA PRO C 416 19.40 -2.10 -9.12
C PRO C 416 19.77 -0.82 -8.44
N LEU C 417 20.74 -0.84 -7.44
CA LEU C 417 21.17 0.30 -6.71
C LEU C 417 21.71 1.37 -7.55
N GLY C 418 22.45 0.95 -8.62
CA GLY C 418 22.96 1.85 -9.63
C GLY C 418 22.11 2.39 -10.67
N GLY C 419 20.94 1.77 -10.82
CA GLY C 419 19.89 2.12 -11.74
C GLY C 419 20.22 1.51 -13.09
N VAL C 420 21.42 0.86 -13.16
CA VAL C 420 21.92 0.37 -14.45
C VAL C 420 22.07 -1.07 -14.48
N GLY C 421 22.98 -1.65 -13.57
CA GLY C 421 23.27 -3.08 -13.56
C GLY C 421 24.29 -3.57 -14.51
N ASN C 422 24.38 -4.95 -14.69
CA ASN C 422 25.36 -5.64 -15.59
C ASN C 422 25.67 -4.89 -16.88
N ASN C 423 26.96 -4.52 -17.08
CA ASN C 423 27.41 -3.60 -18.16
C ASN C 423 28.60 -4.37 -18.72
N SER C 424 29.09 -3.84 -19.88
CA SER C 424 30.25 -4.33 -20.55
C SER C 424 31.22 -3.21 -20.74
N THR C 425 32.50 -3.43 -20.97
CA THR C 425 33.56 -2.41 -21.16
C THR C 425 33.71 -2.07 -22.62
N TYR C 426 33.76 -0.77 -22.90
CA TYR C 426 33.85 -0.23 -24.21
C TYR C 426 35.08 0.64 -24.31
N THR C 427 35.79 0.63 -25.46
CA THR C 427 37.02 1.40 -25.73
C THR C 427 36.65 2.61 -26.56
N LYS C 428 37.08 3.85 -26.06
CA LYS C 428 36.85 5.03 -26.90
C LYS C 428 37.71 4.99 -28.19
N VAL C 429 37.08 5.49 -29.27
CA VAL C 429 37.54 5.61 -30.55
C VAL C 429 37.22 7.05 -31.04
N LYS C 430 38.06 7.58 -31.93
CA LYS C 430 38.03 8.96 -32.56
C LYS C 430 37.92 8.76 -34.07
N PRO C 431 37.32 9.68 -34.87
CA PRO C 431 37.24 9.55 -36.33
C PRO C 431 38.45 10.05 -36.98
N LYS C 432 38.78 9.53 -38.18
CA LYS C 432 39.75 10.19 -39.06
C LYS C 432 39.06 11.06 -40.05
N THR C 433 39.09 12.35 -39.79
CA THR C 433 38.22 13.39 -40.43
C THR C 433 38.34 13.62 -41.89
N GLY C 434 39.30 13.13 -42.61
CA GLY C 434 39.33 13.32 -44.03
C GLY C 434 38.91 12.13 -44.77
N GLN C 435 38.31 11.14 -44.12
CA GLN C 435 37.87 9.89 -44.67
C GLN C 435 36.41 9.69 -44.29
N GLU C 436 35.62 8.99 -45.15
CA GLU C 436 34.21 8.74 -44.87
C GLU C 436 33.94 7.92 -43.62
N ASN C 437 34.72 6.85 -43.37
CA ASN C 437 34.38 5.83 -42.35
C ASN C 437 35.71 5.21 -41.79
N GLY C 438 36.69 6.07 -41.64
CA GLY C 438 37.99 5.78 -41.05
C GLY C 438 37.99 6.17 -39.58
N TRP C 439 38.52 5.29 -38.73
CA TRP C 439 38.50 5.45 -37.28
C TRP C 439 39.80 4.99 -36.63
N GLU C 440 40.16 5.51 -35.43
CA GLU C 440 41.42 5.27 -34.79
C GLU C 440 41.15 5.17 -33.27
N LYS C 441 41.80 4.14 -32.68
CA LYS C 441 41.77 3.70 -31.19
C LYS C 441 42.37 4.82 -30.32
N ASP C 442 41.76 5.08 -29.16
CA ASP C 442 42.34 6.09 -28.29
C ASP C 442 42.45 5.64 -26.82
N ALA C 443 43.68 5.67 -26.26
CA ALA C 443 43.98 5.26 -24.87
C ALA C 443 44.85 6.34 -24.18
N THR C 444 44.73 7.58 -24.67
CA THR C 444 45.50 8.72 -24.23
C THR C 444 45.00 9.37 -22.93
N GLU C 445 44.11 10.32 -23.02
CA GLU C 445 43.56 10.97 -21.84
C GLU C 445 42.33 10.20 -21.31
N PHE C 446 41.72 9.33 -22.14
CA PHE C 446 40.58 8.49 -21.76
C PHE C 446 41.13 7.17 -21.18
N SER C 447 40.33 6.54 -20.30
CA SER C 447 40.46 5.16 -19.81
C SER C 447 40.02 4.23 -20.94
N ASP C 448 40.79 3.18 -21.12
CA ASP C 448 40.50 2.17 -22.13
C ASP C 448 39.32 1.17 -21.73
N LYS C 449 38.70 1.23 -20.52
CA LYS C 449 37.63 0.37 -20.05
C LYS C 449 36.47 1.21 -19.56
N ASN C 450 35.61 1.73 -20.47
CA ASN C 450 34.50 2.62 -20.21
C ASN C 450 33.27 1.76 -19.93
N GLU C 451 32.64 2.00 -18.83
CA GLU C 451 31.56 1.09 -18.54
C GLU C 451 30.38 1.56 -19.36
N ILE C 452 29.79 0.66 -20.16
CA ILE C 452 28.57 1.07 -20.92
C ILE C 452 27.63 -0.14 -21.00
N ARG C 453 26.33 0.08 -20.72
CA ARG C 453 25.29 -0.91 -20.89
C ARG C 453 24.45 -0.54 -22.12
N VAL C 454 24.09 -1.55 -22.93
CA VAL C 454 23.42 -1.23 -24.21
C VAL C 454 21.99 -1.76 -24.15
N GLY C 455 21.07 -0.89 -24.45
CA GLY C 455 19.64 -1.11 -24.27
C GLY C 455 19.08 -0.60 -23.00
N ASN C 456 17.90 -1.09 -22.64
CA ASN C 456 17.23 -0.71 -21.45
C ASN C 456 17.91 -1.15 -20.12
N ASN C 457 17.71 -0.47 -18.91
CA ASN C 457 18.30 -0.83 -17.58
C ASN C 457 17.77 -2.11 -17.12
N PHE C 458 18.59 -2.89 -16.34
CA PHE C 458 18.09 -4.13 -15.67
C PHE C 458 16.95 -3.95 -14.64
N ALA C 459 16.01 -4.90 -14.59
CA ALA C 459 14.79 -4.68 -13.84
C ALA C 459 14.11 -5.97 -13.53
N MET C 460 13.33 -5.88 -12.49
CA MET C 460 12.31 -6.81 -12.14
C MET C 460 10.99 -6.05 -11.96
N GLU C 461 9.84 -6.83 -12.08
CA GLU C 461 8.48 -6.30 -12.17
C GLU C 461 7.71 -6.81 -11.03
N ILE C 462 6.77 -6.08 -10.44
CA ILE C 462 5.95 -6.56 -9.36
C ILE C 462 4.57 -5.86 -9.52
N ASN C 463 3.46 -6.58 -9.20
CA ASN C 463 2.15 -5.96 -9.23
C ASN C 463 1.72 -5.77 -7.75
N LEU C 464 1.97 -4.54 -7.15
CA LEU C 464 1.81 -4.20 -5.73
C LEU C 464 0.40 -4.45 -5.22
N ASN C 465 -0.65 -3.95 -5.94
CA ASN C 465 -1.98 -4.12 -5.39
C ASN C 465 -2.47 -5.58 -5.23
N ALA C 466 -2.19 -6.53 -6.13
CA ALA C 466 -2.56 -7.89 -6.09
C ALA C 466 -1.96 -8.58 -4.90
N ASN C 467 -0.66 -8.30 -4.57
CA ASN C 467 0.03 -8.85 -3.41
C ASN C 467 -0.56 -8.31 -2.13
N LEU C 468 -0.85 -7.00 -2.02
CA LEU C 468 -1.48 -6.49 -0.88
C LEU C 468 -2.93 -7.02 -0.61
N TRP C 469 -3.73 -7.08 -1.69
CA TRP C 469 -5.03 -7.68 -1.68
C TRP C 469 -5.04 -9.19 -1.30
N ARG C 470 -4.10 -9.99 -1.85
CA ARG C 470 -3.88 -11.36 -1.64
C ARG C 470 -3.48 -11.54 -0.18
N ASN C 471 -2.55 -10.70 0.36
CA ASN C 471 -2.26 -10.72 1.80
C ASN C 471 -3.49 -10.42 2.72
N PHE C 472 -4.31 -9.44 2.35
CA PHE C 472 -5.55 -9.09 3.09
C PHE C 472 -6.55 -10.24 3.17
N LEU C 473 -6.79 -10.91 2.03
CA LEU C 473 -7.73 -12.04 1.84
C LEU C 473 -7.32 -13.24 2.79
N TYR C 474 -5.99 -13.54 2.82
CA TYR C 474 -5.41 -14.58 3.68
C TYR C 474 -5.36 -14.28 5.14
N SER C 475 -5.08 -13.03 5.50
CA SER C 475 -4.95 -12.63 6.90
C SER C 475 -6.25 -12.49 7.70
N ASN C 476 -7.30 -11.88 7.10
CA ASN C 476 -8.52 -11.45 7.82
C ASN C 476 -9.59 -12.49 7.63
N ILE C 477 -9.46 -13.46 6.64
CA ILE C 477 -10.48 -14.39 6.35
C ILE C 477 -9.97 -15.84 6.36
N ALA C 478 -8.97 -16.19 5.48
CA ALA C 478 -8.45 -17.55 5.34
C ALA C 478 -8.00 -18.14 6.64
N LEU C 479 -7.25 -17.42 7.47
CA LEU C 479 -6.87 -17.89 8.80
C LEU C 479 -7.96 -18.08 9.84
N TYR C 480 -9.24 -17.60 9.63
CA TYR C 480 -10.39 -17.80 10.52
C TYR C 480 -11.37 -18.82 10.01
N LEU C 481 -11.06 -19.49 8.89
CA LEU C 481 -11.87 -20.54 8.34
C LEU C 481 -12.15 -21.71 9.31
N PRO C 482 -13.29 -22.47 9.26
CA PRO C 482 -13.52 -23.81 9.92
C PRO C 482 -12.35 -24.72 9.91
N ASP C 483 -12.10 -25.45 11.04
CA ASP C 483 -10.91 -26.34 11.19
C ASP C 483 -10.95 -27.58 10.21
N LYS C 484 -12.13 -27.95 9.70
CA LYS C 484 -12.29 -29.02 8.75
C LYS C 484 -11.76 -28.82 7.41
N LEU C 485 -11.48 -27.55 7.08
CA LEU C 485 -10.92 -27.11 5.74
C LEU C 485 -9.46 -27.06 5.74
N LYS C 486 -8.89 -27.30 6.90
CA LYS C 486 -7.46 -27.30 7.07
C LYS C 486 -6.88 -28.70 7.07
N TYR C 487 -5.50 -28.66 7.12
CA TYR C 487 -4.72 -29.88 7.27
C TYR C 487 -3.54 -29.63 8.31
N SER C 488 -2.97 -30.70 8.84
CA SER C 488 -1.87 -30.68 9.80
C SER C 488 -0.56 -30.75 9.04
N PRO C 489 0.41 -29.95 9.36
CA PRO C 489 1.69 -30.00 8.64
C PRO C 489 2.48 -31.26 8.72
N SER C 490 3.22 -31.59 7.64
CA SER C 490 3.98 -32.79 7.59
C SER C 490 5.32 -32.50 8.18
N ASN C 491 5.84 -33.25 9.16
CA ASN C 491 7.12 -33.14 9.85
C ASN C 491 7.25 -32.03 10.88
N VAL C 492 6.12 -31.56 11.45
CA VAL C 492 6.13 -30.56 12.53
C VAL C 492 5.15 -31.04 13.63
N LYS C 493 5.53 -31.37 14.85
CA LYS C 493 4.58 -31.81 15.89
C LYS C 493 3.44 -30.84 16.22
N ILE C 494 2.19 -31.28 16.59
CA ILE C 494 1.07 -30.46 16.98
C ILE C 494 0.44 -30.99 18.27
N SER C 495 -0.34 -30.14 19.00
CA SER C 495 -1.02 -30.54 20.23
C SER C 495 -1.98 -31.70 20.09
N ASP C 496 -2.07 -32.49 21.19
CA ASP C 496 -3.06 -33.57 21.26
C ASP C 496 -4.51 -32.98 21.50
N ASN C 497 -4.62 -31.87 22.22
CA ASN C 497 -5.88 -31.20 22.56
C ASN C 497 -6.29 -30.07 21.55
N PRO C 498 -7.49 -30.21 20.83
CA PRO C 498 -7.91 -29.16 19.83
C PRO C 498 -8.44 -27.86 20.42
N ASN C 499 -8.35 -27.66 21.77
CA ASN C 499 -8.82 -26.39 22.36
C ASN C 499 -7.64 -25.59 22.76
N THR C 500 -6.39 -25.98 22.52
CA THR C 500 -5.16 -25.24 22.84
C THR C 500 -4.66 -24.29 21.71
N TYR C 501 -3.85 -23.26 22.14
CA TYR C 501 -3.27 -22.31 21.27
C TYR C 501 -2.28 -23.08 20.33
N ASP C 502 -1.50 -24.12 20.84
CA ASP C 502 -0.64 -24.92 20.03
C ASP C 502 -1.33 -25.65 18.83
N TYR C 503 -2.54 -26.25 19.04
CA TYR C 503 -3.36 -26.87 17.98
C TYR C 503 -3.90 -25.74 17.00
N MET C 504 -4.50 -24.66 17.50
CA MET C 504 -5.05 -23.56 16.72
C MET C 504 -4.03 -22.77 15.91
N ASN C 505 -2.76 -22.67 16.34
CA ASN C 505 -1.71 -21.93 15.74
C ASN C 505 -1.11 -22.65 14.61
N LYS C 506 -1.10 -24.01 14.60
CA LYS C 506 -0.41 -24.86 13.64
C LYS C 506 -1.28 -25.47 12.60
N ARG C 507 -2.60 -25.50 12.66
CA ARG C 507 -3.35 -26.10 11.56
C ARG C 507 -3.32 -25.23 10.32
N VAL C 508 -3.00 -25.75 9.17
CA VAL C 508 -2.66 -25.03 7.92
C VAL C 508 -3.86 -25.05 6.94
N VAL C 509 -4.21 -23.77 6.55
CA VAL C 509 -5.28 -23.58 5.62
C VAL C 509 -4.74 -23.14 4.29
N ALA C 510 -5.15 -23.78 3.21
CA ALA C 510 -4.68 -23.38 1.90
C ALA C 510 -5.18 -22.02 1.44
N PRO C 511 -4.33 -21.12 0.95
CA PRO C 511 -4.68 -19.79 0.47
C PRO C 511 -5.62 -19.86 -0.73
N GLY C 512 -5.65 -20.97 -1.49
CA GLY C 512 -6.53 -21.21 -2.65
C GLY C 512 -8.02 -21.30 -2.21
N LEU C 513 -8.23 -21.40 -0.89
CA LEU C 513 -9.54 -21.39 -0.37
C LEU C 513 -10.15 -20.02 -0.32
N VAL C 514 -9.32 -18.95 -0.14
CA VAL C 514 -9.76 -17.54 -0.24
C VAL C 514 -8.64 -16.87 -1.07
N ASP C 515 -8.68 -17.04 -2.35
CA ASP C 515 -7.85 -16.44 -3.40
C ASP C 515 -8.51 -15.25 -4.17
N CYS C 516 -7.74 -14.49 -4.98
CA CYS C 516 -8.02 -13.17 -5.55
C CYS C 516 -9.34 -13.26 -6.29
N TYR C 517 -9.64 -14.37 -7.05
CA TYR C 517 -10.78 -14.49 -7.94
C TYR C 517 -12.13 -14.82 -7.31
N ILE C 518 -12.14 -15.30 -6.09
CA ILE C 518 -13.40 -15.79 -5.48
C ILE C 518 -14.36 -14.56 -5.21
N ASN C 519 -15.63 -14.78 -5.64
CA ASN C 519 -16.70 -13.75 -5.65
C ASN C 519 -16.29 -12.46 -6.50
N LEU C 520 -15.38 -12.55 -7.45
CA LEU C 520 -14.84 -11.39 -8.09
C LEU C 520 -15.94 -10.64 -8.87
N GLY C 521 -16.40 -9.48 -8.40
CA GLY C 521 -17.50 -8.70 -8.98
C GLY C 521 -18.75 -8.68 -8.10
N ALA C 522 -18.73 -9.33 -6.89
CA ALA C 522 -19.78 -9.46 -5.92
C ALA C 522 -19.49 -8.87 -4.56
N ARG C 523 -20.56 -8.56 -3.82
CA ARG C 523 -20.52 -8.21 -2.45
C ARG C 523 -21.13 -9.48 -1.79
N TRP C 524 -20.37 -10.46 -1.24
CA TRP C 524 -20.96 -11.67 -0.81
C TRP C 524 -20.08 -12.22 0.27
N SER C 525 -20.59 -12.63 1.43
CA SER C 525 -19.78 -13.19 2.51
C SER C 525 -19.40 -14.57 2.31
N LEU C 526 -18.17 -15.06 2.72
CA LEU C 526 -17.83 -16.46 2.48
C LEU C 526 -18.70 -17.47 3.18
N ASP C 527 -19.20 -18.44 2.43
CA ASP C 527 -20.16 -19.42 2.88
C ASP C 527 -19.84 -20.27 4.15
N TYR C 528 -18.57 -20.66 4.31
CA TYR C 528 -17.98 -21.27 5.53
C TYR C 528 -17.90 -20.32 6.71
N MET C 529 -17.88 -18.97 6.51
CA MET C 529 -17.75 -17.90 7.43
C MET C 529 -19.11 -17.26 7.85
N ASP C 530 -20.18 -17.55 7.12
CA ASP C 530 -21.52 -17.14 7.48
C ASP C 530 -21.92 -17.66 8.87
N ASN C 531 -21.34 -18.74 9.35
CA ASN C 531 -21.61 -19.29 10.69
C ASN C 531 -20.34 -19.31 11.62
N VAL C 532 -19.48 -18.28 11.39
CA VAL C 532 -18.23 -18.12 12.18
C VAL C 532 -18.33 -16.71 12.77
N ASN C 533 -18.07 -16.64 14.14
CA ASN C 533 -18.25 -15.44 15.00
C ASN C 533 -17.33 -14.30 14.47
N PRO C 534 -17.75 -13.13 13.97
CA PRO C 534 -16.85 -12.16 13.33
C PRO C 534 -16.17 -11.28 14.40
N PHE C 535 -16.64 -11.30 15.65
CA PHE C 535 -16.11 -10.48 16.72
C PHE C 535 -14.86 -11.13 17.42
N ASN C 536 -14.69 -12.48 17.20
CA ASN C 536 -13.53 -13.19 17.67
C ASN C 536 -12.51 -12.97 16.59
N HIS C 537 -11.81 -11.83 16.74
CA HIS C 537 -11.01 -11.41 15.62
C HIS C 537 -9.96 -10.45 16.15
N HIS C 538 -8.77 -10.43 15.47
CA HIS C 538 -7.69 -9.55 15.88
C HIS C 538 -7.86 -8.08 15.40
N ARG C 539 -8.87 -7.80 14.49
CA ARG C 539 -9.28 -6.51 14.08
C ARG C 539 -10.40 -5.96 15.02
N ASN C 540 -10.98 -6.78 15.91
CA ASN C 540 -11.88 -6.29 17.01
C ASN C 540 -11.18 -5.16 17.84
N ALA C 541 -11.37 -3.91 17.44
CA ALA C 541 -10.83 -2.69 17.99
C ALA C 541 -11.20 -2.60 19.44
N GLY C 542 -12.41 -3.04 19.88
CA GLY C 542 -12.84 -3.05 21.23
C GLY C 542 -12.06 -3.97 22.10
N LEU C 543 -11.92 -5.27 21.74
CA LEU C 543 -11.05 -6.20 22.41
C LEU C 543 -9.60 -5.73 22.38
N ARG C 544 -9.20 -5.16 21.22
CA ARG C 544 -7.82 -4.64 21.05
C ARG C 544 -7.53 -3.50 22.09
N TYR C 545 -8.47 -2.56 22.18
CA TYR C 545 -8.45 -1.45 23.14
C TYR C 545 -8.45 -1.95 24.60
N ARG C 546 -9.27 -3.01 24.96
CA ARG C 546 -9.38 -3.51 26.31
C ARG C 546 -8.13 -4.21 26.71
N SER C 547 -7.49 -4.83 25.73
CA SER C 547 -6.18 -5.37 26.03
C SER C 547 -5.13 -4.34 26.30
N MET C 548 -5.07 -3.21 25.56
CA MET C 548 -4.08 -2.17 25.58
C MET C 548 -4.36 -1.27 26.75
N LEU C 549 -5.60 -1.33 27.30
CA LEU C 549 -5.81 -0.80 28.68
C LEU C 549 -5.04 -1.50 29.76
N LEU C 550 -4.75 -2.84 29.55
CA LEU C 550 -3.81 -3.57 30.42
C LEU C 550 -2.37 -3.34 29.91
N GLY C 551 -2.13 -3.37 28.60
CA GLY C 551 -0.76 -3.06 28.06
C GLY C 551 -0.24 -4.26 27.27
N ASN C 552 1.08 -4.21 26.89
CA ASN C 552 1.69 -5.23 26.10
C ASN C 552 2.43 -6.37 26.87
N GLY C 553 2.53 -6.29 28.17
CA GLY C 553 3.14 -7.39 28.97
C GLY C 553 2.13 -8.47 29.35
N ARG C 554 2.56 -9.79 29.40
CA ARG C 554 1.68 -10.86 29.97
C ARG C 554 1.41 -10.74 31.47
N TYR C 555 2.43 -10.25 32.22
CA TYR C 555 2.38 -9.85 33.62
C TYR C 555 1.79 -8.37 33.73
N VAL C 556 0.58 -8.17 34.34
CA VAL C 556 -0.14 -6.91 34.49
C VAL C 556 -0.68 -6.88 35.91
N PRO C 557 -0.10 -6.06 36.74
CA PRO C 557 -0.80 -5.54 37.89
C PRO C 557 -1.68 -4.42 37.48
N PHE C 558 -2.97 -4.64 37.63
CA PHE C 558 -4.16 -3.92 37.08
C PHE C 558 -4.92 -3.25 38.22
N HIS C 559 -5.84 -2.32 37.75
CA HIS C 559 -6.81 -1.68 38.53
C HIS C 559 -8.04 -1.45 37.67
N ILE C 560 -9.28 -1.81 38.21
CA ILE C 560 -10.46 -1.84 37.44
C ILE C 560 -11.61 -1.33 38.24
N GLN C 561 -12.54 -0.47 37.66
CA GLN C 561 -13.71 0.05 38.36
C GLN C 561 -14.99 -0.57 37.88
N VAL C 562 -15.83 -1.23 38.79
CA VAL C 562 -17.03 -2.10 38.37
C VAL C 562 -18.32 -1.60 39.02
N PRO C 563 -19.47 -1.40 38.37
CA PRO C 563 -20.65 -0.78 39.04
C PRO C 563 -21.67 -1.85 39.50
N GLN C 564 -22.80 -1.43 40.07
CA GLN C 564 -23.91 -2.31 40.35
C GLN C 564 -24.87 -2.20 39.15
N LYS C 565 -25.32 -3.35 38.73
CA LYS C 565 -25.99 -3.53 37.48
C LYS C 565 -27.42 -4.00 37.62
N PHE C 566 -27.77 -4.34 38.83
CA PHE C 566 -29.10 -4.87 39.05
C PHE C 566 -30.05 -3.72 39.24
N PHE C 567 -31.12 -3.70 38.44
CA PHE C 567 -31.95 -2.54 38.18
C PHE C 567 -32.53 -1.80 39.38
N ALA C 568 -33.12 -2.51 40.34
CA ALA C 568 -33.64 -1.95 41.60
C ALA C 568 -32.61 -1.18 42.38
N ILE C 569 -31.35 -1.72 42.59
CA ILE C 569 -30.41 -1.14 43.53
C ILE C 569 -29.92 0.11 42.78
N LYS C 570 -29.65 -0.02 41.42
CA LYS C 570 -28.88 0.99 40.72
C LYS C 570 -29.66 2.30 40.42
N ASN C 571 -30.99 2.31 40.62
CA ASN C 571 -31.79 3.53 40.48
C ASN C 571 -32.24 3.96 41.86
N LEU C 572 -31.82 3.25 42.92
CA LEU C 572 -32.20 3.66 44.33
C LEU C 572 -31.54 4.88 44.95
N LEU C 573 -32.35 5.57 45.78
CA LEU C 573 -31.93 6.73 46.53
C LEU C 573 -31.83 6.29 47.97
N LEU C 574 -30.63 6.14 48.56
CA LEU C 574 -30.52 5.58 49.88
C LEU C 574 -30.51 6.57 51.08
N LEU C 575 -31.62 6.53 51.88
CA LEU C 575 -31.86 7.38 53.04
C LEU C 575 -31.04 6.99 54.31
N PRO C 576 -30.65 7.88 55.27
CA PRO C 576 -29.82 7.64 56.46
C PRO C 576 -30.05 6.32 57.20
N GLY C 577 -29.00 5.63 57.77
CA GLY C 577 -29.16 4.33 58.37
C GLY C 577 -27.82 3.64 58.24
N SER C 578 -27.67 2.50 58.79
CA SER C 578 -26.52 1.67 58.40
C SER C 578 -27.05 0.46 57.73
N TYR C 579 -26.33 0.07 56.69
CA TYR C 579 -26.84 -1.04 55.86
C TYR C 579 -25.74 -1.92 55.38
N THR C 580 -25.93 -3.26 55.28
CA THR C 580 -24.93 -4.25 54.73
C THR C 580 -25.03 -4.30 53.22
N TYR C 581 -23.88 -4.15 52.59
CA TYR C 581 -23.70 -4.41 51.14
C TYR C 581 -22.57 -5.43 50.92
N GLU C 582 -23.08 -6.67 50.63
CA GLU C 582 -22.26 -7.87 50.38
C GLU C 582 -22.49 -8.54 49.00
N TRP C 583 -21.41 -8.96 48.33
CA TRP C 583 -21.49 -9.57 46.92
C TRP C 583 -20.54 -10.67 46.80
N ASN C 584 -20.75 -11.54 45.80
CA ASN C 584 -19.97 -12.72 45.47
C ASN C 584 -19.34 -12.54 44.08
N PHE C 585 -18.11 -12.93 43.99
CA PHE C 585 -17.27 -12.61 42.81
C PHE C 585 -16.76 -13.95 42.19
N ARG C 586 -16.52 -13.87 40.80
CA ARG C 586 -15.94 -14.95 39.97
C ARG C 586 -14.44 -14.67 39.70
N LYS C 587 -13.64 -15.74 39.84
CA LYS C 587 -12.18 -15.72 39.59
C LYS C 587 -11.87 -16.53 38.29
N ASP C 588 -12.83 -17.31 37.64
CA ASP C 588 -12.54 -18.31 36.53
C ASP C 588 -12.13 -17.61 35.32
N VAL C 589 -10.92 -17.80 34.85
CA VAL C 589 -10.30 -17.13 33.78
C VAL C 589 -11.13 -17.28 32.45
N ASN C 590 -11.75 -18.42 32.16
CA ASN C 590 -12.55 -18.61 30.95
C ASN C 590 -13.86 -17.84 30.91
N MET C 591 -14.29 -17.39 32.08
CA MET C 591 -15.42 -16.49 32.23
C MET C 591 -15.05 -14.97 32.42
N VAL C 592 -14.06 -14.75 33.32
CA VAL C 592 -13.85 -13.31 33.66
C VAL C 592 -13.02 -12.71 32.52
N LEU C 593 -12.22 -13.44 31.72
CA LEU C 593 -11.35 -12.98 30.66
C LEU C 593 -11.98 -13.33 29.34
N GLN C 594 -11.59 -12.69 28.30
CA GLN C 594 -11.94 -12.95 26.97
C GLN C 594 -10.73 -12.91 26.12
N SER C 595 -10.58 -13.92 25.23
CA SER C 595 -9.48 -13.98 24.27
C SER C 595 -10.04 -13.91 22.85
N SER C 596 -9.19 -13.40 21.88
CA SER C 596 -9.61 -13.45 20.50
C SER C 596 -9.78 -14.83 19.94
N LEU C 597 -8.98 -15.86 20.34
CA LEU C 597 -9.07 -17.23 19.81
C LEU C 597 -9.92 -18.18 20.57
N GLY C 598 -10.38 -17.83 21.79
CA GLY C 598 -11.21 -18.73 22.59
C GLY C 598 -10.56 -20.01 23.17
N ASN C 599 -9.25 -20.00 23.19
CA ASN C 599 -8.54 -21.17 23.79
C ASN C 599 -8.68 -21.24 25.36
N ASP C 600 -8.54 -22.41 25.94
CA ASP C 600 -8.71 -22.67 27.36
C ASP C 600 -7.55 -22.09 28.19
N LEU C 601 -7.78 -21.04 28.93
CA LEU C 601 -6.75 -20.38 29.65
C LEU C 601 -6.26 -21.03 30.96
N ARG C 602 -7.11 -21.89 31.56
CA ARG C 602 -6.74 -22.68 32.71
C ARG C 602 -5.53 -23.65 32.41
N VAL C 603 -5.58 -24.36 31.27
CA VAL C 603 -4.65 -25.29 30.70
C VAL C 603 -3.45 -24.60 30.02
N ASP C 604 -3.72 -23.46 29.26
CA ASP C 604 -2.61 -22.81 28.55
C ASP C 604 -1.88 -21.67 29.38
N GLY C 605 -2.16 -21.45 30.69
CA GLY C 605 -1.37 -20.67 31.63
C GLY C 605 -1.82 -19.35 32.00
N ALA C 606 -3.00 -18.79 31.74
CA ALA C 606 -3.33 -17.51 32.36
C ALA C 606 -3.71 -17.62 33.86
N SER C 607 -3.47 -16.62 34.76
CA SER C 607 -3.86 -16.74 36.13
C SER C 607 -4.18 -15.42 36.74
N ILE C 608 -5.01 -15.37 37.85
CA ILE C 608 -5.35 -14.13 38.47
C ILE C 608 -5.50 -14.38 39.97
N LYS C 609 -4.94 -13.41 40.70
CA LYS C 609 -4.80 -13.37 42.10
C LYS C 609 -5.25 -11.92 42.45
N PHE C 610 -6.20 -11.70 43.38
CA PHE C 610 -6.80 -10.41 43.61
C PHE C 610 -6.20 -9.88 44.93
N ASP C 611 -5.27 -8.91 44.76
CA ASP C 611 -4.60 -8.36 45.92
C ASP C 611 -5.54 -7.66 46.86
N SER C 612 -6.45 -6.82 46.33
CA SER C 612 -7.30 -6.04 47.19
C SER C 612 -8.48 -5.46 46.44
N ILE C 613 -9.47 -4.96 47.21
CA ILE C 613 -10.70 -4.38 46.71
C ILE C 613 -11.10 -3.22 47.57
N CYS C 614 -11.51 -2.08 46.96
CA CYS C 614 -12.01 -0.88 47.67
C CYS C 614 -13.48 -0.55 47.14
N LEU C 615 -14.41 0.14 47.90
CA LEU C 615 -15.75 0.57 47.45
C LEU C 615 -15.94 2.04 47.58
N TYR C 616 -16.63 2.70 46.60
CA TYR C 616 -16.84 4.15 46.49
C TYR C 616 -18.29 4.60 46.24
N ALA C 617 -18.74 5.70 46.80
CA ALA C 617 -20.07 6.18 46.64
C ALA C 617 -20.17 7.69 46.71
N THR C 618 -20.98 8.38 45.90
CA THR C 618 -21.03 9.88 45.89
C THR C 618 -22.28 10.44 46.60
N PHE C 619 -22.16 11.48 47.44
CA PHE C 619 -23.19 12.05 48.30
C PHE C 619 -23.52 13.54 48.01
N PHE C 620 -24.86 13.91 48.14
CA PHE C 620 -25.26 15.28 48.02
C PHE C 620 -25.00 16.13 49.34
N PRO C 621 -24.49 17.41 49.30
CA PRO C 621 -24.25 18.18 50.47
C PRO C 621 -25.42 19.11 50.84
N MET C 622 -26.54 18.41 51.19
CA MET C 622 -27.82 19.03 51.30
C MET C 622 -27.96 19.66 52.72
N ALA C 623 -28.77 20.72 52.79
CA ALA C 623 -29.27 21.43 53.98
C ALA C 623 -30.17 20.51 54.88
N HIS C 624 -29.87 20.61 56.16
CA HIS C 624 -30.35 19.55 57.10
C HIS C 624 -31.87 19.48 57.24
N ASN C 625 -32.54 20.64 57.25
CA ASN C 625 -33.98 20.80 57.25
C ASN C 625 -34.68 20.19 55.98
N THR C 626 -34.01 20.49 54.86
CA THR C 626 -34.45 19.89 53.58
C THR C 626 -34.22 18.43 53.55
N ALA C 627 -33.10 17.99 54.07
CA ALA C 627 -32.73 16.60 54.17
C ALA C 627 -33.72 15.86 55.03
N SER C 628 -34.15 16.45 56.16
CA SER C 628 -35.13 15.89 57.09
C SER C 628 -36.52 15.70 56.51
N THR C 629 -36.97 16.80 55.78
CA THR C 629 -38.27 16.84 55.00
C THR C 629 -38.26 15.79 53.81
N LEU C 630 -37.05 15.69 53.12
CA LEU C 630 -36.96 14.68 52.11
C LEU C 630 -36.90 13.26 52.63
N GLU C 631 -36.14 12.85 53.66
CA GLU C 631 -36.28 11.59 54.40
C GLU C 631 -37.71 11.34 54.94
N ALA C 632 -38.35 12.31 55.58
CA ALA C 632 -39.63 12.15 56.03
C ALA C 632 -40.72 11.73 55.02
N MET C 633 -40.61 12.46 53.87
CA MET C 633 -41.55 12.18 52.79
C MET C 633 -41.37 10.80 52.19
N LEU C 634 -40.22 10.24 52.04
CA LEU C 634 -40.11 8.92 51.40
C LEU C 634 -40.35 7.65 52.29
N ARG C 635 -40.40 7.80 53.62
CA ARG C 635 -40.72 6.83 54.64
C ARG C 635 -42.24 6.63 54.86
N ASN C 636 -43.09 7.46 54.15
CA ASN C 636 -44.52 7.40 54.22
C ASN C 636 -44.99 6.31 53.28
N ASP C 637 -46.13 5.60 53.56
CA ASP C 637 -46.66 4.52 52.80
C ASP C 637 -47.08 4.88 51.40
N THR C 638 -47.89 6.02 51.22
CA THR C 638 -48.23 6.35 49.86
C THR C 638 -47.06 6.67 48.91
N ASN C 639 -45.89 6.97 49.46
CA ASN C 639 -44.69 7.54 48.76
C ASN C 639 -43.58 6.48 48.63
N ASP C 640 -43.93 5.16 48.69
CA ASP C 640 -42.96 4.08 48.32
C ASP C 640 -42.32 4.24 46.91
N GLN C 641 -41.06 3.88 46.73
CA GLN C 641 -40.35 3.85 45.46
C GLN C 641 -40.58 2.68 44.60
N SER C 642 -40.63 2.84 43.23
CA SER C 642 -41.07 1.80 42.27
C SER C 642 -40.10 1.62 41.12
N PHE C 643 -39.76 0.30 40.72
CA PHE C 643 -38.82 0.08 39.68
C PHE C 643 -39.30 -1.09 38.75
N ASN C 644 -38.63 -1.20 37.57
CA ASN C 644 -38.93 -2.24 36.59
C ASN C 644 -37.69 -2.49 35.71
N ASP C 645 -37.52 -3.76 35.19
CA ASP C 645 -36.46 -4.14 34.23
C ASP C 645 -36.64 -3.66 32.76
N TYR C 646 -35.61 -3.19 32.06
CA TYR C 646 -35.64 -2.62 30.67
C TYR C 646 -35.98 -3.82 29.64
N LEU C 647 -35.22 -4.94 29.82
CA LEU C 647 -35.33 -6.25 29.06
C LEU C 647 -36.62 -6.92 29.43
N SER C 648 -36.98 -6.97 30.72
CA SER C 648 -38.24 -7.46 31.32
C SER C 648 -38.85 -8.69 30.53
N ALA C 649 -38.32 -9.84 30.81
CA ALA C 649 -38.62 -11.13 30.16
C ALA C 649 -38.10 -12.28 31.00
N ALA C 650 -38.65 -13.47 30.81
CA ALA C 650 -38.21 -14.72 31.41
C ALA C 650 -37.44 -15.56 30.38
N ASN C 651 -36.23 -15.93 30.72
CA ASN C 651 -35.33 -16.50 29.71
C ASN C 651 -35.35 -18.02 29.69
N MET C 652 -35.42 -18.54 28.43
CA MET C 652 -35.47 -20.01 28.22
C MET C 652 -34.54 -20.28 27.09
N LEU C 653 -33.77 -21.33 27.22
CA LEU C 653 -32.84 -21.86 26.20
C LEU C 653 -33.18 -23.37 25.90
N TYR C 654 -33.47 -23.73 24.67
CA TYR C 654 -33.98 -25.03 24.26
C TYR C 654 -32.96 -25.82 23.39
N PRO C 655 -32.50 -27.01 23.74
CA PRO C 655 -31.50 -27.72 22.95
C PRO C 655 -31.96 -28.05 21.49
N ILE C 656 -31.08 -27.79 20.57
CA ILE C 656 -31.29 -28.19 19.13
C ILE C 656 -30.21 -29.25 18.81
N PRO C 657 -30.45 -30.53 18.78
CA PRO C 657 -29.35 -31.57 18.57
C PRO C 657 -28.85 -31.62 17.14
N ALA C 658 -27.61 -32.12 16.87
CA ALA C 658 -27.09 -32.04 15.53
C ALA C 658 -28.00 -32.63 14.36
N ASN C 659 -28.32 -31.81 13.35
CA ASN C 659 -29.13 -31.96 12.12
C ASN C 659 -30.61 -32.36 12.43
N ALA C 660 -31.28 -31.54 13.26
CA ALA C 660 -32.74 -31.52 13.38
C ALA C 660 -33.20 -30.19 12.94
N THR C 661 -34.08 -30.15 11.95
CA THR C 661 -34.63 -28.86 11.51
C THR C 661 -35.82 -28.43 12.30
N ASN C 662 -36.65 -29.32 12.94
CA ASN C 662 -37.88 -28.90 13.62
C ASN C 662 -37.83 -28.85 15.10
N VAL C 663 -38.16 -27.73 15.76
CA VAL C 663 -38.05 -27.49 17.17
C VAL C 663 -39.40 -27.18 17.76
N PRO C 664 -40.12 -28.19 18.31
CA PRO C 664 -41.38 -27.92 18.96
C PRO C 664 -41.12 -27.70 20.46
N ILE C 665 -41.84 -26.70 21.04
CA ILE C 665 -41.62 -26.32 22.41
C ILE C 665 -42.99 -26.10 23.02
N SER C 666 -43.14 -26.32 24.30
CA SER C 666 -44.44 -26.28 24.93
C SER C 666 -44.47 -25.78 26.37
N ILE C 667 -45.49 -24.95 26.81
CA ILE C 667 -45.71 -24.60 28.20
C ILE C 667 -47.03 -25.15 28.61
N PRO C 668 -47.25 -25.78 29.76
CA PRO C 668 -48.53 -26.15 30.24
C PRO C 668 -49.49 -25.06 30.63
N SER C 669 -50.83 -25.33 30.67
CA SER C 669 -51.85 -24.37 30.93
C SER C 669 -51.57 -23.59 32.16
N ARG C 670 -51.76 -22.25 32.10
CA ARG C 670 -51.49 -21.37 33.22
C ARG C 670 -52.13 -20.04 32.79
N ASN C 671 -52.04 -18.96 33.66
CA ASN C 671 -52.71 -17.71 33.31
C ASN C 671 -51.70 -16.83 32.57
N TRP C 672 -52.06 -16.12 31.55
CA TRP C 672 -51.18 -15.24 30.78
C TRP C 672 -51.60 -13.79 30.92
N ALA C 673 -52.29 -13.37 31.99
CA ALA C 673 -52.66 -11.97 32.23
C ALA C 673 -51.52 -10.95 32.21
N ALA C 674 -51.43 -10.06 31.17
CA ALA C 674 -50.43 -9.00 30.97
C ALA C 674 -49.09 -9.55 30.28
N PHE C 675 -49.22 -10.73 29.50
CA PHE C 675 -48.02 -11.13 28.69
C PHE C 675 -47.64 -10.03 27.66
N ARG C 676 -46.38 -9.84 27.22
CA ARG C 676 -46.09 -8.68 26.41
C ARG C 676 -45.45 -8.98 24.99
N GLY C 677 -44.87 -10.23 24.82
CA GLY C 677 -44.66 -10.78 23.51
C GLY C 677 -43.54 -11.80 23.56
N TRP C 678 -43.14 -12.29 22.42
CA TRP C 678 -42.03 -13.16 22.37
C TRP C 678 -40.89 -12.44 21.66
N ALA C 679 -39.68 -12.81 22.10
CA ALA C 679 -38.48 -12.41 21.39
C ALA C 679 -37.46 -13.56 21.47
N PHE C 680 -36.73 -13.72 20.41
CA PHE C 680 -35.83 -14.82 20.24
C PHE C 680 -34.63 -14.68 19.29
N THR C 681 -33.56 -15.45 19.56
CA THR C 681 -32.40 -15.62 18.66
C THR C 681 -31.79 -17.15 18.84
N ARG C 682 -30.65 -17.57 18.23
CA ARG C 682 -30.15 -18.95 18.27
C ARG C 682 -28.67 -18.93 18.82
N LEU C 683 -28.21 -19.86 19.67
CA LEU C 683 -26.90 -19.82 20.24
C LEU C 683 -26.23 -21.18 19.91
N LYS C 684 -24.95 -21.22 20.17
CA LYS C 684 -24.17 -22.47 20.16
C LYS C 684 -23.86 -22.93 21.53
N THR C 685 -23.97 -24.25 21.83
CA THR C 685 -23.59 -24.84 23.10
C THR C 685 -22.16 -24.65 23.40
N LYS C 686 -21.25 -24.65 22.37
CA LYS C 686 -19.76 -24.45 22.60
C LYS C 686 -19.57 -23.04 23.21
N GLU C 687 -20.30 -22.05 22.73
CA GLU C 687 -20.09 -20.65 23.09
C GLU C 687 -21.10 -20.25 24.23
N THR C 688 -21.78 -21.20 24.82
CA THR C 688 -22.58 -20.90 26.01
C THR C 688 -22.05 -21.53 27.34
N PRO C 689 -21.80 -20.79 28.53
CA PRO C 689 -21.25 -21.43 29.76
C PRO C 689 -22.29 -22.44 30.41
N SER C 690 -21.95 -23.29 31.37
CA SER C 690 -22.93 -24.18 32.05
C SER C 690 -23.69 -23.44 33.18
N LEU C 691 -24.98 -23.23 32.93
CA LEU C 691 -25.87 -22.57 33.89
C LEU C 691 -26.28 -23.34 35.12
N GLY C 692 -26.20 -22.60 36.25
CA GLY C 692 -26.51 -22.92 37.66
C GLY C 692 -25.66 -24.05 38.16
N SER C 693 -24.50 -24.20 37.64
CA SER C 693 -23.63 -25.38 37.97
C SER C 693 -22.49 -24.88 39.01
N GLY C 694 -22.34 -23.61 39.20
CA GLY C 694 -21.36 -22.96 40.09
C GLY C 694 -19.96 -22.79 39.49
N TYR C 695 -19.34 -23.87 39.03
CA TYR C 695 -18.06 -23.97 38.44
C TYR C 695 -18.08 -25.28 37.62
N ASP C 696 -17.49 -25.19 36.35
CA ASP C 696 -17.53 -26.32 35.45
C ASP C 696 -16.14 -26.58 34.98
N PRO C 697 -15.45 -27.71 35.30
CA PRO C 697 -14.02 -27.93 34.94
C PRO C 697 -13.83 -28.20 33.40
N TYR C 698 -14.86 -28.46 32.60
CA TYR C 698 -14.74 -28.81 31.24
C TYR C 698 -15.36 -27.78 30.23
N TYR C 699 -15.62 -26.49 30.64
CA TYR C 699 -15.97 -25.41 29.73
C TYR C 699 -14.69 -24.80 29.19
N THR C 700 -14.28 -25.37 28.06
CA THR C 700 -13.07 -25.01 27.32
C THR C 700 -12.99 -23.58 26.75
N TYR C 701 -14.13 -23.11 26.28
CA TYR C 701 -14.28 -21.87 25.56
C TYR C 701 -14.03 -20.58 26.47
N SER C 702 -13.18 -19.61 25.92
CA SER C 702 -13.12 -18.33 26.63
C SER C 702 -13.39 -17.12 25.71
N GLY C 703 -13.74 -17.35 24.39
CA GLY C 703 -14.11 -16.15 23.59
C GLY C 703 -15.36 -15.31 23.88
N SER C 704 -15.91 -14.51 22.93
CA SER C 704 -17.22 -13.78 23.18
C SER C 704 -18.37 -14.77 23.32
N ILE C 705 -19.20 -14.44 24.38
CA ILE C 705 -20.22 -15.36 24.81
C ILE C 705 -21.60 -14.57 24.48
N PRO C 706 -22.30 -14.93 23.46
CA PRO C 706 -23.51 -14.20 23.00
C PRO C 706 -24.55 -14.08 24.07
N TYR C 707 -24.76 -15.09 24.95
CA TYR C 707 -25.77 -14.96 26.01
C TYR C 707 -25.61 -13.68 26.86
N LEU C 708 -24.36 -13.20 27.09
CA LEU C 708 -24.09 -12.12 27.98
C LEU C 708 -23.79 -10.83 27.27
N ASP C 709 -22.85 -10.85 26.26
CA ASP C 709 -22.39 -9.70 25.54
C ASP C 709 -23.14 -9.43 24.24
N GLY C 710 -24.04 -10.26 23.88
CA GLY C 710 -25.02 -10.04 22.85
C GLY C 710 -24.45 -10.10 21.49
N THR C 711 -23.26 -10.78 21.23
CA THR C 711 -22.46 -10.78 19.99
C THR C 711 -23.00 -11.75 18.96
N PHE C 712 -24.35 -11.94 19.00
CA PHE C 712 -25.14 -12.84 18.12
C PHE C 712 -24.96 -12.74 16.57
N TYR C 713 -25.00 -13.87 15.84
CA TYR C 713 -24.72 -13.93 14.37
C TYR C 713 -25.53 -15.05 13.68
N LEU C 714 -26.71 -15.48 14.25
CA LEU C 714 -27.46 -16.63 13.77
C LEU C 714 -28.87 -16.33 13.40
N ASN C 715 -29.35 -15.06 13.25
CA ASN C 715 -30.73 -14.67 12.86
C ASN C 715 -31.12 -15.10 11.46
N HIS C 716 -30.18 -15.19 10.51
CA HIS C 716 -30.49 -15.67 9.15
C HIS C 716 -30.83 -17.18 9.14
N THR C 717 -30.53 -17.97 10.19
CA THR C 717 -30.65 -19.39 10.23
C THR C 717 -32.07 -19.79 10.66
N PHE C 718 -32.97 -18.86 10.89
CA PHE C 718 -34.39 -19.15 11.14
C PHE C 718 -35.20 -19.25 9.79
N LYS C 719 -36.15 -20.21 9.73
CA LYS C 719 -36.91 -20.47 8.49
C LYS C 719 -38.32 -20.11 8.69
N LYS C 720 -38.94 -20.62 9.75
CA LYS C 720 -40.28 -20.23 10.03
C LYS C 720 -40.79 -20.53 11.43
N VAL C 721 -41.81 -19.77 11.90
CA VAL C 721 -42.43 -19.95 13.27
C VAL C 721 -43.95 -20.22 13.10
N ALA C 722 -44.45 -21.20 13.88
CA ALA C 722 -45.90 -21.47 13.97
C ALA C 722 -46.28 -21.38 15.49
N ILE C 723 -47.11 -20.39 15.80
CA ILE C 723 -47.56 -20.11 17.19
C ILE C 723 -49.00 -20.63 17.39
N THR C 724 -49.28 -21.56 18.33
CA THR C 724 -50.65 -22.11 18.62
C THR C 724 -51.03 -22.17 20.05
N PHE C 725 -51.96 -21.29 20.55
CA PHE C 725 -52.47 -21.46 21.91
C PHE C 725 -53.50 -22.64 21.92
N ASP C 726 -53.58 -23.40 22.99
CA ASP C 726 -54.44 -24.55 23.14
C ASP C 726 -54.61 -25.53 21.94
N SER C 727 -55.81 -26.02 21.74
CA SER C 727 -56.27 -26.83 20.59
C SER C 727 -56.20 -26.15 19.21
N SER C 728 -54.96 -26.10 18.63
CA SER C 728 -54.68 -25.48 17.38
C SER C 728 -55.23 -24.12 17.02
N VAL C 729 -55.29 -23.16 17.98
CA VAL C 729 -55.89 -21.87 17.77
C VAL C 729 -54.65 -21.03 17.48
N SER C 730 -54.38 -20.58 16.26
CA SER C 730 -53.14 -19.91 15.82
C SER C 730 -53.25 -18.45 16.33
N TRP C 731 -52.09 -17.85 16.69
CA TRP C 731 -52.02 -16.47 17.21
C TRP C 731 -51.44 -15.54 16.10
N PRO C 732 -52.02 -14.31 15.87
CA PRO C 732 -53.15 -13.77 16.54
C PRO C 732 -54.44 -14.47 16.11
N GLY C 733 -54.62 -14.58 14.78
CA GLY C 733 -55.71 -15.27 14.13
C GLY C 733 -56.83 -14.42 13.59
N ASN C 734 -57.74 -15.09 12.78
CA ASN C 734 -58.78 -14.54 11.98
C ASN C 734 -58.08 -13.95 10.70
N ASP C 735 -57.48 -14.85 9.90
CA ASP C 735 -56.82 -14.64 8.62
C ASP C 735 -56.23 -13.30 8.38
N ARG C 736 -54.95 -12.97 8.87
CA ARG C 736 -54.41 -11.65 8.81
C ARG C 736 -53.23 -11.50 7.86
N LEU C 737 -52.84 -12.62 7.29
CA LEU C 737 -51.60 -12.58 6.41
C LEU C 737 -51.82 -13.42 5.18
N LEU C 738 -50.94 -13.33 4.14
CA LEU C 738 -50.99 -14.15 2.94
C LEU C 738 -50.73 -15.65 3.19
N THR C 739 -49.95 -15.96 4.21
CA THR C 739 -49.92 -17.29 4.88
C THR C 739 -50.56 -17.16 6.27
N PRO C 740 -51.75 -17.75 6.64
CA PRO C 740 -52.55 -17.21 7.80
C PRO C 740 -51.96 -17.67 9.12
N ASN C 741 -51.65 -18.99 9.27
CA ASN C 741 -51.25 -19.64 10.47
C ASN C 741 -49.73 -19.85 10.76
N GLU C 742 -48.77 -19.47 9.91
CA GLU C 742 -47.34 -19.69 10.09
C GLU C 742 -46.54 -18.59 9.51
N PHE C 743 -45.61 -18.07 10.33
CA PHE C 743 -44.80 -16.95 10.06
C PHE C 743 -43.67 -17.37 9.25
N GLU C 744 -43.61 -17.08 7.95
CA GLU C 744 -42.53 -17.49 7.11
C GLU C 744 -41.49 -16.40 7.05
N ILE C 745 -40.33 -16.69 7.73
CA ILE C 745 -39.14 -15.91 7.97
C ILE C 745 -38.27 -15.96 6.76
N LYS C 746 -38.07 -17.10 6.12
CA LYS C 746 -37.41 -17.26 4.84
C LYS C 746 -37.98 -18.36 4.05
N ARG C 747 -37.97 -18.15 2.73
CA ARG C 747 -38.42 -19.10 1.75
C ARG C 747 -37.36 -19.29 0.63
N SER C 748 -36.94 -20.55 0.47
CA SER C 748 -36.00 -20.94 -0.57
C SER C 748 -36.49 -20.86 -1.97
N VAL C 749 -35.83 -19.99 -2.85
CA VAL C 749 -36.04 -19.76 -4.27
C VAL C 749 -37.53 -19.77 -4.79
N ASP C 750 -38.29 -18.78 -4.26
CA ASP C 750 -39.70 -18.65 -4.49
C ASP C 750 -40.29 -18.69 -5.93
N GLY C 751 -41.50 -19.28 -6.05
CA GLY C 751 -42.31 -19.19 -7.28
C GLY C 751 -43.47 -18.29 -7.12
N GLU C 752 -43.92 -18.19 -5.89
CA GLU C 752 -44.96 -17.41 -5.31
C GLU C 752 -44.79 -15.91 -5.45
N GLY C 753 -43.61 -15.41 -5.18
CA GLY C 753 -43.45 -13.90 -5.18
C GLY C 753 -43.64 -13.29 -3.83
N TYR C 754 -43.17 -14.02 -2.74
CA TYR C 754 -43.19 -13.65 -1.34
C TYR C 754 -41.83 -13.22 -0.76
N ASN C 755 -40.70 -13.30 -1.50
CA ASN C 755 -39.51 -12.65 -1.10
C ASN C 755 -39.40 -11.17 -1.40
N VAL C 756 -38.44 -10.46 -0.87
CA VAL C 756 -38.40 -9.03 -0.90
C VAL C 756 -37.00 -8.56 -1.01
N ALA C 757 -36.76 -7.32 -1.59
CA ALA C 757 -35.48 -6.59 -1.56
C ALA C 757 -34.16 -7.18 -1.87
N GLN C 758 -34.16 -8.06 -2.93
CA GLN C 758 -33.08 -8.88 -3.45
C GLN C 758 -32.46 -9.88 -2.51
N CYS C 759 -33.29 -10.59 -1.66
CA CYS C 759 -32.80 -11.78 -0.95
C CYS C 759 -33.92 -12.78 -0.81
N ASN C 760 -33.77 -13.86 -0.02
CA ASN C 760 -34.71 -14.91 0.25
C ASN C 760 -35.46 -14.87 1.48
N MET C 761 -35.52 -13.67 2.06
CA MET C 761 -36.36 -13.23 3.20
C MET C 761 -37.74 -12.64 2.74
N THR C 762 -38.84 -12.83 3.51
CA THR C 762 -40.19 -12.58 2.96
C THR C 762 -40.70 -11.12 3.12
N LYS C 763 -41.67 -10.71 2.30
CA LYS C 763 -42.34 -9.46 2.41
C LYS C 763 -43.04 -9.33 3.79
N ASP C 764 -43.71 -10.42 4.23
CA ASP C 764 -44.41 -10.53 5.51
C ASP C 764 -43.49 -10.26 6.71
N TRP C 765 -42.34 -10.99 6.78
CA TRP C 765 -41.44 -10.89 7.86
C TRP C 765 -40.84 -9.43 7.92
N PHE C 766 -40.44 -8.85 6.76
CA PHE C 766 -39.90 -7.49 6.66
C PHE C 766 -40.83 -6.43 7.17
N LEU C 767 -42.11 -6.55 6.77
CA LEU C 767 -43.17 -5.77 7.31
C LEU C 767 -43.39 -5.88 8.88
N VAL C 768 -43.36 -7.10 9.38
CA VAL C 768 -43.48 -7.40 10.84
C VAL C 768 -42.37 -6.67 11.61
N GLN C 769 -41.11 -6.79 11.13
CA GLN C 769 -39.96 -6.13 11.61
C GLN C 769 -39.93 -4.64 11.55
N MET C 770 -40.35 -4.01 10.39
CA MET C 770 -40.48 -2.59 10.41
C MET C 770 -41.49 -2.04 11.43
N LEU C 771 -42.68 -2.68 11.57
CA LEU C 771 -43.76 -2.34 12.49
C LEU C 771 -43.34 -2.51 13.92
N ALA C 772 -42.75 -3.68 14.25
CA ALA C 772 -42.26 -3.94 15.59
C ALA C 772 -41.12 -3.01 16.06
N ASN C 773 -40.10 -2.73 15.16
CA ASN C 773 -38.87 -1.96 15.54
C ASN C 773 -39.10 -0.40 15.41
N TYR C 774 -39.98 -0.01 14.48
CA TYR C 774 -40.06 1.42 14.11
C TYR C 774 -41.48 1.96 13.91
N ASN C 775 -42.45 1.04 13.91
CA ASN C 775 -43.85 1.34 13.74
C ASN C 775 -44.21 1.90 12.37
N ILE C 776 -43.44 1.61 11.30
CA ILE C 776 -43.66 2.11 9.95
C ILE C 776 -44.88 1.50 9.21
N GLY C 777 -45.11 0.18 9.11
CA GLY C 777 -46.11 -0.56 8.30
C GLY C 777 -47.21 0.13 7.48
N TYR C 778 -48.22 0.70 8.14
CA TYR C 778 -49.54 1.07 7.50
C TYR C 778 -49.45 2.49 6.94
N GLN C 779 -48.31 3.19 7.01
CA GLN C 779 -48.19 4.57 6.56
C GLN C 779 -47.15 4.47 5.49
N GLY C 780 -46.78 3.26 4.97
CA GLY C 780 -45.75 3.10 3.94
C GLY C 780 -44.27 3.11 4.25
N PHE C 781 -43.48 2.19 3.71
CA PHE C 781 -42.03 2.14 3.92
C PHE C 781 -41.23 3.44 3.46
N TYR C 782 -40.27 3.71 4.34
CA TYR C 782 -39.22 4.75 4.28
C TYR C 782 -38.07 4.47 5.22
N ILE C 783 -36.99 5.19 5.08
CA ILE C 783 -35.74 4.91 5.83
C ILE C 783 -36.05 5.23 7.27
N PRO C 784 -35.83 4.35 8.27
CA PRO C 784 -36.03 4.67 9.68
C PRO C 784 -34.95 5.67 10.14
N GLU C 785 -35.28 6.55 11.08
CA GLU C 785 -34.49 7.53 11.76
C GLU C 785 -33.25 6.99 12.44
N SER C 786 -32.13 7.71 12.47
CA SER C 786 -30.87 7.30 13.05
C SER C 786 -30.76 6.91 14.50
N TYR C 787 -31.53 7.75 15.30
CA TYR C 787 -31.67 7.61 16.75
C TYR C 787 -32.38 6.36 17.17
N LYS C 788 -33.32 5.92 16.32
CA LYS C 788 -34.01 4.62 16.47
C LYS C 788 -33.17 3.48 16.03
N ASP C 789 -32.31 3.68 15.03
CA ASP C 789 -31.64 2.60 14.39
C ASP C 789 -30.15 2.33 14.92
N ARG C 790 -29.97 1.66 16.13
CA ARG C 790 -28.71 1.51 16.87
C ARG C 790 -28.19 0.14 16.86
N MET C 791 -27.16 -0.20 17.68
CA MET C 791 -26.36 -1.42 17.48
C MET C 791 -27.12 -2.75 17.45
N TYR C 792 -28.09 -2.99 18.40
CA TYR C 792 -28.85 -4.28 18.42
C TYR C 792 -30.14 -4.17 17.66
N SER C 793 -30.46 -3.05 16.99
CA SER C 793 -31.62 -2.94 16.13
C SER C 793 -31.59 -3.55 14.84
N PHE C 794 -32.73 -4.01 14.35
CA PHE C 794 -32.69 -4.86 13.15
C PHE C 794 -32.04 -4.26 11.87
N PHE C 795 -32.56 -3.07 11.36
CA PHE C 795 -32.26 -2.47 10.05
C PHE C 795 -30.79 -2.13 9.82
N ARG C 796 -30.08 -1.65 10.82
CA ARG C 796 -28.69 -1.38 10.92
C ARG C 796 -27.70 -2.49 10.50
N ASN C 797 -28.06 -3.80 10.82
CA ASN C 797 -27.22 -4.95 10.52
C ASN C 797 -27.80 -5.73 9.39
N PHE C 798 -28.86 -5.20 8.73
CA PHE C 798 -29.42 -5.89 7.65
C PHE C 798 -28.64 -5.64 6.37
N GLN C 799 -28.06 -6.74 5.95
CA GLN C 799 -27.19 -6.92 4.84
C GLN C 799 -27.59 -8.01 3.82
N PRO C 800 -28.46 -7.66 2.83
CA PRO C 800 -28.94 -8.61 1.84
C PRO C 800 -27.95 -8.86 0.66
N MET C 801 -27.95 -10.05 0.03
CA MET C 801 -26.80 -10.36 -0.89
C MET C 801 -27.34 -11.20 -2.03
N SER C 802 -26.66 -11.07 -3.16
CA SER C 802 -26.91 -11.98 -4.32
C SER C 802 -25.64 -12.26 -5.13
N ARG C 803 -25.62 -13.35 -5.86
CA ARG C 803 -24.49 -13.63 -6.75
C ARG C 803 -24.94 -14.61 -7.81
N GLN C 804 -24.04 -14.76 -8.82
CA GLN C 804 -24.24 -15.73 -9.88
C GLN C 804 -23.14 -16.78 -9.78
N VAL C 805 -23.51 -18.03 -10.22
CA VAL C 805 -22.62 -19.20 -10.29
C VAL C 805 -22.96 -19.92 -11.60
N VAL C 806 -21.97 -20.69 -12.20
CA VAL C 806 -22.15 -21.57 -13.32
C VAL C 806 -23.25 -22.62 -13.11
N ASP C 807 -24.01 -22.94 -14.15
CA ASP C 807 -25.08 -23.93 -14.05
C ASP C 807 -24.49 -25.41 -13.93
N ASP C 808 -24.79 -26.08 -12.78
CA ASP C 808 -24.32 -27.36 -12.38
C ASP C 808 -25.39 -28.44 -12.73
N THR C 809 -26.54 -28.05 -13.30
CA THR C 809 -27.58 -29.03 -13.68
C THR C 809 -27.69 -29.15 -15.16
N LYS C 810 -28.44 -28.15 -15.85
CA LYS C 810 -28.80 -28.46 -17.25
C LYS C 810 -27.65 -28.17 -18.31
N TYR C 811 -26.64 -27.39 -17.86
CA TYR C 811 -25.35 -27.12 -18.64
C TYR C 811 -24.31 -28.25 -18.50
N LYS C 812 -23.98 -28.99 -19.54
CA LYS C 812 -23.24 -30.24 -19.48
C LYS C 812 -21.78 -30.06 -19.96
N ASP C 813 -21.37 -28.80 -20.30
CA ASP C 813 -19.95 -28.44 -20.71
C ASP C 813 -19.10 -28.39 -19.49
N TYR C 814 -19.79 -28.15 -18.40
CA TYR C 814 -19.33 -28.08 -17.02
C TYR C 814 -18.65 -29.30 -16.51
N GLN C 815 -17.44 -29.12 -16.11
CA GLN C 815 -16.55 -30.14 -15.57
C GLN C 815 -16.21 -29.89 -14.09
N GLN C 816 -16.43 -30.91 -13.27
CA GLN C 816 -16.22 -30.77 -11.80
C GLN C 816 -14.83 -31.22 -11.40
N VAL C 817 -13.99 -30.15 -11.40
CA VAL C 817 -12.56 -30.18 -11.10
C VAL C 817 -12.42 -30.04 -9.61
N GLY C 818 -11.84 -31.02 -8.91
CA GLY C 818 -11.69 -30.87 -7.48
C GLY C 818 -10.63 -29.83 -7.06
N ILE C 819 -10.67 -29.35 -5.78
CA ILE C 819 -9.73 -28.33 -5.24
C ILE C 819 -8.22 -28.69 -5.32
N LEU C 820 -7.93 -30.00 -5.23
CA LEU C 820 -6.60 -30.69 -5.38
C LEU C 820 -6.04 -30.45 -6.83
N HIS C 821 -6.90 -30.11 -7.80
CA HIS C 821 -6.42 -30.02 -9.18
C HIS C 821 -6.79 -28.71 -9.78
N GLN C 822 -7.35 -27.71 -9.05
CA GLN C 822 -7.55 -26.35 -9.48
C GLN C 822 -6.27 -25.54 -9.65
N HIS C 823 -5.95 -24.99 -10.86
CA HIS C 823 -4.81 -24.16 -10.90
C HIS C 823 -5.15 -22.82 -11.57
N ASN C 824 -4.89 -21.74 -10.83
CA ASN C 824 -5.00 -20.39 -11.34
C ASN C 824 -3.80 -19.69 -10.61
N ASN C 825 -2.91 -19.05 -11.40
CA ASN C 825 -1.59 -18.46 -10.90
C ASN C 825 -0.48 -19.39 -10.54
N SER C 826 -0.41 -20.51 -11.27
CA SER C 826 0.69 -21.50 -11.20
C SER C 826 2.05 -20.97 -11.60
N GLY C 827 3.11 -21.40 -10.83
CA GLY C 827 4.52 -20.87 -11.03
C GLY C 827 4.70 -19.52 -10.54
N PHE C 828 3.76 -18.96 -9.86
CA PHE C 828 3.87 -17.69 -9.17
C PHE C 828 3.64 -17.76 -7.70
N VAL C 829 2.98 -18.87 -7.15
CA VAL C 829 2.75 -18.94 -5.70
C VAL C 829 2.90 -20.38 -5.31
N GLY C 830 2.98 -20.68 -3.97
CA GLY C 830 3.07 -22.08 -3.58
C GLY C 830 1.80 -22.95 -3.82
N TYR C 831 2.07 -24.26 -3.84
CA TYR C 831 1.14 -25.39 -4.05
C TYR C 831 0.24 -25.59 -2.83
N LEU C 832 -0.85 -24.81 -2.73
CA LEU C 832 -1.86 -24.86 -1.72
C LEU C 832 -1.36 -24.68 -0.28
N ALA C 833 -0.43 -23.72 -0.07
CA ALA C 833 0.22 -23.44 1.22
C ALA C 833 0.80 -22.04 1.23
N PRO C 834 1.04 -21.54 2.41
CA PRO C 834 1.80 -20.28 2.66
C PRO C 834 3.28 -20.33 2.49
N THR C 835 3.72 -21.23 1.63
CA THR C 835 5.08 -21.53 1.29
C THR C 835 5.41 -20.91 -0.06
N MET C 836 6.67 -20.78 -0.35
CA MET C 836 7.26 -20.03 -1.48
C MET C 836 6.89 -20.52 -2.84
N ARG C 837 6.74 -19.63 -3.83
CA ARG C 837 6.50 -19.75 -5.25
C ARG C 837 6.81 -21.04 -5.86
N GLU C 838 6.00 -21.69 -6.71
CA GLU C 838 6.28 -23.01 -7.25
C GLU C 838 5.51 -23.30 -8.49
N GLY C 839 6.24 -23.90 -9.46
CA GLY C 839 5.84 -24.50 -10.68
C GLY C 839 6.10 -23.66 -11.92
N GLN C 840 5.22 -23.75 -12.93
CA GLN C 840 5.45 -22.94 -14.17
C GLN C 840 4.27 -22.02 -14.54
N ALA C 841 4.51 -20.85 -15.20
CA ALA C 841 3.59 -19.97 -15.78
C ALA C 841 2.84 -20.67 -16.93
N TYR C 842 1.55 -20.91 -16.77
CA TYR C 842 0.80 -21.65 -17.74
C TYR C 842 -0.61 -21.16 -17.57
N PRO C 843 -1.60 -21.30 -18.52
CA PRO C 843 -3.01 -20.91 -18.49
C PRO C 843 -3.81 -21.51 -17.33
N ALA C 844 -4.92 -20.82 -16.87
CA ALA C 844 -5.74 -21.11 -15.72
C ALA C 844 -6.83 -22.13 -16.09
N ASN C 845 -7.24 -23.04 -15.20
CA ASN C 845 -8.27 -24.00 -15.48
C ASN C 845 -9.49 -23.68 -14.60
N PHE C 846 -9.50 -22.53 -13.91
CA PHE C 846 -10.63 -22.29 -13.05
C PHE C 846 -10.50 -20.82 -12.74
N PRO C 847 -11.52 -20.01 -12.55
CA PRO C 847 -12.99 -20.33 -12.65
C PRO C 847 -13.47 -20.17 -14.07
N TYR C 848 -14.73 -20.66 -14.18
CA TYR C 848 -15.56 -20.44 -15.35
C TYR C 848 -15.96 -18.93 -15.60
N PRO C 849 -16.13 -18.44 -16.83
CA PRO C 849 -16.55 -17.08 -17.06
C PRO C 849 -18.03 -16.85 -16.93
N LEU C 850 -18.42 -15.97 -16.00
CA LEU C 850 -19.87 -15.58 -15.78
C LEU C 850 -20.28 -14.29 -16.57
N ILE C 851 -19.30 -13.73 -17.27
CA ILE C 851 -19.52 -12.50 -18.01
C ILE C 851 -18.69 -12.56 -19.29
N GLY C 852 -18.94 -11.60 -20.23
CA GLY C 852 -18.16 -11.45 -21.41
C GLY C 852 -18.69 -12.36 -22.51
N LYS C 853 -17.98 -12.25 -23.66
CA LYS C 853 -18.41 -12.93 -24.83
C LYS C 853 -18.54 -14.48 -24.73
N THR C 854 -17.59 -15.11 -24.07
CA THR C 854 -17.39 -16.53 -23.93
C THR C 854 -18.12 -17.18 -22.74
N ALA C 855 -18.82 -16.33 -21.98
CA ALA C 855 -19.67 -16.64 -20.85
C ALA C 855 -20.45 -18.01 -20.90
N VAL C 856 -20.32 -18.76 -19.74
CA VAL C 856 -21.11 -19.95 -19.60
C VAL C 856 -22.68 -19.59 -19.31
N ASP C 857 -23.52 -20.66 -19.34
CA ASP C 857 -24.81 -20.46 -18.74
C ASP C 857 -24.75 -20.45 -17.19
N SER C 858 -25.58 -19.57 -16.56
CA SER C 858 -25.50 -19.35 -15.12
C SER C 858 -26.85 -19.44 -14.41
N ILE C 859 -26.81 -19.78 -13.10
CA ILE C 859 -27.93 -19.69 -12.15
C ILE C 859 -27.59 -18.64 -11.10
N THR C 860 -28.57 -18.17 -10.31
CA THR C 860 -28.48 -17.11 -9.30
C THR C 860 -28.79 -17.72 -7.94
N GLN C 861 -27.92 -17.27 -7.00
CA GLN C 861 -27.91 -17.60 -5.57
C GLN C 861 -28.16 -16.30 -4.74
N LYS C 862 -29.14 -16.35 -3.90
CA LYS C 862 -29.52 -15.22 -3.02
C LYS C 862 -29.40 -15.52 -1.51
N LYS C 863 -29.06 -14.59 -0.60
CA LYS C 863 -29.04 -14.96 0.82
C LYS C 863 -29.03 -13.59 1.53
N PHE C 864 -28.90 -13.57 2.84
CA PHE C 864 -28.78 -12.39 3.58
C PHE C 864 -28.12 -12.72 4.89
N LEU C 865 -27.56 -11.65 5.52
CA LEU C 865 -27.02 -11.73 6.87
C LEU C 865 -27.73 -10.66 7.75
N CYS C 866 -27.82 -10.95 9.08
CA CYS C 866 -28.46 -10.13 10.06
C CYS C 866 -27.84 -10.41 11.40
N ASP C 867 -26.72 -9.76 11.71
CA ASP C 867 -25.93 -9.94 12.92
C ASP C 867 -26.52 -9.09 14.07
N ARG C 868 -26.12 -9.27 15.41
CA ARG C 868 -26.51 -8.47 16.57
C ARG C 868 -27.93 -8.23 17.11
N THR C 869 -28.91 -8.45 16.24
CA THR C 869 -30.34 -8.17 16.59
C THR C 869 -30.95 -9.39 17.22
N LEU C 870 -32.12 -9.14 17.81
CA LEU C 870 -33.09 -10.09 18.44
C LEU C 870 -34.33 -9.92 17.59
N TRP C 871 -34.95 -11.04 17.16
CA TRP C 871 -36.29 -10.95 16.53
C TRP C 871 -37.42 -10.74 17.49
N ARG C 872 -38.36 -9.85 17.12
CA ARG C 872 -39.35 -9.39 18.05
C ARG C 872 -40.76 -9.59 17.46
N ILE C 873 -41.73 -10.25 18.22
CA ILE C 873 -43.14 -10.41 17.96
C ILE C 873 -43.89 -9.82 19.16
N PRO C 874 -44.26 -8.49 19.16
CA PRO C 874 -45.03 -7.85 20.23
C PRO C 874 -46.47 -8.36 20.28
N PHE C 875 -47.02 -8.47 21.48
CA PHE C 875 -48.45 -8.87 21.86
C PHE C 875 -49.43 -7.75 21.56
N SER C 876 -49.50 -7.15 20.30
CA SER C 876 -50.43 -6.06 19.91
C SER C 876 -51.30 -6.50 18.68
N SER C 877 -52.63 -6.03 18.69
CA SER C 877 -53.52 -6.34 17.59
C SER C 877 -53.00 -5.94 16.20
N ASN C 878 -52.25 -4.82 16.04
CA ASN C 878 -51.82 -4.28 14.70
C ASN C 878 -50.34 -4.34 14.57
N PHE C 879 -49.68 -4.88 15.66
CA PHE C 879 -48.25 -5.07 15.91
C PHE C 879 -47.45 -3.79 16.24
N MET C 880 -48.13 -2.65 16.53
CA MET C 880 -47.50 -1.38 16.83
C MET C 880 -47.23 -1.26 18.30
N SER C 881 -46.12 -0.54 18.63
CA SER C 881 -45.81 -0.06 19.98
C SER C 881 -46.66 1.15 20.12
N MET C 882 -47.79 1.07 20.80
CA MET C 882 -48.62 2.22 21.18
C MET C 882 -48.60 2.43 22.70
N GLY C 883 -47.66 1.78 23.42
CA GLY C 883 -47.57 1.68 24.87
C GLY C 883 -47.24 0.26 25.33
N ALA C 884 -46.55 0.22 26.47
CA ALA C 884 -46.15 -1.14 26.94
C ALA C 884 -47.20 -2.09 27.34
N LEU C 885 -48.29 -1.75 28.07
CA LEU C 885 -49.42 -2.72 28.33
C LEU C 885 -50.36 -2.60 27.11
N THR C 886 -50.43 -3.80 26.42
CA THR C 886 -51.00 -3.89 25.15
C THR C 886 -52.45 -4.12 25.20
N ASP C 887 -53.15 -3.82 24.09
CA ASP C 887 -54.55 -4.07 24.01
C ASP C 887 -55.00 -5.54 24.15
N LEU C 888 -54.18 -6.50 23.61
CA LEU C 888 -54.53 -7.90 23.82
C LEU C 888 -54.32 -8.25 25.30
N GLY C 889 -53.34 -7.57 25.87
CA GLY C 889 -52.92 -7.53 27.29
C GLY C 889 -53.96 -6.97 28.24
N GLN C 890 -55.03 -6.26 27.71
CA GLN C 890 -56.06 -5.66 28.54
C GLN C 890 -57.38 -6.41 28.39
N ASN C 891 -57.53 -7.16 27.28
CA ASN C 891 -58.73 -7.92 27.01
C ASN C 891 -59.15 -9.11 27.91
N LEU C 892 -60.47 -9.27 28.10
CA LEU C 892 -61.02 -10.03 29.25
C LEU C 892 -61.03 -11.53 29.04
N LEU C 893 -60.99 -11.97 27.80
CA LEU C 893 -60.97 -13.36 27.40
C LEU C 893 -59.67 -14.13 27.88
N TYR C 894 -58.56 -13.48 27.58
CA TYR C 894 -57.22 -13.83 27.97
C TYR C 894 -56.93 -13.73 29.47
N ALA C 895 -57.34 -12.57 30.09
CA ALA C 895 -57.11 -12.26 31.47
C ALA C 895 -57.62 -13.22 32.57
N ASN C 896 -58.90 -13.79 32.50
CA ASN C 896 -59.45 -14.59 33.52
C ASN C 896 -59.34 -16.07 33.18
N SER C 897 -58.85 -16.39 32.04
CA SER C 897 -58.72 -17.71 31.53
C SER C 897 -57.28 -18.29 31.67
N ALA C 898 -57.24 -19.66 31.56
CA ALA C 898 -55.95 -20.39 31.52
C ALA C 898 -55.77 -20.85 30.07
N HIS C 899 -54.48 -20.93 29.62
CA HIS C 899 -54.07 -21.25 28.28
C HIS C 899 -52.75 -21.98 28.42
N ALA C 900 -52.56 -22.98 27.66
CA ALA C 900 -51.34 -23.69 27.39
C ALA C 900 -50.72 -23.13 26.07
N LEU C 901 -49.41 -23.26 25.85
CA LEU C 901 -48.79 -22.79 24.67
C LEU C 901 -47.99 -23.82 23.93
N ASP C 902 -48.03 -23.79 22.60
CA ASP C 902 -47.29 -24.73 21.73
C ASP C 902 -46.76 -23.92 20.56
N MET C 903 -45.45 -23.70 20.57
CA MET C 903 -44.80 -23.03 19.48
C MET C 903 -44.01 -24.03 18.71
N THR C 904 -43.89 -23.85 17.36
CA THR C 904 -43.04 -24.75 16.48
C THR C 904 -42.16 -23.91 15.47
N PHE C 905 -40.89 -23.96 15.74
CA PHE C 905 -39.84 -23.35 15.06
C PHE C 905 -39.16 -24.29 14.01
N GLU C 906 -38.92 -23.75 12.80
CA GLU C 906 -38.07 -24.35 11.79
C GLU C 906 -36.76 -23.57 11.64
N VAL C 907 -35.62 -24.21 11.77
CA VAL C 907 -34.33 -23.64 11.69
C VAL C 907 -33.50 -24.53 10.75
N ASP C 908 -32.28 -24.08 10.36
CA ASP C 908 -31.38 -24.74 9.44
C ASP C 908 -30.60 -25.78 10.29
N PRO C 909 -30.10 -26.90 9.70
CA PRO C 909 -29.44 -27.97 10.42
C PRO C 909 -27.99 -27.67 10.62
N MET C 910 -27.47 -27.87 11.84
CA MET C 910 -26.04 -27.70 12.09
C MET C 910 -25.36 -29.02 12.45
N ASP C 911 -24.02 -29.05 12.16
CA ASP C 911 -23.20 -30.21 12.41
C ASP C 911 -22.59 -30.37 13.83
N GLU C 912 -23.07 -29.56 14.81
CA GLU C 912 -22.89 -29.62 16.26
C GLU C 912 -24.09 -29.03 16.90
N PRO C 913 -24.50 -29.45 18.11
CA PRO C 913 -25.67 -28.88 18.80
C PRO C 913 -25.74 -27.32 18.94
N THR C 914 -26.96 -26.82 18.98
CA THR C 914 -27.21 -25.37 19.13
C THR C 914 -28.25 -25.19 20.18
N LEU C 915 -28.65 -23.94 20.44
CA LEU C 915 -29.67 -23.62 21.43
C LEU C 915 -30.69 -22.60 20.87
N LEU C 916 -32.03 -22.76 21.10
CA LEU C 916 -33.03 -21.74 20.72
C LEU C 916 -33.29 -20.86 21.97
N TYR C 917 -32.88 -19.55 21.90
CA TYR C 917 -32.98 -18.67 23.04
C TYR C 917 -34.34 -17.88 22.88
N VAL C 918 -35.38 -18.24 23.69
CA VAL C 918 -36.66 -17.55 23.64
C VAL C 918 -36.75 -16.80 24.96
N LEU C 919 -37.00 -15.47 24.76
CA LEU C 919 -37.15 -14.43 25.88
C LEU C 919 -38.73 -14.25 25.95
N PHE C 920 -39.42 -14.65 27.05
CA PHE C 920 -40.86 -14.44 27.22
C PHE C 920 -41.09 -13.08 27.79
N GLU C 921 -41.49 -12.06 27.02
CA GLU C 921 -41.65 -10.70 27.57
C GLU C 921 -42.76 -10.54 28.59
N VAL C 922 -42.32 -10.22 29.81
CA VAL C 922 -43.30 -10.23 30.96
C VAL C 922 -43.12 -8.90 31.77
N PHE C 923 -43.89 -8.59 32.88
CA PHE C 923 -43.53 -7.48 33.73
C PHE C 923 -42.88 -7.99 35.05
N ASP C 924 -41.74 -7.41 35.43
CA ASP C 924 -40.81 -7.72 36.43
C ASP C 924 -40.51 -6.49 37.25
N VAL C 925 -41.37 -6.25 38.30
CA VAL C 925 -41.49 -4.98 38.97
C VAL C 925 -40.97 -5.13 40.38
N VAL C 926 -40.58 -4.07 41.07
CA VAL C 926 -40.20 -4.07 42.43
C VAL C 926 -40.76 -2.80 43.12
N ARG C 927 -41.35 -3.00 44.27
CA ARG C 927 -41.75 -1.84 45.17
C ARG C 927 -40.81 -1.80 46.37
N VAL C 928 -40.35 -0.59 46.79
CA VAL C 928 -39.33 -0.45 47.84
C VAL C 928 -39.92 0.48 48.91
N HIS C 929 -39.90 -0.05 50.19
CA HIS C 929 -40.45 0.65 51.45
C HIS C 929 -39.35 0.68 52.46
N ARG C 930 -39.10 1.86 52.94
CA ARG C 930 -38.12 2.02 54.05
C ARG C 930 -38.76 2.68 55.27
N PRO C 931 -39.32 1.92 56.23
CA PRO C 931 -40.22 2.47 57.19
C PRO C 931 -39.56 3.29 58.29
N HIS C 932 -38.37 2.89 58.77
CA HIS C 932 -37.70 3.57 59.88
C HIS C 932 -36.24 3.66 59.56
N ARG C 933 -35.45 4.40 60.31
CA ARG C 933 -34.06 4.65 60.00
C ARG C 933 -33.22 3.38 60.11
N GLY C 934 -32.87 2.73 58.95
CA GLY C 934 -32.13 1.46 59.00
C GLY C 934 -32.92 0.21 58.69
N VAL C 935 -34.22 0.40 58.36
CA VAL C 935 -34.99 -0.79 58.01
C VAL C 935 -35.51 -0.65 56.58
N ILE C 936 -35.58 -1.82 55.89
CA ILE C 936 -36.02 -1.80 54.43
C ILE C 936 -36.81 -3.02 53.95
N GLU C 937 -38.02 -2.92 53.40
CA GLU C 937 -38.80 -4.06 52.95
C GLU C 937 -39.09 -3.93 51.49
N THR C 938 -39.12 -5.08 50.75
CA THR C 938 -39.15 -5.09 49.35
C THR C 938 -40.20 -6.13 48.88
N VAL C 939 -40.95 -5.59 47.86
CA VAL C 939 -42.00 -6.38 47.32
C VAL C 939 -41.71 -6.55 45.84
N TYR C 940 -41.46 -7.82 45.42
CA TYR C 940 -41.05 -8.21 44.06
C TYR C 940 -42.27 -8.80 43.33
N LEU C 941 -42.56 -8.38 42.06
CA LEU C 941 -43.65 -9.00 41.33
C LEU C 941 -43.19 -9.34 39.93
N ARG C 942 -43.48 -10.58 39.46
CA ARG C 942 -43.17 -10.93 38.06
C ARG C 942 -44.38 -11.66 37.56
N THR C 943 -45.08 -11.12 36.57
CA THR C 943 -46.32 -11.61 35.99
C THR C 943 -46.28 -11.29 34.50
N PRO C 944 -46.67 -12.26 33.67
CA PRO C 944 -46.75 -13.71 33.91
C PRO C 944 -45.48 -14.33 34.47
N PHE C 945 -45.52 -15.65 34.86
CA PHE C 945 -44.43 -16.33 35.45
C PHE C 945 -43.93 -15.84 36.80
N SER C 946 -44.72 -15.96 37.84
CA SER C 946 -44.36 -15.59 39.21
C SER C 946 -43.60 -16.66 40.04
N ALA C 947 -42.54 -16.22 40.77
CA ALA C 947 -41.76 -17.19 41.60
C ALA C 947 -42.29 -17.17 43.06
N ASP D 1 10.05 -37.14 -52.89
CA ASP D 1 11.11 -38.16 -52.94
C ASP D 1 11.00 -39.18 -51.85
N TYR D 2 12.02 -40.04 -51.53
CA TYR D 2 11.89 -41.19 -50.70
C TYR D 2 12.19 -40.82 -49.29
N LYS D 3 11.20 -40.97 -48.34
CA LYS D 3 11.45 -40.85 -46.96
C LYS D 3 11.24 -42.19 -46.30
N ASP D 4 12.02 -42.47 -45.25
CA ASP D 4 11.87 -43.69 -44.40
C ASP D 4 10.80 -43.35 -43.33
N ASP D 5 9.68 -44.17 -43.33
CA ASP D 5 8.56 -44.05 -42.44
C ASP D 5 8.80 -44.39 -40.98
N ASP D 6 8.65 -43.44 -40.08
CA ASP D 6 8.50 -43.65 -38.62
C ASP D 6 7.21 -44.33 -38.25
N ASP D 7 7.27 -45.21 -37.20
CA ASP D 7 6.18 -46.07 -36.74
C ASP D 7 5.63 -47.02 -37.89
N LYS D 8 6.58 -47.77 -38.53
CA LYS D 8 6.22 -48.64 -39.61
C LYS D 8 7.19 -49.79 -39.50
N ASP D 9 6.81 -50.85 -40.18
CA ASP D 9 7.42 -52.12 -40.13
C ASP D 9 8.21 -52.22 -41.45
N ILE D 10 9.46 -52.78 -41.30
CA ILE D 10 10.47 -52.82 -42.24
C ILE D 10 10.78 -54.25 -42.62
N VAL D 11 10.71 -54.52 -43.95
CA VAL D 11 10.95 -55.91 -44.44
C VAL D 11 12.40 -56.03 -44.57
N MET D 12 13.04 -57.00 -43.90
CA MET D 12 14.46 -57.32 -43.92
C MET D 12 14.59 -58.53 -44.96
N THR D 13 15.19 -58.36 -46.15
CA THR D 13 15.16 -59.37 -47.19
C THR D 13 16.51 -60.05 -47.22
N GLN D 14 16.57 -61.38 -46.92
CA GLN D 14 17.92 -62.02 -46.74
C GLN D 14 18.20 -62.79 -47.97
N SER D 15 19.36 -62.59 -48.60
CA SER D 15 19.74 -63.37 -49.82
C SER D 15 21.15 -63.84 -49.64
N PRO D 16 21.56 -65.00 -50.10
CA PRO D 16 20.68 -65.97 -50.70
C PRO D 16 19.90 -66.82 -49.68
N SER D 17 18.79 -67.47 -50.22
CA SER D 17 17.93 -68.27 -49.32
C SER D 17 18.56 -69.56 -48.63
N SER D 18 19.43 -70.30 -49.39
CA SER D 18 20.29 -71.44 -49.02
C SER D 18 21.73 -71.15 -49.30
N LEU D 19 22.65 -71.89 -48.71
CA LEU D 19 24.02 -71.70 -48.97
C LEU D 19 24.67 -73.13 -48.83
N SER D 20 25.70 -73.47 -49.54
CA SER D 20 26.28 -74.83 -49.37
C SER D 20 27.69 -74.64 -48.90
N ALA D 21 28.12 -75.33 -47.87
CA ALA D 21 29.40 -75.04 -47.22
C ALA D 21 30.02 -76.35 -46.74
N SER D 22 31.36 -76.28 -46.49
CA SER D 22 32.23 -77.45 -46.04
C SER D 22 33.19 -77.10 -44.97
N VAL D 23 33.78 -78.17 -44.25
CA VAL D 23 34.77 -77.86 -43.25
C VAL D 23 35.92 -76.99 -43.80
N GLY D 24 35.98 -75.68 -43.35
CA GLY D 24 36.94 -74.64 -43.78
C GLY D 24 36.40 -73.57 -44.69
N ASP D 25 35.22 -73.66 -45.36
CA ASP D 25 34.78 -72.57 -46.30
C ASP D 25 34.24 -71.25 -45.62
N ARG D 26 34.57 -70.11 -46.29
CA ARG D 26 34.14 -68.82 -46.11
C ARG D 26 32.71 -68.57 -46.57
N VAL D 27 31.85 -68.17 -45.63
CA VAL D 27 30.37 -67.96 -45.81
C VAL D 27 30.07 -66.44 -45.62
N THR D 28 29.13 -65.90 -46.47
CA THR D 28 28.56 -64.57 -46.50
C THR D 28 27.08 -64.64 -46.77
N ILE D 29 26.24 -63.91 -45.95
CA ILE D 29 24.81 -63.80 -46.12
C ILE D 29 24.57 -62.29 -46.11
N THR D 30 23.48 -61.88 -46.83
CA THR D 30 23.24 -60.49 -47.14
C THR D 30 21.83 -60.12 -46.74
N CYS D 31 21.55 -58.90 -46.38
CA CYS D 31 20.26 -58.40 -45.96
C CYS D 31 19.94 -57.09 -46.48
N LYS D 32 18.70 -56.91 -47.13
CA LYS D 32 18.28 -55.73 -47.78
C LYS D 32 17.02 -55.20 -47.08
N ALA D 33 17.03 -53.99 -46.51
CA ALA D 33 16.00 -53.48 -45.74
C ALA D 33 15.03 -52.70 -46.62
N SER D 34 13.72 -52.68 -46.37
CA SER D 34 12.72 -51.98 -47.13
C SER D 34 12.89 -50.42 -47.00
N GLN D 35 13.29 -49.97 -45.80
CA GLN D 35 13.57 -48.56 -45.50
C GLN D 35 14.58 -48.52 -44.42
N SER D 36 15.35 -47.41 -44.34
CA SER D 36 16.56 -47.34 -43.52
C SER D 36 16.34 -47.71 -42.00
N VAL D 37 17.29 -48.39 -41.37
CA VAL D 37 17.36 -48.60 -39.97
C VAL D 37 18.68 -48.03 -39.32
N THR D 38 19.33 -47.06 -39.96
CA THR D 38 20.71 -46.57 -39.58
C THR D 38 21.71 -47.64 -39.43
N ASN D 39 22.26 -47.82 -38.23
CA ASN D 39 23.15 -48.88 -37.90
C ASN D 39 22.55 -49.87 -36.89
N ASP D 40 21.22 -49.82 -36.59
CA ASP D 40 20.46 -50.63 -35.68
C ASP D 40 19.95 -51.90 -36.40
N ALA D 41 20.95 -52.78 -36.71
CA ALA D 41 20.81 -54.06 -37.40
C ALA D 41 21.34 -55.19 -36.53
N ALA D 42 20.62 -56.30 -36.36
CA ALA D 42 20.96 -57.40 -35.47
C ALA D 42 20.87 -58.66 -36.29
N TRP D 43 21.84 -59.60 -36.02
CA TRP D 43 21.84 -60.95 -36.60
C TRP D 43 21.73 -62.03 -35.49
N TYR D 44 20.82 -62.97 -35.64
CA TYR D 44 20.58 -64.06 -34.76
C TYR D 44 20.86 -65.37 -35.54
N GLN D 45 21.25 -66.42 -34.79
CA GLN D 45 21.49 -67.78 -35.15
C GLN D 45 20.40 -68.53 -34.38
N LYS D 46 19.62 -69.38 -35.09
CA LYS D 46 18.66 -70.28 -34.45
C LYS D 46 18.87 -71.73 -34.88
N LYS D 47 18.94 -72.64 -33.88
CA LYS D 47 18.86 -74.03 -34.14
C LYS D 47 17.37 -74.33 -34.32
N PRO D 48 16.98 -75.51 -34.81
CA PRO D 48 15.55 -75.84 -35.13
C PRO D 48 14.66 -75.91 -33.89
N GLY D 49 15.12 -76.52 -32.73
CA GLY D 49 14.32 -76.63 -31.48
C GLY D 49 14.50 -75.51 -30.56
N LYS D 50 15.73 -74.96 -30.50
CA LYS D 50 16.02 -74.00 -29.50
C LYS D 50 15.70 -72.56 -29.94
N ALA D 51 15.74 -71.60 -29.01
CA ALA D 51 15.44 -70.24 -29.12
C ALA D 51 16.60 -69.54 -29.71
N PRO D 52 16.33 -68.33 -30.39
CA PRO D 52 17.36 -67.53 -30.93
C PRO D 52 18.59 -67.13 -30.03
N LYS D 53 19.85 -67.10 -30.50
CA LYS D 53 21.08 -66.66 -29.86
C LYS D 53 21.56 -65.50 -30.72
N LEU D 54 21.87 -64.37 -30.04
CA LEU D 54 22.42 -63.16 -30.66
C LEU D 54 23.88 -63.29 -31.17
N LEU D 55 24.13 -62.96 -32.45
CA LEU D 55 25.48 -62.92 -33.08
C LEU D 55 26.00 -61.49 -33.10
N ILE D 56 25.29 -60.63 -33.82
CA ILE D 56 25.70 -59.20 -34.13
C ILE D 56 24.65 -58.12 -33.71
N TYR D 57 25.10 -56.94 -33.22
CA TYR D 57 24.24 -55.84 -33.01
C TYR D 57 25.11 -54.65 -33.34
N GLN D 58 24.38 -53.55 -33.58
CA GLN D 58 24.91 -52.30 -34.00
C GLN D 58 25.76 -52.45 -35.27
N ALA D 59 25.26 -53.29 -36.21
CA ALA D 59 25.82 -53.53 -37.55
C ALA D 59 27.27 -54.08 -37.63
N SER D 60 27.90 -54.40 -36.49
CA SER D 60 29.33 -54.82 -36.49
C SER D 60 29.83 -55.41 -35.06
N THR D 61 29.04 -55.31 -33.99
CA THR D 61 29.45 -55.65 -32.54
C THR D 61 29.09 -57.05 -32.21
N ARG D 62 30.08 -57.82 -31.64
CA ARG D 62 29.86 -59.17 -31.19
C ARG D 62 29.29 -59.32 -29.87
N TYR D 63 28.14 -60.00 -29.68
CA TYR D 63 27.65 -60.35 -28.34
C TYR D 63 28.64 -61.16 -27.49
N THR D 64 28.62 -61.02 -26.18
CA THR D 64 29.57 -61.74 -25.25
C THR D 64 29.54 -63.28 -25.35
N GLY D 65 30.60 -63.82 -25.86
CA GLY D 65 30.97 -65.14 -26.07
C GLY D 65 30.64 -65.64 -27.40
N VAL D 66 30.68 -64.85 -28.44
CA VAL D 66 30.66 -65.26 -29.83
C VAL D 66 31.98 -65.35 -30.46
N PRO D 67 32.31 -66.46 -31.15
CA PRO D 67 33.67 -66.66 -31.58
C PRO D 67 34.11 -65.61 -32.68
N SER D 68 35.41 -65.30 -32.87
CA SER D 68 35.95 -64.34 -33.78
C SER D 68 35.71 -64.60 -35.27
N ARG D 69 35.29 -65.83 -35.60
CA ARG D 69 34.96 -66.25 -36.97
C ARG D 69 33.65 -65.61 -37.47
N PHE D 70 32.81 -65.13 -36.59
CA PHE D 70 31.68 -64.27 -36.88
C PHE D 70 32.09 -62.82 -37.08
N SER D 71 31.53 -62.12 -38.03
CA SER D 71 31.67 -60.73 -38.18
C SER D 71 30.56 -60.09 -39.01
N GLY D 72 30.24 -58.75 -38.75
CA GLY D 72 29.24 -58.01 -39.40
C GLY D 72 29.72 -56.76 -40.15
N SER D 73 28.89 -56.36 -41.18
CA SER D 73 29.24 -55.18 -41.91
C SER D 73 27.99 -54.53 -42.62
N GLY D 74 28.03 -53.26 -43.07
CA GLY D 74 26.94 -52.62 -43.85
C GLY D 74 26.32 -51.48 -43.08
N TYR D 75 25.32 -50.70 -43.65
CA TYR D 75 24.78 -49.56 -43.00
C TYR D 75 23.48 -49.15 -43.75
N GLY D 76 22.42 -48.66 -43.03
CA GLY D 76 21.17 -48.21 -43.56
C GLY D 76 20.27 -49.20 -44.18
N THR D 77 20.37 -49.54 -45.49
CA THR D 77 19.49 -50.44 -46.15
C THR D 77 20.26 -51.77 -46.42
N ASP D 78 21.55 -51.83 -46.61
CA ASP D 78 22.25 -53.06 -46.87
C ASP D 78 23.09 -53.53 -45.64
N PHE D 79 23.02 -54.83 -45.25
CA PHE D 79 23.84 -55.37 -44.22
C PHE D 79 24.36 -56.77 -44.58
N THR D 80 25.45 -57.20 -44.03
CA THR D 80 26.15 -58.42 -44.42
C THR D 80 26.68 -59.08 -43.19
N LEU D 81 26.47 -60.39 -43.11
CA LEU D 81 26.93 -61.27 -42.05
C LEU D 81 27.93 -62.24 -42.71
N THR D 82 29.13 -62.27 -42.16
CA THR D 82 30.18 -63.08 -42.70
C THR D 82 30.70 -63.95 -41.62
N ILE D 83 30.86 -65.24 -41.95
CA ILE D 83 31.48 -66.29 -41.15
C ILE D 83 32.82 -66.55 -41.95
N SER D 84 33.98 -66.26 -41.26
CA SER D 84 35.37 -66.31 -41.67
C SER D 84 35.80 -67.78 -42.10
N SER D 85 35.41 -68.83 -41.29
CA SER D 85 35.63 -70.17 -41.74
C SER D 85 34.73 -71.19 -41.01
N LEU D 86 33.65 -71.64 -41.65
CA LEU D 86 32.60 -72.45 -41.08
C LEU D 86 33.10 -73.83 -40.61
N GLN D 87 32.62 -74.24 -39.42
CA GLN D 87 33.05 -75.46 -38.62
C GLN D 87 31.74 -76.26 -38.52
N PRO D 88 31.65 -77.60 -38.28
CA PRO D 88 30.44 -78.39 -38.39
C PRO D 88 29.40 -77.98 -37.40
N GLU D 89 29.72 -77.15 -36.35
CA GLU D 89 28.75 -76.60 -35.30
C GLU D 89 28.00 -75.35 -35.80
N ASP D 90 28.40 -74.81 -36.97
CA ASP D 90 27.94 -73.60 -37.54
C ASP D 90 26.81 -73.75 -38.60
N PHE D 91 26.42 -74.96 -38.97
CA PHE D 91 25.27 -75.25 -39.83
C PHE D 91 23.93 -75.02 -39.04
N ALA D 92 23.25 -73.85 -39.20
CA ALA D 92 22.03 -73.44 -38.49
C ALA D 92 21.14 -72.59 -39.47
N THR D 93 20.08 -71.98 -38.87
CA THR D 93 19.28 -71.08 -39.68
C THR D 93 19.36 -69.72 -39.11
N TYR D 94 19.73 -68.74 -40.01
CA TYR D 94 20.23 -67.34 -39.63
C TYR D 94 19.15 -66.26 -39.99
N PHE D 95 18.98 -65.20 -39.15
CA PHE D 95 17.99 -64.16 -39.26
C PHE D 95 18.67 -62.77 -39.17
N CYS D 96 18.31 -61.86 -40.06
CA CYS D 96 18.38 -60.46 -39.97
C CYS D 96 17.24 -59.85 -39.14
N HIS D 97 17.46 -58.69 -38.51
CA HIS D 97 16.55 -58.24 -37.55
C HIS D 97 16.69 -56.73 -37.39
N GLN D 98 15.59 -56.03 -37.15
CA GLN D 98 15.63 -54.65 -36.79
C GLN D 98 14.74 -54.28 -35.65
N ASP D 99 15.34 -53.53 -34.73
CA ASP D 99 14.73 -52.98 -33.55
C ASP D 99 14.81 -51.44 -33.59
N TYR D 100 15.23 -50.82 -34.69
CA TYR D 100 15.19 -49.41 -34.78
C TYR D 100 13.70 -48.84 -34.67
N SER D 101 12.72 -49.41 -35.45
CA SER D 101 11.38 -48.96 -35.53
C SER D 101 10.46 -50.11 -35.20
N SER D 102 9.53 -49.88 -34.26
CA SER D 102 8.49 -50.85 -33.91
C SER D 102 7.46 -50.79 -35.09
N PRO D 103 6.82 -51.83 -35.54
CA PRO D 103 6.89 -53.22 -35.09
C PRO D 103 8.26 -53.76 -35.33
N LEU D 104 8.89 -54.46 -34.37
CA LEU D 104 10.16 -55.18 -34.59
C LEU D 104 10.02 -56.40 -35.55
N THR D 105 10.88 -56.49 -36.55
CA THR D 105 10.70 -57.44 -37.61
C THR D 105 12.02 -58.24 -37.76
N PHE D 106 11.96 -59.55 -38.18
CA PHE D 106 13.03 -60.37 -38.49
C PHE D 106 12.91 -60.60 -39.97
N GLY D 107 13.97 -61.20 -40.53
CA GLY D 107 13.88 -61.63 -41.90
C GLY D 107 13.23 -63.01 -41.99
N GLN D 108 13.44 -63.58 -43.22
CA GLN D 108 12.88 -64.88 -43.58
C GLN D 108 13.47 -66.16 -42.92
N GLY D 109 14.83 -66.16 -42.72
CA GLY D 109 15.55 -67.28 -42.19
C GLY D 109 16.25 -68.03 -43.36
N THR D 110 17.61 -67.91 -43.45
CA THR D 110 18.38 -68.52 -44.49
C THR D 110 18.77 -69.91 -43.96
N LYS D 111 19.10 -70.82 -44.90
CA LYS D 111 19.43 -72.21 -44.65
C LYS D 111 20.89 -72.48 -45.07
N VAL D 112 21.77 -72.63 -44.14
CA VAL D 112 23.17 -73.05 -44.38
C VAL D 112 23.15 -74.52 -44.28
N GLU D 113 23.42 -75.19 -45.40
CA GLU D 113 23.42 -76.69 -45.39
C GLU D 113 24.71 -77.13 -46.03
N ILE D 114 25.08 -78.45 -45.78
CA ILE D 114 26.44 -79.01 -46.00
C ILE D 114 26.64 -79.38 -47.50
N LYS D 115 27.95 -79.28 -47.94
CA LYS D 115 28.39 -79.58 -49.32
C LYS D 115 28.35 -81.03 -49.66
N ARG D 116 27.87 -81.39 -50.86
CA ARG D 116 27.65 -82.71 -51.39
C ARG D 116 28.93 -83.30 -52.20
N GLN D 132 20.91 -66.50 -11.65
CA GLN D 132 21.06 -66.22 -13.22
C GLN D 132 19.65 -65.90 -13.69
N VAL D 133 19.56 -65.46 -14.98
CA VAL D 133 18.31 -65.14 -15.62
C VAL D 133 17.54 -66.28 -16.21
N GLN D 134 16.18 -66.33 -15.97
CA GLN D 134 15.42 -67.49 -16.42
C GLN D 134 13.99 -67.07 -16.82
N LEU D 135 13.52 -67.66 -17.89
CA LEU D 135 12.18 -67.52 -18.35
C LEU D 135 11.65 -68.93 -18.74
N VAL D 136 10.61 -69.50 -18.09
CA VAL D 136 10.18 -70.89 -18.37
C VAL D 136 8.76 -70.75 -18.74
N GLN D 137 8.44 -71.30 -19.96
CA GLN D 137 7.06 -71.20 -20.44
C GLN D 137 6.25 -72.41 -20.02
N SER D 138 4.95 -72.42 -20.26
CA SER D 138 4.08 -73.62 -20.07
C SER D 138 4.25 -74.68 -21.14
N GLY D 139 3.81 -75.89 -20.82
CA GLY D 139 3.72 -77.02 -21.73
C GLY D 139 2.93 -76.90 -22.98
N ALA D 140 3.37 -77.68 -24.06
CA ALA D 140 2.70 -77.73 -25.41
C ALA D 140 1.20 -78.10 -25.38
N GLU D 141 0.35 -77.79 -26.34
CA GLU D 141 -1.09 -78.17 -26.29
C GLU D 141 -1.71 -77.77 -27.64
N ASP D 142 -2.99 -78.07 -27.84
CA ASP D 142 -3.64 -77.83 -29.15
C ASP D 142 -5.15 -77.60 -28.90
N LYS D 143 -5.84 -76.89 -29.84
CA LYS D 143 -7.15 -76.26 -29.71
C LYS D 143 -7.79 -76.10 -31.10
N LYS D 144 -9.04 -75.62 -31.16
CA LYS D 144 -9.93 -75.54 -32.37
C LYS D 144 -9.84 -74.12 -33.04
N PRO D 145 -9.78 -73.97 -34.35
CA PRO D 145 -9.80 -72.67 -35.02
C PRO D 145 -11.13 -71.94 -34.67
N GLY D 146 -11.10 -70.65 -34.43
CA GLY D 146 -12.16 -69.84 -34.02
C GLY D 146 -12.14 -69.48 -32.51
N ALA D 147 -11.40 -70.17 -31.64
CA ALA D 147 -11.22 -70.09 -30.21
C ALA D 147 -10.22 -69.03 -29.90
N SER D 148 -9.44 -69.19 -28.78
CA SER D 148 -8.41 -68.33 -28.24
C SER D 148 -7.41 -69.21 -27.49
N VAL D 149 -6.22 -68.73 -27.29
CA VAL D 149 -5.22 -69.39 -26.52
C VAL D 149 -4.70 -68.39 -25.60
N LYS D 150 -4.17 -68.89 -24.44
CA LYS D 150 -3.34 -68.21 -23.55
C LYS D 150 -2.11 -69.06 -23.22
N VAL D 151 -0.87 -68.55 -23.52
CA VAL D 151 0.45 -69.17 -23.22
C VAL D 151 1.15 -68.38 -22.10
N SER D 152 1.85 -69.04 -21.26
CA SER D 152 2.53 -68.40 -20.14
C SER D 152 4.02 -68.40 -20.31
N CYS D 153 4.59 -67.47 -19.50
CA CYS D 153 5.98 -67.30 -19.37
C CYS D 153 6.35 -66.84 -17.91
N LYS D 154 6.66 -67.81 -17.05
CA LYS D 154 7.21 -67.58 -15.72
C LYS D 154 8.71 -67.05 -15.72
N VAL D 155 8.92 -66.07 -14.89
CA VAL D 155 10.14 -65.33 -14.84
C VAL D 155 10.80 -65.57 -13.47
N SER D 156 12.15 -65.61 -13.47
CA SER D 156 13.05 -65.69 -12.30
C SER D 156 14.42 -65.08 -12.56
N GLY D 157 15.09 -64.57 -11.52
CA GLY D 157 16.45 -63.94 -11.75
C GLY D 157 16.54 -62.53 -12.13
N PHE D 158 15.38 -61.79 -12.38
CA PHE D 158 15.43 -60.36 -12.61
C PHE D 158 14.02 -59.83 -12.34
N SER D 159 13.77 -58.55 -12.07
CA SER D 159 12.52 -57.87 -11.87
C SER D 159 11.90 -57.33 -13.15
N LEU D 160 10.51 -57.41 -13.24
CA LEU D 160 9.84 -56.96 -14.44
C LEU D 160 9.67 -55.46 -14.40
N GLY D 161 9.84 -54.75 -13.33
CA GLY D 161 9.90 -53.30 -13.17
C GLY D 161 11.14 -52.83 -13.85
N ARG D 162 12.22 -53.70 -13.95
CA ARG D 162 13.40 -53.31 -14.65
C ARG D 162 13.32 -53.73 -16.16
N TYR D 163 12.64 -54.83 -16.56
CA TYR D 163 12.67 -55.32 -17.92
C TYR D 163 11.31 -55.68 -18.42
N GLY D 164 10.86 -54.99 -19.53
CA GLY D 164 9.81 -55.50 -20.36
C GLY D 164 9.95 -56.92 -20.99
N VAL D 165 8.87 -57.61 -21.21
CA VAL D 165 8.91 -58.94 -21.78
C VAL D 165 8.32 -59.01 -23.19
N HIS D 166 9.01 -59.51 -24.17
CA HIS D 166 8.56 -59.62 -25.56
C HIS D 166 8.06 -60.96 -25.92
N TRP D 167 7.33 -61.07 -27.06
CA TRP D 167 6.77 -62.21 -27.59
C TRP D 167 7.03 -62.42 -29.01
N VAL D 168 7.61 -63.59 -29.40
CA VAL D 168 8.02 -63.98 -30.81
C VAL D 168 7.40 -65.38 -31.07
N ARG D 169 7.10 -65.83 -32.35
CA ARG D 169 6.60 -67.17 -32.64
C ARG D 169 7.14 -67.49 -33.96
N GLN D 170 7.32 -68.77 -34.25
CA GLN D 170 7.71 -69.37 -35.46
C GLN D 170 6.75 -70.35 -36.02
N ALA D 171 6.16 -70.03 -37.14
CA ALA D 171 5.24 -70.93 -37.87
C ALA D 171 5.98 -71.86 -38.84
N PRO D 172 5.51 -73.07 -39.23
CA PRO D 172 6.22 -73.95 -40.22
C PRO D 172 6.47 -73.36 -41.64
N GLY D 173 7.69 -73.46 -42.17
CA GLY D 173 8.00 -72.93 -43.49
C GLY D 173 8.18 -71.40 -43.60
N GLN D 174 8.40 -70.78 -42.43
CA GLN D 174 8.55 -69.36 -42.22
C GLN D 174 9.53 -69.06 -41.08
N GLY D 175 9.91 -67.75 -41.02
CA GLY D 175 10.76 -67.25 -40.05
C GLY D 175 10.22 -67.06 -38.70
N LEU D 176 10.72 -66.03 -38.08
CA LEU D 176 10.35 -65.68 -36.79
C LEU D 176 9.37 -64.48 -36.83
N GLU D 177 8.16 -64.54 -36.20
CA GLU D 177 7.13 -63.50 -36.30
C GLU D 177 7.13 -62.79 -34.93
N TRP D 178 7.49 -61.47 -34.84
CA TRP D 178 7.32 -60.72 -33.61
C TRP D 178 5.89 -60.37 -33.26
N MET D 179 5.33 -60.78 -32.15
CA MET D 179 3.89 -60.58 -31.76
C MET D 179 3.64 -59.34 -31.05
N GLY D 180 4.49 -59.12 -30.01
CA GLY D 180 4.31 -58.00 -29.23
C GLY D 180 5.30 -57.86 -28.12
N VAL D 181 5.02 -56.99 -27.13
CA VAL D 181 5.77 -56.74 -25.96
C VAL D 181 4.87 -56.09 -24.84
N ILE D 182 5.20 -56.35 -23.58
CA ILE D 182 4.69 -55.56 -22.48
C ILE D 182 5.87 -54.95 -21.74
N TRP D 183 5.88 -53.62 -21.80
CA TRP D 183 6.96 -52.74 -21.32
C TRP D 183 7.05 -52.65 -19.85
N ARG D 184 8.18 -52.23 -19.35
CA ARG D 184 8.46 -52.27 -17.93
C ARG D 184 7.44 -51.52 -17.03
N GLY D 185 6.84 -50.33 -17.50
CA GLY D 185 5.71 -49.53 -16.92
C GLY D 185 4.33 -50.25 -17.07
N GLY D 186 4.22 -51.31 -17.87
CA GLY D 186 2.94 -51.97 -18.22
C GLY D 186 2.34 -51.66 -19.65
N THR D 187 3.01 -50.78 -20.29
CA THR D 187 2.63 -50.30 -21.69
C THR D 187 2.83 -51.41 -22.65
N THR D 188 1.78 -51.77 -23.33
CA THR D 188 1.77 -52.85 -24.33
C THR D 188 1.93 -52.37 -25.75
N ASP D 189 2.61 -53.14 -26.61
CA ASP D 189 2.76 -52.85 -27.98
C ASP D 189 2.60 -54.13 -28.77
N TYR D 190 1.71 -54.13 -29.81
CA TYR D 190 1.35 -55.35 -30.61
C TYR D 190 1.74 -55.09 -32.07
N ASN D 191 1.98 -56.13 -32.90
CA ASN D 191 2.26 -56.05 -34.28
C ASN D 191 0.87 -55.95 -35.00
N ALA D 192 0.76 -54.97 -35.85
CA ALA D 192 -0.46 -54.67 -36.65
C ALA D 192 -0.89 -55.82 -37.65
N LYS D 193 0.05 -56.73 -38.06
CA LYS D 193 -0.19 -57.89 -38.88
C LYS D 193 -1.14 -58.83 -38.11
N PHE D 194 -1.13 -58.78 -36.75
CA PHE D 194 -1.94 -59.67 -35.94
C PHE D 194 -3.24 -59.05 -35.68
N GLN D 195 -3.58 -57.91 -36.29
CA GLN D 195 -4.84 -57.27 -36.26
C GLN D 195 -5.45 -56.89 -34.94
N GLY D 196 -4.53 -56.78 -33.90
CA GLY D 196 -4.99 -56.53 -32.46
C GLY D 196 -5.60 -57.76 -31.86
N ARG D 197 -5.26 -58.96 -32.28
CA ARG D 197 -5.74 -60.19 -31.67
C ARG D 197 -4.95 -60.49 -30.41
N VAL D 198 -3.76 -59.84 -30.23
CA VAL D 198 -2.85 -60.10 -29.16
C VAL D 198 -3.23 -59.29 -27.95
N THR D 199 -3.13 -59.89 -26.82
CA THR D 199 -3.27 -59.16 -25.56
C THR D 199 -2.31 -59.77 -24.60
N ILE D 200 -1.38 -58.96 -24.11
CA ILE D 200 -0.38 -59.28 -23.17
C ILE D 200 -0.68 -58.63 -21.88
N THR D 201 -0.60 -59.48 -20.88
CA THR D 201 -0.74 -59.08 -19.44
C THR D 201 0.40 -59.69 -18.67
N LYS D 202 0.55 -59.30 -17.38
CA LYS D 202 1.57 -59.84 -16.47
C LYS D 202 1.14 -59.59 -15.01
N ASP D 203 1.58 -60.51 -14.11
CA ASP D 203 1.40 -60.47 -12.67
C ASP D 203 2.80 -60.35 -12.05
N ASP D 204 3.16 -59.25 -11.37
CA ASP D 204 4.52 -59.14 -10.86
C ASP D 204 4.80 -59.97 -9.62
N SER D 205 3.76 -60.24 -8.80
CA SER D 205 3.88 -61.10 -7.63
C SER D 205 4.07 -62.59 -7.88
N LYS D 206 3.58 -63.23 -9.01
CA LYS D 206 3.94 -64.66 -9.31
C LYS D 206 4.90 -64.57 -10.47
N SER D 207 5.58 -63.36 -10.65
CA SER D 207 6.57 -63.06 -11.67
C SER D 207 6.31 -63.81 -12.97
N THR D 208 5.15 -63.59 -13.54
CA THR D 208 4.65 -64.34 -14.72
C THR D 208 3.95 -63.46 -15.81
N VAL D 209 4.19 -63.73 -17.13
CA VAL D 209 3.68 -62.95 -18.14
C VAL D 209 2.71 -63.92 -18.85
N TYR D 210 1.50 -63.39 -19.16
CA TYR D 210 0.54 -64.19 -19.84
C TYR D 210 0.31 -63.56 -21.16
N MET D 211 0.27 -64.36 -22.23
CA MET D 211 0.01 -63.81 -23.55
C MET D 211 -1.18 -64.51 -24.09
N GLU D 212 -2.27 -63.76 -24.43
CA GLU D 212 -3.61 -64.38 -24.81
C GLU D 212 -3.86 -63.82 -26.24
N LEU D 213 -4.12 -64.74 -27.14
CA LEU D 213 -4.35 -64.54 -28.53
C LEU D 213 -5.75 -65.03 -28.79
N SER D 214 -6.50 -64.26 -29.63
CA SER D 214 -7.93 -64.38 -29.81
C SER D 214 -8.29 -64.63 -31.28
N SER D 215 -9.44 -65.22 -31.65
CA SER D 215 -9.81 -65.53 -33.12
C SER D 215 -8.85 -66.33 -33.84
N LEU D 216 -8.52 -67.52 -33.26
CA LEU D 216 -7.56 -68.38 -33.84
C LEU D 216 -7.91 -68.85 -35.27
N ARG D 217 -6.87 -68.88 -36.13
CA ARG D 217 -6.89 -69.54 -37.41
C ARG D 217 -5.87 -70.69 -37.38
N SER D 218 -6.03 -71.70 -38.23
CA SER D 218 -5.13 -72.87 -38.39
C SER D 218 -3.68 -72.42 -38.86
N GLU D 219 -3.66 -71.21 -39.42
CA GLU D 219 -2.36 -70.62 -39.81
C GLU D 219 -1.61 -69.98 -38.59
N ASP D 220 -2.27 -69.93 -37.36
CA ASP D 220 -1.60 -69.48 -36.12
C ASP D 220 -0.92 -70.69 -35.33
N THR D 221 -0.94 -71.88 -36.01
CA THR D 221 -0.13 -73.01 -35.65
C THR D 221 1.36 -72.67 -35.54
N ALA D 222 1.97 -72.74 -34.39
CA ALA D 222 3.33 -72.21 -34.22
C ALA D 222 3.98 -72.66 -32.95
N VAL D 223 5.29 -72.50 -32.77
CA VAL D 223 5.95 -72.60 -31.46
C VAL D 223 5.91 -71.17 -31.02
N TYR D 224 5.61 -70.78 -29.73
CA TYR D 224 5.48 -69.42 -29.23
C TYR D 224 6.58 -69.28 -28.21
N TYR D 225 7.46 -68.30 -28.51
CA TYR D 225 8.70 -68.02 -27.83
C TYR D 225 8.69 -66.72 -27.09
N CYS D 226 8.97 -66.79 -25.73
CA CYS D 226 9.14 -65.66 -24.82
C CYS D 226 10.57 -65.07 -24.89
N ALA D 227 10.83 -63.70 -24.88
CA ALA D 227 12.09 -63.02 -25.15
C ALA D 227 12.26 -61.82 -24.29
N ARG D 228 13.49 -61.40 -24.05
CA ARG D 228 13.75 -60.26 -23.17
C ARG D 228 15.00 -59.65 -23.72
N GLN D 229 15.01 -58.30 -23.64
CA GLN D 229 16.03 -57.56 -24.32
C GLN D 229 17.31 -57.28 -23.51
N GLY D 230 18.37 -56.69 -24.08
CA GLY D 230 19.48 -55.96 -23.42
C GLY D 230 19.05 -54.61 -22.89
N SER D 231 19.98 -53.66 -22.60
CA SER D 231 19.73 -52.32 -22.08
C SER D 231 19.13 -51.38 -23.12
N ASN D 232 19.94 -51.32 -24.25
CA ASN D 232 19.39 -50.55 -25.37
C ASN D 232 19.94 -51.13 -26.57
N PHE D 233 20.09 -52.46 -26.48
CA PHE D 233 20.64 -53.37 -27.47
C PHE D 233 19.76 -54.63 -27.48
N PRO D 234 19.68 -55.37 -28.58
CA PRO D 234 18.67 -56.43 -28.89
C PRO D 234 18.47 -57.58 -27.90
N LEU D 235 17.43 -58.38 -28.30
CA LEU D 235 17.02 -59.54 -27.60
C LEU D 235 18.09 -60.57 -27.29
N ALA D 236 18.24 -60.97 -25.97
CA ALA D 236 19.36 -61.77 -25.58
C ALA D 236 18.96 -62.80 -24.64
N TYR D 237 17.82 -62.73 -23.88
CA TYR D 237 17.49 -63.90 -22.95
C TYR D 237 16.13 -64.44 -23.35
N TRP D 238 16.05 -65.74 -23.63
CA TRP D 238 14.90 -66.38 -24.20
C TRP D 238 14.30 -67.55 -23.36
N GLY D 239 13.00 -67.80 -23.56
CA GLY D 239 12.38 -69.06 -23.01
C GLY D 239 12.79 -70.25 -23.94
N GLN D 240 12.33 -71.45 -23.60
CA GLN D 240 12.56 -72.74 -24.40
C GLN D 240 11.37 -73.08 -25.25
N GLY D 241 10.36 -72.14 -25.43
CA GLY D 241 9.20 -72.39 -26.24
C GLY D 241 8.15 -73.40 -25.82
N THR D 242 7.00 -73.09 -26.39
CA THR D 242 5.73 -73.79 -26.19
C THR D 242 5.08 -74.09 -27.50
N LEU D 243 4.89 -75.38 -27.88
CA LEU D 243 4.29 -75.70 -29.16
C LEU D 243 2.81 -75.63 -29.06
N VAL D 244 2.14 -74.84 -29.93
CA VAL D 244 0.72 -74.67 -30.02
C VAL D 244 0.28 -75.12 -31.40
N THR D 245 -0.67 -76.12 -31.46
CA THR D 245 -1.26 -76.56 -32.79
C THR D 245 -2.70 -76.11 -32.87
N VAL D 246 -3.18 -75.80 -34.10
CA VAL D 246 -4.55 -75.35 -34.27
C VAL D 246 -5.13 -75.89 -35.67
N SER D 247 -6.23 -76.70 -35.59
CA SER D 247 -6.61 -77.43 -36.71
C SER D 247 -8.02 -77.88 -36.63
N SER D 248 -8.61 -78.08 -37.82
CA SER D 248 -9.94 -78.73 -37.87
C SER D 248 -9.74 -80.19 -38.24
N ASP E 1 49.44 -37.66 8.32
CA ASP E 1 48.05 -37.89 8.77
C ASP E 1 47.20 -36.63 8.68
N TYR E 2 45.85 -36.65 8.77
CA TYR E 2 44.98 -35.53 8.46
C TYR E 2 44.51 -34.94 9.74
N LYS E 3 45.40 -35.05 10.71
CA LYS E 3 45.42 -34.46 12.03
C LYS E 3 46.90 -34.25 12.41
N ASP E 4 47.18 -33.04 12.93
CA ASP E 4 48.43 -32.79 13.57
C ASP E 4 48.33 -33.18 15.08
N ASP E 5 49.45 -33.24 15.83
CA ASP E 5 49.41 -33.56 17.24
C ASP E 5 49.65 -32.21 18.03
N ASP E 6 48.48 -31.76 18.63
CA ASP E 6 48.38 -30.50 19.42
C ASP E 6 48.85 -30.57 20.84
N ASP E 7 49.55 -29.55 21.32
CA ASP E 7 50.14 -29.42 22.74
C ASP E 7 51.30 -30.37 22.97
N LYS E 8 52.02 -30.80 21.98
CA LYS E 8 53.17 -31.68 21.94
C LYS E 8 54.37 -30.98 21.48
N ASP E 9 55.50 -31.18 22.18
CA ASP E 9 56.75 -30.43 22.00
C ASP E 9 57.47 -30.83 20.72
N ILE E 10 57.99 -29.73 20.11
CA ILE E 10 58.73 -29.84 18.92
C ILE E 10 60.26 -29.89 19.33
N VAL E 11 60.90 -31.07 19.35
CA VAL E 11 62.23 -31.33 19.81
C VAL E 11 63.10 -31.48 18.63
N MET E 12 64.14 -30.66 18.41
CA MET E 12 65.05 -30.88 17.33
C MET E 12 66.27 -31.69 17.82
N THR E 13 66.45 -32.95 17.37
CA THR E 13 67.57 -33.81 17.78
C THR E 13 68.61 -33.84 16.67
N GLN E 14 69.83 -33.26 16.96
CA GLN E 14 70.81 -32.98 15.88
C GLN E 14 71.93 -34.07 16.06
N SER E 15 72.27 -34.79 14.99
CA SER E 15 73.31 -35.81 15.06
C SER E 15 74.33 -35.74 13.85
N PRO E 16 75.60 -35.98 14.00
CA PRO E 16 76.28 -36.38 15.18
C PRO E 16 76.60 -35.09 15.95
N SER E 17 76.78 -35.18 17.35
CA SER E 17 76.94 -34.01 18.24
C SER E 17 78.21 -33.19 17.97
N SER E 18 79.39 -33.88 17.80
CA SER E 18 80.58 -33.22 17.37
C SER E 18 80.99 -33.82 16.03
N LEU E 19 81.94 -33.08 15.35
CA LEU E 19 82.66 -33.52 14.11
C LEU E 19 84.07 -32.91 14.24
N SER E 20 85.07 -33.57 13.69
CA SER E 20 86.39 -33.12 13.56
C SER E 20 86.79 -32.93 12.10
N ALA E 21 87.39 -31.75 11.66
CA ALA E 21 87.63 -31.62 10.23
C ALA E 21 88.95 -30.90 9.97
N SER E 22 89.49 -30.99 8.77
CA SER E 22 90.70 -30.42 8.26
C SER E 22 90.40 -29.44 7.07
N VAL E 23 91.40 -28.80 6.44
CA VAL E 23 91.29 -27.92 5.34
C VAL E 23 90.71 -28.74 4.12
N GLY E 24 89.63 -28.13 3.45
CA GLY E 24 88.87 -28.50 2.25
C GLY E 24 87.88 -29.63 2.37
N ASP E 25 87.66 -30.15 3.62
CA ASP E 25 86.75 -31.23 3.89
C ASP E 25 85.25 -31.03 3.65
N ARG E 26 84.51 -32.14 3.18
CA ARG E 26 83.09 -32.13 2.97
C ARG E 26 82.37 -32.50 4.32
N VAL E 27 81.47 -31.62 4.80
CA VAL E 27 80.87 -31.82 6.05
C VAL E 27 79.35 -32.03 5.98
N THR E 28 78.74 -32.93 6.82
CA THR E 28 77.29 -33.27 6.78
C THR E 28 76.77 -33.35 8.25
N ILE E 29 75.69 -32.64 8.56
CA ILE E 29 75.02 -32.62 9.87
C ILE E 29 73.57 -32.96 9.53
N THR E 30 72.78 -33.67 10.42
CA THR E 30 71.46 -34.17 10.12
C THR E 30 70.69 -33.81 11.34
N CYS E 31 69.38 -33.57 11.20
CA CYS E 31 68.53 -33.12 12.29
C CYS E 31 67.26 -33.99 12.19
N LYS E 32 66.77 -34.51 13.26
CA LYS E 32 65.61 -35.31 13.34
C LYS E 32 64.63 -34.56 14.33
N ALA E 33 63.45 -34.20 13.80
CA ALA E 33 62.45 -33.52 14.55
C ALA E 33 61.48 -34.49 15.19
N SER E 34 60.91 -34.24 16.45
CA SER E 34 59.91 -35.09 17.08
C SER E 34 58.61 -35.41 16.28
N GLN E 35 58.09 -34.36 15.64
CA GLN E 35 56.91 -34.28 14.78
C GLN E 35 57.12 -33.54 13.46
N SER E 36 56.18 -33.66 12.45
CA SER E 36 56.28 -32.91 11.13
C SER E 36 56.20 -31.40 11.33
N VAL E 37 57.12 -30.74 10.60
CA VAL E 37 57.24 -29.32 10.54
C VAL E 37 57.23 -28.94 9.05
N THR E 38 56.90 -29.95 8.18
CA THR E 38 56.80 -29.81 6.71
C THR E 38 58.06 -29.38 5.90
N ASN E 39 58.11 -28.19 5.26
CA ASN E 39 59.31 -27.71 4.61
C ASN E 39 60.01 -26.55 5.38
N ASP E 40 59.37 -26.17 6.49
CA ASP E 40 59.73 -25.00 7.23
C ASP E 40 60.62 -25.52 8.35
N ALA E 41 61.94 -25.27 8.24
CA ALA E 41 62.94 -25.61 9.09
C ALA E 41 64.07 -24.69 8.76
N ALA E 42 64.83 -24.24 9.73
CA ALA E 42 65.83 -23.23 9.56
C ALA E 42 67.19 -23.71 10.10
N TRP E 43 68.33 -23.28 9.42
CA TRP E 43 69.66 -23.71 9.82
C TRP E 43 70.48 -22.48 10.18
N TYR E 44 71.19 -22.50 11.28
CA TYR E 44 72.05 -21.52 11.80
C TYR E 44 73.52 -21.90 12.03
N GLN E 45 74.43 -20.91 11.99
CA GLN E 45 75.82 -20.95 12.37
C GLN E 45 76.04 -19.92 13.45
N LYS E 46 76.61 -20.35 14.59
CA LYS E 46 76.86 -19.49 15.71
C LYS E 46 78.30 -19.53 16.24
N LYS E 47 78.96 -18.33 16.44
CA LYS E 47 80.28 -18.27 17.15
C LYS E 47 80.06 -18.26 18.66
N PRO E 48 80.89 -18.68 19.56
CA PRO E 48 80.51 -18.94 20.96
C PRO E 48 79.65 -17.96 21.74
N GLY E 49 79.97 -16.76 21.67
CA GLY E 49 79.46 -15.66 22.48
C GLY E 49 78.53 -14.76 21.74
N LYS E 50 78.71 -14.78 20.44
CA LYS E 50 78.03 -13.96 19.45
C LYS E 50 76.72 -14.63 19.06
N ALA E 51 75.65 -13.88 18.74
CA ALA E 51 74.36 -14.37 18.37
C ALA E 51 74.37 -15.09 16.96
N PRO E 52 73.44 -16.12 16.74
CA PRO E 52 73.34 -16.83 15.46
C PRO E 52 73.36 -16.07 14.20
N LYS E 53 73.74 -16.71 13.08
CA LYS E 53 73.61 -16.15 11.71
C LYS E 53 72.81 -17.14 10.82
N LEU E 54 71.76 -16.66 10.18
CA LEU E 54 70.83 -17.43 9.30
C LEU E 54 71.48 -17.97 8.03
N LEU E 55 71.39 -19.29 7.78
CA LEU E 55 72.02 -19.98 6.60
C LEU E 55 70.99 -20.34 5.55
N ILE E 56 70.08 -21.20 5.99
CA ILE E 56 69.22 -21.93 5.07
C ILE E 56 67.86 -21.65 5.64
N TYR E 57 66.80 -21.47 4.74
CA TYR E 57 65.46 -21.41 5.20
C TYR E 57 64.61 -22.15 4.15
N GLN E 58 63.33 -22.62 4.47
CA GLN E 58 62.44 -23.36 3.60
C GLN E 58 63.13 -24.66 3.05
N ALA E 59 64.01 -25.25 3.87
CA ALA E 59 64.82 -26.44 3.76
C ALA E 59 65.76 -26.53 2.48
N SER E 60 65.99 -25.35 1.78
CA SER E 60 66.83 -25.32 0.61
C SER E 60 67.17 -23.94 0.11
N THR E 61 66.55 -22.88 0.64
CA THR E 61 66.76 -21.50 0.12
C THR E 61 67.89 -20.76 0.88
N ARG E 62 68.87 -20.09 0.23
CA ARG E 62 69.95 -19.29 0.89
C ARG E 62 69.64 -17.87 1.25
N TYR E 63 69.77 -17.38 2.48
CA TYR E 63 69.72 -15.92 2.87
C TYR E 63 70.70 -15.02 2.08
N THR E 64 70.55 -13.65 2.21
CA THR E 64 71.42 -12.73 1.53
C THR E 64 72.84 -12.83 2.16
N GLY E 65 73.78 -13.05 1.30
CA GLY E 65 75.25 -13.22 1.65
C GLY E 65 75.69 -14.49 2.26
N VAL E 66 74.89 -15.53 2.08
CA VAL E 66 75.31 -16.81 2.56
C VAL E 66 76.13 -17.56 1.57
N PRO E 67 77.38 -17.93 1.85
CA PRO E 67 78.24 -18.54 0.81
C PRO E 67 77.70 -19.65 -0.10
N SER E 68 78.31 -20.02 -1.26
CA SER E 68 77.85 -21.09 -2.06
C SER E 68 78.10 -22.47 -1.45
N ARG E 69 79.02 -22.64 -0.50
CA ARG E 69 79.47 -23.86 0.15
C ARG E 69 78.46 -24.37 1.17
N PHE E 70 77.53 -23.52 1.77
CA PHE E 70 76.48 -24.06 2.64
C PHE E 70 75.28 -24.53 1.78
N SER E 71 74.62 -25.71 2.12
CA SER E 71 73.36 -26.16 1.40
C SER E 71 72.56 -27.10 2.31
N GLY E 72 71.18 -27.03 2.18
CA GLY E 72 70.31 -27.88 2.95
C GLY E 72 69.42 -28.70 2.14
N SER E 73 68.86 -29.73 2.83
CA SER E 73 68.01 -30.72 2.15
C SER E 73 67.16 -31.35 3.27
N GLY E 74 66.09 -32.08 2.82
CA GLY E 74 65.18 -32.85 3.67
C GLY E 74 63.72 -32.40 3.72
N TYR E 75 62.87 -33.16 4.43
CA TYR E 75 61.40 -32.81 4.41
C TYR E 75 60.68 -33.59 5.48
N GLY E 76 59.63 -33.01 6.06
CA GLY E 76 58.83 -33.67 7.10
C GLY E 76 59.48 -33.61 8.45
N THR E 77 60.27 -34.61 8.90
CA THR E 77 60.90 -34.68 10.22
C THR E 77 62.40 -34.65 10.12
N ASP E 78 62.98 -35.13 9.04
CA ASP E 78 64.40 -35.18 8.91
C ASP E 78 64.90 -34.08 7.98
N PHE E 79 66.00 -33.38 8.30
CA PHE E 79 66.62 -32.28 7.54
C PHE E 79 68.14 -32.44 7.66
N THR E 80 68.96 -31.96 6.74
CA THR E 80 70.40 -32.10 6.65
C THR E 80 71.07 -30.78 6.22
N LEU E 81 72.21 -30.45 6.87
CA LEU E 81 72.95 -29.35 6.55
C LEU E 81 74.32 -29.82 6.07
N THR E 82 74.77 -29.44 4.87
CA THR E 82 75.98 -29.87 4.23
C THR E 82 76.82 -28.73 3.85
N ILE E 83 78.15 -28.80 4.11
CA ILE E 83 79.18 -27.88 3.57
C ILE E 83 80.01 -28.55 2.55
N SER E 84 79.92 -28.12 1.29
CA SER E 84 80.52 -28.67 0.12
C SER E 84 82.03 -28.85 0.21
N SER E 85 82.80 -27.85 0.68
CA SER E 85 84.21 -27.95 0.87
C SER E 85 84.57 -26.87 1.84
N LEU E 86 84.70 -27.24 3.11
CA LEU E 86 84.89 -26.47 4.33
C LEU E 86 86.20 -25.62 4.38
N GLN E 87 86.29 -24.56 5.16
CA GLN E 87 87.44 -23.70 5.33
C GLN E 87 87.51 -23.27 6.74
N PRO E 88 88.60 -22.63 7.31
CA PRO E 88 88.66 -22.37 8.75
C PRO E 88 87.56 -21.48 9.33
N GLU E 89 86.91 -20.63 8.44
CA GLU E 89 85.83 -19.70 8.85
C GLU E 89 84.63 -20.44 9.35
N ASP E 90 84.49 -21.72 8.96
CA ASP E 90 83.30 -22.44 9.14
C ASP E 90 83.32 -23.31 10.45
N PHE E 91 84.43 -23.34 11.16
CA PHE E 91 84.60 -24.03 12.47
C PHE E 91 83.89 -23.35 13.62
N ALA E 92 82.53 -23.41 13.66
CA ALA E 92 81.78 -22.63 14.65
C ALA E 92 80.86 -23.74 15.21
N THR E 93 79.75 -23.40 15.91
CA THR E 93 78.72 -24.30 16.43
C THR E 93 77.37 -24.08 15.80
N TYR E 94 76.69 -25.19 15.29
CA TYR E 94 75.55 -25.04 14.39
C TYR E 94 74.24 -25.46 15.01
N PHE E 95 73.13 -24.78 14.53
CA PHE E 95 71.88 -24.91 15.18
C PHE E 95 70.79 -25.29 14.17
N CYS E 96 70.04 -26.40 14.48
CA CYS E 96 68.75 -26.69 13.81
C CYS E 96 67.69 -25.89 14.44
N HIS E 97 66.60 -25.49 13.70
CA HIS E 97 65.61 -24.56 14.15
C HIS E 97 64.35 -24.71 13.42
N GLN E 98 63.22 -24.49 14.08
CA GLN E 98 62.02 -24.51 13.31
C GLN E 98 61.13 -23.32 13.71
N ASP E 99 60.62 -22.61 12.69
CA ASP E 99 59.85 -21.48 12.69
C ASP E 99 58.43 -21.88 12.27
N TYR E 100 58.16 -23.14 11.98
CA TYR E 100 56.88 -23.70 11.58
C TYR E 100 55.74 -23.48 12.58
N SER E 101 56.01 -23.76 13.84
CA SER E 101 55.02 -23.58 14.87
C SER E 101 55.73 -22.92 16.02
N SER E 102 55.00 -22.00 16.63
CA SER E 102 55.39 -21.34 17.88
C SER E 102 54.71 -22.10 19.04
N PRO E 103 55.38 -22.57 20.20
CA PRO E 103 56.77 -22.37 20.74
C PRO E 103 57.91 -22.58 19.69
N LEU E 104 58.71 -21.58 19.21
CA LEU E 104 59.84 -21.86 18.34
C LEU E 104 60.96 -22.70 19.02
N THR E 105 61.58 -23.64 18.29
CA THR E 105 62.60 -24.46 18.90
C THR E 105 63.86 -24.56 18.21
N PHE E 106 64.99 -24.72 18.89
CA PHE E 106 66.30 -24.93 18.36
C PHE E 106 66.66 -26.32 18.78
N GLY E 107 67.72 -26.91 18.23
CA GLY E 107 68.31 -28.15 18.78
C GLY E 107 69.26 -28.12 19.95
N GLN E 108 70.06 -29.20 20.05
CA GLN E 108 71.18 -29.25 21.05
C GLN E 108 72.42 -28.37 20.77
N GLY E 109 72.72 -28.21 19.41
CA GLY E 109 73.83 -27.40 18.92
C GLY E 109 75.03 -28.20 18.85
N THR E 110 75.50 -28.49 17.61
CA THR E 110 76.66 -29.33 17.33
C THR E 110 77.91 -28.53 17.22
N LYS E 111 79.00 -29.18 17.41
CA LYS E 111 80.41 -28.66 17.45
C LYS E 111 81.31 -29.25 16.37
N VAL E 112 81.72 -28.52 15.35
CA VAL E 112 82.68 -28.76 14.21
C VAL E 112 83.97 -28.16 14.74
N GLU E 113 85.02 -29.01 15.03
CA GLU E 113 86.25 -28.62 15.60
C GLU E 113 87.44 -29.16 14.81
N ILE E 114 88.67 -28.50 14.97
CA ILE E 114 89.76 -28.71 14.09
C ILE E 114 90.41 -30.08 14.57
N LYS E 115 90.95 -30.88 13.64
CA LYS E 115 91.73 -32.17 13.80
C LYS E 115 93.20 -31.82 14.12
N ARG E 116 93.62 -32.39 15.26
CA ARG E 116 94.91 -32.35 15.86
C ARG E 116 95.54 -33.73 15.60
N GLN E 132 69.69 1.74 9.14
CA GLN E 132 69.79 0.24 8.99
C GLN E 132 69.39 -0.49 10.27
N VAL E 133 68.80 -1.68 10.22
CA VAL E 133 68.30 -2.37 11.40
C VAL E 133 69.37 -2.59 12.55
N GLN E 134 69.03 -2.25 13.79
CA GLN E 134 69.93 -2.38 14.96
C GLN E 134 69.22 -2.73 16.23
N LEU E 135 69.86 -3.67 17.01
CA LEU E 135 69.34 -4.09 18.26
C LEU E 135 70.46 -3.94 19.21
N VAL E 136 70.34 -3.03 20.24
CA VAL E 136 71.31 -2.88 21.28
C VAL E 136 70.69 -3.09 22.63
N GLN E 137 71.26 -3.97 23.44
CA GLN E 137 70.73 -4.40 24.67
C GLN E 137 71.32 -3.53 25.81
N SER E 138 70.83 -3.74 27.03
CA SER E 138 71.43 -3.25 28.26
C SER E 138 72.73 -3.94 28.67
N GLY E 139 73.65 -3.30 29.44
CA GLY E 139 74.93 -3.71 30.03
C GLY E 139 74.77 -5.00 30.87
N ALA E 140 75.85 -5.79 30.97
CA ALA E 140 75.82 -7.01 31.85
C ALA E 140 75.78 -6.81 33.35
N GLU E 141 75.37 -7.84 34.13
CA GLU E 141 75.20 -7.68 35.57
C GLU E 141 74.92 -9.09 36.23
N ASP E 142 74.81 -9.13 37.55
CA ASP E 142 74.59 -10.32 38.26
C ASP E 142 73.79 -10.04 39.56
N LYS E 143 73.08 -11.04 40.04
CA LYS E 143 72.28 -10.84 41.27
C LYS E 143 72.16 -12.25 41.95
N LYS E 144 71.52 -12.30 43.22
CA LYS E 144 71.43 -13.50 44.01
C LYS E 144 70.20 -14.31 43.80
N PRO E 145 70.14 -15.64 44.13
CA PRO E 145 68.89 -16.51 43.90
C PRO E 145 67.75 -15.93 44.67
N GLY E 146 66.46 -16.11 44.16
CA GLY E 146 65.23 -15.64 44.77
C GLY E 146 64.91 -14.11 44.63
N ALA E 147 65.27 -13.55 43.44
CA ALA E 147 65.00 -12.19 43.10
C ALA E 147 64.29 -12.07 41.78
N SER E 148 64.49 -10.90 41.06
CA SER E 148 63.92 -10.60 39.82
C SER E 148 64.82 -9.64 39.10
N VAL E 149 65.00 -9.73 37.72
CA VAL E 149 65.86 -8.95 36.79
C VAL E 149 65.04 -8.37 35.58
N LYS E 150 65.50 -7.14 35.05
CA LYS E 150 64.89 -6.54 33.91
C LYS E 150 65.99 -6.16 32.92
N VAL E 151 65.90 -6.74 31.68
CA VAL E 151 66.91 -6.54 30.64
C VAL E 151 66.18 -5.71 29.56
N SER E 152 66.98 -4.90 28.91
CA SER E 152 66.52 -4.04 27.81
C SER E 152 66.92 -4.45 26.42
N CYS E 153 66.21 -4.00 25.38
CA CYS E 153 66.63 -4.14 24.00
C CYS E 153 66.14 -2.95 23.26
N LYS E 154 66.95 -1.87 23.15
CA LYS E 154 66.70 -0.67 22.43
C LYS E 154 66.85 -1.01 20.93
N VAL E 155 65.88 -0.58 20.16
CA VAL E 155 65.70 -0.89 18.71
C VAL E 155 65.85 0.36 17.92
N SER E 156 66.39 0.20 16.70
CA SER E 156 66.46 1.27 15.76
C SER E 156 66.48 0.67 14.39
N GLY E 157 65.99 1.46 13.44
CA GLY E 157 65.95 1.10 11.97
C GLY E 157 64.68 0.30 11.62
N PHE E 158 63.73 0.13 12.59
CA PHE E 158 62.46 -0.43 12.30
C PHE E 158 61.48 -0.07 13.41
N SER E 159 60.12 -0.14 13.10
CA SER E 159 58.91 0.15 13.97
C SER E 159 58.52 -1.22 14.58
N LEU E 160 58.37 -1.19 15.93
CA LEU E 160 57.88 -2.34 16.75
C LEU E 160 56.34 -2.81 16.42
N GLY E 161 55.53 -1.92 15.93
CA GLY E 161 54.22 -2.23 15.34
C GLY E 161 54.25 -3.09 14.04
N ARG E 162 55.33 -2.98 13.30
CA ARG E 162 55.44 -3.73 12.07
C ARG E 162 56.03 -5.13 12.22
N TYR E 163 56.92 -5.41 13.22
CA TYR E 163 57.68 -6.64 13.46
C TYR E 163 57.66 -7.03 14.92
N GLY E 164 57.21 -8.30 15.25
CA GLY E 164 57.34 -8.81 16.65
C GLY E 164 58.79 -9.08 16.99
N VAL E 165 59.09 -8.98 18.34
CA VAL E 165 60.46 -9.13 18.87
C VAL E 165 60.55 -10.42 19.77
N HIS E 166 61.51 -11.32 19.55
CA HIS E 166 61.71 -12.51 20.31
C HIS E 166 62.80 -12.27 21.38
N TRP E 167 62.83 -13.19 22.32
CA TRP E 167 63.90 -13.37 23.34
C TRP E 167 64.49 -14.81 23.42
N VAL E 168 65.80 -14.92 23.24
CA VAL E 168 66.52 -16.26 23.33
C VAL E 168 67.55 -16.20 24.38
N ARG E 169 67.99 -17.34 24.92
CA ARG E 169 69.08 -17.32 25.91
C ARG E 169 69.94 -18.61 25.63
N GLN E 170 71.24 -18.62 25.94
CA GLN E 170 72.11 -19.76 25.88
C GLN E 170 72.73 -19.94 27.32
N ALA E 171 72.37 -21.01 28.04
CA ALA E 171 73.14 -21.40 29.24
C ALA E 171 74.49 -21.86 28.82
N PRO E 172 75.51 -21.58 29.61
CA PRO E 172 76.94 -21.85 29.28
C PRO E 172 77.23 -23.19 28.62
N GLY E 173 77.57 -23.20 27.33
CA GLY E 173 77.92 -24.44 26.67
C GLY E 173 76.78 -25.48 26.50
N GLN E 174 75.54 -25.01 26.64
CA GLN E 174 74.32 -25.83 26.34
C GLN E 174 73.65 -25.21 25.06
N GLY E 175 72.48 -25.80 24.74
CA GLY E 175 71.60 -25.40 23.66
C GLY E 175 71.05 -24.03 23.63
N LEU E 176 70.18 -23.74 22.63
CA LEU E 176 69.53 -22.42 22.59
C LEU E 176 68.13 -22.62 23.08
N GLU E 177 67.73 -21.83 24.09
CA GLU E 177 66.51 -21.86 24.77
C GLU E 177 65.72 -20.55 24.38
N TRP E 178 64.61 -20.72 23.59
CA TRP E 178 63.70 -19.67 23.26
C TRP E 178 62.90 -19.30 24.49
N MET E 179 62.91 -17.98 24.94
CA MET E 179 62.22 -17.51 26.12
C MET E 179 60.83 -17.02 25.81
N GLY E 180 60.63 -16.15 24.84
CA GLY E 180 59.25 -15.65 24.45
C GLY E 180 59.31 -14.75 23.27
N VAL E 181 58.17 -14.09 22.99
CA VAL E 181 58.02 -13.18 21.84
C VAL E 181 56.89 -12.35 22.16
N ILE E 182 56.92 -11.13 21.68
CA ILE E 182 55.77 -10.20 21.66
C ILE E 182 55.63 -9.88 20.24
N TRP E 183 54.45 -10.27 19.74
CA TRP E 183 54.03 -10.11 18.36
C TRP E 183 53.58 -8.71 18.00
N ARG E 184 53.52 -8.39 16.69
CA ARG E 184 53.31 -7.01 16.21
C ARG E 184 52.06 -6.16 16.81
N GLY E 185 50.98 -6.84 17.21
CA GLY E 185 49.84 -6.15 17.85
C GLY E 185 50.12 -5.86 19.32
N GLY E 186 51.10 -6.49 19.97
CA GLY E 186 51.38 -6.36 21.41
C GLY E 186 50.91 -7.60 22.18
N THR E 187 50.71 -8.68 21.43
CA THR E 187 50.39 -9.98 22.02
C THR E 187 51.70 -10.67 22.41
N THR E 188 51.72 -11.15 23.74
CA THR E 188 52.86 -11.94 24.23
C THR E 188 52.64 -13.31 24.04
N ASP E 189 53.68 -14.10 23.83
CA ASP E 189 53.65 -15.53 23.68
C ASP E 189 54.89 -16.10 24.43
N TYR E 190 54.75 -17.06 25.41
CA TYR E 190 55.83 -17.58 26.19
C TYR E 190 56.05 -19.09 26.02
N ASN E 191 57.29 -19.62 26.26
CA ASN E 191 57.59 -20.96 26.48
C ASN E 191 57.09 -21.35 27.88
N ALA E 192 55.87 -21.87 27.90
CA ALA E 192 55.16 -22.38 29.11
C ALA E 192 55.96 -23.48 29.94
N LYS E 193 56.98 -24.11 29.31
CA LYS E 193 57.92 -25.09 29.96
C LYS E 193 58.67 -24.45 31.18
N PHE E 194 58.92 -23.19 31.19
CA PHE E 194 59.62 -22.51 32.24
C PHE E 194 58.71 -21.85 33.39
N GLN E 195 57.36 -22.18 33.37
CA GLN E 195 56.37 -21.84 34.37
C GLN E 195 55.71 -20.41 34.35
N GLY E 196 56.09 -19.64 33.34
CA GLY E 196 55.49 -18.29 33.05
C GLY E 196 56.18 -17.21 33.85
N ARG E 197 57.49 -17.46 34.16
CA ARG E 197 58.51 -16.59 34.79
C ARG E 197 59.00 -15.36 34.14
N VAL E 198 58.83 -15.43 32.81
CA VAL E 198 59.15 -14.56 31.75
C VAL E 198 57.92 -13.61 31.60
N THR E 199 58.20 -12.32 31.35
CA THR E 199 57.21 -11.26 31.09
C THR E 199 57.82 -10.33 30.13
N ILE E 200 57.27 -10.12 28.91
CA ILE E 200 57.84 -9.26 27.89
C ILE E 200 56.98 -8.03 27.74
N THR E 201 57.69 -6.88 27.74
CA THR E 201 56.98 -5.63 27.60
C THR E 201 57.73 -4.88 26.53
N LYS E 202 57.17 -3.72 26.10
CA LYS E 202 57.72 -2.85 25.11
C LYS E 202 57.12 -1.36 25.20
N ASP E 203 58.01 -0.34 24.85
CA ASP E 203 57.63 1.01 24.82
C ASP E 203 57.79 1.63 23.41
N ASP E 204 56.67 2.00 22.71
CA ASP E 204 56.70 2.47 21.39
C ASP E 204 57.39 3.83 21.35
N SER E 205 57.31 4.61 22.40
CA SER E 205 57.80 5.99 22.50
C SER E 205 59.33 6.14 22.65
N LYS E 206 60.10 5.18 23.28
CA LYS E 206 61.60 5.20 23.35
C LYS E 206 62.04 3.93 22.66
N SER E 207 61.19 3.33 21.83
CA SER E 207 61.31 2.09 20.91
C SER E 207 62.13 1.02 21.57
N THR E 208 61.71 0.47 22.66
CA THR E 208 62.49 -0.50 23.38
C THR E 208 61.61 -1.70 23.71
N VAL E 209 62.22 -2.86 23.69
CA VAL E 209 61.56 -4.06 24.21
C VAL E 209 62.27 -4.53 25.40
N TYR E 210 61.56 -4.91 26.46
CA TYR E 210 61.97 -5.26 27.78
C TYR E 210 61.73 -6.71 28.14
N MET E 211 62.70 -7.47 28.86
CA MET E 211 62.45 -8.82 29.31
C MET E 211 62.66 -8.83 30.76
N GLU E 212 61.67 -9.22 31.52
CA GLU E 212 61.75 -9.16 32.94
C GLU E 212 61.55 -10.54 33.44
N LEU E 213 62.56 -11.10 34.22
CA LEU E 213 62.54 -12.53 34.64
C LEU E 213 62.46 -12.59 36.16
N SER E 214 61.68 -13.54 36.76
CA SER E 214 61.44 -13.58 38.20
C SER E 214 61.73 -14.92 38.74
N SER E 215 61.92 -15.00 40.08
CA SER E 215 62.21 -16.26 40.80
C SER E 215 63.46 -17.01 40.34
N LEU E 216 64.45 -16.17 40.23
CA LEU E 216 65.76 -16.46 39.73
C LEU E 216 66.42 -17.57 40.53
N ARG E 217 67.12 -18.52 39.85
CA ARG E 217 67.86 -19.62 40.27
C ARG E 217 69.14 -19.83 39.49
N SER E 218 70.05 -20.66 40.03
CA SER E 218 71.37 -20.81 39.41
C SER E 218 71.33 -21.35 37.97
N GLU E 219 70.27 -22.15 37.63
CA GLU E 219 70.03 -22.72 36.35
C GLU E 219 69.70 -21.69 35.30
N ASP E 220 69.33 -20.46 35.69
CA ASP E 220 69.12 -19.32 34.82
C ASP E 220 70.30 -18.40 34.46
N THR E 221 71.48 -18.77 34.89
CA THR E 221 72.70 -18.04 34.51
C THR E 221 72.98 -18.26 33.00
N ALA E 222 72.94 -17.17 32.25
CA ALA E 222 73.02 -17.37 30.81
C ALA E 222 73.31 -16.12 30.08
N VAL E 223 73.66 -16.19 28.81
CA VAL E 223 73.61 -14.96 27.91
C VAL E 223 72.26 -14.85 27.32
N TYR E 224 71.68 -13.62 27.31
CA TYR E 224 70.25 -13.41 26.97
C TYR E 224 70.26 -12.57 25.71
N TYR E 225 69.63 -13.05 24.62
CA TYR E 225 69.65 -12.49 23.29
C TYR E 225 68.35 -11.91 22.74
N CYS E 226 68.40 -10.64 22.20
CA CYS E 226 67.28 -10.01 21.52
C CYS E 226 67.27 -10.51 20.10
N ALA E 227 66.05 -10.81 19.52
CA ALA E 227 65.97 -11.28 18.16
C ALA E 227 64.73 -10.80 17.35
N ARG E 228 64.77 -10.84 15.98
CA ARG E 228 63.69 -10.38 15.09
C ARG E 228 63.59 -11.19 13.85
N GLN E 229 62.32 -11.47 13.38
CA GLN E 229 62.10 -12.21 12.12
C GLN E 229 62.00 -11.33 10.88
N GLY E 230 61.97 -11.92 9.67
CA GLY E 230 61.60 -11.25 8.42
C GLY E 230 60.14 -10.86 8.36
N SER E 231 59.60 -10.83 7.09
CA SER E 231 58.18 -10.55 6.69
C SER E 231 57.38 -11.63 7.34
N ASN E 232 58.01 -12.86 7.31
CA ASN E 232 57.48 -14.13 7.68
C ASN E 232 58.41 -15.32 7.50
N PHE E 233 59.70 -15.10 7.59
CA PHE E 233 60.82 -16.02 7.42
C PHE E 233 61.70 -16.02 8.63
N PRO E 234 62.45 -17.00 8.98
CA PRO E 234 63.23 -17.19 10.22
C PRO E 234 63.97 -15.99 10.74
N LEU E 235 64.31 -15.97 12.05
CA LEU E 235 65.08 -14.98 12.78
C LEU E 235 66.42 -14.68 12.11
N ALA E 236 66.66 -13.36 11.86
CA ALA E 236 67.71 -12.73 11.06
C ALA E 236 68.34 -11.46 11.57
N TYR E 237 67.71 -10.72 12.51
CA TYR E 237 68.32 -9.46 13.01
C TYR E 237 68.43 -9.67 14.50
N TRP E 238 69.63 -9.58 15.15
CA TRP E 238 69.81 -9.97 16.57
C TRP E 238 70.44 -8.86 17.43
N GLY E 239 70.25 -8.82 18.75
CA GLY E 239 71.04 -7.96 19.64
C GLY E 239 72.46 -8.48 19.81
N GLN E 240 73.13 -7.89 20.82
CA GLN E 240 74.51 -8.14 21.24
C GLN E 240 74.66 -9.09 22.41
N GLY E 241 73.55 -9.35 23.06
CA GLY E 241 73.39 -10.26 24.22
C GLY E 241 73.68 -9.62 25.54
N THR E 242 72.97 -10.07 26.60
CA THR E 242 73.20 -9.55 27.92
C THR E 242 73.47 -10.70 28.88
N LEU E 243 74.64 -10.66 29.54
CA LEU E 243 75.10 -11.72 30.43
C LEU E 243 74.47 -11.40 31.72
N VAL E 244 73.68 -12.40 32.19
CA VAL E 244 73.07 -12.25 33.51
C VAL E 244 73.69 -13.40 34.33
N THR E 245 74.31 -13.16 35.45
CA THR E 245 75.02 -14.26 36.24
C THR E 245 74.29 -14.38 37.52
N VAL E 246 74.14 -15.69 38.05
CA VAL E 246 73.38 -15.97 39.28
C VAL E 246 74.11 -17.12 39.97
N SER E 247 74.60 -16.84 41.16
CA SER E 247 75.37 -17.81 41.82
C SER E 247 74.88 -17.99 43.22
N SER E 248 74.92 -19.22 43.67
CA SER E 248 74.57 -19.69 45.02
C SER E 248 75.85 -19.99 45.82
N ASP F 1 52.93 16.75 -23.66
CA ASP F 1 53.82 17.72 -24.42
C ASP F 1 53.41 17.94 -25.90
N TYR F 2 54.05 17.13 -26.79
CA TYR F 2 54.05 17.20 -28.24
C TYR F 2 52.83 16.51 -28.82
N LYS F 3 51.88 17.36 -29.15
CA LYS F 3 50.72 17.03 -29.90
C LYS F 3 50.64 17.92 -31.24
N ASP F 4 50.24 17.26 -32.35
CA ASP F 4 49.89 17.89 -33.59
C ASP F 4 48.35 18.03 -33.66
N ASP F 5 47.87 19.20 -34.01
CA ASP F 5 46.42 19.68 -34.07
C ASP F 5 45.72 18.92 -35.19
N ASP F 6 44.69 18.10 -34.75
CA ASP F 6 43.80 17.50 -35.79
C ASP F 6 42.87 18.52 -36.33
N ASP F 7 42.68 18.51 -37.66
CA ASP F 7 41.87 19.55 -38.31
C ASP F 7 42.50 20.94 -38.51
N LYS F 8 43.70 20.91 -39.10
CA LYS F 8 44.56 22.02 -39.35
C LYS F 8 45.39 21.65 -40.55
N ASP F 9 46.01 22.72 -41.15
CA ASP F 9 46.81 22.68 -42.40
C ASP F 9 48.06 21.79 -42.11
N ILE F 10 48.40 20.94 -43.15
CA ILE F 10 49.65 20.11 -43.03
C ILE F 10 50.36 20.43 -44.33
N VAL F 11 51.63 20.96 -44.26
CA VAL F 11 52.35 21.37 -45.43
C VAL F 11 52.96 20.13 -46.00
N MET F 12 52.56 19.68 -47.23
CA MET F 12 53.20 18.47 -47.85
C MET F 12 54.26 18.95 -48.83
N THR F 13 55.53 18.63 -48.42
CA THR F 13 56.75 19.06 -49.12
C THR F 13 57.32 17.94 -49.93
N GLN F 14 57.37 17.95 -51.25
CA GLN F 14 57.80 16.84 -52.12
C GLN F 14 59.20 17.10 -52.71
N SER F 15 60.18 16.18 -52.62
CA SER F 15 61.50 16.47 -53.08
C SER F 15 61.97 15.26 -53.93
N PRO F 16 62.71 15.28 -54.94
CA PRO F 16 63.14 16.50 -55.69
C PRO F 16 61.94 17.26 -56.29
N SER F 17 62.00 18.62 -56.48
CA SER F 17 60.99 19.41 -57.09
C SER F 17 60.76 19.08 -58.58
N SER F 18 61.88 18.96 -59.34
CA SER F 18 61.90 18.39 -60.70
C SER F 18 62.79 17.20 -60.65
N LEU F 19 62.68 16.33 -61.67
CA LEU F 19 63.40 15.09 -61.94
C LEU F 19 63.54 14.91 -63.45
N SER F 20 64.71 14.31 -63.88
CA SER F 20 64.97 13.89 -65.30
C SER F 20 65.23 12.38 -65.53
N ALA F 21 64.58 11.70 -66.42
CA ALA F 21 64.64 10.29 -66.55
C ALA F 21 64.63 9.83 -68.03
N SER F 22 65.10 8.58 -68.27
CA SER F 22 65.11 7.82 -69.56
C SER F 22 64.64 6.39 -69.17
N VAL F 23 64.03 5.74 -70.19
CA VAL F 23 63.39 4.43 -70.07
C VAL F 23 64.25 3.38 -69.31
N GLY F 24 63.69 2.74 -68.27
CA GLY F 24 64.38 1.67 -67.50
C GLY F 24 65.04 2.19 -66.25
N ASP F 25 65.04 3.56 -66.04
CA ASP F 25 65.60 4.17 -64.85
C ASP F 25 64.84 3.86 -63.59
N ARG F 26 65.52 3.64 -62.44
CA ARG F 26 64.88 3.58 -61.16
C ARG F 26 64.78 4.97 -60.63
N VAL F 27 63.60 5.43 -60.32
CA VAL F 27 63.27 6.75 -59.84
C VAL F 27 62.78 6.71 -58.42
N THR F 28 63.12 7.73 -57.65
CA THR F 28 62.83 7.79 -56.21
C THR F 28 62.31 9.19 -55.99
N ILE F 29 61.17 9.37 -55.40
CA ILE F 29 60.54 10.60 -55.07
C ILE F 29 60.21 10.47 -53.55
N THR F 30 60.25 11.61 -52.79
CA THR F 30 60.11 11.61 -51.39
C THR F 30 59.06 12.65 -51.03
N CYS F 31 58.36 12.45 -49.85
CA CYS F 31 57.38 13.37 -49.42
C CYS F 31 57.52 13.50 -47.94
N LYS F 32 57.56 14.77 -47.52
CA LYS F 32 57.77 15.11 -46.12
C LYS F 32 56.57 15.95 -45.67
N ALA F 33 55.84 15.43 -44.61
CA ALA F 33 54.77 16.14 -43.95
C ALA F 33 55.33 16.92 -42.84
N SER F 34 54.76 18.09 -42.52
CA SER F 34 55.32 19.00 -41.48
C SER F 34 54.74 18.67 -40.08
N GLN F 35 53.73 17.79 -39.97
CA GLN F 35 53.13 17.32 -38.75
C GLN F 35 52.69 16.00 -39.23
N SER F 36 52.66 14.95 -38.39
CA SER F 36 52.50 13.56 -38.73
C SER F 36 51.14 13.19 -39.34
N VAL F 37 51.20 12.40 -40.45
CA VAL F 37 50.03 11.77 -41.04
C VAL F 37 49.94 10.29 -40.85
N THR F 38 50.74 9.74 -39.89
CA THR F 38 50.77 8.34 -39.44
C THR F 38 51.09 7.34 -40.49
N ASN F 39 50.14 6.49 -41.02
CA ASN F 39 50.39 5.55 -42.13
C ASN F 39 49.55 6.10 -43.31
N ASP F 40 49.03 7.33 -43.26
CA ASP F 40 48.08 7.86 -44.28
C ASP F 40 48.67 8.91 -45.37
N ALA F 41 49.68 8.53 -46.12
CA ALA F 41 50.12 9.23 -47.27
C ALA F 41 49.61 8.50 -48.49
N ALA F 42 49.15 9.29 -49.43
CA ALA F 42 48.56 8.85 -50.71
C ALA F 42 49.36 9.54 -51.77
N TRP F 43 49.63 8.84 -52.84
CA TRP F 43 50.41 9.30 -53.94
C TRP F 43 49.57 9.33 -55.20
N TYR F 44 49.67 10.46 -56.00
CA TYR F 44 48.92 10.54 -57.21
C TYR F 44 49.77 10.77 -58.36
N GLN F 45 49.34 10.40 -59.55
CA GLN F 45 50.02 10.70 -60.83
C GLN F 45 49.12 11.57 -61.58
N LYS F 46 49.50 12.71 -62.13
CA LYS F 46 48.67 13.55 -62.89
C LYS F 46 49.43 13.92 -64.19
N LYS F 47 48.75 13.73 -65.36
CA LYS F 47 49.17 14.21 -66.67
C LYS F 47 48.88 15.70 -66.76
N PRO F 48 49.63 16.62 -67.40
CA PRO F 48 49.38 18.05 -67.29
C PRO F 48 47.98 18.48 -67.76
N GLY F 49 47.38 17.70 -68.69
CA GLY F 49 46.07 17.99 -69.33
C GLY F 49 44.86 17.22 -68.85
N LYS F 50 45.02 16.33 -67.91
CA LYS F 50 44.03 15.36 -67.47
C LYS F 50 43.94 15.34 -65.92
N ALA F 51 42.82 14.76 -65.46
CA ALA F 51 42.66 14.64 -64.05
C ALA F 51 43.67 13.70 -63.27
N PRO F 52 43.88 13.90 -61.94
CA PRO F 52 44.75 13.05 -61.04
C PRO F 52 44.37 11.60 -61.03
N LYS F 53 45.29 10.66 -61.04
CA LYS F 53 44.96 9.24 -60.85
C LYS F 53 45.66 8.62 -59.59
N LEU F 54 44.85 7.89 -58.78
CA LEU F 54 45.35 7.29 -57.55
C LEU F 54 46.35 6.19 -57.69
N LEU F 55 47.54 6.27 -57.09
CA LEU F 55 48.53 5.24 -57.24
C LEU F 55 48.54 4.43 -55.96
N ILE F 56 48.92 5.17 -54.87
CA ILE F 56 49.24 4.57 -53.62
C ILE F 56 48.36 5.19 -52.55
N TYR F 57 47.90 4.48 -51.51
CA TYR F 57 47.14 4.96 -50.34
C TYR F 57 47.60 4.10 -49.16
N GLN F 58 47.37 4.58 -47.93
CA GLN F 58 47.86 4.02 -46.69
C GLN F 58 49.34 3.67 -46.66
N ALA F 59 50.26 4.52 -47.25
CA ALA F 59 51.67 4.45 -47.23
C ALA F 59 52.27 3.43 -48.21
N SER F 60 51.46 2.47 -48.68
CA SER F 60 52.05 1.37 -49.54
C SER F 60 51.11 0.60 -50.44
N THR F 61 49.77 0.84 -50.45
CA THR F 61 48.85 0.01 -51.28
C THR F 61 48.55 0.53 -52.68
N ARG F 62 48.63 -0.32 -53.75
CA ARG F 62 48.18 0.08 -55.07
C ARG F 62 46.63 -0.01 -55.35
N TYR F 63 46.05 1.17 -55.86
CA TYR F 63 44.71 1.21 -56.28
C TYR F 63 44.41 0.24 -57.46
N THR F 64 43.06 -0.21 -57.64
CA THR F 64 42.71 -1.22 -58.64
C THR F 64 43.19 -0.84 -60.06
N GLY F 65 44.02 -1.71 -60.68
CA GLY F 65 44.49 -1.61 -62.06
C GLY F 65 45.70 -0.63 -62.20
N VAL F 66 46.30 -0.22 -61.07
CA VAL F 66 47.57 0.54 -61.14
C VAL F 66 48.73 -0.43 -61.52
N PRO F 67 49.69 -0.05 -62.33
CA PRO F 67 50.76 -0.98 -62.80
C PRO F 67 51.73 -1.38 -61.64
N SER F 68 52.34 -2.57 -61.81
CA SER F 68 53.32 -3.08 -60.77
C SER F 68 54.65 -2.37 -60.49
N ARG F 69 55.09 -1.49 -61.45
CA ARG F 69 56.35 -0.73 -61.27
C ARG F 69 56.27 0.36 -60.25
N PHE F 70 55.09 0.68 -59.83
CA PHE F 70 54.82 1.53 -58.64
C PHE F 70 54.88 0.82 -57.27
N SER F 71 55.43 1.53 -56.36
CA SER F 71 55.45 1.09 -54.93
C SER F 71 55.67 2.26 -53.98
N GLY F 72 55.11 2.20 -52.80
CA GLY F 72 55.22 3.20 -51.78
C GLY F 72 55.81 2.64 -50.53
N SER F 73 56.31 3.50 -49.61
CA SER F 73 56.88 3.10 -48.27
C SER F 73 56.96 4.26 -47.24
N GLY F 74 57.18 4.00 -45.94
CA GLY F 74 57.32 5.13 -44.94
C GLY F 74 56.24 5.14 -43.86
N TYR F 75 56.41 6.11 -42.88
CA TYR F 75 55.65 6.25 -41.59
C TYR F 75 55.91 7.58 -40.89
N GLY F 76 54.88 8.14 -40.23
CA GLY F 76 54.89 9.39 -39.53
C GLY F 76 54.92 10.61 -40.50
N THR F 77 56.13 11.31 -40.57
CA THR F 77 56.38 12.44 -41.36
C THR F 77 56.97 12.05 -42.74
N ASP F 78 57.75 10.99 -42.83
CA ASP F 78 58.53 10.73 -43.98
C ASP F 78 57.81 9.61 -44.83
N PHE F 79 57.60 9.77 -46.21
CA PHE F 79 57.01 8.72 -47.16
C PHE F 79 57.83 8.77 -48.49
N THR F 80 57.80 7.64 -49.21
CA THR F 80 58.58 7.47 -50.39
C THR F 80 57.74 6.86 -51.58
N LEU F 81 58.04 7.32 -52.80
CA LEU F 81 57.45 6.81 -54.00
C LEU F 81 58.56 6.23 -54.92
N THR F 82 58.51 4.98 -55.32
CA THR F 82 59.65 4.36 -56.03
C THR F 82 59.03 3.83 -57.29
N ILE F 83 59.68 4.11 -58.41
CA ILE F 83 59.31 3.56 -59.75
C ILE F 83 60.47 2.55 -59.94
N SER F 84 60.15 1.24 -59.98
CA SER F 84 61.23 0.17 -59.90
C SER F 84 62.11 0.26 -61.14
N SER F 85 61.49 0.47 -62.27
CA SER F 85 62.23 0.71 -63.53
C SER F 85 61.24 1.35 -64.52
N LEU F 86 61.36 2.69 -64.60
CA LEU F 86 60.50 3.57 -65.33
C LEU F 86 60.23 3.24 -66.82
N GLN F 87 58.93 3.43 -67.26
CA GLN F 87 58.42 3.24 -68.61
C GLN F 87 57.92 4.55 -69.31
N PRO F 88 57.40 4.56 -70.62
CA PRO F 88 57.18 5.93 -71.28
C PRO F 88 55.91 6.70 -70.92
N GLU F 89 55.03 6.09 -70.05
CA GLU F 89 53.81 6.73 -69.55
C GLU F 89 54.03 7.56 -68.27
N ASP F 90 55.24 7.20 -67.66
CA ASP F 90 55.71 7.77 -66.38
C ASP F 90 56.17 9.24 -66.37
N PHE F 91 56.33 9.83 -67.56
CA PHE F 91 56.51 11.27 -67.72
C PHE F 91 55.21 11.99 -67.47
N ALA F 92 55.18 12.57 -66.29
CA ALA F 92 54.04 13.16 -65.66
C ALA F 92 54.52 14.05 -64.50
N THR F 93 53.55 14.64 -63.80
CA THR F 93 53.74 15.42 -62.60
C THR F 93 53.02 14.75 -61.42
N TYR F 94 53.81 14.47 -60.33
CA TYR F 94 53.31 13.60 -59.27
C TYR F 94 52.94 14.38 -58.02
N PHE F 95 51.89 13.92 -57.33
CA PHE F 95 51.34 14.66 -56.16
C PHE F 95 51.27 13.79 -54.89
N CYS F 96 51.74 14.39 -53.81
CA CYS F 96 51.60 13.86 -52.45
C CYS F 96 50.19 14.37 -51.92
N HIS F 97 49.62 13.55 -50.99
CA HIS F 97 48.30 13.93 -50.45
C HIS F 97 48.01 13.28 -49.11
N GLN F 98 47.30 13.97 -48.23
CA GLN F 98 46.85 13.31 -47.01
C GLN F 98 45.43 13.63 -46.64
N ASP F 99 44.65 12.64 -46.26
CA ASP F 99 43.33 12.58 -45.79
C ASP F 99 43.22 12.33 -44.28
N TYR F 100 44.22 12.84 -43.50
CA TYR F 100 44.36 12.67 -42.08
C TYR F 100 43.67 13.81 -41.38
N SER F 101 43.39 14.86 -42.07
CA SER F 101 42.67 16.02 -41.55
C SER F 101 41.73 16.66 -42.57
N SER F 102 40.93 17.61 -42.07
CA SER F 102 40.19 18.53 -42.86
C SER F 102 40.65 19.93 -42.43
N PRO F 103 41.12 20.86 -43.33
CA PRO F 103 41.39 20.74 -44.71
C PRO F 103 42.28 19.57 -45.11
N LEU F 104 41.91 18.86 -46.20
CA LEU F 104 42.74 17.89 -46.86
C LEU F 104 43.84 18.56 -47.64
N THR F 105 45.05 18.05 -47.63
CA THR F 105 46.09 18.76 -48.36
C THR F 105 47.01 17.87 -49.25
N PHE F 106 47.40 18.54 -50.31
CA PHE F 106 48.39 18.19 -51.30
C PHE F 106 49.57 19.10 -51.27
N GLY F 107 50.65 18.63 -51.93
CA GLY F 107 51.84 19.39 -52.25
C GLY F 107 51.79 20.31 -53.32
N GLN F 108 53.01 20.66 -53.89
CA GLN F 108 53.00 21.64 -55.01
C GLN F 108 53.16 20.94 -56.36
N GLY F 109 53.18 19.62 -56.43
CA GLY F 109 53.42 18.84 -57.63
C GLY F 109 54.84 18.70 -58.06
N THR F 110 55.45 17.56 -58.16
CA THR F 110 56.84 17.48 -58.63
C THR F 110 56.80 17.22 -60.07
N LYS F 111 57.86 17.58 -60.82
CA LYS F 111 57.83 17.42 -62.25
C LYS F 111 58.86 16.42 -62.75
N VAL F 112 58.42 15.21 -63.25
CA VAL F 112 59.30 14.22 -63.97
C VAL F 112 59.29 14.42 -65.53
N GLU F 113 60.44 14.76 -66.07
CA GLU F 113 60.59 15.18 -67.44
C GLU F 113 61.71 14.32 -68.10
N ILE F 114 61.83 14.31 -69.44
CA ILE F 114 62.70 13.40 -70.17
C ILE F 114 64.14 14.09 -70.09
N LYS F 115 65.18 13.21 -70.08
CA LYS F 115 66.65 13.66 -70.06
C LYS F 115 67.19 13.93 -71.56
N ARG F 116 67.04 15.20 -71.91
CA ARG F 116 67.41 15.69 -73.22
C ARG F 116 68.78 16.51 -73.01
N GLN F 132 29.82 1.24 -64.67
CA GLN F 132 31.10 2.01 -64.24
C GLN F 132 30.84 3.56 -64.09
N VAL F 133 31.48 4.12 -63.07
CA VAL F 133 31.15 5.40 -62.55
C VAL F 133 31.47 6.50 -63.57
N GLN F 134 30.63 7.57 -63.66
CA GLN F 134 30.76 8.72 -64.55
C GLN F 134 30.32 9.97 -63.73
N LEU F 135 31.15 11.03 -63.85
CA LEU F 135 30.85 12.30 -63.25
C LEU F 135 31.13 13.27 -64.43
N VAL F 136 30.21 14.05 -64.95
CA VAL F 136 30.41 14.93 -66.12
C VAL F 136 30.03 16.30 -65.59
N GLN F 137 30.96 17.34 -65.69
CA GLN F 137 30.73 18.65 -65.18
C GLN F 137 30.18 19.57 -66.34
N SER F 138 29.80 20.80 -66.01
CA SER F 138 29.27 21.81 -66.99
C SER F 138 30.31 22.44 -67.80
N GLY F 139 30.09 22.91 -69.02
CA GLY F 139 31.14 23.61 -69.82
C GLY F 139 31.89 24.89 -69.33
N ALA F 140 33.10 25.19 -69.84
CA ALA F 140 33.91 26.35 -69.52
C ALA F 140 33.24 27.69 -69.66
N GLU F 141 33.80 28.75 -68.94
CA GLU F 141 33.38 30.14 -68.92
C GLU F 141 34.38 31.02 -68.21
N ASP F 142 34.10 32.36 -68.21
CA ASP F 142 34.94 33.41 -67.69
C ASP F 142 34.07 34.57 -67.28
N LYS F 143 34.65 35.40 -66.40
CA LYS F 143 33.97 36.41 -65.68
C LYS F 143 34.84 37.54 -65.15
N LYS F 144 34.23 38.63 -64.57
CA LYS F 144 34.95 39.81 -64.16
C LYS F 144 34.93 39.79 -62.65
N PRO F 145 35.94 40.29 -61.93
CA PRO F 145 36.07 40.26 -60.48
C PRO F 145 34.84 40.70 -59.68
N GLY F 146 34.51 39.92 -58.62
CA GLY F 146 33.34 40.08 -57.68
C GLY F 146 32.14 39.34 -58.08
N ALA F 147 32.09 38.90 -59.39
CA ALA F 147 31.05 38.09 -60.02
C ALA F 147 30.99 36.70 -59.41
N SER F 148 29.83 35.99 -59.76
CA SER F 148 29.52 34.69 -59.17
C SER F 148 29.55 33.60 -60.27
N VAL F 149 29.91 32.38 -59.94
CA VAL F 149 29.82 31.28 -60.88
C VAL F 149 29.10 30.08 -60.22
N LYS F 150 28.36 29.22 -61.01
CA LYS F 150 27.75 27.97 -60.58
C LYS F 150 28.08 26.95 -61.60
N VAL F 151 28.74 25.85 -61.11
CA VAL F 151 29.14 24.68 -61.88
C VAL F 151 28.30 23.55 -61.41
N SER F 152 27.91 22.63 -62.33
CA SER F 152 27.22 21.40 -62.11
C SER F 152 28.10 20.25 -62.23
N CYS F 153 27.74 19.10 -61.63
CA CYS F 153 28.48 17.87 -61.71
C CYS F 153 27.48 16.74 -61.68
N LYS F 154 27.06 16.34 -62.83
CA LYS F 154 26.17 15.19 -62.94
C LYS F 154 26.84 13.90 -62.64
N VAL F 155 26.16 13.03 -61.83
CA VAL F 155 26.71 11.81 -61.33
C VAL F 155 25.87 10.63 -61.85
N SER F 156 26.51 9.56 -62.19
CA SER F 156 25.88 8.36 -62.50
C SER F 156 26.86 7.25 -62.20
N GLY F 157 26.27 6.09 -61.78
CA GLY F 157 27.07 4.90 -61.44
C GLY F 157 27.28 4.84 -59.96
N PHE F 158 26.64 5.80 -59.23
CA PHE F 158 26.41 5.79 -57.79
C PHE F 158 25.26 6.73 -57.49
N SER F 159 24.73 6.61 -56.28
CA SER F 159 23.70 7.52 -55.76
C SER F 159 24.30 8.46 -54.78
N LEU F 160 23.85 9.67 -54.66
CA LEU F 160 24.42 10.71 -53.79
C LEU F 160 24.37 10.45 -52.32
N GLY F 161 23.34 9.79 -51.78
CA GLY F 161 23.21 9.43 -50.38
C GLY F 161 24.19 8.37 -49.94
N ARG F 162 24.83 7.59 -50.84
CA ARG F 162 25.76 6.47 -50.38
C ARG F 162 27.18 6.92 -50.22
N TYR F 163 27.58 8.03 -50.83
CA TYR F 163 28.90 8.57 -50.62
C TYR F 163 29.01 10.13 -50.79
N GLY F 164 29.77 10.81 -49.90
CA GLY F 164 30.13 12.20 -50.07
C GLY F 164 30.86 12.54 -51.28
N VAL F 165 30.62 13.76 -51.90
CA VAL F 165 31.24 14.23 -53.07
C VAL F 165 32.06 15.45 -52.90
N HIS F 166 33.33 15.48 -53.37
CA HIS F 166 34.34 16.45 -53.11
C HIS F 166 34.47 17.60 -54.22
N TRP F 167 35.10 18.77 -53.93
CA TRP F 167 35.52 19.70 -54.96
C TRP F 167 36.99 20.19 -54.77
N VAL F 168 37.80 19.97 -55.80
CA VAL F 168 39.21 20.36 -55.79
C VAL F 168 39.45 21.27 -56.98
N ARG F 169 40.53 22.09 -56.97
CA ARG F 169 40.77 22.90 -58.14
C ARG F 169 42.25 22.91 -58.30
N GLN F 170 42.63 23.06 -59.59
CA GLN F 170 44.05 23.21 -60.06
C GLN F 170 44.38 24.40 -60.76
N ALA F 171 45.19 25.32 -60.24
CA ALA F 171 45.57 26.45 -60.99
C ALA F 171 46.76 26.18 -62.01
N PRO F 172 46.76 26.75 -63.15
CA PRO F 172 47.91 26.78 -64.02
C PRO F 172 49.18 27.36 -63.42
N GLY F 173 50.23 26.48 -63.26
CA GLY F 173 51.43 26.67 -62.47
C GLY F 173 51.46 26.20 -61.06
N GLN F 174 50.35 26.19 -60.36
CA GLN F 174 50.27 25.87 -58.93
C GLN F 174 50.05 24.33 -58.67
N GLY F 175 49.65 23.95 -57.42
CA GLY F 175 49.34 22.57 -56.98
C GLY F 175 47.88 22.35 -56.96
N LEU F 176 47.43 21.47 -56.07
CA LEU F 176 46.00 21.15 -55.91
C LEU F 176 45.39 21.72 -54.64
N GLU F 177 44.28 22.43 -54.83
CA GLU F 177 43.68 23.23 -53.78
C GLU F 177 42.39 22.49 -53.43
N TRP F 178 42.33 21.88 -52.19
CA TRP F 178 41.08 21.32 -51.72
C TRP F 178 40.14 22.41 -51.33
N MET F 179 38.97 22.42 -51.95
CA MET F 179 38.05 23.50 -51.82
C MET F 179 37.03 23.19 -50.76
N GLY F 180 36.40 22.00 -50.89
CA GLY F 180 35.39 21.56 -49.90
C GLY F 180 34.86 20.24 -50.18
N VAL F 181 33.82 19.96 -49.48
CA VAL F 181 33.08 18.75 -49.56
C VAL F 181 31.67 18.85 -49.01
N ILE F 182 30.77 18.03 -49.64
CA ILE F 182 29.41 17.76 -49.10
C ILE F 182 29.33 16.24 -48.89
N TRP F 183 29.16 15.85 -47.64
CA TRP F 183 29.27 14.51 -47.24
C TRP F 183 27.91 13.90 -47.61
N ARG F 184 27.82 12.55 -47.49
CA ARG F 184 26.69 11.72 -47.98
C ARG F 184 25.35 12.15 -47.50
N GLY F 185 25.33 12.65 -46.25
CA GLY F 185 24.11 13.03 -45.48
C GLY F 185 23.71 14.49 -45.75
N GLY F 186 24.60 15.31 -46.33
CA GLY F 186 24.47 16.75 -46.60
C GLY F 186 25.14 17.69 -45.68
N THR F 187 26.11 17.28 -44.84
CA THR F 187 27.00 18.14 -44.04
C THR F 187 28.11 18.69 -44.88
N THR F 188 28.10 20.01 -45.11
CA THR F 188 29.18 20.59 -45.99
C THR F 188 30.40 21.04 -45.15
N ASP F 189 31.65 20.92 -45.70
CA ASP F 189 32.80 21.54 -45.06
C ASP F 189 33.70 22.16 -46.02
N TYR F 190 34.04 23.47 -45.81
CA TYR F 190 34.85 24.22 -46.78
C TYR F 190 36.18 24.66 -46.27
N ASN F 191 37.13 24.83 -47.23
CA ASN F 191 38.38 25.43 -46.99
C ASN F 191 38.34 26.94 -46.40
N ALA F 192 38.97 27.14 -45.22
CA ALA F 192 38.94 28.45 -44.52
C ALA F 192 39.54 29.65 -45.31
N LYS F 193 40.39 29.38 -46.28
CA LYS F 193 41.09 30.31 -47.23
C LYS F 193 40.01 31.03 -48.01
N PHE F 194 38.82 30.43 -48.24
CA PHE F 194 37.81 31.07 -49.07
C PHE F 194 36.79 31.91 -48.41
N GLN F 195 36.87 32.19 -47.12
CA GLN F 195 36.11 33.16 -46.32
C GLN F 195 34.65 33.17 -46.54
N GLY F 196 34.11 31.95 -46.73
CA GLY F 196 32.72 31.61 -46.84
C GLY F 196 32.29 31.86 -48.30
N ARG F 197 33.24 31.92 -49.26
CA ARG F 197 32.78 32.18 -50.69
C ARG F 197 32.32 30.91 -51.34
N VAL F 198 32.65 29.71 -50.84
CA VAL F 198 32.27 28.48 -51.45
C VAL F 198 30.91 28.06 -50.92
N THR F 199 30.01 27.58 -51.77
CA THR F 199 28.71 27.03 -51.33
C THR F 199 28.34 25.88 -52.24
N ILE F 200 28.17 24.62 -51.75
CA ILE F 200 27.84 23.42 -52.48
C ILE F 200 26.39 22.98 -52.10
N THR F 201 25.63 22.67 -53.18
CA THR F 201 24.22 22.20 -53.12
C THR F 201 24.13 20.97 -53.95
N LYS F 202 22.97 20.22 -53.91
CA LYS F 202 22.79 19.00 -54.64
C LYS F 202 21.31 18.68 -54.81
N ASP F 203 20.93 18.02 -55.92
CA ASP F 203 19.62 17.48 -56.18
C ASP F 203 19.81 15.97 -56.27
N ASP F 204 19.29 15.24 -55.32
CA ASP F 204 19.45 13.76 -55.17
C ASP F 204 18.77 12.98 -56.35
N SER F 205 17.59 13.41 -56.76
CA SER F 205 16.72 12.94 -57.80
C SER F 205 17.23 13.13 -59.23
N LYS F 206 18.02 14.18 -59.56
CA LYS F 206 18.63 14.56 -60.76
C LYS F 206 20.09 14.09 -60.77
N SER F 207 20.55 13.51 -59.63
CA SER F 207 21.87 12.95 -59.34
C SER F 207 23.02 13.85 -59.68
N THR F 208 22.85 15.08 -59.23
CA THR F 208 23.82 16.26 -59.57
C THR F 208 24.11 17.04 -58.29
N VAL F 209 25.42 17.48 -58.24
CA VAL F 209 26.02 18.32 -57.25
C VAL F 209 26.33 19.66 -57.89
N TYR F 210 26.07 20.82 -57.21
CA TYR F 210 26.30 22.17 -57.67
C TYR F 210 27.33 22.77 -56.77
N MET F 211 28.23 23.53 -57.44
CA MET F 211 29.27 24.25 -56.70
C MET F 211 29.10 25.67 -57.08
N GLU F 212 28.80 26.61 -56.07
CA GLU F 212 28.61 28.02 -56.37
C GLU F 212 29.66 28.77 -55.69
N LEU F 213 30.43 29.61 -56.47
CA LEU F 213 31.43 30.37 -55.79
C LEU F 213 31.09 31.81 -55.98
N SER F 214 31.33 32.58 -54.95
CA SER F 214 30.87 33.97 -55.00
C SER F 214 32.12 34.90 -54.80
N SER F 215 31.92 36.25 -55.00
CA SER F 215 33.10 37.22 -54.83
C SER F 215 34.41 36.95 -55.63
N LEU F 216 34.33 36.55 -56.91
CA LEU F 216 35.48 36.17 -57.71
C LEU F 216 36.82 37.01 -57.67
N ARG F 217 37.95 36.40 -57.59
CA ARG F 217 39.22 37.08 -57.91
C ARG F 217 39.92 36.52 -59.15
N SER F 218 41.04 37.21 -59.62
CA SER F 218 41.91 36.78 -60.74
C SER F 218 42.71 35.49 -60.36
N GLU F 219 42.88 35.23 -59.05
CA GLU F 219 43.50 34.11 -58.32
C GLU F 219 42.63 32.87 -58.55
N ASP F 220 41.30 33.11 -58.66
CA ASP F 220 40.37 32.10 -58.91
C ASP F 220 40.24 31.75 -60.38
N THR F 221 41.36 31.94 -61.18
CA THR F 221 41.46 31.55 -62.58
C THR F 221 42.10 30.18 -62.54
N ALA F 222 41.27 29.08 -62.68
CA ALA F 222 41.75 27.71 -62.46
C ALA F 222 40.79 26.78 -63.13
N VAL F 223 41.32 25.51 -63.15
CA VAL F 223 40.44 24.35 -63.56
C VAL F 223 39.71 23.82 -62.23
N TYR F 224 38.42 23.49 -62.22
CA TYR F 224 37.62 23.17 -61.06
C TYR F 224 37.17 21.70 -61.29
N TYR F 225 37.51 20.81 -60.31
CA TYR F 225 37.31 19.32 -60.37
C TYR F 225 36.28 18.85 -59.39
N CYS F 226 35.28 18.07 -59.86
CA CYS F 226 34.45 17.15 -59.01
C CYS F 226 35.23 15.81 -58.72
N ALA F 227 35.18 15.34 -57.46
CA ALA F 227 35.88 14.10 -57.11
C ALA F 227 35.03 13.32 -56.10
N ARG F 228 35.44 11.99 -55.98
CA ARG F 228 34.75 11.10 -55.04
C ARG F 228 35.69 10.07 -54.57
N GLN F 229 35.63 9.76 -53.25
CA GLN F 229 36.57 8.88 -52.68
C GLN F 229 36.03 7.41 -52.62
N GLY F 230 36.89 6.46 -52.10
CA GLY F 230 36.45 5.07 -51.75
C GLY F 230 35.63 4.94 -50.60
N SER F 231 35.75 3.74 -49.97
CA SER F 231 35.01 3.51 -48.68
C SER F 231 35.53 4.25 -47.43
N ASN F 232 36.86 4.31 -47.34
CA ASN F 232 37.65 4.86 -46.26
C ASN F 232 39.03 5.09 -46.67
N PHE F 233 39.24 5.51 -47.92
CA PHE F 233 40.46 5.88 -48.50
C PHE F 233 40.17 6.81 -49.69
N PRO F 234 41.22 7.52 -50.15
CA PRO F 234 41.07 8.68 -51.05
C PRO F 234 40.21 8.63 -52.39
N LEU F 235 40.28 9.85 -53.01
CA LEU F 235 39.72 10.23 -54.28
C LEU F 235 40.17 9.31 -55.44
N ALA F 236 39.22 8.72 -56.17
CA ALA F 236 39.54 7.76 -57.20
C ALA F 236 38.67 7.94 -58.42
N TYR F 237 37.61 8.68 -58.23
CA TYR F 237 36.75 9.05 -59.32
C TYR F 237 36.58 10.50 -59.49
N TRP F 238 36.95 10.96 -60.76
CA TRP F 238 37.15 12.42 -61.03
C TRP F 238 36.26 12.87 -62.20
N GLY F 239 35.87 14.13 -62.29
CA GLY F 239 35.14 14.62 -63.43
C GLY F 239 36.05 14.94 -64.61
N GLN F 240 35.47 15.63 -65.60
CA GLN F 240 36.30 16.07 -66.76
C GLN F 240 36.89 17.46 -66.63
N GLY F 241 36.56 18.18 -65.49
CA GLY F 241 37.17 19.46 -65.15
C GLY F 241 36.29 20.51 -65.80
N THR F 242 36.26 21.61 -65.12
CA THR F 242 35.55 22.84 -65.58
C THR F 242 36.43 24.00 -65.53
N LEU F 243 36.79 24.67 -66.63
CA LEU F 243 37.61 25.85 -66.57
C LEU F 243 36.83 27.17 -66.27
N VAL F 244 37.19 27.81 -65.21
CA VAL F 244 36.67 29.16 -64.81
C VAL F 244 37.78 30.17 -64.84
N THR F 245 37.66 31.23 -65.66
CA THR F 245 38.72 32.28 -65.73
C THR F 245 38.27 33.62 -65.35
N VAL F 246 39.07 34.49 -64.76
CA VAL F 246 38.63 35.81 -64.33
C VAL F 246 39.85 36.68 -64.58
N SER F 247 39.60 37.67 -65.42
CA SER F 247 40.57 38.66 -65.78
C SER F 247 39.96 40.12 -65.87
N SER F 248 40.80 41.19 -65.68
CA SER F 248 40.36 42.58 -65.57
C SER F 248 40.24 43.19 -67.04
#